data_6KUZ
#
_entry.id   6KUZ
#
_cell.length_a   248.174
_cell.length_b   85.506
_cell.length_c   243.052
_cell.angle_alpha   90.000
_cell.angle_beta   94.090
_cell.angle_gamma   90.000
#
_symmetry.space_group_name_H-M   'C 1 2 1'
#
loop_
_entity.id
_entity.type
_entity.pdbx_description
1 polymer Beta-galactosidase
2 non-polymer 3-(1,3-benzothiazol-2-yl)-2-[[4-[(2~{S},3~{R},4~{S},5~{R},6~{R})-6-(hydroxymethyl)-3,4,5-tris(oxidanyl)oxan-2-yl]oxyphenyl]methoxy]-5-methyl-benzaldehyde
3 non-polymer 'SODIUM ION'
4 non-polymer 'DIMETHYL SULFOXIDE'
5 non-polymer 'MAGNESIUM ION'
6 non-polymer GLYCEROL
7 water water
#
_entity_poly.entity_id   1
_entity_poly.type   'polypeptide(L)'
_entity_poly.pdbx_seq_one_letter_code
;MTMITDSLAVVLQRRDWENPGVTQLNRLAAHPPFASWRNSEEARTDRPSQQLRSLNGEWRFAWFPAPEAVPESWLECDLP
EADTVVVPSNWQMHGYDAPIYTNVTYPITVNPPFVPTENPTGCYSLTFNVDESWLQEGQTRIIFDGVNSAFHLWCNGRWV
GYGQDSRLPSEFDLSAFLRAGENRLAVMVLRWSDGSYLEDQDMWRMSGIFRDVSLLHKPTTQISDFHVATRFNDDFSRAV
LEAEVQMCGELRDYLRVTVSLWQGETQVASGTAPFGGEIIDERGGYADRVTLRLNVENPKLWSAEIPNLYRAVVELHTAD
GTLIEAEACDVGFREVRIENGLLLLNGKPLLIRGVNRHEHHPLHGQVMDEQTMVQDILLMKQNNFNAVRCSHYPNHPLWY
TLCDRYGLYVVDEANIETHGMVPMNRLTDDPRWLPAMSERVTRMVQRDRNHPSVIIWSLGNESGHGANHDALYRWIKSVD
PSRPVQYEGGGADTTATDIICPMYARVDEDQPFPAVPKWSIKKWLSLPGETRPLILCQYAHAMGNSLGGFAKYWQAFRQY
PRLQGGFVWDWVDQSLIKYDENGNPWSAYGGDFGDTPNDRQFCMNGLVFADRTPHPALTEAKHQQQFFQFRLSGQTIEVT
SEYLFRHSDNELLHWMVALDGKPLASGEVPLDVAPQGKQLIELPELPQPESAGQLWLTVRVVQPNATAWSEAGHISAWQQ
WRLAENLSVTLPAASHAIPHLTTSEMDFCIELGNKRWQFNRQSGFLSQMWIGDKKQLLTPLRDQFTRAPLDNDIGVSEAT
RIDPNAWVERWKAAGHYQAEAALLQCTADTLADAVLITTAHAWQHQGKTLFISRKTYRIDGSGQMAITVDVEVASDTPHP
ARIGLNCQLAQVAERVNWLGLGPQENYPDRLTAACFDRWDLPLSDMYTPYVFPSENGLRCGTRELNYGPHQWRGDFQFNI
SRYSQQQLMETSHRHLLHAEEGTWLNIDGFHMGIGGDDSWSPSVSAEFQLSAGRYHYQLVWCQK
;
_entity_poly.pdbx_strand_id   A,B,C,D
#
loop_
_chem_comp.id
_chem_comp.type
_chem_comp.name
_chem_comp.formula
DMS non-polymer 'DIMETHYL SULFOXIDE' 'C2 H6 O S'
DVL non-polymer 3-(1,3-benzothiazol-2-yl)-2-[[4-[(2~{S},3~{R},4~{S},5~{R},6~{R})-6-(hydroxymethyl)-3,4,5-tris(oxidanyl)oxan-2-yl]oxyphenyl]methoxy]-5-methyl-benzaldehyde 'C28 H27 N O8 S'
GOL non-polymer GLYCEROL 'C3 H8 O3'
MG non-polymer 'MAGNESIUM ION' 'Mg 2'
NA non-polymer 'SODIUM ION' 'Na 1'
#
# COMPACT_ATOMS: atom_id res chain seq x y z
N ILE A 4 15.90 -55.84 -5.50
CA ILE A 4 17.06 -54.87 -5.45
C ILE A 4 17.00 -53.96 -6.69
N THR A 5 16.58 -54.50 -7.83
CA THR A 5 16.27 -53.74 -9.08
C THR A 5 14.94 -52.98 -8.94
N ASP A 6 14.26 -53.14 -7.79
CA ASP A 6 12.99 -52.43 -7.45
C ASP A 6 13.27 -51.30 -6.47
N SER A 7 14.46 -51.28 -5.88
CA SER A 7 14.85 -50.23 -4.92
C SER A 7 14.79 -48.86 -5.59
N LEU A 8 14.45 -47.83 -4.82
CA LEU A 8 14.52 -46.44 -5.32
C LEU A 8 15.93 -46.16 -5.85
N ALA A 9 16.96 -46.72 -5.21
CA ALA A 9 18.37 -46.44 -5.57
C ALA A 9 18.61 -46.75 -7.05
N VAL A 10 18.01 -47.82 -7.55
CA VAL A 10 18.31 -48.30 -8.93
C VAL A 10 17.39 -47.58 -9.91
N VAL A 11 16.12 -47.44 -9.55
CA VAL A 11 15.07 -46.84 -10.43
C VAL A 11 15.37 -45.34 -10.60
N LEU A 12 15.67 -44.65 -9.53
CA LEU A 12 15.91 -43.20 -9.62
C LEU A 12 17.25 -42.92 -10.32
N GLN A 13 18.17 -43.87 -10.31
CA GLN A 13 19.54 -43.58 -10.82
C GLN A 13 19.52 -43.44 -12.33
N ARG A 14 18.58 -44.11 -13.01
CA ARG A 14 18.44 -43.98 -14.49
C ARG A 14 17.95 -42.58 -14.86
N ARG A 15 17.30 -41.85 -13.96
CA ARG A 15 16.84 -40.46 -14.17
C ARG A 15 16.07 -40.38 -15.48
N ASP A 16 14.97 -41.13 -15.55
CA ASP A 16 14.10 -41.26 -16.74
C ASP A 16 13.32 -39.96 -16.96
N TRP A 17 13.23 -39.10 -15.95
CA TRP A 17 12.49 -37.81 -16.04
C TRP A 17 13.37 -36.69 -16.57
N GLU A 18 14.64 -36.95 -16.91
CA GLU A 18 15.55 -35.97 -17.56
C GLU A 18 16.04 -36.53 -18.90
N ASN A 19 15.15 -37.10 -19.70
CA ASN A 19 15.52 -37.86 -20.91
C ASN A 19 14.31 -38.01 -21.82
N PRO A 20 14.16 -37.14 -22.85
CA PRO A 20 13.00 -37.18 -23.72
C PRO A 20 12.92 -38.42 -24.63
N GLY A 21 13.90 -39.31 -24.54
CA GLY A 21 13.92 -40.61 -25.24
C GLY A 21 13.13 -41.65 -24.49
N VAL A 22 12.93 -41.46 -23.18
CA VAL A 22 12.11 -42.34 -22.32
C VAL A 22 10.88 -41.56 -21.83
N THR A 23 9.73 -41.78 -22.46
CA THR A 23 8.46 -41.12 -22.05
C THR A 23 7.57 -42.10 -21.30
N GLN A 24 7.91 -43.39 -21.34
CA GLN A 24 7.13 -44.40 -20.59
C GLN A 24 7.99 -45.63 -20.43
N LEU A 25 7.66 -46.47 -19.45
CA LEU A 25 8.22 -47.84 -19.36
C LEU A 25 7.08 -48.80 -19.01
N ASN A 26 6.95 -49.84 -19.82
CA ASN A 26 5.98 -50.96 -19.59
C ASN A 26 4.55 -50.44 -19.64
N ARG A 27 4.30 -49.31 -20.30
CA ARG A 27 2.94 -48.73 -20.39
C ARG A 27 2.21 -49.43 -21.53
N LEU A 28 0.91 -49.70 -21.32
CA LEU A 28 0.03 -50.35 -22.31
C LEU A 28 -0.44 -49.34 -23.32
N ALA A 29 -0.80 -49.82 -24.50
CA ALA A 29 -1.21 -49.00 -25.66
C ALA A 29 -2.48 -48.24 -25.31
N ALA A 30 -2.64 -47.06 -25.88
CA ALA A 30 -3.86 -46.24 -25.72
C ALA A 30 -4.97 -46.81 -26.60
N HIS A 31 -6.18 -46.30 -26.43
CA HIS A 31 -7.40 -46.92 -27.00
C HIS A 31 -8.60 -46.08 -26.55
N PRO A 32 -9.80 -46.29 -27.13
CA PRO A 32 -10.99 -45.57 -26.71
C PRO A 32 -11.41 -46.12 -25.36
N PRO A 33 -12.30 -45.43 -24.61
CA PRO A 33 -12.69 -45.84 -23.26
C PRO A 33 -13.29 -47.26 -23.21
N PHE A 34 -12.71 -48.08 -22.32
CA PHE A 34 -13.11 -49.48 -22.07
C PHE A 34 -13.81 -49.58 -20.71
N ALA A 35 -14.76 -50.51 -20.61
CA ALA A 35 -15.36 -50.96 -19.33
C ALA A 35 -15.41 -52.48 -19.23
N SER A 36 -15.10 -53.20 -20.29
CA SER A 36 -15.12 -54.69 -20.33
C SER A 36 -16.40 -55.22 -19.67
N TRP A 37 -17.55 -54.78 -20.14
CA TRP A 37 -18.84 -55.38 -19.74
C TRP A 37 -18.79 -56.87 -20.12
N ARG A 38 -19.42 -57.70 -19.30
CA ARG A 38 -19.63 -59.15 -19.57
C ARG A 38 -21.12 -59.45 -19.80
N ASN A 39 -21.93 -58.40 -20.00
CA ASN A 39 -23.33 -58.47 -20.42
C ASN A 39 -23.54 -57.33 -21.41
N SER A 40 -24.12 -57.59 -22.58
CA SER A 40 -24.17 -56.56 -23.64
C SER A 40 -25.37 -55.61 -23.45
N GLU A 41 -26.35 -55.96 -22.63
CA GLU A 41 -27.44 -54.98 -22.40
C GLU A 41 -26.91 -53.91 -21.43
N GLU A 42 -26.02 -54.31 -20.53
CA GLU A 42 -25.32 -53.34 -19.65
C GLU A 42 -24.57 -52.36 -20.54
N ALA A 43 -23.81 -52.90 -21.51
CA ALA A 43 -22.99 -52.11 -22.46
C ALA A 43 -23.89 -51.21 -23.30
N ARG A 44 -25.07 -51.68 -23.67
CA ARG A 44 -25.90 -50.87 -24.57
C ARG A 44 -26.49 -49.68 -23.81
N THR A 45 -26.65 -49.78 -22.51
CA THR A 45 -27.33 -48.70 -21.73
C THR A 45 -26.31 -47.89 -20.93
N ASP A 46 -25.02 -48.23 -21.02
CA ASP A 46 -23.91 -47.45 -20.43
C ASP A 46 -24.05 -47.50 -18.91
N ARG A 47 -24.60 -48.57 -18.36
CA ARG A 47 -24.71 -48.74 -16.90
C ARG A 47 -23.34 -49.11 -16.36
N PRO A 48 -23.08 -48.83 -15.06
CA PRO A 48 -21.84 -49.27 -14.41
C PRO A 48 -21.37 -50.68 -14.80
N SER A 49 -20.06 -50.81 -14.92
CA SER A 49 -19.37 -52.09 -15.15
C SER A 49 -18.72 -52.51 -13.84
N GLN A 50 -18.99 -53.73 -13.41
CA GLN A 50 -18.36 -54.25 -12.17
C GLN A 50 -16.99 -54.81 -12.55
N GLN A 51 -16.56 -54.59 -13.79
CA GLN A 51 -15.16 -54.86 -14.20
C GLN A 51 -14.31 -53.57 -14.17
N LEU A 52 -14.92 -52.43 -13.86
CA LEU A 52 -14.20 -51.14 -13.76
C LEU A 52 -14.44 -50.53 -12.38
N ARG A 53 -13.52 -50.78 -11.46
CA ARG A 53 -13.58 -50.18 -10.11
C ARG A 53 -12.89 -48.82 -10.17
N SER A 54 -13.31 -47.93 -9.30
CA SER A 54 -12.59 -46.66 -9.02
C SER A 54 -11.66 -46.88 -7.82
N LEU A 55 -10.48 -46.27 -7.85
CA LEU A 55 -9.61 -46.20 -6.65
C LEU A 55 -9.58 -44.78 -6.10
N ASN A 56 -10.49 -43.92 -6.54
CA ASN A 56 -10.63 -42.57 -5.93
C ASN A 56 -10.97 -42.72 -4.45
N GLY A 57 -10.60 -41.75 -3.64
CA GLY A 57 -10.91 -41.75 -2.21
C GLY A 57 -9.69 -41.44 -1.38
N GLU A 58 -9.65 -41.93 -0.15
CA GLU A 58 -8.56 -41.60 0.79
C GLU A 58 -7.31 -42.42 0.42
N TRP A 59 -6.26 -41.74 -0.01
CA TRP A 59 -4.89 -42.32 -0.17
C TRP A 59 -4.00 -41.77 0.94
N ARG A 60 -2.79 -42.30 1.00
CA ARG A 60 -1.75 -41.77 1.91
C ARG A 60 -0.73 -41.04 1.05
N PHE A 61 -0.31 -39.87 1.52
CA PHE A 61 0.55 -38.93 0.78
C PHE A 61 1.65 -38.40 1.69
N ALA A 62 2.85 -38.23 1.12
CA ALA A 62 3.98 -37.57 1.82
C ALA A 62 4.80 -36.78 0.79
N TRP A 63 5.08 -35.51 1.11
CA TRP A 63 5.79 -34.57 0.24
C TRP A 63 7.29 -34.70 0.48
N PHE A 64 8.10 -34.43 -0.54
CA PHE A 64 9.58 -34.44 -0.44
C PHE A 64 10.16 -33.38 -1.35
N PRO A 65 11.28 -32.75 -0.97
CA PRO A 65 11.87 -31.72 -1.81
C PRO A 65 12.49 -32.25 -3.11
N ALA A 66 12.90 -33.51 -3.14
CA ALA A 66 13.54 -34.13 -4.33
C ALA A 66 13.39 -35.63 -4.24
N PRO A 67 13.17 -36.34 -5.37
CA PRO A 67 12.93 -37.78 -5.32
C PRO A 67 14.04 -38.55 -4.59
N GLU A 68 15.27 -38.06 -4.60
CA GLU A 68 16.39 -38.77 -3.93
C GLU A 68 16.22 -38.73 -2.40
N ALA A 69 15.37 -37.86 -1.89
CA ALA A 69 15.13 -37.71 -0.43
C ALA A 69 14.14 -38.75 0.08
N VAL A 70 13.53 -39.51 -0.81
CA VAL A 70 12.46 -40.47 -0.41
C VAL A 70 13.15 -41.69 0.18
N PRO A 71 12.81 -42.09 1.41
CA PRO A 71 13.47 -43.24 2.01
C PRO A 71 13.01 -44.52 1.31
N GLU A 72 13.94 -45.49 1.25
CA GLU A 72 13.74 -46.84 0.68
C GLU A 72 12.55 -47.51 1.37
N SER A 73 12.28 -47.16 2.63
CA SER A 73 11.24 -47.82 3.47
C SER A 73 9.86 -47.66 2.82
N TRP A 74 9.68 -46.61 2.02
CA TRP A 74 8.35 -46.23 1.50
C TRP A 74 7.81 -47.27 0.49
N LEU A 75 8.68 -48.05 -0.13
CA LEU A 75 8.25 -49.13 -1.05
C LEU A 75 7.67 -50.28 -0.23
N GLU A 76 8.27 -50.58 0.92
CA GLU A 76 7.95 -51.79 1.70
C GLU A 76 6.75 -51.48 2.59
N CYS A 77 6.60 -50.23 3.00
CA CYS A 77 5.75 -49.93 4.17
C CYS A 77 5.36 -48.45 4.19
N ASP A 78 4.22 -48.18 4.81
CA ASP A 78 3.66 -46.83 4.91
C ASP A 78 4.54 -45.93 5.79
N LEU A 79 4.79 -44.69 5.34
CA LEU A 79 5.61 -43.70 6.10
C LEU A 79 4.78 -43.17 7.27
N PRO A 80 5.34 -43.18 8.50
CA PRO A 80 4.60 -42.72 9.68
C PRO A 80 4.13 -41.25 9.62
N GLU A 81 4.96 -40.34 9.13
CA GLU A 81 4.63 -38.89 9.11
C GLU A 81 3.84 -38.55 7.83
N ALA A 82 3.39 -39.53 7.07
CA ALA A 82 2.49 -39.28 5.93
C ALA A 82 1.13 -38.79 6.43
N ASP A 83 0.35 -38.20 5.54
CA ASP A 83 -1.01 -37.73 5.85
C ASP A 83 -1.99 -38.53 5.01
N THR A 84 -3.28 -38.46 5.37
CA THR A 84 -4.35 -39.10 4.58
C THR A 84 -5.06 -37.99 3.81
N VAL A 85 -5.34 -38.27 2.55
CA VAL A 85 -5.55 -37.23 1.51
C VAL A 85 -6.49 -37.82 0.47
N VAL A 86 -7.32 -36.97 -0.12
CA VAL A 86 -8.27 -37.44 -1.16
C VAL A 86 -7.57 -37.38 -2.51
N VAL A 87 -7.81 -38.42 -3.30
CA VAL A 87 -7.34 -38.51 -4.70
C VAL A 87 -8.57 -38.75 -5.55
N PRO A 88 -8.76 -38.05 -6.68
CA PRO A 88 -7.76 -37.15 -7.27
C PRO A 88 -7.66 -35.79 -6.59
N SER A 89 -6.47 -35.20 -6.62
CA SER A 89 -6.17 -33.86 -6.08
C SER A 89 -4.90 -33.30 -6.72
N ASN A 90 -4.71 -31.98 -6.62
CA ASN A 90 -3.39 -31.30 -6.79
C ASN A 90 -2.82 -31.00 -5.40
N TRP A 91 -1.58 -31.41 -5.15
CA TRP A 91 -1.04 -31.35 -3.77
C TRP A 91 -0.83 -29.90 -3.36
N GLN A 92 -0.77 -28.97 -4.32
CA GLN A 92 -0.71 -27.51 -4.06
C GLN A 92 -1.99 -27.06 -3.37
N MET A 93 -3.13 -27.62 -3.79
CA MET A 93 -4.48 -27.23 -3.25
C MET A 93 -4.65 -27.73 -1.81
N HIS A 94 -3.76 -28.59 -1.32
CA HIS A 94 -3.73 -29.07 0.09
C HIS A 94 -2.70 -28.28 0.90
N GLY A 95 -1.89 -27.44 0.25
CA GLY A 95 -0.93 -26.55 0.92
C GLY A 95 0.49 -27.11 1.01
N TYR A 96 0.87 -28.13 0.24
CA TYR A 96 2.18 -28.84 0.46
C TYR A 96 3.32 -28.09 -0.22
N ASP A 97 3.04 -27.37 -1.30
CA ASP A 97 3.97 -26.30 -1.76
C ASP A 97 3.12 -25.29 -2.54
N ALA A 98 3.76 -24.31 -3.19
CA ALA A 98 3.01 -23.23 -3.84
C ALA A 98 2.63 -23.62 -5.26
N PRO A 99 1.39 -23.32 -5.69
CA PRO A 99 1.09 -23.26 -7.11
C PRO A 99 1.89 -22.08 -7.69
N ILE A 100 2.34 -22.22 -8.92
CA ILE A 100 3.10 -21.16 -9.60
C ILE A 100 2.26 -20.68 -10.77
N TYR A 101 1.95 -19.40 -10.79
CA TYR A 101 1.43 -18.80 -12.03
C TYR A 101 2.54 -18.05 -12.77
N THR A 102 2.91 -18.60 -13.91
CA THR A 102 3.76 -17.94 -14.92
C THR A 102 3.11 -18.18 -16.28
N ASN A 103 3.19 -17.18 -17.15
CA ASN A 103 2.63 -17.23 -18.50
C ASN A 103 3.62 -17.95 -19.42
N VAL A 104 4.59 -17.22 -19.97
CA VAL A 104 5.48 -17.74 -21.04
C VAL A 104 6.78 -18.27 -20.41
N THR A 105 7.39 -17.50 -19.52
CA THR A 105 8.68 -17.90 -18.92
C THR A 105 8.49 -19.20 -18.15
N TYR A 106 9.26 -20.22 -18.51
CA TYR A 106 9.17 -21.54 -17.83
C TYR A 106 9.36 -21.31 -16.35
N PRO A 107 8.66 -22.09 -15.50
CA PRO A 107 8.86 -22.02 -14.05
C PRO A 107 10.18 -22.66 -13.61
N ILE A 108 10.92 -23.26 -14.54
CA ILE A 108 12.25 -23.88 -14.26
C ILE A 108 13.28 -23.29 -15.21
N THR A 109 14.53 -23.35 -14.80
CA THR A 109 15.66 -22.91 -15.65
C THR A 109 15.52 -23.62 -16.99
N VAL A 110 15.67 -22.88 -18.08
CA VAL A 110 15.60 -23.51 -19.42
C VAL A 110 16.95 -24.16 -19.68
N ASN A 111 16.97 -25.48 -19.64
CA ASN A 111 18.21 -26.28 -19.82
C ASN A 111 17.81 -27.69 -20.22
N PRO A 112 17.09 -27.85 -21.35
CA PRO A 112 16.57 -29.15 -21.74
C PRO A 112 17.68 -30.16 -21.99
N PRO A 113 17.50 -31.43 -21.58
CA PRO A 113 16.25 -31.90 -20.97
C PRO A 113 16.24 -31.92 -19.44
N PHE A 114 17.08 -31.10 -18.82
CA PHE A 114 17.35 -31.21 -17.36
C PHE A 114 16.36 -30.38 -16.57
N VAL A 115 16.32 -30.72 -15.30
CA VAL A 115 15.28 -30.22 -14.37
C VAL A 115 15.98 -29.88 -13.06
N PRO A 116 15.49 -28.88 -12.32
CA PRO A 116 16.09 -28.54 -11.04
C PRO A 116 16.25 -29.80 -10.16
N THR A 117 17.39 -29.90 -9.47
CA THR A 117 17.60 -30.89 -8.38
C THR A 117 16.54 -30.68 -7.32
N GLU A 118 16.13 -29.44 -7.10
CA GLU A 118 14.93 -29.06 -6.31
C GLU A 118 13.69 -29.40 -7.12
N ASN A 119 13.23 -30.65 -6.99
CA ASN A 119 12.09 -31.20 -7.77
C ASN A 119 11.06 -31.79 -6.82
N PRO A 120 10.07 -30.99 -6.38
CA PRO A 120 9.06 -31.46 -5.43
C PRO A 120 8.43 -32.77 -5.89
N THR A 121 8.45 -33.75 -4.99
CA THR A 121 8.06 -35.14 -5.27
C THR A 121 6.90 -35.52 -4.34
N GLY A 122 5.84 -36.04 -4.94
CA GLY A 122 4.62 -36.47 -4.22
C GLY A 122 4.56 -37.98 -4.10
N CYS A 123 4.65 -38.48 -2.86
CA CYS A 123 4.64 -39.94 -2.56
C CYS A 123 3.22 -40.38 -2.17
N TYR A 124 2.53 -41.01 -3.12
CA TYR A 124 1.15 -41.50 -2.98
C TYR A 124 1.18 -43.01 -2.73
N SER A 125 0.42 -43.45 -1.73
CA SER A 125 0.30 -44.87 -1.37
C SER A 125 -1.18 -45.20 -1.11
N LEU A 126 -1.54 -46.44 -1.42
CA LEU A 126 -2.91 -46.93 -1.19
C LEU A 126 -2.85 -48.43 -0.89
N THR A 127 -3.51 -48.83 0.19
CA THR A 127 -3.73 -50.26 0.52
C THR A 127 -5.16 -50.60 0.15
N PHE A 128 -5.35 -51.64 -0.65
CA PHE A 128 -6.68 -51.94 -1.24
C PHE A 128 -6.79 -53.44 -1.43
N ASN A 129 -8.03 -53.91 -1.57
N ASN A 129 -8.04 -53.89 -1.56
CA ASN A 129 -8.33 -55.36 -1.69
CA ASN A 129 -8.41 -55.33 -1.70
C ASN A 129 -8.70 -55.69 -3.13
C ASN A 129 -8.65 -55.66 -3.18
N VAL A 130 -8.31 -56.89 -3.56
CA VAL A 130 -8.63 -57.42 -4.91
C VAL A 130 -9.22 -58.81 -4.74
N ASP A 131 -10.37 -59.05 -5.39
CA ASP A 131 -11.09 -60.35 -5.37
C ASP A 131 -10.17 -61.42 -5.94
N GLU A 132 -10.36 -62.67 -5.52
CA GLU A 132 -9.63 -63.81 -6.13
C GLU A 132 -10.05 -63.89 -7.61
N SER A 133 -11.30 -63.54 -7.91
CA SER A 133 -11.91 -63.66 -9.26
C SER A 133 -11.04 -62.95 -10.30
N TRP A 134 -10.43 -61.82 -9.95
CA TRP A 134 -9.66 -60.98 -10.90
C TRP A 134 -8.29 -61.60 -11.18
N LEU A 135 -7.79 -62.46 -10.31
CA LEU A 135 -6.43 -63.06 -10.49
C LEU A 135 -6.52 -64.46 -11.08
N GLN A 136 -7.63 -65.16 -10.88
CA GLN A 136 -7.77 -66.54 -11.44
C GLN A 136 -7.77 -66.49 -12.97
N GLU A 137 -8.52 -65.55 -13.57
CA GLU A 137 -8.64 -65.45 -15.05
C GLU A 137 -8.41 -64.00 -15.45
N GLY A 138 -7.72 -63.78 -16.55
CA GLY A 138 -7.75 -62.47 -17.26
C GLY A 138 -6.65 -61.52 -16.85
N GLN A 139 -6.83 -60.27 -17.25
CA GLN A 139 -5.83 -59.21 -17.14
C GLN A 139 -6.41 -58.09 -16.29
N THR A 140 -5.74 -57.81 -15.18
CA THR A 140 -6.06 -56.67 -14.30
C THR A 140 -5.05 -55.57 -14.56
N ARG A 141 -5.54 -54.38 -14.92
CA ARG A 141 -4.67 -53.22 -15.23
C ARG A 141 -5.09 -52.07 -14.35
N ILE A 142 -4.19 -51.15 -14.12
CA ILE A 142 -4.52 -49.89 -13.42
C ILE A 142 -4.52 -48.76 -14.43
N ILE A 143 -5.42 -47.80 -14.27
CA ILE A 143 -5.54 -46.65 -15.20
C ILE A 143 -5.42 -45.38 -14.38
N PHE A 144 -4.35 -44.61 -14.63
CA PHE A 144 -4.16 -43.25 -14.09
C PHE A 144 -4.58 -42.26 -15.17
N ASP A 145 -5.74 -41.65 -15.02
CA ASP A 145 -6.29 -40.72 -16.05
C ASP A 145 -5.46 -39.43 -16.13
N GLY A 146 -4.78 -39.02 -15.05
CA GLY A 146 -3.95 -37.80 -15.12
C GLY A 146 -2.95 -37.69 -13.98
N VAL A 147 -1.67 -37.65 -14.31
CA VAL A 147 -0.55 -37.52 -13.33
C VAL A 147 0.39 -36.43 -13.81
N ASN A 148 0.55 -35.39 -12.99
CA ASN A 148 1.34 -34.18 -13.33
C ASN A 148 2.61 -34.19 -12.47
N SER A 149 3.79 -34.38 -13.09
CA SER A 149 3.98 -34.40 -14.54
C SER A 149 4.56 -35.73 -15.03
N ALA A 150 5.13 -36.50 -14.13
CA ALA A 150 5.67 -37.84 -14.47
C ALA A 150 5.65 -38.67 -13.20
N PHE A 151 5.76 -39.98 -13.33
CA PHE A 151 5.73 -40.85 -12.13
C PHE A 151 6.32 -42.22 -12.42
N HIS A 152 6.86 -42.81 -11.36
CA HIS A 152 7.12 -44.27 -11.25
C HIS A 152 6.03 -44.93 -10.43
N LEU A 153 5.73 -46.18 -10.75
CA LEU A 153 4.64 -46.96 -10.12
C LEU A 153 5.22 -48.25 -9.58
N TRP A 154 4.97 -48.49 -8.29
CA TRP A 154 5.26 -49.77 -7.61
C TRP A 154 3.95 -50.37 -7.14
N CYS A 155 3.94 -51.69 -7.03
CA CYS A 155 2.80 -52.46 -6.50
C CYS A 155 3.35 -53.63 -5.69
N ASN A 156 3.11 -53.61 -4.38
CA ASN A 156 3.61 -54.64 -3.44
C ASN A 156 5.13 -54.64 -3.47
N GLY A 157 5.74 -53.46 -3.57
CA GLY A 157 7.19 -53.27 -3.42
C GLY A 157 7.94 -53.53 -4.71
N ARG A 158 7.30 -54.15 -5.70
CA ARG A 158 7.92 -54.42 -7.02
C ARG A 158 7.60 -53.26 -7.94
N TRP A 159 8.55 -52.97 -8.83
CA TRP A 159 8.44 -51.84 -9.79
C TRP A 159 7.63 -52.26 -11.01
N VAL A 160 6.72 -51.41 -11.45
CA VAL A 160 5.79 -51.73 -12.57
C VAL A 160 6.14 -50.89 -13.78
N GLY A 161 6.27 -49.58 -13.61
CA GLY A 161 6.56 -48.75 -14.79
C GLY A 161 6.69 -47.29 -14.50
N TYR A 162 6.67 -46.49 -15.57
CA TYR A 162 6.96 -45.04 -15.58
C TYR A 162 6.10 -44.40 -16.64
N GLY A 163 5.67 -43.16 -16.42
CA GLY A 163 4.80 -42.48 -17.39
C GLY A 163 4.99 -40.97 -17.40
N GLN A 164 4.77 -40.38 -18.58
CA GLN A 164 4.79 -38.92 -18.80
C GLN A 164 3.57 -38.51 -19.63
N ASP A 165 3.45 -37.20 -19.90
CA ASP A 165 2.25 -36.53 -20.45
C ASP A 165 1.17 -36.49 -19.37
N SER A 166 0.89 -35.28 -18.89
CA SER A 166 0.09 -35.08 -17.66
C SER A 166 -1.40 -35.14 -17.97
N ARG A 167 -1.84 -35.10 -19.24
CA ARG A 167 -3.29 -34.95 -19.54
C ARG A 167 -3.84 -36.11 -20.38
N LEU A 168 -3.12 -37.21 -20.47
CA LEU A 168 -3.64 -38.46 -21.10
C LEU A 168 -3.44 -39.62 -20.15
N PRO A 169 -4.33 -40.63 -20.20
CA PRO A 169 -4.28 -41.74 -19.26
C PRO A 169 -3.07 -42.66 -19.48
N SER A 170 -2.44 -43.08 -18.39
CA SER A 170 -1.35 -44.08 -18.38
C SER A 170 -1.86 -45.37 -17.73
N GLU A 171 -1.67 -46.48 -18.42
CA GLU A 171 -2.22 -47.80 -18.02
C GLU A 171 -1.08 -48.82 -17.92
N PHE A 172 -1.07 -49.58 -16.85
CA PHE A 172 -0.08 -50.66 -16.65
C PHE A 172 -0.79 -51.96 -16.28
N ASP A 173 -0.19 -53.07 -16.72
CA ASP A 173 -0.69 -54.42 -16.39
C ASP A 173 -0.21 -54.76 -14.99
N LEU A 174 -1.14 -55.09 -14.09
CA LEU A 174 -0.83 -55.38 -12.66
C LEU A 174 -1.02 -56.87 -12.35
N SER A 175 -1.42 -57.71 -13.31
CA SER A 175 -1.81 -59.12 -13.06
C SER A 175 -0.68 -59.86 -12.33
N ALA A 176 0.55 -59.75 -12.85
CA ALA A 176 1.74 -60.44 -12.30
C ALA A 176 2.15 -59.85 -10.94
N PHE A 177 1.57 -58.75 -10.50
CA PHE A 177 2.02 -58.03 -9.28
C PHE A 177 1.02 -58.21 -8.13
N LEU A 178 -0.25 -58.42 -8.43
CA LEU A 178 -1.29 -58.41 -7.38
C LEU A 178 -1.38 -59.81 -6.79
N ARG A 179 -1.74 -59.86 -5.51
CA ARG A 179 -2.07 -61.10 -4.79
C ARG A 179 -3.51 -60.95 -4.32
N ALA A 180 -4.17 -62.07 -4.06
CA ALA A 180 -5.51 -62.09 -3.43
C ALA A 180 -5.41 -61.42 -2.06
N GLY A 181 -6.36 -60.51 -1.79
CA GLY A 181 -6.48 -59.78 -0.52
C GLY A 181 -5.80 -58.43 -0.59
N GLU A 182 -5.00 -58.13 0.43
CA GLU A 182 -4.38 -56.80 0.61
C GLU A 182 -3.26 -56.60 -0.41
N ASN A 183 -3.28 -55.44 -1.07
CA ASN A 183 -2.21 -54.99 -1.98
C ASN A 183 -1.87 -53.54 -1.65
N ARG A 184 -0.67 -53.12 -2.00
CA ARG A 184 -0.24 -51.72 -1.79
C ARG A 184 0.32 -51.14 -3.09
N LEU A 185 -0.27 -50.06 -3.57
CA LEU A 185 0.30 -49.24 -4.67
C LEU A 185 1.23 -48.20 -4.05
N ALA A 186 2.33 -47.94 -4.74
CA ALA A 186 3.26 -46.86 -4.39
C ALA A 186 3.53 -46.07 -5.66
N VAL A 187 3.12 -44.80 -5.62
CA VAL A 187 3.19 -43.90 -6.80
C VAL A 187 4.06 -42.71 -6.41
N MET A 188 5.17 -42.54 -7.11
CA MET A 188 6.07 -41.41 -6.88
C MET A 188 5.91 -40.43 -8.03
N VAL A 189 5.40 -39.24 -7.72
CA VAL A 189 5.02 -38.23 -8.74
C VAL A 189 6.04 -37.08 -8.67
N LEU A 190 6.55 -36.69 -9.83
CA LEU A 190 7.57 -35.62 -9.94
C LEU A 190 6.87 -34.39 -10.50
N ARG A 191 7.10 -33.25 -9.88
CA ARG A 191 6.52 -31.98 -10.38
C ARG A 191 7.12 -31.66 -11.76
N TRP A 192 8.45 -31.83 -11.90
CA TRP A 192 9.18 -31.46 -13.13
C TRP A 192 9.80 -32.70 -13.77
N SER A 193 9.67 -32.78 -15.09
CA SER A 193 10.31 -33.81 -15.90
C SER A 193 10.62 -33.22 -17.26
N ASP A 194 11.30 -33.96 -18.11
CA ASP A 194 11.57 -33.49 -19.48
C ASP A 194 10.24 -33.15 -20.14
N GLY A 195 9.15 -33.80 -19.71
CA GLY A 195 7.82 -33.50 -20.25
C GLY A 195 7.35 -32.09 -19.90
N SER A 196 7.90 -31.48 -18.86
CA SER A 196 7.52 -30.12 -18.45
C SER A 196 7.89 -29.14 -19.55
N TYR A 197 8.86 -29.48 -20.41
CA TYR A 197 9.31 -28.58 -21.49
C TYR A 197 8.24 -28.49 -22.57
N LEU A 198 7.34 -29.47 -22.68
CA LEU A 198 6.21 -29.45 -23.65
C LEU A 198 4.90 -29.14 -22.93
N GLU A 199 4.96 -28.64 -21.70
CA GLU A 199 3.76 -28.32 -20.89
C GLU A 199 3.88 -26.91 -20.32
N ASP A 200 4.11 -25.92 -21.19
CA ASP A 200 4.32 -24.52 -20.77
C ASP A 200 3.07 -23.70 -21.08
N GLN A 201 1.89 -24.25 -20.80
CA GLN A 201 0.65 -23.48 -21.04
C GLN A 201 0.59 -22.35 -20.03
N ASP A 202 -0.02 -21.23 -20.44
CA ASP A 202 -0.30 -20.06 -19.56
C ASP A 202 -1.40 -20.43 -18.57
N MET A 203 -1.01 -20.98 -17.43
CA MET A 203 -1.93 -21.53 -16.42
C MET A 203 -1.19 -21.65 -15.09
N TRP A 204 -1.90 -22.04 -14.04
CA TRP A 204 -1.26 -22.44 -12.77
C TRP A 204 -0.46 -23.71 -13.00
N ARG A 205 0.77 -23.74 -12.51
CA ARG A 205 1.66 -24.91 -12.57
C ARG A 205 1.52 -25.68 -11.26
N MET A 206 0.80 -26.79 -11.29
CA MET A 206 0.53 -27.64 -10.12
C MET A 206 1.06 -29.04 -10.44
N SER A 207 0.67 -30.04 -9.66
CA SER A 207 1.16 -31.42 -9.82
C SER A 207 0.33 -32.36 -8.96
N GLY A 208 0.53 -33.66 -9.18
CA GLY A 208 -0.11 -34.70 -8.36
C GLY A 208 -1.01 -35.60 -9.20
N ILE A 209 -1.71 -36.51 -8.52
CA ILE A 209 -2.65 -37.43 -9.20
C ILE A 209 -3.99 -36.72 -9.22
N PHE A 210 -4.24 -35.95 -10.28
CA PHE A 210 -5.33 -34.95 -10.32
C PHE A 210 -6.49 -35.46 -11.18
N ARG A 211 -6.42 -36.68 -11.67
CA ARG A 211 -7.57 -37.30 -12.37
C ARG A 211 -7.73 -38.74 -11.88
N ASP A 212 -8.84 -39.36 -12.28
CA ASP A 212 -9.34 -40.62 -11.69
C ASP A 212 -8.25 -41.70 -11.79
N VAL A 213 -8.19 -42.53 -10.76
CA VAL A 213 -7.45 -43.82 -10.75
C VAL A 213 -8.47 -44.96 -10.74
N SER A 214 -8.20 -46.01 -11.49
CA SER A 214 -9.17 -47.11 -11.71
C SER A 214 -8.42 -48.43 -11.94
N LEU A 215 -9.08 -49.52 -11.58
CA LEU A 215 -8.67 -50.88 -12.01
C LEU A 215 -9.67 -51.36 -13.05
N LEU A 216 -9.15 -51.97 -14.11
CA LEU A 216 -9.97 -52.53 -15.19
C LEU A 216 -9.61 -54.01 -15.38
N HIS A 217 -10.62 -54.88 -15.33
CA HIS A 217 -10.46 -56.32 -15.59
C HIS A 217 -10.95 -56.64 -17.01
N LYS A 218 -10.09 -57.29 -17.77
CA LYS A 218 -10.44 -57.78 -19.12
C LYS A 218 -10.07 -59.25 -19.21
N PRO A 219 -10.76 -60.04 -20.04
CA PRO A 219 -10.31 -61.39 -20.36
C PRO A 219 -9.03 -61.40 -21.20
N THR A 220 -8.20 -62.44 -21.08
CA THR A 220 -6.88 -62.45 -21.79
C THR A 220 -7.11 -62.43 -23.29
N THR A 221 -8.30 -62.84 -23.74
CA THR A 221 -8.77 -62.68 -25.14
C THR A 221 -9.75 -61.53 -25.15
N GLN A 222 -9.40 -60.43 -25.81
CA GLN A 222 -10.03 -59.13 -25.50
C GLN A 222 -10.13 -58.27 -26.75
N ILE A 223 -11.13 -57.41 -26.78
CA ILE A 223 -11.19 -56.26 -27.71
C ILE A 223 -10.12 -55.27 -27.24
N SER A 224 -9.12 -55.06 -28.09
CA SER A 224 -7.92 -54.24 -27.77
C SER A 224 -8.08 -52.81 -28.32
N ASP A 225 -8.97 -52.62 -29.29
CA ASP A 225 -9.18 -51.29 -29.92
C ASP A 225 -10.39 -51.43 -30.84
N PHE A 226 -11.10 -50.31 -31.06
CA PHE A 226 -12.18 -50.23 -32.06
C PHE A 226 -12.40 -48.78 -32.54
N HIS A 227 -12.61 -48.67 -33.84
CA HIS A 227 -12.72 -47.40 -34.57
C HIS A 227 -14.06 -47.37 -35.27
N VAL A 228 -14.80 -46.29 -35.08
CA VAL A 228 -16.14 -46.10 -35.71
C VAL A 228 -16.08 -44.90 -36.64
N ALA A 229 -16.42 -45.12 -37.91
CA ALA A 229 -16.52 -44.08 -38.95
C ALA A 229 -17.93 -44.07 -39.53
N THR A 230 -18.30 -42.95 -40.14
CA THR A 230 -19.59 -42.78 -40.81
C THR A 230 -19.36 -42.12 -42.17
N ARG A 231 -19.53 -42.88 -43.25
CA ARG A 231 -19.59 -42.34 -44.64
C ARG A 231 -21.03 -41.93 -44.94
N PHE A 232 -21.21 -41.07 -45.94
CA PHE A 232 -22.54 -40.60 -46.40
C PHE A 232 -22.60 -40.51 -47.93
N ASN A 233 -23.82 -40.45 -48.44
CA ASN A 233 -24.11 -40.07 -49.84
C ASN A 233 -24.29 -38.54 -49.89
N ASP A 234 -24.57 -38.01 -51.07
CA ASP A 234 -24.52 -36.54 -51.35
C ASP A 234 -25.52 -35.80 -50.45
N ASP A 235 -26.69 -36.39 -50.17
CA ASP A 235 -27.78 -35.66 -49.46
C ASP A 235 -28.01 -36.24 -48.06
N PHE A 236 -27.11 -37.08 -47.55
CA PHE A 236 -27.11 -37.59 -46.15
C PHE A 236 -28.36 -38.45 -45.88
N SER A 237 -28.96 -39.01 -46.91
CA SER A 237 -30.16 -39.86 -46.79
C SER A 237 -29.76 -41.31 -46.52
N ARG A 238 -28.57 -41.72 -46.94
CA ARG A 238 -28.00 -43.06 -46.62
C ARG A 238 -26.60 -42.86 -45.99
N ALA A 239 -26.31 -43.63 -44.94
CA ALA A 239 -24.96 -43.67 -44.33
C ALA A 239 -24.51 -45.11 -44.15
N VAL A 240 -23.21 -45.31 -44.20
CA VAL A 240 -22.60 -46.60 -43.78
C VAL A 240 -21.78 -46.32 -42.51
N LEU A 241 -22.02 -47.12 -41.48
CA LEU A 241 -21.16 -47.11 -40.30
C LEU A 241 -20.14 -48.23 -40.46
N GLU A 242 -18.86 -47.87 -40.52
CA GLU A 242 -17.74 -48.83 -40.58
C GLU A 242 -17.14 -48.96 -39.18
N ALA A 243 -17.02 -50.18 -38.67
CA ALA A 243 -16.50 -50.42 -37.30
C ALA A 243 -15.36 -51.43 -37.34
N GLU A 244 -14.14 -50.97 -37.12
CA GLU A 244 -12.94 -51.82 -37.15
C GLU A 244 -12.72 -52.30 -35.72
N VAL A 245 -12.55 -53.59 -35.56
CA VAL A 245 -12.33 -54.17 -34.22
C VAL A 245 -11.03 -54.96 -34.25
N GLN A 246 -10.15 -54.66 -33.31
CA GLN A 246 -8.88 -55.38 -33.13
C GLN A 246 -8.99 -56.13 -31.81
N MET A 247 -8.29 -57.26 -31.74
CA MET A 247 -8.27 -58.10 -30.53
C MET A 247 -6.83 -58.42 -30.15
N CYS A 248 -6.63 -58.81 -28.89
CA CYS A 248 -5.42 -59.45 -28.36
C CYS A 248 -5.78 -60.79 -27.73
N GLY A 249 -4.77 -61.64 -27.54
CA GLY A 249 -4.94 -62.97 -26.96
C GLY A 249 -4.97 -64.01 -28.06
N GLU A 250 -5.32 -65.24 -27.72
CA GLU A 250 -5.22 -66.37 -28.68
C GLU A 250 -6.39 -66.27 -29.67
N LEU A 251 -6.06 -66.02 -30.94
CA LEU A 251 -7.01 -66.17 -32.07
C LEU A 251 -7.38 -67.65 -32.22
N ARG A 252 -8.66 -67.94 -32.25
CA ARG A 252 -9.19 -69.29 -32.59
C ARG A 252 -10.29 -69.09 -33.62
N ASP A 253 -10.54 -70.12 -34.42
CA ASP A 253 -11.48 -70.06 -35.57
C ASP A 253 -12.91 -69.82 -35.10
N TYR A 254 -13.22 -70.15 -33.85
CA TYR A 254 -14.61 -70.00 -33.34
C TYR A 254 -14.91 -68.56 -32.93
N LEU A 255 -13.91 -67.68 -32.94
CA LEU A 255 -14.10 -66.29 -32.44
C LEU A 255 -14.88 -65.50 -33.48
N ARG A 256 -15.84 -64.72 -32.98
CA ARG A 256 -16.67 -63.82 -33.81
C ARG A 256 -16.84 -62.48 -33.12
N VAL A 257 -17.19 -61.49 -33.91
CA VAL A 257 -17.54 -60.14 -33.42
C VAL A 257 -18.90 -59.77 -33.99
N THR A 258 -19.77 -59.29 -33.13
CA THR A 258 -21.03 -58.65 -33.54
C THR A 258 -20.97 -57.19 -33.12
N VAL A 259 -21.32 -56.30 -34.04
CA VAL A 259 -21.54 -54.89 -33.71
C VAL A 259 -22.95 -54.51 -34.12
N SER A 260 -23.71 -54.01 -33.15
CA SER A 260 -25.11 -53.59 -33.34
C SER A 260 -25.18 -52.09 -33.12
N LEU A 261 -26.13 -51.45 -33.79
CA LEU A 261 -26.35 -49.99 -33.68
C LEU A 261 -27.76 -49.76 -33.16
N TRP A 262 -27.88 -49.05 -32.04
CA TRP A 262 -29.17 -48.76 -31.40
C TRP A 262 -29.45 -47.26 -31.47
N GLN A 263 -30.72 -46.90 -31.56
CA GLN A 263 -31.20 -45.52 -31.31
C GLN A 263 -32.37 -45.61 -30.34
N GLY A 264 -32.13 -45.27 -29.07
CA GLY A 264 -33.05 -45.61 -27.98
C GLY A 264 -33.11 -47.13 -27.82
N GLU A 265 -34.31 -47.69 -27.69
CA GLU A 265 -34.50 -49.16 -27.57
C GLU A 265 -34.85 -49.76 -28.94
N THR A 266 -34.61 -49.03 -30.02
CA THR A 266 -34.74 -49.56 -31.39
C THR A 266 -33.37 -50.01 -31.90
N GLN A 267 -33.25 -51.28 -32.30
CA GLN A 267 -32.07 -51.80 -33.04
C GLN A 267 -32.17 -51.27 -34.47
N VAL A 268 -31.13 -50.60 -34.94
CA VAL A 268 -31.12 -49.95 -36.28
C VAL A 268 -30.46 -50.88 -37.28
N ALA A 269 -29.37 -51.55 -36.89
CA ALA A 269 -28.65 -52.48 -37.78
C ALA A 269 -27.81 -53.41 -36.93
N SER A 270 -27.30 -54.46 -37.53
CA SER A 270 -26.43 -55.44 -36.86
C SER A 270 -25.70 -56.29 -37.87
N GLY A 271 -24.43 -56.59 -37.62
CA GLY A 271 -23.61 -57.48 -38.44
C GLY A 271 -22.68 -58.31 -37.58
N THR A 272 -22.28 -59.46 -38.10
CA THR A 272 -21.43 -60.45 -37.39
C THR A 272 -20.39 -60.97 -38.38
N ALA A 273 -19.19 -61.22 -37.91
CA ALA A 273 -18.14 -61.75 -38.78
C ALA A 273 -17.08 -62.40 -37.91
N PRO A 274 -16.36 -63.39 -38.46
CA PRO A 274 -15.15 -63.87 -37.81
C PRO A 274 -14.03 -62.85 -38.06
N PHE A 275 -12.89 -63.08 -37.45
CA PHE A 275 -11.72 -62.19 -37.61
C PHE A 275 -11.05 -62.48 -38.95
N GLY A 276 -10.67 -61.41 -39.64
CA GLY A 276 -9.92 -61.51 -40.90
C GLY A 276 -10.23 -60.33 -41.78
N GLY A 277 -9.25 -59.43 -41.94
CA GLY A 277 -9.44 -58.18 -42.68
C GLY A 277 -9.18 -58.35 -44.17
N GLU A 278 -9.45 -57.30 -44.94
CA GLU A 278 -9.11 -57.25 -46.38
C GLU A 278 -7.62 -57.54 -46.51
N ILE A 279 -7.23 -58.07 -47.66
CA ILE A 279 -5.80 -58.06 -48.07
C ILE A 279 -5.36 -56.59 -48.13
N ILE A 280 -4.28 -56.24 -47.46
CA ILE A 280 -3.81 -54.82 -47.44
C ILE A 280 -2.46 -54.71 -48.16
N ASP A 281 -1.64 -55.76 -48.17
CA ASP A 281 -0.35 -55.77 -48.94
C ASP A 281 0.07 -57.22 -49.20
N GLU A 282 1.26 -57.38 -49.75
CA GLU A 282 1.77 -58.66 -50.29
C GLU A 282 1.81 -59.76 -49.21
N ARG A 283 1.82 -59.41 -47.92
CA ARG A 283 1.92 -60.42 -46.84
C ARG A 283 0.51 -60.77 -46.36
N GLY A 284 -0.51 -60.18 -46.96
CA GLY A 284 -1.90 -60.52 -46.59
C GLY A 284 -2.55 -59.41 -45.82
N GLY A 285 -3.34 -59.77 -44.80
CA GLY A 285 -4.08 -58.81 -43.99
C GLY A 285 -3.97 -59.12 -42.51
N TYR A 286 -4.73 -58.38 -41.71
CA TYR A 286 -4.78 -58.53 -40.24
C TYR A 286 -5.73 -59.67 -39.86
N ALA A 287 -5.17 -60.80 -39.47
CA ALA A 287 -5.93 -61.96 -38.95
C ALA A 287 -6.65 -61.59 -37.63
N ASP A 288 -6.15 -60.60 -36.87
CA ASP A 288 -6.64 -60.22 -35.52
C ASP A 288 -7.51 -58.95 -35.59
N ARG A 289 -8.02 -58.65 -36.77
CA ARG A 289 -8.95 -57.52 -36.93
C ARG A 289 -10.07 -57.94 -37.86
N VAL A 290 -11.15 -57.19 -37.76
CA VAL A 290 -12.32 -57.33 -38.65
C VAL A 290 -13.03 -55.97 -38.71
N THR A 291 -13.60 -55.68 -39.87
CA THR A 291 -14.37 -54.45 -40.07
C THR A 291 -15.79 -54.87 -40.44
N LEU A 292 -16.76 -54.31 -39.73
CA LEU A 292 -18.19 -54.54 -39.99
C LEU A 292 -18.80 -53.26 -40.53
N ARG A 293 -19.50 -53.37 -41.65
CA ARG A 293 -20.18 -52.23 -42.30
C ARG A 293 -21.68 -52.43 -42.13
N LEU A 294 -22.33 -51.49 -41.44
CA LEU A 294 -23.80 -51.50 -41.27
C LEU A 294 -24.36 -50.38 -42.13
N ASN A 295 -25.49 -50.66 -42.80
CA ASN A 295 -26.28 -49.64 -43.52
C ASN A 295 -27.25 -48.95 -42.56
N VAL A 296 -27.37 -47.63 -42.71
CA VAL A 296 -28.36 -46.83 -41.97
C VAL A 296 -29.05 -45.95 -42.99
N GLU A 297 -30.35 -46.17 -43.17
CA GLU A 297 -31.18 -45.32 -44.05
C GLU A 297 -31.74 -44.16 -43.21
N ASN A 298 -31.77 -42.97 -43.80
CA ASN A 298 -32.24 -41.72 -43.17
C ASN A 298 -31.72 -41.64 -41.75
N PRO A 299 -30.39 -41.53 -41.55
CA PRO A 299 -29.85 -41.42 -40.20
C PRO A 299 -30.18 -40.03 -39.64
N LYS A 300 -30.56 -39.99 -38.37
CA LYS A 300 -30.64 -38.74 -37.58
C LYS A 300 -29.22 -38.20 -37.39
N LEU A 301 -28.95 -37.00 -37.89
CA LEU A 301 -27.57 -36.47 -37.96
C LEU A 301 -27.26 -35.71 -36.67
N TRP A 302 -25.99 -35.77 -36.27
CA TRP A 302 -25.46 -35.09 -35.06
C TRP A 302 -24.95 -33.69 -35.42
N SER A 303 -25.29 -32.74 -34.55
CA SER A 303 -24.85 -31.33 -34.62
C SER A 303 -24.96 -30.75 -33.22
N ALA A 304 -24.45 -29.54 -33.04
CA ALA A 304 -24.58 -28.84 -31.76
C ALA A 304 -26.01 -28.35 -31.59
N GLU A 305 -26.72 -28.13 -32.71
CA GLU A 305 -28.14 -27.68 -32.70
C GLU A 305 -29.04 -28.86 -32.31
N ILE A 306 -28.72 -30.07 -32.77
CA ILE A 306 -29.53 -31.30 -32.44
C ILE A 306 -28.57 -32.47 -32.30
N PRO A 307 -28.13 -32.80 -31.07
CA PRO A 307 -27.17 -33.89 -30.86
C PRO A 307 -27.77 -35.30 -30.84
N ASN A 308 -28.35 -35.72 -31.96
CA ASN A 308 -28.87 -37.10 -32.13
C ASN A 308 -27.75 -38.11 -31.90
N LEU A 309 -28.00 -39.07 -31.02
CA LEU A 309 -26.99 -40.11 -30.76
C LEU A 309 -27.59 -41.48 -31.03
N TYR A 310 -26.76 -42.31 -31.61
CA TYR A 310 -26.94 -43.76 -31.63
C TYR A 310 -25.98 -44.32 -30.59
N ARG A 311 -26.08 -45.62 -30.32
CA ARG A 311 -25.08 -46.33 -29.52
C ARG A 311 -24.61 -47.56 -30.28
N ALA A 312 -23.30 -47.75 -30.35
CA ALA A 312 -22.68 -48.92 -30.98
C ALA A 312 -22.20 -49.86 -29.88
N VAL A 313 -22.62 -51.11 -29.98
CA VAL A 313 -22.21 -52.15 -29.02
C VAL A 313 -21.33 -53.13 -29.79
N VAL A 314 -20.16 -53.41 -29.25
CA VAL A 314 -19.23 -54.38 -29.86
C VAL A 314 -19.16 -55.59 -28.96
N GLU A 315 -19.78 -56.69 -29.38
CA GLU A 315 -19.71 -57.97 -28.63
C GLU A 315 -18.59 -58.81 -29.23
N LEU A 316 -17.67 -59.25 -28.37
CA LEU A 316 -16.74 -60.35 -28.71
C LEU A 316 -17.31 -61.64 -28.12
N HIS A 317 -17.56 -62.62 -28.98
CA HIS A 317 -18.17 -63.91 -28.55
C HIS A 317 -17.59 -65.07 -29.37
N THR A 318 -17.98 -66.27 -28.97
CA THR A 318 -17.72 -67.50 -29.76
C THR A 318 -18.91 -67.72 -30.70
N ALA A 319 -18.75 -68.67 -31.63
CA ALA A 319 -19.78 -68.99 -32.64
C ALA A 319 -21.00 -69.61 -31.95
N ASP A 320 -20.82 -70.29 -30.82
CA ASP A 320 -21.98 -70.90 -30.12
C ASP A 320 -22.69 -69.84 -29.25
N GLY A 321 -22.24 -68.58 -29.28
CA GLY A 321 -22.96 -67.46 -28.64
C GLY A 321 -22.36 -66.96 -27.33
N THR A 322 -21.51 -67.74 -26.67
CA THR A 322 -20.92 -67.35 -25.35
C THR A 322 -20.23 -66.01 -25.49
N LEU A 323 -20.69 -65.03 -24.73
CA LEU A 323 -20.09 -63.68 -24.75
C LEU A 323 -18.77 -63.74 -23.98
N ILE A 324 -17.73 -63.14 -24.54
CA ILE A 324 -16.42 -63.01 -23.87
C ILE A 324 -16.40 -61.64 -23.19
N GLU A 325 -16.73 -60.59 -23.94
CA GLU A 325 -16.81 -59.23 -23.37
C GLU A 325 -17.48 -58.33 -24.41
N ALA A 326 -17.99 -57.20 -23.96
CA ALA A 326 -18.57 -56.19 -24.86
C ALA A 326 -18.03 -54.80 -24.53
N GLU A 327 -17.77 -54.02 -25.59
CA GLU A 327 -17.48 -52.59 -25.44
C GLU A 327 -18.57 -51.82 -26.16
N ALA A 328 -18.57 -50.50 -25.99
CA ALA A 328 -19.63 -49.66 -26.54
C ALA A 328 -19.19 -48.21 -26.54
N CYS A 329 -19.81 -47.44 -27.42
CA CYS A 329 -19.61 -45.99 -27.53
C CYS A 329 -20.86 -45.30 -28.08
N ASP A 330 -20.97 -44.01 -27.83
CA ASP A 330 -22.03 -43.18 -28.47
C ASP A 330 -21.58 -42.91 -29.88
N VAL A 331 -22.51 -42.87 -30.81
CA VAL A 331 -22.21 -42.62 -32.24
C VAL A 331 -22.99 -41.38 -32.66
N GLY A 332 -22.29 -40.48 -33.34
CA GLY A 332 -22.92 -39.28 -33.92
C GLY A 332 -22.69 -39.30 -35.40
N PHE A 333 -23.74 -39.40 -36.19
CA PHE A 333 -23.64 -39.42 -37.67
C PHE A 333 -23.41 -37.98 -38.11
N ARG A 334 -22.17 -37.70 -38.52
CA ARG A 334 -21.81 -36.34 -38.96
C ARG A 334 -20.58 -36.45 -39.86
N GLU A 335 -20.48 -35.51 -40.78
CA GLU A 335 -19.34 -35.44 -41.70
C GLU A 335 -18.70 -34.08 -41.51
N VAL A 336 -17.38 -34.07 -41.38
CA VAL A 336 -16.58 -32.81 -41.27
C VAL A 336 -15.63 -32.81 -42.45
N ARG A 337 -15.84 -31.90 -43.36
CA ARG A 337 -14.91 -31.74 -44.50
C ARG A 337 -14.67 -30.25 -44.72
N ILE A 338 -13.53 -29.95 -45.32
CA ILE A 338 -13.27 -28.60 -45.88
C ILE A 338 -13.37 -28.74 -47.39
N GLU A 339 -14.26 -27.96 -48.00
CA GLU A 339 -14.62 -28.09 -49.44
C GLU A 339 -14.74 -26.68 -49.99
N ASN A 340 -13.97 -26.39 -51.04
N ASN A 340 -14.00 -26.41 -51.08
CA ASN A 340 -13.95 -25.06 -51.70
CA ASN A 340 -13.89 -25.07 -51.73
C ASN A 340 -13.77 -23.98 -50.64
C ASN A 340 -13.76 -23.99 -50.65
N GLY A 341 -12.81 -24.19 -49.73
CA GLY A 341 -12.37 -23.16 -48.76
C GLY A 341 -13.26 -23.02 -47.55
N LEU A 342 -14.32 -23.82 -47.44
CA LEU A 342 -15.25 -23.71 -46.29
C LEU A 342 -15.18 -24.97 -45.45
N LEU A 343 -15.16 -24.81 -44.13
CA LEU A 343 -15.34 -25.95 -43.22
C LEU A 343 -16.85 -26.25 -43.18
N LEU A 344 -17.22 -27.46 -43.58
CA LEU A 344 -18.61 -27.94 -43.62
C LEU A 344 -18.82 -29.01 -42.54
N LEU A 345 -19.99 -28.97 -41.94
CA LEU A 345 -20.54 -30.05 -41.11
C LEU A 345 -21.85 -30.47 -41.74
N ASN A 346 -21.91 -31.69 -42.26
CA ASN A 346 -23.11 -32.24 -42.93
C ASN A 346 -23.48 -31.32 -44.11
N GLY A 347 -22.48 -30.83 -44.84
CA GLY A 347 -22.71 -30.09 -46.08
C GLY A 347 -23.03 -28.62 -45.86
N LYS A 348 -23.06 -28.16 -44.60
CA LYS A 348 -23.39 -26.74 -44.28
C LYS A 348 -22.20 -26.03 -43.63
N PRO A 349 -21.88 -24.80 -44.06
CA PRO A 349 -20.74 -24.09 -43.51
C PRO A 349 -20.98 -23.66 -42.06
N LEU A 350 -20.21 -24.21 -41.12
CA LEU A 350 -20.27 -23.80 -39.70
C LEU A 350 -19.91 -22.33 -39.57
N LEU A 351 -20.49 -21.68 -38.58
CA LEU A 351 -20.04 -20.38 -38.08
C LEU A 351 -19.76 -20.58 -36.58
N ILE A 352 -18.48 -20.63 -36.23
CA ILE A 352 -18.00 -21.11 -34.92
C ILE A 352 -18.23 -20.03 -33.88
N ARG A 353 -19.18 -20.26 -32.98
CA ARG A 353 -19.38 -19.43 -31.77
C ARG A 353 -18.60 -20.11 -30.64
N GLY A 354 -17.27 -19.96 -30.67
CA GLY A 354 -16.39 -20.75 -29.79
C GLY A 354 -15.92 -20.01 -28.56
N VAL A 355 -15.38 -20.77 -27.62
CA VAL A 355 -14.59 -20.23 -26.48
C VAL A 355 -13.48 -21.23 -26.14
N ASN A 356 -12.38 -20.72 -25.62
CA ASN A 356 -11.31 -21.53 -24.99
C ASN A 356 -11.68 -21.79 -23.52
N ARG A 357 -11.55 -23.04 -23.11
CA ARG A 357 -11.88 -23.45 -21.73
C ARG A 357 -10.77 -24.33 -21.17
N HIS A 358 -10.12 -23.84 -20.11
CA HIS A 358 -9.18 -24.62 -19.27
C HIS A 358 -9.97 -25.43 -18.25
N GLU A 359 -9.35 -26.47 -17.75
CA GLU A 359 -9.86 -27.21 -16.58
C GLU A 359 -9.36 -26.51 -15.31
N HIS A 360 -10.23 -25.70 -14.73
CA HIS A 360 -9.91 -24.87 -13.55
C HIS A 360 -11.10 -24.81 -12.60
N HIS A 361 -10.78 -24.90 -11.32
CA HIS A 361 -11.73 -24.78 -10.20
C HIS A 361 -11.04 -24.00 -9.10
N PRO A 362 -11.66 -22.92 -8.59
CA PRO A 362 -10.97 -22.04 -7.65
C PRO A 362 -10.58 -22.75 -6.35
N LEU A 363 -11.26 -23.83 -5.98
CA LEU A 363 -10.92 -24.61 -4.76
C LEU A 363 -10.07 -25.84 -5.11
N HIS A 364 -10.46 -26.63 -6.10
CA HIS A 364 -9.86 -27.97 -6.35
C HIS A 364 -8.69 -27.91 -7.32
N GLY A 365 -8.43 -26.74 -7.92
CA GLY A 365 -7.32 -26.54 -8.86
C GLY A 365 -7.66 -27.04 -10.25
N GLN A 366 -7.03 -28.14 -10.66
CA GLN A 366 -7.14 -28.68 -12.04
C GLN A 366 -7.80 -30.07 -11.96
N VAL A 367 -8.50 -30.32 -10.86
CA VAL A 367 -9.38 -31.50 -10.72
C VAL A 367 -10.76 -31.09 -11.19
N MET A 368 -11.31 -31.86 -12.14
CA MET A 368 -12.63 -31.57 -12.75
C MET A 368 -13.69 -32.52 -12.19
N ASP A 369 -14.93 -32.05 -12.16
CA ASP A 369 -16.10 -32.83 -11.65
C ASP A 369 -17.28 -32.63 -12.60
N GLU A 370 -18.17 -33.61 -12.61
CA GLU A 370 -19.35 -33.62 -13.49
C GLU A 370 -20.15 -32.33 -13.30
N GLN A 371 -20.40 -31.92 -12.06
CA GLN A 371 -21.27 -30.75 -11.77
C GLN A 371 -20.70 -29.49 -12.43
N THR A 372 -19.39 -29.30 -12.41
CA THR A 372 -18.78 -28.06 -12.94
C THR A 372 -18.75 -28.14 -14.46
N MET A 373 -18.53 -29.31 -15.02
CA MET A 373 -18.53 -29.49 -16.49
C MET A 373 -19.92 -29.14 -17.03
N VAL A 374 -20.96 -29.66 -16.39
CA VAL A 374 -22.35 -29.46 -16.84
C VAL A 374 -22.73 -27.99 -16.63
N GLN A 375 -22.35 -27.41 -15.49
CA GLN A 375 -22.59 -25.97 -15.22
C GLN A 375 -21.95 -25.12 -16.31
N ASP A 376 -20.76 -25.53 -16.77
CA ASP A 376 -20.00 -24.81 -17.82
C ASP A 376 -20.73 -24.97 -19.16
N ILE A 377 -21.13 -26.18 -19.49
CA ILE A 377 -21.81 -26.45 -20.79
C ILE A 377 -23.16 -25.72 -20.83
N LEU A 378 -23.88 -25.68 -19.71
CA LEU A 378 -25.19 -24.97 -19.68
C LEU A 378 -24.92 -23.48 -19.92
N LEU A 379 -23.95 -22.92 -19.21
CA LEU A 379 -23.70 -21.46 -19.29
C LEU A 379 -23.24 -21.09 -20.70
N MET A 380 -22.45 -21.96 -21.31
CA MET A 380 -21.96 -21.72 -22.69
C MET A 380 -23.17 -21.72 -23.61
N LYS A 381 -23.94 -22.81 -23.60
CA LYS A 381 -25.04 -22.98 -24.56
C LYS A 381 -26.09 -21.90 -24.34
N GLN A 382 -26.25 -21.43 -23.11
CA GLN A 382 -27.27 -20.39 -22.78
C GLN A 382 -26.82 -19.03 -23.35
N ASN A 383 -25.52 -18.85 -23.55
CA ASN A 383 -24.99 -17.56 -24.07
C ASN A 383 -24.60 -17.71 -25.54
N ASN A 384 -25.20 -18.69 -26.24
CA ASN A 384 -25.15 -18.83 -27.71
C ASN A 384 -23.75 -19.27 -28.16
N PHE A 385 -23.07 -20.08 -27.35
CA PHE A 385 -21.79 -20.70 -27.74
C PHE A 385 -22.03 -22.06 -28.41
N ASN A 386 -21.26 -22.30 -29.47
CA ASN A 386 -21.39 -23.38 -30.48
C ASN A 386 -20.37 -24.47 -30.19
N ALA A 387 -19.21 -24.08 -29.68
CA ALA A 387 -18.00 -24.90 -29.77
C ALA A 387 -17.01 -24.51 -28.67
N VAL A 388 -16.16 -25.45 -28.32
CA VAL A 388 -15.18 -25.25 -27.23
C VAL A 388 -13.82 -25.80 -27.66
N ARG A 389 -12.77 -25.07 -27.32
CA ARG A 389 -11.40 -25.50 -27.63
C ARG A 389 -10.85 -26.00 -26.31
N CYS A 390 -10.38 -27.25 -26.31
CA CYS A 390 -9.68 -27.84 -25.14
C CYS A 390 -8.29 -27.21 -25.08
N SER A 391 -8.19 -25.99 -24.56
CA SER A 391 -6.91 -25.27 -24.38
C SER A 391 -6.23 -25.78 -23.12
N HIS A 392 -5.02 -26.32 -23.22
CA HIS A 392 -4.35 -26.72 -24.45
C HIS A 392 -3.82 -28.13 -24.24
N TYR A 393 -4.73 -29.06 -23.96
CA TYR A 393 -4.40 -30.46 -23.63
C TYR A 393 -5.66 -31.30 -23.73
N PRO A 394 -5.53 -32.63 -23.85
CA PRO A 394 -6.69 -33.50 -23.78
C PRO A 394 -7.36 -33.34 -22.44
N ASN A 395 -8.69 -33.35 -22.43
CA ASN A 395 -9.50 -33.09 -21.22
C ASN A 395 -9.79 -34.41 -20.50
N HIS A 396 -10.36 -34.28 -19.32
CA HIS A 396 -11.04 -35.38 -18.59
C HIS A 396 -11.97 -36.08 -19.57
N PRO A 397 -11.96 -37.43 -19.63
CA PRO A 397 -12.72 -38.17 -20.65
C PRO A 397 -14.22 -37.80 -20.65
N LEU A 398 -14.77 -37.54 -19.48
CA LEU A 398 -16.22 -37.26 -19.30
C LEU A 398 -16.63 -36.03 -20.10
N TRP A 399 -15.69 -35.10 -20.36
CA TRP A 399 -15.98 -33.82 -21.08
C TRP A 399 -16.47 -34.11 -22.50
N TYR A 400 -15.89 -35.10 -23.17
CA TYR A 400 -16.20 -35.37 -24.59
C TYR A 400 -17.59 -35.99 -24.62
N THR A 401 -17.92 -36.77 -23.59
CA THR A 401 -19.23 -37.45 -23.49
C THR A 401 -20.29 -36.38 -23.29
N LEU A 402 -20.01 -35.39 -22.44
CA LEU A 402 -21.00 -34.33 -22.15
C LEU A 402 -21.19 -33.47 -23.40
N CYS A 403 -20.15 -33.13 -24.14
CA CYS A 403 -20.33 -32.38 -25.41
C CYS A 403 -21.06 -33.24 -26.47
N ASP A 404 -20.82 -34.55 -26.46
CA ASP A 404 -21.51 -35.51 -27.36
C ASP A 404 -23.01 -35.35 -27.16
N ARG A 405 -23.46 -35.24 -25.91
CA ARG A 405 -24.89 -35.40 -25.53
C ARG A 405 -25.60 -34.05 -25.44
N TYR A 406 -24.98 -33.06 -24.84
CA TYR A 406 -25.50 -31.68 -24.79
C TYR A 406 -25.39 -31.01 -26.16
N GLY A 407 -24.31 -31.28 -26.91
CA GLY A 407 -24.12 -30.76 -28.28
C GLY A 407 -23.21 -29.54 -28.32
N LEU A 408 -21.89 -29.78 -28.36
CA LEU A 408 -20.86 -28.72 -28.62
C LEU A 408 -19.76 -29.26 -29.55
N TYR A 409 -19.31 -28.41 -30.47
CA TYR A 409 -18.18 -28.79 -31.34
C TYR A 409 -16.89 -28.63 -30.54
N VAL A 410 -16.07 -29.67 -30.52
CA VAL A 410 -14.84 -29.69 -29.69
C VAL A 410 -13.61 -29.68 -30.59
N VAL A 411 -12.71 -28.73 -30.34
CA VAL A 411 -11.31 -28.83 -30.82
C VAL A 411 -10.52 -29.59 -29.76
N ASP A 412 -10.01 -30.75 -30.13
CA ASP A 412 -9.23 -31.61 -29.21
C ASP A 412 -7.75 -31.33 -29.47
N GLU A 413 -7.02 -30.89 -28.46
CA GLU A 413 -5.70 -30.28 -28.65
C GLU A 413 -4.65 -31.07 -27.89
N ALA A 414 -3.55 -31.40 -28.56
CA ALA A 414 -2.46 -32.21 -27.96
C ALA A 414 -1.80 -31.40 -26.85
N ASN A 415 -1.22 -32.11 -25.89
CA ASN A 415 -0.58 -31.49 -24.70
C ASN A 415 0.87 -31.14 -25.04
N ILE A 416 1.03 -30.19 -25.96
CA ILE A 416 2.37 -29.68 -26.38
C ILE A 416 2.27 -28.16 -26.44
N GLU A 417 2.97 -27.52 -25.51
CA GLU A 417 3.29 -26.08 -25.61
C GLU A 417 4.71 -25.86 -25.11
N THR A 418 5.54 -25.26 -25.96
CA THR A 418 6.94 -24.92 -25.66
C THR A 418 7.15 -23.41 -25.75
N HIS A 419 6.21 -22.63 -25.23
CA HIS A 419 6.15 -21.17 -25.47
C HIS A 419 7.44 -20.46 -25.03
N GLY A 420 8.00 -20.85 -23.87
CA GLY A 420 9.14 -20.17 -23.25
C GLY A 420 10.49 -20.48 -23.88
N MET A 421 10.58 -21.46 -24.80
CA MET A 421 11.84 -21.75 -25.54
C MET A 421 12.20 -20.55 -26.41
N VAL A 422 13.48 -20.33 -26.69
CA VAL A 422 13.92 -19.22 -27.57
C VAL A 422 14.78 -19.81 -28.67
N PRO A 423 14.34 -19.83 -29.95
CA PRO A 423 12.99 -19.41 -30.35
C PRO A 423 11.92 -20.46 -30.02
N MET A 424 10.64 -20.11 -30.14
CA MET A 424 9.53 -21.04 -29.81
C MET A 424 9.75 -22.38 -30.54
N ASN A 425 10.37 -22.26 -31.71
CA ASN A 425 10.67 -23.36 -32.64
C ASN A 425 11.61 -24.41 -32.03
N ARG A 426 12.35 -24.09 -30.97
CA ARG A 426 13.61 -24.82 -30.63
C ARG A 426 13.38 -26.33 -30.51
N LEU A 427 12.42 -26.76 -29.70
CA LEU A 427 12.20 -28.22 -29.48
C LEU A 427 11.40 -28.84 -30.62
N THR A 428 10.42 -28.14 -31.16
CA THR A 428 9.50 -28.72 -32.17
C THR A 428 10.19 -28.88 -33.52
N ASP A 429 11.37 -28.32 -33.72
CA ASP A 429 12.11 -28.47 -35.00
C ASP A 429 13.20 -29.52 -34.83
N ASP A 430 13.40 -29.99 -33.59
CA ASP A 430 14.51 -30.90 -33.24
C ASP A 430 13.99 -32.32 -33.35
N PRO A 431 14.56 -33.16 -34.24
CA PRO A 431 14.09 -34.55 -34.38
C PRO A 431 14.19 -35.38 -33.10
N ARG A 432 15.15 -35.08 -32.24
CA ARG A 432 15.28 -35.78 -30.94
C ARG A 432 14.05 -35.56 -30.04
N TRP A 433 13.19 -34.58 -30.32
CA TRP A 433 11.92 -34.37 -29.57
C TRP A 433 10.72 -34.86 -30.37
N LEU A 434 10.93 -35.45 -31.53
CA LEU A 434 9.81 -35.98 -32.35
C LEU A 434 9.14 -37.12 -31.58
N PRO A 435 9.88 -38.09 -31.00
CA PRO A 435 9.23 -39.15 -30.23
C PRO A 435 8.32 -38.61 -29.11
N ALA A 436 8.83 -37.72 -28.26
CA ALA A 436 8.08 -37.22 -27.09
C ALA A 436 6.82 -36.51 -27.59
N MET A 437 6.94 -35.81 -28.72
CA MET A 437 5.80 -35.05 -29.29
C MET A 437 4.83 -36.00 -29.96
N SER A 438 5.32 -37.04 -30.64
CA SER A 438 4.44 -37.97 -31.37
C SER A 438 3.49 -38.66 -30.38
N GLU A 439 3.93 -38.95 -29.16
CA GLU A 439 3.10 -39.74 -28.23
C GLU A 439 2.02 -38.85 -27.64
N ARG A 440 2.25 -37.55 -27.56
CA ARG A 440 1.21 -36.60 -27.11
C ARG A 440 0.15 -36.40 -28.18
N VAL A 441 0.54 -36.44 -29.46
CA VAL A 441 -0.43 -36.35 -30.59
C VAL A 441 -1.14 -37.69 -30.79
N THR A 442 -0.40 -38.77 -30.98
CA THR A 442 -0.96 -40.08 -31.41
C THR A 442 -1.90 -40.65 -30.33
N ARG A 443 -1.52 -40.57 -29.06
CA ARG A 443 -2.32 -41.18 -27.96
C ARG A 443 -3.59 -40.34 -27.72
N MET A 444 -3.58 -39.05 -28.09
CA MET A 444 -4.81 -38.23 -28.04
C MET A 444 -5.79 -38.81 -29.05
N VAL A 445 -5.35 -39.01 -30.29
CA VAL A 445 -6.23 -39.49 -31.40
C VAL A 445 -6.74 -40.90 -31.07
N GLN A 446 -5.90 -41.74 -30.49
CA GLN A 446 -6.29 -43.16 -30.27
C GLN A 446 -7.45 -43.21 -29.26
N ARG A 447 -7.49 -42.26 -28.34
CA ARG A 447 -8.47 -42.28 -27.23
C ARG A 447 -9.78 -41.60 -27.66
N ASP A 448 -9.72 -40.50 -28.40
CA ASP A 448 -10.88 -39.60 -28.59
C ASP A 448 -11.42 -39.67 -30.02
N ARG A 449 -10.95 -40.60 -30.83
CA ARG A 449 -11.30 -40.62 -32.29
C ARG A 449 -12.72 -41.13 -32.51
N ASN A 450 -13.40 -41.61 -31.47
CA ASN A 450 -14.80 -42.08 -31.59
C ASN A 450 -15.81 -41.03 -31.06
N HIS A 451 -15.37 -39.88 -30.59
CA HIS A 451 -16.31 -38.87 -30.07
C HIS A 451 -16.80 -38.01 -31.22
N PRO A 452 -18.11 -37.98 -31.55
CA PRO A 452 -18.62 -37.06 -32.57
C PRO A 452 -18.50 -35.56 -32.20
N SER A 453 -18.35 -35.25 -30.91
CA SER A 453 -18.18 -33.84 -30.47
C SER A 453 -16.85 -33.31 -31.01
N VAL A 454 -15.87 -34.20 -31.19
CA VAL A 454 -14.54 -33.80 -31.71
C VAL A 454 -14.64 -33.65 -33.23
N ILE A 455 -14.51 -32.43 -33.73
CA ILE A 455 -14.58 -32.17 -35.20
C ILE A 455 -13.22 -31.74 -35.73
N ILE A 456 -12.34 -31.23 -34.87
CA ILE A 456 -11.00 -30.75 -35.31
C ILE A 456 -9.94 -31.20 -34.32
N TRP A 457 -8.84 -31.76 -34.85
CA TRP A 457 -7.62 -32.06 -34.07
C TRP A 457 -6.67 -30.86 -34.09
N SER A 458 -6.07 -30.55 -32.94
CA SER A 458 -5.04 -29.48 -32.80
C SER A 458 -3.71 -30.10 -32.37
N LEU A 459 -2.61 -29.71 -33.04
CA LEU A 459 -1.25 -30.26 -32.76
C LEU A 459 -0.66 -29.67 -31.47
N GLY A 460 -1.34 -28.71 -30.84
CA GLY A 460 -0.86 -28.06 -29.61
C GLY A 460 -1.10 -26.57 -29.65
N ASN A 461 -0.31 -25.83 -28.87
CA ASN A 461 -0.43 -24.35 -28.77
C ASN A 461 0.96 -23.74 -28.61
N GLU A 462 1.15 -22.57 -29.22
CA GLU A 462 2.33 -21.69 -29.07
C GLU A 462 3.61 -22.49 -28.89
N SER A 463 4.04 -23.17 -29.95
CA SER A 463 5.31 -23.91 -29.95
C SER A 463 6.02 -23.67 -31.28
N GLY A 464 5.89 -22.46 -31.83
CA GLY A 464 6.43 -22.12 -33.15
C GLY A 464 6.01 -23.11 -34.22
N HIS A 465 6.80 -23.26 -35.28
CA HIS A 465 6.55 -24.26 -36.34
C HIS A 465 7.81 -25.07 -36.62
N GLY A 466 7.84 -26.31 -36.16
CA GLY A 466 8.95 -27.23 -36.42
C GLY A 466 8.60 -28.33 -37.42
N ALA A 467 9.60 -29.04 -37.91
CA ALA A 467 9.39 -30.13 -38.88
C ALA A 467 8.61 -31.27 -38.22
N ASN A 468 8.62 -31.36 -36.89
CA ASN A 468 7.85 -32.39 -36.17
C ASN A 468 6.36 -32.04 -36.32
N HIS A 469 6.00 -30.76 -36.33
CA HIS A 469 4.59 -30.36 -36.56
C HIS A 469 4.11 -30.91 -37.91
N ASP A 470 4.91 -30.74 -38.95
CA ASP A 470 4.52 -31.22 -40.29
C ASP A 470 4.38 -32.74 -40.26
N ALA A 471 5.30 -33.44 -39.59
CA ALA A 471 5.30 -34.92 -39.52
C ALA A 471 3.99 -35.38 -38.86
N LEU A 472 3.61 -34.74 -37.75
CA LEU A 472 2.46 -35.21 -36.96
C LEU A 472 1.18 -34.75 -37.61
N TYR A 473 1.22 -33.64 -38.36
CA TYR A 473 0.05 -33.20 -39.17
C TYR A 473 -0.30 -34.33 -40.14
N ARG A 474 0.70 -34.78 -40.89
CA ARG A 474 0.50 -35.84 -41.92
C ARG A 474 0.08 -37.15 -41.21
N TRP A 475 0.57 -37.39 -39.99
CA TRP A 475 0.21 -38.62 -39.27
C TRP A 475 -1.30 -38.64 -39.05
N ILE A 476 -1.86 -37.50 -38.66
CA ILE A 476 -3.32 -37.44 -38.35
C ILE A 476 -4.09 -37.59 -39.66
N LYS A 477 -3.66 -36.92 -40.72
CA LYS A 477 -4.36 -36.97 -42.02
C LYS A 477 -4.41 -38.41 -42.47
N SER A 478 -3.31 -39.13 -42.34
CA SER A 478 -3.21 -40.54 -42.80
C SER A 478 -4.15 -41.41 -41.96
N VAL A 479 -4.08 -41.29 -40.64
CA VAL A 479 -4.75 -42.19 -39.67
C VAL A 479 -6.24 -41.87 -39.57
N ASP A 480 -6.63 -40.61 -39.74
CA ASP A 480 -8.04 -40.17 -39.53
C ASP A 480 -8.37 -39.03 -40.47
N PRO A 481 -8.81 -39.33 -41.71
CA PRO A 481 -9.22 -38.28 -42.63
C PRO A 481 -10.51 -37.56 -42.19
N SER A 482 -11.27 -38.20 -41.30
CA SER A 482 -12.58 -37.72 -40.78
C SER A 482 -12.53 -36.26 -40.34
N ARG A 483 -11.37 -35.74 -39.91
CA ARG A 483 -11.32 -34.44 -39.20
C ARG A 483 -10.18 -33.57 -39.72
N PRO A 484 -10.43 -32.27 -39.93
CA PRO A 484 -9.36 -31.34 -40.20
C PRO A 484 -8.36 -31.23 -39.04
N VAL A 485 -7.12 -30.85 -39.37
CA VAL A 485 -6.04 -30.60 -38.38
C VAL A 485 -5.72 -29.13 -38.44
N GLN A 486 -5.56 -28.50 -37.28
CA GLN A 486 -5.24 -27.06 -37.22
C GLN A 486 -4.10 -26.85 -36.23
N TYR A 487 -3.36 -25.76 -36.42
CA TYR A 487 -2.27 -25.35 -35.53
C TYR A 487 -1.88 -23.93 -35.87
N GLU A 488 -1.73 -23.10 -34.84
CA GLU A 488 -1.52 -21.64 -34.99
C GLU A 488 -0.03 -21.29 -35.08
N GLY A 489 0.83 -22.15 -34.54
CA GLY A 489 2.26 -21.80 -34.37
C GLY A 489 2.94 -21.47 -35.69
N GLY A 490 3.91 -20.56 -35.62
CA GLY A 490 4.74 -20.17 -36.79
C GLY A 490 3.95 -19.42 -37.84
N GLY A 491 2.98 -18.60 -37.44
CA GLY A 491 2.33 -17.63 -38.34
C GLY A 491 0.94 -18.06 -38.77
N ALA A 492 0.38 -19.12 -38.18
CA ALA A 492 -1.06 -19.51 -38.26
C ALA A 492 -1.46 -19.99 -39.66
N ASP A 493 -0.56 -20.03 -40.63
CA ASP A 493 -0.92 -20.46 -42.01
C ASP A 493 0.13 -21.44 -42.53
N THR A 494 0.84 -22.11 -41.62
CA THR A 494 1.95 -23.02 -41.98
C THR A 494 1.41 -24.20 -42.77
N THR A 495 2.31 -25.07 -43.20
CA THR A 495 1.94 -26.33 -43.90
C THR A 495 1.35 -27.34 -42.91
N ALA A 496 1.34 -27.04 -41.61
CA ALA A 496 0.81 -27.99 -40.60
C ALA A 496 -0.63 -27.65 -40.19
N THR A 497 -1.39 -26.90 -41.00
CA THR A 497 -2.78 -26.52 -40.65
C THR A 497 -3.67 -26.53 -41.90
N ASP A 498 -4.87 -27.11 -41.74
CA ASP A 498 -5.95 -27.05 -42.76
C ASP A 498 -6.74 -25.74 -42.61
N ILE A 499 -6.53 -24.99 -41.52
CA ILE A 499 -7.35 -23.79 -41.18
C ILE A 499 -6.40 -22.66 -40.83
N ILE A 500 -6.64 -21.47 -41.36
CA ILE A 500 -5.89 -20.28 -40.91
C ILE A 500 -6.36 -19.95 -39.51
N CYS A 501 -5.54 -20.19 -38.50
CA CYS A 501 -6.02 -20.17 -37.08
C CYS A 501 -5.24 -19.16 -36.28
N PRO A 502 -5.26 -17.86 -36.65
CA PRO A 502 -4.51 -16.85 -35.95
C PRO A 502 -5.07 -16.62 -34.54
N MET A 503 -4.20 -16.18 -33.64
CA MET A 503 -4.65 -15.67 -32.32
C MET A 503 -4.48 -14.15 -32.32
N TYR A 504 -5.57 -13.45 -32.05
CA TYR A 504 -5.58 -11.98 -31.86
C TYR A 504 -5.24 -11.27 -33.16
N ALA A 505 -5.53 -11.90 -34.29
CA ALA A 505 -5.60 -11.12 -35.54
C ALA A 505 -6.77 -10.16 -35.39
N ARG A 506 -6.55 -8.90 -35.77
CA ARG A 506 -7.60 -7.86 -35.72
C ARG A 506 -8.39 -7.87 -37.04
N VAL A 507 -9.49 -7.15 -37.06
CA VAL A 507 -10.48 -7.24 -38.17
C VAL A 507 -9.94 -6.47 -39.37
N ASP A 508 -9.49 -5.23 -39.17
CA ASP A 508 -9.19 -4.25 -40.26
C ASP A 508 -7.70 -3.90 -40.26
N GLU A 509 -7.07 -3.84 -39.10
CA GLU A 509 -5.67 -3.34 -39.00
C GLU A 509 -4.69 -4.53 -38.97
N ASP A 510 -3.64 -4.42 -39.77
CA ASP A 510 -2.55 -5.41 -39.86
C ASP A 510 -1.62 -5.19 -38.69
N GLN A 511 -1.09 -6.27 -38.15
CA GLN A 511 0.08 -6.23 -37.25
C GLN A 511 1.22 -6.97 -37.94
N PRO A 512 2.06 -6.27 -38.74
CA PRO A 512 3.04 -6.95 -39.60
C PRO A 512 4.35 -7.29 -38.87
N PHE A 513 4.26 -8.17 -37.87
CA PHE A 513 5.45 -8.69 -37.14
C PHE A 513 6.32 -9.49 -38.10
N PRO A 514 7.65 -9.31 -38.06
CA PRO A 514 8.53 -10.07 -38.94
C PRO A 514 8.33 -11.56 -38.66
N ALA A 515 8.37 -12.37 -39.72
CA ALA A 515 8.35 -13.87 -39.72
C ALA A 515 6.94 -14.41 -39.40
N VAL A 516 6.22 -13.79 -38.47
CA VAL A 516 4.91 -14.30 -37.94
C VAL A 516 3.90 -13.16 -37.92
N PRO A 517 3.60 -12.51 -39.05
CA PRO A 517 2.69 -11.38 -39.02
C PRO A 517 1.29 -11.86 -38.68
N LYS A 518 0.50 -10.98 -38.10
CA LYS A 518 -0.96 -11.12 -37.93
C LYS A 518 -1.61 -10.13 -38.91
N TRP A 519 -2.02 -10.62 -40.07
CA TRP A 519 -2.72 -9.78 -41.07
C TRP A 519 -4.13 -9.54 -40.58
N SER A 520 -4.75 -8.49 -41.09
CA SER A 520 -6.22 -8.29 -40.99
C SER A 520 -6.87 -9.59 -41.48
N ILE A 521 -7.79 -10.14 -40.71
CA ILE A 521 -8.40 -11.44 -41.07
C ILE A 521 -9.06 -11.32 -42.45
N LYS A 522 -9.48 -10.13 -42.87
CA LYS A 522 -10.15 -9.98 -44.19
C LYS A 522 -9.07 -10.00 -45.26
N LYS A 523 -7.97 -9.30 -45.01
CA LYS A 523 -6.86 -9.25 -45.98
C LYS A 523 -6.22 -10.66 -46.07
N TRP A 524 -6.09 -11.34 -44.94
CA TRP A 524 -5.44 -12.66 -44.86
C TRP A 524 -6.04 -13.61 -45.90
N LEU A 525 -7.37 -13.62 -46.02
CA LEU A 525 -8.11 -14.57 -46.89
C LEU A 525 -7.67 -14.38 -48.35
N SER A 526 -7.41 -13.14 -48.77
CA SER A 526 -7.19 -12.73 -50.19
C SER A 526 -5.73 -12.87 -50.62
N LEU A 527 -4.80 -13.16 -49.70
CA LEU A 527 -3.37 -13.28 -50.07
C LEU A 527 -3.22 -14.30 -51.19
N PRO A 528 -2.33 -14.06 -52.17
CA PRO A 528 -2.22 -14.92 -53.33
C PRO A 528 -1.95 -16.38 -52.95
N GLY A 529 -2.72 -17.31 -53.51
CA GLY A 529 -2.56 -18.76 -53.31
C GLY A 529 -3.30 -19.28 -52.09
N GLU A 530 -3.81 -18.39 -51.23
CA GLU A 530 -4.46 -18.79 -49.96
C GLU A 530 -5.92 -19.13 -50.23
N THR A 531 -6.33 -20.36 -49.93
CA THR A 531 -7.70 -20.89 -50.24
C THR A 531 -8.44 -21.29 -48.97
N ARG A 532 -7.77 -21.27 -47.81
CA ARG A 532 -8.27 -21.94 -46.58
C ARG A 532 -9.30 -21.10 -45.85
N PRO A 533 -10.17 -21.72 -45.03
CA PRO A 533 -11.01 -20.95 -44.12
C PRO A 533 -10.16 -20.36 -43.01
N LEU A 534 -10.68 -19.33 -42.35
CA LEU A 534 -10.00 -18.68 -41.22
C LEU A 534 -10.91 -18.74 -39.99
N ILE A 535 -10.43 -19.41 -38.94
CA ILE A 535 -11.17 -19.51 -37.66
C ILE A 535 -10.18 -19.22 -36.54
N LEU A 536 -10.31 -18.06 -35.91
CA LEU A 536 -9.31 -17.65 -34.91
C LEU A 536 -9.26 -18.69 -33.79
N CYS A 537 -8.07 -19.17 -33.45
CA CYS A 537 -7.93 -20.16 -32.34
C CYS A 537 -8.10 -19.42 -31.02
N GLN A 538 -7.85 -18.12 -31.03
CA GLN A 538 -8.06 -17.26 -29.84
C GLN A 538 -8.31 -15.85 -30.33
N TYR A 539 -9.35 -15.19 -29.82
CA TYR A 539 -9.61 -13.78 -30.14
C TYR A 539 -10.35 -13.18 -28.96
N ALA A 540 -10.38 -11.85 -28.89
CA ALA A 540 -11.18 -11.08 -27.91
C ALA A 540 -10.74 -11.42 -26.49
N HIS A 541 -9.48 -11.16 -26.17
CA HIS A 541 -8.88 -11.41 -24.84
C HIS A 541 -9.74 -10.76 -23.73
N ALA A 542 -10.41 -11.54 -22.90
CA ALA A 542 -11.43 -11.06 -21.95
C ALA A 542 -10.84 -10.82 -20.55
N MET A 543 -9.66 -10.24 -20.48
CA MET A 543 -8.98 -9.97 -19.20
C MET A 543 -9.54 -8.68 -18.59
N GLY A 544 -10.26 -8.83 -17.48
CA GLY A 544 -10.89 -7.71 -16.76
C GLY A 544 -11.98 -7.08 -17.57
N ASN A 545 -12.01 -5.74 -17.57
CA ASN A 545 -12.99 -4.95 -18.34
C ASN A 545 -12.53 -4.96 -19.80
N SER A 546 -13.06 -5.88 -20.59
CA SER A 546 -12.55 -6.14 -21.96
C SER A 546 -13.68 -6.55 -22.91
N LEU A 547 -13.33 -7.17 -24.04
CA LEU A 547 -14.21 -7.49 -25.18
C LEU A 547 -14.69 -6.22 -25.86
N GLY A 548 -13.96 -5.12 -25.74
CA GLY A 548 -14.20 -3.96 -26.62
C GLY A 548 -14.01 -4.40 -28.06
N GLY A 549 -14.87 -3.92 -28.97
CA GLY A 549 -14.75 -4.22 -30.41
C GLY A 549 -15.19 -5.63 -30.76
N PHE A 550 -15.86 -6.33 -29.85
CA PHE A 550 -16.37 -7.70 -30.15
C PHE A 550 -17.28 -7.69 -31.39
N ALA A 551 -18.12 -6.66 -31.52
CA ALA A 551 -19.12 -6.56 -32.61
C ALA A 551 -18.41 -6.42 -33.97
N LYS A 552 -17.19 -5.91 -33.97
CA LYS A 552 -16.45 -5.66 -35.23
C LYS A 552 -16.08 -7.01 -35.85
N TYR A 553 -15.75 -7.98 -35.01
CA TYR A 553 -15.42 -9.35 -35.46
C TYR A 553 -16.65 -10.02 -36.09
N TRP A 554 -17.79 -9.95 -35.40
CA TRP A 554 -18.98 -10.75 -35.80
C TRP A 554 -19.63 -10.14 -37.06
N GLN A 555 -19.54 -8.84 -37.24
CA GLN A 555 -19.98 -8.24 -38.52
C GLN A 555 -19.13 -8.82 -39.65
N ALA A 556 -17.83 -8.99 -39.43
CA ALA A 556 -16.88 -9.49 -40.44
C ALA A 556 -17.12 -10.98 -40.66
N PHE A 557 -17.34 -11.74 -39.60
CA PHE A 557 -17.64 -13.19 -39.67
C PHE A 557 -18.84 -13.42 -40.60
N ARG A 558 -19.88 -12.58 -40.43
CA ARG A 558 -21.17 -12.74 -41.15
C ARG A 558 -21.02 -12.28 -42.60
N GLN A 559 -20.18 -11.29 -42.87
CA GLN A 559 -20.04 -10.70 -44.22
C GLN A 559 -19.14 -11.59 -45.08
N TYR A 560 -18.09 -12.19 -44.52
CA TYR A 560 -17.08 -12.99 -45.28
C TYR A 560 -17.32 -14.48 -45.13
N PRO A 561 -17.73 -15.19 -46.21
CA PRO A 561 -17.96 -16.63 -46.11
C PRO A 561 -16.81 -17.40 -45.44
N ARG A 562 -15.56 -17.11 -45.83
CA ARG A 562 -14.38 -17.91 -45.39
C ARG A 562 -13.92 -17.48 -43.99
N LEU A 563 -14.46 -16.38 -43.45
CA LEU A 563 -14.37 -16.12 -41.99
C LEU A 563 -15.48 -16.94 -41.33
N GLN A 564 -15.09 -17.99 -40.63
CA GLN A 564 -16.09 -18.90 -40.03
C GLN A 564 -15.98 -18.83 -38.50
N GLY A 565 -15.53 -17.70 -37.97
CA GLY A 565 -15.68 -17.42 -36.53
C GLY A 565 -14.39 -17.61 -35.77
N GLY A 566 -14.50 -18.02 -34.51
CA GLY A 566 -13.32 -18.08 -33.64
C GLY A 566 -13.68 -18.47 -32.23
N PHE A 567 -12.65 -18.64 -31.40
CA PHE A 567 -12.79 -19.08 -30.00
C PHE A 567 -12.29 -17.97 -29.09
N VAL A 568 -13.18 -17.40 -28.28
CA VAL A 568 -12.79 -16.29 -27.38
C VAL A 568 -11.79 -16.81 -26.37
N TRP A 569 -10.83 -15.98 -25.98
CA TRP A 569 -9.94 -16.28 -24.83
C TRP A 569 -10.33 -15.40 -23.66
N ASP A 570 -10.91 -16.00 -22.62
CA ASP A 570 -11.28 -17.42 -22.58
C ASP A 570 -12.54 -17.53 -21.71
N TRP A 571 -12.82 -18.72 -21.18
CA TRP A 571 -14.08 -18.99 -20.45
C TRP A 571 -14.00 -18.56 -18.99
N VAL A 572 -13.03 -19.04 -18.21
CA VAL A 572 -13.02 -18.81 -16.74
C VAL A 572 -11.76 -18.10 -16.28
N ASP A 573 -11.94 -17.15 -15.37
CA ASP A 573 -10.83 -16.64 -14.52
C ASP A 573 -10.15 -17.82 -13.86
N GLN A 574 -8.83 -17.92 -14.01
CA GLN A 574 -8.00 -18.90 -13.26
C GLN A 574 -7.64 -18.29 -11.90
N SER A 575 -8.63 -17.75 -11.20
CA SER A 575 -8.51 -17.29 -9.81
C SER A 575 -8.35 -18.53 -8.94
N LEU A 576 -7.61 -18.42 -7.83
CA LEU A 576 -7.67 -19.43 -6.76
C LEU A 576 -8.12 -18.77 -5.48
N ILE A 577 -8.69 -19.57 -4.58
CA ILE A 577 -9.22 -19.10 -3.27
C ILE A 577 -8.12 -19.14 -2.21
N LYS A 578 -7.98 -18.06 -1.47
CA LYS A 578 -7.22 -18.01 -0.20
C LYS A 578 -8.14 -17.49 0.90
N TYR A 579 -7.75 -17.74 2.14
CA TYR A 579 -8.56 -17.38 3.33
C TYR A 579 -7.77 -16.38 4.14
N ASP A 580 -8.44 -15.28 4.51
CA ASP A 580 -7.82 -14.20 5.33
C ASP A 580 -7.72 -14.70 6.78
N GLU A 581 -7.39 -13.79 7.70
CA GLU A 581 -7.10 -14.10 9.12
C GLU A 581 -8.36 -14.64 9.79
N ASN A 582 -9.55 -14.25 9.33
CA ASN A 582 -10.84 -14.69 9.92
C ASN A 582 -11.37 -15.91 9.17
N GLY A 583 -10.77 -16.30 8.06
CA GLY A 583 -11.27 -17.45 7.28
C GLY A 583 -12.41 -17.01 6.35
N ASN A 584 -12.39 -15.76 5.92
CA ASN A 584 -13.25 -15.32 4.80
C ASN A 584 -12.44 -15.52 3.52
N PRO A 585 -13.06 -16.11 2.47
CA PRO A 585 -12.34 -16.40 1.23
C PRO A 585 -12.18 -15.14 0.38
N TRP A 586 -11.06 -15.07 -0.36
CA TRP A 586 -10.83 -14.06 -1.40
C TRP A 586 -10.13 -14.69 -2.62
N SER A 587 -10.37 -14.12 -3.79
CA SER A 587 -9.82 -14.62 -5.06
C SER A 587 -8.38 -14.11 -5.23
N ALA A 588 -7.45 -15.05 -5.37
CA ALA A 588 -6.01 -14.79 -5.53
C ALA A 588 -5.58 -15.03 -6.97
N TYR A 589 -4.45 -14.43 -7.34
CA TYR A 589 -3.83 -14.61 -8.67
C TYR A 589 -2.31 -14.75 -8.51
N GLY A 590 -1.60 -14.57 -9.62
CA GLY A 590 -0.13 -14.70 -9.67
C GLY A 590 0.56 -13.94 -8.57
N GLY A 591 1.43 -14.64 -7.85
CA GLY A 591 2.26 -14.07 -6.78
C GLY A 591 1.59 -14.16 -5.42
N ASP A 592 0.31 -14.48 -5.36
CA ASP A 592 -0.44 -14.49 -4.08
C ASP A 592 -0.08 -15.72 -3.24
N PHE A 593 0.82 -16.59 -3.68
CA PHE A 593 1.24 -17.81 -2.94
C PHE A 593 2.75 -17.79 -2.67
N GLY A 594 3.38 -16.63 -2.77
CA GLY A 594 4.84 -16.52 -2.67
C GLY A 594 5.55 -16.97 -3.93
N ASP A 595 4.81 -17.26 -5.02
CA ASP A 595 5.37 -17.78 -6.30
C ASP A 595 6.11 -16.67 -7.04
N THR A 596 7.40 -16.86 -7.30
CA THR A 596 8.23 -15.85 -8.00
C THR A 596 9.22 -16.55 -8.92
N PRO A 597 9.44 -16.08 -10.16
CA PRO A 597 8.64 -14.99 -10.73
C PRO A 597 7.20 -15.42 -11.09
N ASN A 598 6.35 -14.42 -11.34
CA ASN A 598 4.92 -14.64 -11.64
C ASN A 598 4.40 -13.56 -12.56
N ASP A 599 3.22 -13.80 -13.13
CA ASP A 599 2.60 -12.93 -14.15
C ASP A 599 1.25 -12.37 -13.64
N ARG A 600 1.11 -12.25 -12.32
CA ARG A 600 0.08 -11.41 -11.63
C ARG A 600 -1.30 -11.68 -12.23
N GLN A 601 -2.05 -10.64 -12.63
CA GLN A 601 -3.48 -10.73 -13.03
C GLN A 601 -3.68 -11.53 -14.32
N PHE A 602 -2.62 -11.89 -15.06
CA PHE A 602 -2.76 -12.43 -16.43
C PHE A 602 -3.40 -13.83 -16.42
N CYS A 603 -3.63 -14.42 -15.25
CA CYS A 603 -4.29 -15.74 -15.18
C CYS A 603 -5.81 -15.58 -15.28
N MET A 604 -6.32 -14.36 -15.20
CA MET A 604 -7.78 -14.11 -15.19
C MET A 604 -8.21 -13.48 -16.51
N ASN A 605 -8.69 -14.31 -17.45
CA ASN A 605 -8.97 -13.83 -18.83
C ASN A 605 -10.40 -14.21 -19.22
N GLY A 606 -11.22 -14.62 -18.25
CA GLY A 606 -12.48 -15.31 -18.54
C GLY A 606 -13.64 -14.36 -18.80
N LEU A 607 -14.67 -14.88 -19.48
CA LEU A 607 -16.00 -14.26 -19.53
C LEU A 607 -16.72 -14.47 -18.19
N VAL A 608 -16.36 -15.48 -17.41
CA VAL A 608 -16.96 -15.68 -16.07
C VAL A 608 -15.87 -15.61 -15.01
N PHE A 609 -16.26 -15.26 -13.79
CA PHE A 609 -15.42 -15.41 -12.59
C PHE A 609 -15.22 -16.90 -12.34
N ALA A 610 -14.32 -17.24 -11.42
CA ALA A 610 -13.93 -18.63 -11.12
C ALA A 610 -15.13 -19.41 -10.60
N ASP A 611 -16.04 -18.76 -9.86
CA ASP A 611 -17.29 -19.38 -9.32
C ASP A 611 -18.37 -19.41 -10.41
N ARG A 612 -18.03 -19.03 -11.65
CA ARG A 612 -18.89 -19.12 -12.87
C ARG A 612 -19.99 -18.06 -12.82
N THR A 613 -19.85 -17.04 -11.98
CA THR A 613 -20.63 -15.78 -12.12
C THR A 613 -20.18 -15.04 -13.37
N PRO A 614 -21.09 -14.65 -14.28
CA PRO A 614 -20.68 -13.93 -15.48
C PRO A 614 -20.06 -12.54 -15.22
N HIS A 615 -19.11 -12.19 -16.08
CA HIS A 615 -18.62 -10.81 -16.25
C HIS A 615 -19.64 -10.08 -17.13
N PRO A 616 -19.66 -8.73 -17.13
CA PRO A 616 -20.51 -8.01 -18.07
C PRO A 616 -20.26 -8.42 -19.53
N ALA A 617 -19.04 -8.82 -19.87
CA ALA A 617 -18.70 -9.13 -21.28
C ALA A 617 -19.53 -10.33 -21.79
N LEU A 618 -20.02 -11.17 -20.89
CA LEU A 618 -20.67 -12.41 -21.35
C LEU A 618 -21.92 -12.12 -22.21
N THR A 619 -22.72 -11.12 -21.84
CA THR A 619 -23.96 -10.81 -22.59
C THR A 619 -23.58 -10.21 -23.95
N GLU A 620 -22.53 -9.40 -24.01
CA GLU A 620 -22.05 -8.86 -25.31
C GLU A 620 -21.74 -10.03 -26.23
N ALA A 621 -21.15 -11.09 -25.66
CA ALA A 621 -20.89 -12.35 -26.42
C ALA A 621 -22.23 -12.99 -26.80
N LYS A 622 -23.13 -13.11 -25.83
CA LYS A 622 -24.43 -13.78 -26.06
C LYS A 622 -25.19 -13.06 -27.17
N HIS A 623 -25.09 -11.73 -27.22
CA HIS A 623 -25.87 -10.90 -28.18
C HIS A 623 -25.26 -11.04 -29.58
N GLN A 624 -23.94 -10.89 -29.71
CA GLN A 624 -23.26 -10.95 -31.03
C GLN A 624 -23.28 -12.37 -31.62
N GLN A 625 -23.31 -13.38 -30.77
CA GLN A 625 -23.30 -14.79 -31.21
C GLN A 625 -24.72 -15.34 -31.43
N GLN A 626 -25.75 -14.49 -31.38
CA GLN A 626 -27.15 -15.01 -31.39
C GLN A 626 -27.47 -15.56 -32.78
N PHE A 627 -28.44 -16.48 -32.83
CA PHE A 627 -28.74 -17.30 -34.02
C PHE A 627 -29.90 -16.71 -34.83
N PHE A 628 -30.48 -15.61 -34.36
CA PHE A 628 -31.56 -14.88 -35.04
C PHE A 628 -31.11 -13.45 -35.28
N GLN A 629 -30.98 -13.09 -36.55
CA GLN A 629 -30.64 -11.72 -36.98
C GLN A 629 -31.92 -11.05 -37.46
N PHE A 630 -32.02 -9.74 -37.23
CA PHE A 630 -33.26 -8.97 -37.43
C PHE A 630 -32.97 -7.80 -38.34
N ARG A 631 -33.97 -7.44 -39.12
CA ARG A 631 -34.05 -6.14 -39.83
C ARG A 631 -35.47 -5.61 -39.65
N LEU A 632 -35.62 -4.29 -39.75
CA LEU A 632 -36.92 -3.61 -39.61
C LEU A 632 -37.06 -2.60 -40.74
N SER A 633 -38.14 -2.68 -41.49
CA SER A 633 -38.51 -1.65 -42.50
C SER A 633 -40.01 -1.39 -42.38
N GLY A 634 -40.37 -0.16 -42.02
CA GLY A 634 -41.75 0.17 -41.59
C GLY A 634 -42.01 -0.40 -40.20
N GLN A 635 -43.03 -1.25 -40.09
CA GLN A 635 -43.30 -2.05 -38.87
C GLN A 635 -43.32 -3.52 -39.28
N THR A 636 -42.50 -3.84 -40.27
CA THR A 636 -42.27 -5.23 -40.75
C THR A 636 -40.90 -5.67 -40.27
N ILE A 637 -40.86 -6.78 -39.55
CA ILE A 637 -39.58 -7.35 -39.05
C ILE A 637 -39.22 -8.53 -39.94
N GLU A 638 -38.00 -8.51 -40.45
CA GLU A 638 -37.40 -9.67 -41.13
C GLU A 638 -36.56 -10.42 -40.11
N VAL A 639 -36.95 -11.65 -39.82
CA VAL A 639 -36.16 -12.55 -38.96
C VAL A 639 -35.42 -13.54 -39.85
N THR A 640 -34.10 -13.60 -39.69
CA THR A 640 -33.22 -14.56 -40.41
C THR A 640 -32.61 -15.54 -39.42
N SER A 641 -32.76 -16.83 -39.68
CA SER A 641 -32.20 -17.90 -38.83
C SER A 641 -30.79 -18.21 -39.32
N GLU A 642 -29.83 -18.26 -38.40
CA GLU A 642 -28.46 -18.70 -38.71
C GLU A 642 -28.28 -20.15 -38.25
N TYR A 643 -29.36 -20.80 -37.81
CA TYR A 643 -29.33 -22.26 -37.57
C TYR A 643 -29.20 -22.97 -38.90
N LEU A 644 -28.41 -24.04 -38.93
CA LEU A 644 -28.11 -24.78 -40.19
C LEU A 644 -29.05 -25.97 -40.35
N PHE A 645 -29.59 -26.53 -39.26
CA PHE A 645 -30.29 -27.84 -39.30
C PHE A 645 -31.69 -27.82 -38.66
N ARG A 646 -31.99 -26.91 -37.73
CA ARG A 646 -33.31 -26.98 -37.04
C ARG A 646 -34.19 -25.80 -37.43
N HIS A 647 -35.50 -26.04 -37.41
CA HIS A 647 -36.53 -24.98 -37.44
C HIS A 647 -36.64 -24.36 -36.06
N SER A 648 -37.31 -23.21 -35.97
CA SER A 648 -37.53 -22.50 -34.69
C SER A 648 -38.71 -23.12 -33.94
N ASP A 649 -38.64 -24.42 -33.65
CA ASP A 649 -39.78 -25.14 -33.04
C ASP A 649 -39.73 -25.06 -31.50
N ASN A 650 -39.12 -24.00 -30.97
CA ASN A 650 -39.11 -23.72 -29.51
C ASN A 650 -38.79 -22.23 -29.34
N GLU A 651 -39.49 -21.36 -30.06
CA GLU A 651 -39.15 -19.93 -30.10
C GLU A 651 -40.40 -19.10 -30.35
N LEU A 652 -40.65 -18.12 -29.48
CA LEU A 652 -41.63 -17.03 -29.74
C LEU A 652 -40.85 -15.74 -29.94
N LEU A 653 -41.48 -14.74 -30.53
CA LEU A 653 -40.94 -13.36 -30.59
C LEU A 653 -41.81 -12.42 -29.77
N HIS A 654 -41.38 -12.07 -28.56
N HIS A 654 -41.36 -12.05 -28.58
CA HIS A 654 -42.01 -11.02 -27.72
CA HIS A 654 -41.99 -11.01 -27.71
C HIS A 654 -41.61 -9.66 -28.30
C HIS A 654 -41.59 -9.65 -28.24
N TRP A 655 -42.50 -8.68 -28.24
CA TRP A 655 -42.19 -7.31 -28.72
C TRP A 655 -42.80 -6.25 -27.79
N MET A 656 -41.99 -5.26 -27.44
CA MET A 656 -42.39 -4.11 -26.59
C MET A 656 -42.16 -2.83 -27.39
N VAL A 657 -43.07 -1.90 -27.25
CA VAL A 657 -42.88 -0.51 -27.73
C VAL A 657 -43.01 0.36 -26.49
N ALA A 658 -42.03 1.24 -26.27
CA ALA A 658 -41.94 2.08 -25.07
C ALA A 658 -41.44 3.48 -25.41
N LEU A 659 -41.99 4.47 -24.74
CA LEU A 659 -41.61 5.90 -24.89
C LEU A 659 -40.83 6.33 -23.64
N ASP A 660 -39.52 6.55 -23.81
CA ASP A 660 -38.59 6.95 -22.72
C ASP A 660 -38.86 6.10 -21.46
N GLY A 661 -38.97 4.78 -21.66
CA GLY A 661 -39.09 3.79 -20.57
C GLY A 661 -40.53 3.35 -20.36
N LYS A 662 -41.50 4.25 -20.57
CA LYS A 662 -42.93 3.94 -20.35
C LYS A 662 -43.43 2.98 -21.42
N PRO A 663 -43.83 1.73 -21.07
CA PRO A 663 -44.35 0.80 -22.07
C PRO A 663 -45.74 1.21 -22.59
N LEU A 664 -45.92 1.16 -23.91
CA LEU A 664 -47.19 1.55 -24.56
C LEU A 664 -47.93 0.32 -25.08
N ALA A 665 -47.24 -0.53 -25.85
CA ALA A 665 -47.83 -1.73 -26.49
C ALA A 665 -46.87 -2.90 -26.34
N SER A 666 -47.45 -4.09 -26.31
CA SER A 666 -46.75 -5.39 -26.16
C SER A 666 -47.36 -6.39 -27.15
N GLY A 667 -46.89 -7.61 -27.12
CA GLY A 667 -47.47 -8.67 -27.95
C GLY A 667 -46.51 -9.81 -28.14
N GLU A 668 -47.03 -10.94 -28.60
CA GLU A 668 -46.18 -12.10 -28.92
C GLU A 668 -46.60 -12.61 -30.30
N VAL A 669 -45.63 -13.13 -31.05
CA VAL A 669 -45.85 -13.75 -32.39
C VAL A 669 -45.07 -15.05 -32.41
N PRO A 670 -45.65 -16.15 -32.94
CA PRO A 670 -44.90 -17.40 -33.04
C PRO A 670 -43.80 -17.25 -34.10
N LEU A 671 -42.69 -17.96 -33.90
CA LEU A 671 -41.56 -17.96 -34.85
C LEU A 671 -41.53 -19.29 -35.58
N ASP A 672 -41.55 -19.22 -36.91
CA ASP A 672 -41.53 -20.41 -37.79
C ASP A 672 -40.56 -20.16 -38.95
N VAL A 673 -39.26 -20.22 -38.66
CA VAL A 673 -38.17 -19.94 -39.63
C VAL A 673 -37.40 -21.23 -39.89
N ALA A 674 -37.30 -21.56 -41.16
CA ALA A 674 -36.46 -22.69 -41.61
C ALA A 674 -35.00 -22.31 -41.36
N PRO A 675 -34.12 -23.33 -41.25
CA PRO A 675 -32.69 -23.06 -41.15
C PRO A 675 -32.24 -22.25 -42.36
N GLN A 676 -31.45 -21.21 -42.10
CA GLN A 676 -30.93 -20.27 -43.11
C GLN A 676 -32.08 -19.53 -43.80
N GLY A 677 -33.29 -19.60 -43.23
CA GLY A 677 -34.49 -19.01 -43.86
C GLY A 677 -34.80 -17.63 -43.31
N LYS A 678 -35.87 -17.04 -43.81
CA LYS A 678 -36.43 -15.74 -43.35
C LYS A 678 -37.90 -15.92 -43.02
N GLN A 679 -38.38 -15.12 -42.09
CA GLN A 679 -39.83 -14.94 -41.83
C GLN A 679 -40.02 -13.45 -41.73
N LEU A 680 -41.02 -12.94 -42.43
CA LEU A 680 -41.47 -11.54 -42.26
C LEU A 680 -42.65 -11.51 -41.29
N ILE A 681 -42.63 -10.53 -40.38
CA ILE A 681 -43.69 -10.33 -39.37
C ILE A 681 -44.15 -8.88 -39.48
N GLU A 682 -45.43 -8.69 -39.78
CA GLU A 682 -46.06 -7.36 -39.72
C GLU A 682 -46.56 -7.16 -38.29
N LEU A 683 -46.15 -6.07 -37.64
CA LEU A 683 -46.65 -5.76 -36.28
C LEU A 683 -47.99 -5.05 -36.39
N PRO A 684 -48.89 -5.25 -35.40
CA PRO A 684 -50.13 -4.47 -35.33
C PRO A 684 -49.85 -2.97 -35.20
N GLU A 685 -50.79 -2.16 -35.71
CA GLU A 685 -50.72 -0.66 -35.65
C GLU A 685 -50.05 -0.32 -34.32
N LEU A 686 -48.81 0.18 -34.38
CA LEU A 686 -48.03 0.53 -33.16
C LEU A 686 -48.52 1.88 -32.63
N PRO A 687 -48.31 2.16 -31.33
CA PRO A 687 -48.74 3.44 -30.77
C PRO A 687 -47.92 4.56 -31.40
N GLN A 688 -48.56 5.71 -31.63
CA GLN A 688 -47.88 6.86 -32.28
C GLN A 688 -48.25 8.09 -31.48
N PRO A 689 -47.64 8.28 -30.30
CA PRO A 689 -47.98 9.44 -29.48
C PRO A 689 -47.22 10.69 -29.95
N GLU A 690 -47.91 11.84 -29.96
CA GLU A 690 -47.26 13.16 -30.17
C GLU A 690 -46.39 13.54 -28.97
N SER A 691 -46.39 12.75 -27.87
CA SER A 691 -45.59 13.00 -26.63
C SER A 691 -44.12 13.16 -26.99
N ALA A 692 -43.40 13.98 -26.24
CA ALA A 692 -41.95 14.16 -26.41
C ALA A 692 -41.25 12.88 -25.99
N GLY A 693 -40.15 12.59 -26.64
CA GLY A 693 -39.27 11.48 -26.26
C GLY A 693 -38.96 10.58 -27.42
N GLN A 694 -38.19 9.53 -27.14
CA GLN A 694 -37.75 8.53 -28.14
C GLN A 694 -38.69 7.33 -28.00
N LEU A 695 -39.25 6.92 -29.13
CA LEU A 695 -40.06 5.69 -29.18
C LEU A 695 -39.13 4.53 -29.60
N TRP A 696 -39.09 3.49 -28.79
CA TRP A 696 -38.15 2.35 -29.01
C TRP A 696 -38.94 1.07 -29.18
N LEU A 697 -38.59 0.31 -30.20
CA LEU A 697 -39.10 -1.07 -30.40
C LEU A 697 -38.02 -2.03 -29.94
N THR A 698 -38.43 -3.04 -29.18
CA THR A 698 -37.55 -4.09 -28.62
C THR A 698 -38.18 -5.44 -28.93
N VAL A 699 -37.40 -6.36 -29.46
CA VAL A 699 -37.87 -7.74 -29.68
C VAL A 699 -36.91 -8.67 -28.95
N ARG A 700 -37.47 -9.64 -28.21
CA ARG A 700 -36.71 -10.73 -27.59
C ARG A 700 -37.18 -12.00 -28.28
N VAL A 701 -36.32 -13.00 -28.35
CA VAL A 701 -36.72 -14.38 -28.71
C VAL A 701 -36.77 -15.19 -27.42
N VAL A 702 -37.86 -15.92 -27.22
CA VAL A 702 -38.13 -16.63 -25.94
C VAL A 702 -38.43 -18.09 -26.24
N GLN A 703 -37.71 -18.97 -25.56
CA GLN A 703 -37.93 -20.42 -25.68
C GLN A 703 -38.97 -20.82 -24.64
N PRO A 704 -40.23 -21.09 -25.04
CA PRO A 704 -41.29 -21.39 -24.07
C PRO A 704 -41.07 -22.70 -23.34
N ASN A 705 -40.39 -23.65 -23.97
CA ASN A 705 -40.22 -24.99 -23.40
C ASN A 705 -38.80 -25.19 -22.88
N ALA A 706 -38.69 -25.90 -21.75
CA ALA A 706 -37.39 -26.29 -21.17
C ALA A 706 -36.70 -27.20 -22.17
N THR A 707 -35.37 -27.05 -22.23
CA THR A 707 -34.45 -27.93 -22.98
C THR A 707 -33.64 -28.73 -21.96
N ALA A 708 -32.71 -29.55 -22.42
CA ALA A 708 -31.70 -30.19 -21.55
C ALA A 708 -30.72 -29.13 -21.03
N TRP A 709 -30.61 -27.97 -21.68
CA TRP A 709 -29.58 -26.92 -21.36
C TRP A 709 -30.20 -25.58 -20.94
N SER A 710 -31.54 -25.45 -20.87
CA SER A 710 -32.19 -24.15 -20.58
C SER A 710 -33.53 -24.36 -19.91
N GLU A 711 -33.91 -23.39 -19.09
CA GLU A 711 -35.22 -23.37 -18.40
C GLU A 711 -36.28 -22.79 -19.34
N ALA A 712 -37.56 -22.95 -18.97
CA ALA A 712 -38.69 -22.33 -19.69
C ALA A 712 -38.60 -20.80 -19.60
N GLY A 713 -38.83 -20.15 -20.74
CA GLY A 713 -38.83 -18.69 -20.83
C GLY A 713 -37.46 -18.11 -21.12
N HIS A 714 -36.48 -18.97 -21.37
CA HIS A 714 -35.07 -18.55 -21.67
C HIS A 714 -35.09 -17.60 -22.87
N ILE A 715 -34.37 -16.49 -22.75
CA ILE A 715 -34.20 -15.51 -23.85
C ILE A 715 -32.92 -15.84 -24.61
N SER A 716 -33.02 -16.01 -25.94
CA SER A 716 -31.90 -16.49 -26.79
C SER A 716 -31.39 -15.38 -27.71
N ALA A 717 -32.16 -14.32 -27.94
CA ALA A 717 -31.74 -13.22 -28.84
C ALA A 717 -32.59 -11.98 -28.59
N TRP A 718 -32.08 -10.83 -29.00
CA TRP A 718 -32.86 -9.59 -28.95
C TRP A 718 -32.28 -8.56 -29.90
N GLN A 719 -33.07 -7.54 -30.17
CA GLN A 719 -32.63 -6.38 -30.98
C GLN A 719 -33.50 -5.17 -30.61
N GLN A 720 -32.98 -3.98 -30.87
CA GLN A 720 -33.69 -2.72 -30.56
C GLN A 720 -33.63 -1.82 -31.78
N TRP A 721 -34.66 -0.99 -31.95
CA TRP A 721 -34.65 0.11 -32.96
C TRP A 721 -35.35 1.32 -32.35
N ARG A 722 -34.83 2.49 -32.67
CA ARG A 722 -35.54 3.77 -32.41
C ARG A 722 -36.51 3.95 -33.57
N LEU A 723 -37.80 4.07 -33.25
CA LEU A 723 -38.87 4.23 -34.26
C LEU A 723 -39.02 5.71 -34.59
N ALA A 724 -39.60 6.48 -33.68
CA ALA A 724 -39.78 7.93 -33.86
C ALA A 724 -39.17 8.68 -32.69
N GLU A 725 -38.85 9.93 -32.91
CA GLU A 725 -38.49 10.88 -31.85
C GLU A 725 -39.34 12.13 -32.04
N ASN A 726 -39.81 12.68 -30.94
CA ASN A 726 -40.54 13.97 -30.95
C ASN A 726 -39.74 14.94 -30.09
N LEU A 727 -39.13 15.94 -30.73
CA LEU A 727 -38.35 16.94 -29.98
C LEU A 727 -39.28 17.76 -29.09
N SER A 728 -38.90 17.92 -27.84
CA SER A 728 -39.60 18.81 -26.88
C SER A 728 -39.48 20.25 -27.37
N VAL A 729 -40.60 20.95 -27.47
CA VAL A 729 -40.62 22.40 -27.84
C VAL A 729 -41.40 23.22 -26.83
N THR A 730 -41.95 22.61 -25.78
CA THR A 730 -42.79 23.34 -24.79
C THR A 730 -41.86 24.11 -23.86
N LEU A 731 -42.17 25.40 -23.62
CA LEU A 731 -41.43 26.22 -22.65
C LEU A 731 -41.59 25.61 -21.26
N PRO A 732 -40.54 25.62 -20.41
CA PRO A 732 -40.66 25.15 -19.04
C PRO A 732 -41.60 26.06 -18.23
N ALA A 733 -42.22 25.49 -17.20
CA ALA A 733 -43.14 26.22 -16.30
C ALA A 733 -42.35 27.29 -15.59
N ALA A 734 -42.87 28.53 -15.58
CA ALA A 734 -42.22 29.70 -14.97
C ALA A 734 -42.06 29.45 -13.46
N SER A 735 -41.21 30.26 -12.82
CA SER A 735 -40.90 30.15 -11.38
C SER A 735 -41.46 31.38 -10.66
N HIS A 736 -41.84 31.18 -9.41
CA HIS A 736 -42.40 32.24 -8.53
C HIS A 736 -41.27 33.07 -7.91
N ALA A 737 -40.00 32.69 -8.09
CA ALA A 737 -38.87 33.34 -7.37
C ALA A 737 -37.62 33.45 -8.27
N ILE A 738 -36.77 34.41 -7.92
CA ILE A 738 -35.46 34.68 -8.59
C ILE A 738 -34.37 34.28 -7.61
N PRO A 739 -33.39 33.46 -8.03
CA PRO A 739 -32.30 33.09 -7.14
C PRO A 739 -31.34 34.27 -6.92
N HIS A 740 -30.91 34.42 -5.67
CA HIS A 740 -30.17 35.61 -5.18
C HIS A 740 -28.69 35.29 -5.14
N LEU A 741 -27.85 36.19 -5.67
CA LEU A 741 -26.38 36.08 -5.62
C LEU A 741 -25.85 36.84 -4.42
N THR A 742 -25.01 36.19 -3.64
CA THR A 742 -24.26 36.80 -2.51
C THR A 742 -22.79 36.67 -2.88
N THR A 743 -22.08 37.80 -2.89
CA THR A 743 -20.67 37.84 -3.32
C THR A 743 -19.79 38.12 -2.11
N SER A 744 -18.93 37.18 -1.74
CA SER A 744 -17.81 37.40 -0.80
C SER A 744 -16.56 37.66 -1.65
N GLU A 745 -15.44 37.95 -1.01
CA GLU A 745 -14.14 37.91 -1.74
C GLU A 745 -13.80 36.46 -2.10
N MET A 746 -14.22 35.49 -1.29
CA MET A 746 -13.76 34.08 -1.39
C MET A 746 -14.81 33.21 -2.09
N ASP A 747 -16.09 33.59 -2.11
CA ASP A 747 -17.13 32.69 -2.66
C ASP A 747 -18.24 33.47 -3.37
N PHE A 748 -18.78 32.84 -4.40
CA PHE A 748 -20.11 33.16 -4.96
C PHE A 748 -21.07 32.13 -4.38
N CYS A 749 -22.01 32.58 -3.54
CA CYS A 749 -23.09 31.73 -2.99
C CYS A 749 -24.43 32.21 -3.55
N ILE A 750 -25.32 31.26 -3.78
CA ILE A 750 -26.61 31.46 -4.48
C ILE A 750 -27.68 30.78 -3.64
N GLU A 751 -28.72 31.52 -3.29
CA GLU A 751 -29.82 31.01 -2.45
C GLU A 751 -31.11 31.07 -3.26
N LEU A 752 -31.95 30.06 -3.09
CA LEU A 752 -33.33 29.98 -3.64
C LEU A 752 -34.12 28.97 -2.82
N GLY A 753 -35.09 29.45 -2.03
CA GLY A 753 -35.85 28.63 -1.08
C GLY A 753 -34.93 28.00 -0.06
N ASN A 754 -35.10 26.70 0.18
CA ASN A 754 -34.28 25.88 1.12
C ASN A 754 -32.92 25.53 0.52
N LYS A 755 -32.60 25.95 -0.71
CA LYS A 755 -31.40 25.48 -1.46
C LYS A 755 -30.33 26.57 -1.50
N ARG A 756 -29.07 26.18 -1.28
CA ARG A 756 -27.90 27.09 -1.41
C ARG A 756 -26.82 26.37 -2.27
N TRP A 757 -26.13 27.16 -3.11
CA TRP A 757 -25.00 26.70 -3.95
C TRP A 757 -23.77 27.55 -3.67
N GLN A 758 -22.65 26.93 -3.29
CA GLN A 758 -21.40 27.63 -2.93
C GLN A 758 -20.36 27.39 -4.02
N PHE A 759 -19.83 28.46 -4.60
CA PHE A 759 -18.75 28.41 -5.61
C PHE A 759 -17.51 29.06 -5.02
N ASN A 760 -16.41 28.29 -4.95
CA ASN A 760 -15.11 28.74 -4.42
C ASN A 760 -14.36 29.52 -5.50
N ARG A 761 -14.10 30.81 -5.23
CA ARG A 761 -13.48 31.74 -6.19
C ARG A 761 -11.96 31.59 -6.24
N GLN A 762 -11.36 30.89 -5.30
CA GLN A 762 -9.91 30.55 -5.40
C GLN A 762 -9.77 29.31 -6.29
N SER A 763 -10.64 28.30 -6.13
CA SER A 763 -10.54 27.03 -6.88
C SER A 763 -11.32 27.14 -8.19
N GLY A 764 -12.47 27.81 -8.17
CA GLY A 764 -13.33 27.95 -9.35
C GLY A 764 -14.26 26.77 -9.54
N PHE A 765 -14.56 26.04 -8.47
CA PHE A 765 -15.43 24.83 -8.51
C PHE A 765 -16.63 24.99 -7.56
N LEU A 766 -17.68 24.22 -7.85
CA LEU A 766 -18.83 24.03 -6.96
C LEU A 766 -18.35 23.26 -5.73
N SER A 767 -18.18 23.98 -4.62
CA SER A 767 -17.56 23.44 -3.39
C SER A 767 -18.60 22.76 -2.51
N GLN A 768 -19.85 23.24 -2.53
CA GLN A 768 -20.89 22.71 -1.62
C GLN A 768 -22.28 23.08 -2.17
N MET A 769 -23.27 22.35 -1.69
CA MET A 769 -24.68 22.49 -2.09
C MET A 769 -25.51 22.10 -0.87
N TRP A 770 -26.51 22.91 -0.52
CA TRP A 770 -27.38 22.66 0.65
C TRP A 770 -28.83 22.44 0.24
N ILE A 771 -29.47 21.41 0.80
CA ILE A 771 -30.96 21.33 0.89
C ILE A 771 -31.33 21.42 2.37
N GLY A 772 -31.81 22.58 2.80
CA GLY A 772 -32.01 22.87 4.23
C GLY A 772 -30.67 22.89 4.95
N ASP A 773 -30.60 22.23 6.12
CA ASP A 773 -29.36 22.12 6.94
C ASP A 773 -28.43 21.06 6.33
N LYS A 774 -28.95 20.13 5.52
CA LYS A 774 -28.18 18.91 5.07
C LYS A 774 -27.25 19.26 3.91
N LYS A 775 -25.93 19.21 4.14
CA LYS A 775 -24.92 19.38 3.07
C LYS A 775 -24.95 18.15 2.17
N GLN A 776 -24.54 18.32 0.90
CA GLN A 776 -24.74 17.33 -0.19
C GLN A 776 -23.43 16.83 -0.78
N LEU A 777 -22.30 17.54 -0.58
CA LEU A 777 -21.00 17.14 -1.18
C LEU A 777 -19.94 16.99 -0.10
N LEU A 778 -19.08 15.99 -0.26
CA LEU A 778 -17.87 15.78 0.58
C LEU A 778 -16.63 16.22 -0.20
N THR A 779 -16.67 16.12 -1.53
CA THR A 779 -15.60 16.59 -2.43
C THR A 779 -16.24 17.51 -3.44
N PRO A 780 -15.60 18.64 -3.82
CA PRO A 780 -16.13 19.49 -4.88
C PRO A 780 -16.38 18.74 -6.20
N LEU A 781 -17.04 19.43 -7.12
CA LEU A 781 -17.32 18.92 -8.48
C LEU A 781 -16.22 19.47 -9.37
N ARG A 782 -15.32 18.60 -9.83
CA ARG A 782 -14.19 18.98 -10.71
C ARG A 782 -14.15 18.09 -11.97
N ASP A 783 -13.59 18.65 -13.03
CA ASP A 783 -13.33 17.90 -14.27
C ASP A 783 -12.44 16.68 -13.94
N GLN A 784 -12.62 15.60 -14.69
CA GLN A 784 -11.77 14.40 -14.60
C GLN A 784 -11.44 13.92 -16.01
N PHE A 785 -10.14 13.73 -16.28
CA PHE A 785 -9.63 13.35 -17.62
C PHE A 785 -8.89 12.03 -17.55
N THR A 786 -9.06 11.31 -16.44
CA THR A 786 -8.36 10.04 -16.19
C THR A 786 -9.34 9.01 -15.63
N ARG A 787 -9.01 7.74 -15.83
CA ARG A 787 -9.75 6.61 -15.20
C ARG A 787 -8.75 5.70 -14.51
N ALA A 788 -9.19 4.97 -13.50
CA ALA A 788 -8.37 3.90 -12.93
C ALA A 788 -8.07 2.91 -14.06
N PRO A 789 -6.79 2.63 -14.36
CA PRO A 789 -6.41 1.92 -15.58
C PRO A 789 -7.00 0.52 -15.62
N LEU A 790 -7.57 0.14 -16.75
CA LEU A 790 -8.07 -1.24 -16.98
C LEU A 790 -6.88 -2.12 -17.32
N ASP A 791 -7.04 -3.42 -17.12
CA ASP A 791 -6.03 -4.40 -17.55
C ASP A 791 -5.57 -4.00 -18.95
N ASN A 792 -6.48 -3.65 -19.85
CA ASN A 792 -6.12 -3.36 -21.27
C ASN A 792 -5.28 -2.09 -21.37
N ASP A 793 -5.46 -1.14 -20.46
CA ASP A 793 -4.64 0.10 -20.37
C ASP A 793 -3.25 -0.21 -19.81
N ILE A 794 -3.13 -1.18 -18.92
CA ILE A 794 -1.82 -1.48 -18.29
C ILE A 794 -1.00 -2.34 -19.25
N GLY A 795 -1.62 -3.39 -19.79
CA GLY A 795 -0.88 -4.35 -20.63
C GLY A 795 0.10 -5.12 -19.79
N VAL A 796 1.34 -5.23 -20.25
CA VAL A 796 2.42 -5.92 -19.49
C VAL A 796 3.29 -4.91 -18.75
N SER A 797 2.88 -3.64 -18.68
CA SER A 797 3.66 -2.60 -17.98
C SER A 797 3.67 -2.97 -16.50
N GLU A 798 4.84 -2.82 -15.88
CA GLU A 798 5.04 -3.00 -14.42
C GLU A 798 5.96 -1.88 -13.94
N ALA A 799 5.96 -1.64 -12.64
CA ALA A 799 6.91 -0.73 -11.96
C ALA A 799 8.34 -1.13 -12.29
N THR A 800 8.64 -2.43 -12.40
CA THR A 800 10.03 -2.96 -12.60
C THR A 800 10.47 -2.77 -14.05
N ARG A 801 9.64 -3.16 -15.02
CA ARG A 801 9.96 -3.07 -16.48
C ARG A 801 8.80 -2.37 -17.17
N ILE A 802 8.83 -1.05 -17.17
CA ILE A 802 7.79 -0.17 -17.81
C ILE A 802 7.73 -0.45 -19.31
N ASP A 803 6.53 -0.52 -19.86
CA ASP A 803 6.32 -0.46 -21.34
C ASP A 803 5.80 0.93 -21.69
N PRO A 804 6.62 1.79 -22.34
CA PRO A 804 6.19 3.16 -22.61
C PRO A 804 4.98 3.28 -23.55
N ASN A 805 4.70 2.24 -24.33
CA ASN A 805 3.65 2.33 -25.39
C ASN A 805 2.26 1.95 -24.83
N ALA A 806 2.17 1.34 -23.65
CA ALA A 806 0.85 1.09 -23.01
C ALA A 806 0.17 2.43 -22.67
N TRP A 807 -1.15 2.43 -22.68
CA TRP A 807 -1.97 3.67 -22.49
C TRP A 807 -1.67 4.28 -21.12
N VAL A 808 -1.65 3.46 -20.07
CA VAL A 808 -1.44 3.95 -18.68
C VAL A 808 -0.10 4.70 -18.62
N GLU A 809 0.91 4.23 -19.35
CA GLU A 809 2.28 4.80 -19.29
C GLU A 809 2.32 6.11 -20.09
N ARG A 810 1.67 6.15 -21.24
CA ARG A 810 1.59 7.39 -22.05
C ARG A 810 0.86 8.46 -21.23
N TRP A 811 -0.22 8.07 -20.57
CA TRP A 811 -0.94 9.01 -19.67
C TRP A 811 0.02 9.47 -18.56
N LYS A 812 0.63 8.55 -17.84
CA LYS A 812 1.47 8.90 -16.66
C LYS A 812 2.62 9.81 -17.12
N ALA A 813 3.31 9.45 -18.20
CA ALA A 813 4.44 10.24 -18.71
C ALA A 813 3.99 11.67 -19.10
N ALA A 814 2.74 11.85 -19.52
CA ALA A 814 2.23 13.15 -19.98
C ALA A 814 1.71 13.97 -18.81
N GLY A 815 1.69 13.38 -17.61
CA GLY A 815 1.26 14.11 -16.39
C GLY A 815 -0.23 14.08 -16.19
N HIS A 816 -0.97 13.27 -16.94
CA HIS A 816 -2.45 13.23 -16.85
C HIS A 816 -2.84 13.04 -15.39
N TYR A 817 -2.18 12.11 -14.70
CA TYR A 817 -2.63 11.64 -13.36
C TYR A 817 -2.15 12.58 -12.28
N GLN A 818 -1.22 13.50 -12.55
CA GLN A 818 -0.76 14.39 -11.47
C GLN A 818 -0.97 15.85 -11.87
N ALA A 819 -1.85 16.14 -12.83
CA ALA A 819 -2.02 17.49 -13.38
C ALA A 819 -2.93 18.33 -12.48
N GLU A 820 -2.46 19.51 -12.07
CA GLU A 820 -3.16 20.39 -11.10
C GLU A 820 -3.88 21.49 -11.89
N ALA A 821 -5.13 21.75 -11.49
CA ALA A 821 -6.02 22.73 -12.14
C ALA A 821 -5.57 24.13 -11.72
N ALA A 822 -5.46 25.02 -12.70
CA ALA A 822 -5.06 26.42 -12.48
C ALA A 822 -6.22 27.31 -12.93
N LEU A 823 -6.81 28.04 -11.98
CA LEU A 823 -8.02 28.86 -12.20
C LEU A 823 -7.64 30.04 -13.08
N LEU A 824 -8.29 30.17 -14.24
CA LEU A 824 -8.05 31.29 -15.20
C LEU A 824 -9.14 32.37 -15.04
N GLN A 825 -10.40 31.97 -14.92
CA GLN A 825 -11.53 32.92 -14.91
C GLN A 825 -12.58 32.37 -13.95
N CYS A 826 -13.18 33.25 -13.16
CA CYS A 826 -14.30 32.90 -12.27
C CYS A 826 -15.15 34.15 -12.02
N THR A 827 -16.27 34.24 -12.73
CA THR A 827 -17.11 35.46 -12.74
C THR A 827 -18.53 35.06 -12.42
N ALA A 828 -19.27 35.99 -11.86
CA ALA A 828 -20.71 35.80 -11.60
C ALA A 828 -21.45 36.95 -12.27
N ASP A 829 -22.65 36.65 -12.74
CA ASP A 829 -23.59 37.64 -13.31
C ASP A 829 -24.98 37.34 -12.79
N THR A 830 -25.81 38.36 -12.69
CA THR A 830 -27.25 38.22 -12.37
C THR A 830 -28.06 38.52 -13.61
N LEU A 831 -28.92 37.59 -13.99
CA LEU A 831 -29.82 37.77 -15.15
C LEU A 831 -31.21 38.02 -14.59
N ALA A 832 -32.18 38.25 -15.48
CA ALA A 832 -33.60 38.47 -15.14
C ALA A 832 -34.14 37.35 -14.25
N ASP A 833 -33.86 36.08 -14.61
CA ASP A 833 -34.53 34.89 -14.03
C ASP A 833 -33.51 33.89 -13.44
N ALA A 834 -32.21 34.24 -13.39
CA ALA A 834 -31.17 33.24 -13.01
C ALA A 834 -29.84 33.90 -12.66
N VAL A 835 -28.98 33.12 -12.04
CA VAL A 835 -27.58 33.53 -11.78
C VAL A 835 -26.67 32.65 -12.63
N LEU A 836 -25.66 33.28 -13.24
CA LEU A 836 -24.74 32.63 -14.18
C LEU A 836 -23.32 32.73 -13.63
N ILE A 837 -22.73 31.58 -13.30
CA ILE A 837 -21.30 31.47 -12.94
C ILE A 837 -20.57 30.95 -14.18
N THR A 838 -19.50 31.63 -14.59
CA THR A 838 -18.64 31.21 -15.73
C THR A 838 -17.25 30.95 -15.17
N THR A 839 -16.63 29.84 -15.58
CA THR A 839 -15.29 29.46 -15.08
C THR A 839 -14.41 29.06 -16.27
N ALA A 840 -13.11 29.01 -16.00
CA ALA A 840 -12.10 28.50 -16.95
C ALA A 840 -10.87 28.03 -16.19
N HIS A 841 -10.54 26.76 -16.33
CA HIS A 841 -9.33 26.16 -15.73
C HIS A 841 -8.42 25.63 -16.83
N ALA A 842 -7.11 25.68 -16.56
CA ALA A 842 -6.09 25.00 -17.38
C ALA A 842 -5.44 23.93 -16.51
N TRP A 843 -5.32 22.71 -17.03
CA TRP A 843 -4.56 21.61 -16.38
C TRP A 843 -3.17 21.52 -16.99
N GLN A 844 -2.14 21.69 -16.17
CA GLN A 844 -0.75 21.80 -16.67
C GLN A 844 0.10 20.74 -15.98
N HIS A 845 1.23 20.42 -16.61
CA HIS A 845 2.25 19.51 -16.06
C HIS A 845 3.59 19.91 -16.62
N GLN A 846 4.49 20.33 -15.74
CA GLN A 846 5.85 20.82 -16.09
C GLN A 846 5.78 21.75 -17.30
N GLY A 847 4.91 22.77 -17.23
CA GLY A 847 4.92 23.91 -18.15
C GLY A 847 4.00 23.71 -19.32
N LYS A 848 3.61 22.46 -19.60
CA LYS A 848 2.75 22.09 -20.76
C LYS A 848 1.29 22.13 -20.32
N THR A 849 0.47 22.88 -21.05
CA THR A 849 -1.00 22.90 -20.80
C THR A 849 -1.64 21.72 -21.53
N LEU A 850 -2.20 20.79 -20.78
CA LEU A 850 -2.78 19.54 -21.34
C LEU A 850 -4.22 19.78 -21.75
N PHE A 851 -5.03 20.31 -20.83
CA PHE A 851 -6.47 20.52 -21.04
C PHE A 851 -6.85 21.93 -20.64
N ILE A 852 -7.85 22.47 -21.31
CA ILE A 852 -8.60 23.66 -20.80
C ILE A 852 -10.06 23.27 -20.72
N SER A 853 -10.74 23.72 -19.68
CA SER A 853 -12.19 23.48 -19.48
C SER A 853 -12.87 24.82 -19.21
N ARG A 854 -13.79 25.21 -20.08
CA ARG A 854 -14.62 26.43 -19.88
C ARG A 854 -16.04 25.96 -19.57
N LYS A 855 -16.58 26.43 -18.45
CA LYS A 855 -17.94 26.05 -18.04
C LYS A 855 -18.80 27.28 -17.86
N THR A 856 -20.11 27.06 -17.95
CA THR A 856 -21.13 27.99 -17.42
C THR A 856 -22.09 27.17 -16.53
N TYR A 857 -22.25 27.61 -15.30
CA TYR A 857 -23.30 27.11 -14.39
C TYR A 857 -24.42 28.14 -14.42
N ARG A 858 -25.65 27.69 -14.70
CA ARG A 858 -26.82 28.58 -14.77
C ARG A 858 -27.90 28.04 -13.83
N ILE A 859 -28.08 28.69 -12.70
CA ILE A 859 -29.11 28.29 -11.69
C ILE A 859 -30.32 29.21 -11.82
N ASP A 860 -31.48 28.62 -12.10
CA ASP A 860 -32.68 29.40 -12.45
C ASP A 860 -33.71 29.23 -11.35
N GLY A 861 -34.84 29.92 -11.51
CA GLY A 861 -35.91 30.01 -10.52
C GLY A 861 -36.46 28.65 -10.12
N SER A 862 -36.31 27.61 -10.95
CA SER A 862 -36.90 26.26 -10.72
C SER A 862 -35.96 25.39 -9.88
N GLY A 863 -34.82 25.92 -9.40
CA GLY A 863 -33.88 25.17 -8.56
C GLY A 863 -33.06 24.19 -9.39
N GLN A 864 -32.91 24.47 -10.67
CA GLN A 864 -32.22 23.57 -11.62
C GLN A 864 -30.91 24.22 -12.03
N MET A 865 -29.82 23.48 -11.89
CA MET A 865 -28.47 24.00 -12.26
C MET A 865 -28.08 23.38 -13.59
N ALA A 866 -27.98 24.21 -14.61
CA ALA A 866 -27.61 23.82 -15.98
C ALA A 866 -26.13 24.09 -16.15
N ILE A 867 -25.35 23.04 -16.38
CA ILE A 867 -23.87 23.14 -16.53
C ILE A 867 -23.53 22.89 -17.99
N THR A 868 -22.80 23.83 -18.61
CA THR A 868 -22.25 23.67 -19.99
C THR A 868 -20.73 23.54 -19.85
N VAL A 869 -20.16 22.55 -20.50
CA VAL A 869 -18.70 22.30 -20.43
C VAL A 869 -18.15 22.27 -21.85
N ASP A 870 -17.04 22.97 -22.03
CA ASP A 870 -16.34 23.05 -23.34
C ASP A 870 -14.87 22.83 -23.08
N VAL A 871 -14.34 21.72 -23.54
CA VAL A 871 -12.95 21.30 -23.22
C VAL A 871 -12.10 21.37 -24.47
N GLU A 872 -10.88 21.89 -24.32
CA GLU A 872 -9.77 21.74 -25.29
C GLU A 872 -8.81 20.66 -24.80
N VAL A 873 -8.32 19.85 -25.70
CA VAL A 873 -7.26 18.86 -25.41
C VAL A 873 -6.13 19.11 -26.38
N ALA A 874 -4.93 19.30 -25.86
CA ALA A 874 -3.70 19.50 -26.65
C ALA A 874 -3.57 18.32 -27.62
N SER A 875 -3.41 18.63 -28.92
CA SER A 875 -3.34 17.65 -30.03
C SER A 875 -2.18 16.66 -29.82
N ASP A 876 -1.13 17.05 -29.11
CA ASP A 876 0.09 16.22 -28.99
C ASP A 876 0.20 15.59 -27.60
N THR A 877 -0.81 15.70 -26.75
CA THR A 877 -0.83 14.88 -25.52
C THR A 877 -1.58 13.62 -25.87
N PRO A 878 -1.33 12.49 -25.18
CA PRO A 878 -2.10 11.27 -25.43
C PRO A 878 -3.61 11.52 -25.22
N HIS A 879 -4.42 10.96 -26.10
CA HIS A 879 -5.90 11.10 -26.06
C HIS A 879 -6.40 10.63 -24.70
N PRO A 880 -7.16 11.48 -23.96
CA PRO A 880 -7.48 11.21 -22.56
C PRO A 880 -8.50 10.07 -22.39
N ALA A 881 -8.47 9.46 -21.21
CA ALA A 881 -9.32 8.29 -20.86
C ALA A 881 -10.80 8.70 -20.80
N ARG A 882 -11.09 9.92 -20.38
CA ARG A 882 -12.49 10.39 -20.31
C ARG A 882 -12.52 11.91 -20.31
N ILE A 883 -13.71 12.45 -20.55
CA ILE A 883 -13.97 13.90 -20.40
C ILE A 883 -15.31 14.10 -19.69
N GLY A 884 -15.23 14.37 -18.39
CA GLY A 884 -16.42 14.63 -17.58
C GLY A 884 -16.08 15.27 -16.26
N LEU A 885 -17.05 15.20 -15.34
CA LEU A 885 -16.90 15.70 -13.95
C LEU A 885 -17.03 14.53 -13.00
N ASN A 886 -16.64 14.74 -11.75
CA ASN A 886 -16.85 13.75 -10.68
C ASN A 886 -16.91 14.46 -9.35
N CYS A 887 -17.68 13.91 -8.44
CA CYS A 887 -17.79 14.41 -7.05
C CYS A 887 -18.11 13.23 -6.16
N GLN A 888 -17.87 13.44 -4.88
CA GLN A 888 -18.31 12.51 -3.81
C GLN A 888 -19.57 13.13 -3.20
N LEU A 889 -20.68 12.42 -3.32
CA LEU A 889 -21.96 12.84 -2.71
C LEU A 889 -21.95 12.43 -1.24
N ALA A 890 -22.71 13.15 -0.41
CA ALA A 890 -22.90 12.79 1.01
C ALA A 890 -23.90 11.65 1.07
N GLN A 891 -24.89 11.66 0.19
CA GLN A 891 -26.01 10.68 0.20
C GLN A 891 -25.44 9.28 -0.07
N VAL A 892 -25.99 8.28 0.61
CA VAL A 892 -25.89 6.86 0.19
C VAL A 892 -27.31 6.32 0.10
N ALA A 893 -27.83 6.19 -1.11
CA ALA A 893 -29.16 5.59 -1.36
C ALA A 893 -28.98 4.10 -1.65
N GLU A 894 -30.07 3.35 -1.65
CA GLU A 894 -30.05 1.88 -1.82
C GLU A 894 -30.32 1.56 -3.28
N ARG A 895 -30.85 2.49 -4.06
CA ARG A 895 -31.22 2.22 -5.47
C ARG A 895 -30.64 3.28 -6.39
N VAL A 896 -30.40 2.87 -7.63
CA VAL A 896 -29.98 3.79 -8.73
C VAL A 896 -30.93 3.59 -9.92
N ASN A 897 -31.45 4.71 -10.41
CA ASN A 897 -32.52 4.70 -11.43
C ASN A 897 -32.05 5.58 -12.60
N TRP A 898 -31.96 5.02 -13.79
CA TRP A 898 -31.47 5.75 -14.98
C TRP A 898 -32.22 5.33 -16.23
N LEU A 899 -32.33 6.27 -17.17
CA LEU A 899 -32.90 6.07 -18.52
C LEU A 899 -31.76 6.09 -19.54
N GLY A 900 -31.42 4.92 -20.07
CA GLY A 900 -30.30 4.77 -21.00
C GLY A 900 -29.91 3.32 -21.14
N LEU A 901 -28.72 3.07 -21.65
CA LEU A 901 -28.31 1.69 -21.99
C LEU A 901 -28.06 0.91 -20.70
N GLY A 902 -28.59 -0.31 -20.66
CA GLY A 902 -28.42 -1.22 -19.51
C GLY A 902 -29.00 -2.59 -19.81
N PRO A 903 -29.32 -3.39 -18.78
CA PRO A 903 -29.05 -3.01 -17.39
C PRO A 903 -27.58 -3.12 -16.94
N GLN A 904 -26.77 -3.89 -17.66
CA GLN A 904 -25.40 -4.27 -17.24
C GLN A 904 -24.41 -3.20 -17.66
N GLU A 905 -23.21 -3.31 -17.13
CA GLU A 905 -22.03 -2.46 -17.48
C GLU A 905 -21.83 -2.45 -19.00
N ASN A 906 -21.61 -1.26 -19.56
CA ASN A 906 -21.42 -1.09 -21.01
C ASN A 906 -20.52 0.11 -21.27
N TYR A 907 -19.62 -0.03 -22.25
CA TYR A 907 -18.64 0.98 -22.69
C TYR A 907 -18.78 1.21 -24.19
N PRO A 908 -18.29 2.35 -24.72
CA PRO A 908 -18.55 2.73 -26.11
C PRO A 908 -18.31 1.64 -27.16
N ASP A 909 -17.25 0.85 -27.00
CA ASP A 909 -16.92 -0.28 -27.92
C ASP A 909 -17.41 -1.60 -27.30
N ARG A 910 -18.40 -1.55 -26.42
CA ARG A 910 -19.05 -2.77 -25.86
C ARG A 910 -20.41 -2.37 -25.28
N LEU A 911 -21.34 -1.97 -26.14
CA LEU A 911 -22.70 -1.55 -25.71
C LEU A 911 -23.79 -2.10 -26.64
N THR A 912 -23.47 -3.08 -27.48
CA THR A 912 -24.46 -3.59 -28.46
C THR A 912 -25.51 -4.41 -27.71
N ALA A 913 -25.10 -5.19 -26.71
CA ALA A 913 -26.04 -6.02 -25.94
C ALA A 913 -26.93 -5.14 -25.05
N ALA A 914 -26.47 -3.96 -24.66
CA ALA A 914 -27.25 -3.06 -23.78
C ALA A 914 -28.48 -2.59 -24.53
N CYS A 915 -29.55 -2.29 -23.80
CA CYS A 915 -30.82 -1.81 -24.39
C CYS A 915 -31.28 -0.55 -23.69
N PHE A 916 -31.79 0.40 -24.47
CA PHE A 916 -32.30 1.67 -23.94
C PHE A 916 -33.65 1.44 -23.27
N ASP A 917 -33.72 1.74 -21.98
CA ASP A 917 -34.96 1.62 -21.19
C ASP A 917 -34.74 2.33 -19.86
N ARG A 918 -35.75 2.31 -19.01
CA ARG A 918 -35.56 2.75 -17.62
C ARG A 918 -35.03 1.55 -16.84
N TRP A 919 -33.89 1.72 -16.21
CA TRP A 919 -33.29 0.66 -15.37
C TRP A 919 -33.31 1.08 -13.90
N ASP A 920 -33.68 0.16 -13.03
CA ASP A 920 -33.65 0.43 -11.58
C ASP A 920 -32.97 -0.76 -10.90
N LEU A 921 -31.79 -0.52 -10.33
CA LEU A 921 -30.99 -1.59 -9.66
C LEU A 921 -30.56 -1.14 -8.27
N PRO A 922 -30.08 -2.09 -7.45
CA PRO A 922 -29.38 -1.72 -6.23
C PRO A 922 -28.04 -1.08 -6.60
N LEU A 923 -27.55 -0.19 -5.74
CA LEU A 923 -26.23 0.44 -5.93
C LEU A 923 -25.12 -0.62 -5.98
N SER A 924 -25.31 -1.77 -5.34
CA SER A 924 -24.30 -2.87 -5.36
C SER A 924 -24.03 -3.30 -6.81
N ASP A 925 -25.09 -3.42 -7.63
CA ASP A 925 -25.03 -3.89 -9.04
C ASP A 925 -24.44 -2.81 -9.95
N MET A 926 -24.21 -1.60 -9.46
CA MET A 926 -23.61 -0.53 -10.29
C MET A 926 -22.08 -0.61 -10.21
N TYR A 927 -21.55 -1.55 -9.42
CA TYR A 927 -20.10 -1.81 -9.30
C TYR A 927 -19.82 -3.24 -9.74
N THR A 928 -18.79 -3.41 -10.56
CA THR A 928 -18.41 -4.73 -11.09
C THR A 928 -17.18 -5.22 -10.34
N PRO A 929 -17.29 -6.33 -9.58
CA PRO A 929 -16.20 -6.79 -8.70
C PRO A 929 -15.13 -7.57 -9.47
N TYR A 930 -14.53 -6.92 -10.45
CA TYR A 930 -13.32 -7.45 -11.12
C TYR A 930 -12.29 -7.69 -10.03
N VAL A 931 -11.56 -8.80 -10.12
CA VAL A 931 -10.60 -9.22 -9.07
C VAL A 931 -9.44 -8.23 -9.01
N PHE A 932 -8.94 -7.84 -10.18
CA PHE A 932 -8.08 -6.63 -10.30
C PHE A 932 -8.99 -5.42 -10.48
N PRO A 933 -9.07 -4.53 -9.47
CA PRO A 933 -9.93 -3.36 -9.57
C PRO A 933 -9.44 -2.37 -10.63
N SER A 934 -10.40 -1.79 -11.34
CA SER A 934 -10.16 -0.74 -12.35
C SER A 934 -11.38 0.18 -12.44
N GLU A 935 -11.43 0.98 -13.52
CA GLU A 935 -12.69 1.67 -13.89
C GLU A 935 -13.71 0.60 -14.18
N ASN A 936 -14.93 0.76 -13.67
CA ASN A 936 -15.99 -0.27 -13.88
C ASN A 936 -17.38 0.33 -13.73
N GLY A 937 -18.36 -0.42 -14.19
CA GLY A 937 -19.77 -0.16 -13.89
C GLY A 937 -20.32 1.01 -14.68
N LEU A 938 -19.62 1.41 -15.75
CA LEU A 938 -20.12 2.51 -16.60
C LEU A 938 -21.40 2.04 -17.31
N ARG A 939 -22.37 2.93 -17.42
CA ARG A 939 -23.49 2.79 -18.39
C ARG A 939 -23.43 4.00 -19.31
N CYS A 940 -23.65 3.78 -20.60
CA CYS A 940 -23.53 4.85 -21.63
C CYS A 940 -24.91 5.19 -22.18
N GLY A 941 -24.96 6.29 -22.93
CA GLY A 941 -26.15 6.77 -23.66
C GLY A 941 -27.31 7.08 -22.72
N THR A 942 -27.02 7.66 -21.57
CA THR A 942 -28.04 7.86 -20.51
C THR A 942 -28.52 9.30 -20.54
N ARG A 943 -29.83 9.48 -20.46
CA ARG A 943 -30.48 10.81 -20.58
C ARG A 943 -30.91 11.33 -19.22
N GLU A 944 -31.07 10.43 -18.25
CA GLU A 944 -31.57 10.81 -16.91
C GLU A 944 -30.98 9.86 -15.90
N LEU A 945 -30.40 10.39 -14.84
CA LEU A 945 -29.86 9.57 -13.74
C LEU A 945 -30.47 10.06 -12.43
N ASN A 946 -30.94 9.14 -11.61
CA ASN A 946 -31.64 9.46 -10.34
C ASN A 946 -30.97 8.72 -9.20
N TYR A 947 -30.57 9.44 -8.16
CA TYR A 947 -29.91 8.86 -6.96
C TYR A 947 -30.22 9.73 -5.75
N GLY A 948 -30.98 9.17 -4.81
CA GLY A 948 -31.45 9.90 -3.63
C GLY A 948 -32.33 11.06 -4.07
N PRO A 949 -32.10 12.29 -3.55
CA PRO A 949 -32.84 13.47 -3.99
C PRO A 949 -32.37 14.05 -5.33
N HIS A 950 -31.28 13.54 -5.89
CA HIS A 950 -30.62 14.12 -7.08
C HIS A 950 -31.20 13.53 -8.37
N GLN A 951 -31.31 14.40 -9.37
CA GLN A 951 -31.56 14.01 -10.78
C GLN A 951 -30.57 14.77 -11.67
N TRP A 952 -29.92 14.07 -12.58
CA TRP A 952 -29.10 14.70 -13.64
C TRP A 952 -29.71 14.31 -14.98
N ARG A 953 -29.88 15.29 -15.85
CA ARG A 953 -30.39 15.02 -17.21
C ARG A 953 -29.33 15.50 -18.17
N GLY A 954 -29.33 14.92 -19.37
CA GLY A 954 -28.39 15.28 -20.44
C GLY A 954 -28.17 14.15 -21.41
N ASP A 955 -26.96 14.03 -21.92
CA ASP A 955 -26.54 12.91 -22.79
C ASP A 955 -25.14 12.50 -22.38
N PHE A 956 -25.04 11.55 -21.45
CA PHE A 956 -23.76 11.26 -20.76
C PHE A 956 -23.60 9.76 -20.49
N GLN A 957 -22.37 9.43 -20.11
CA GLN A 957 -21.99 8.11 -19.58
C GLN A 957 -21.66 8.32 -18.11
N PHE A 958 -22.03 7.38 -17.26
CA PHE A 958 -21.80 7.52 -15.81
C PHE A 958 -21.38 6.19 -15.20
N ASN A 959 -20.69 6.30 -14.08
CA ASN A 959 -20.61 5.19 -13.10
C ASN A 959 -20.78 5.79 -11.71
N ILE A 960 -21.22 4.96 -10.77
CA ILE A 960 -21.60 5.42 -9.42
C ILE A 960 -21.32 4.28 -8.44
N SER A 961 -20.50 4.55 -7.44
CA SER A 961 -19.92 3.51 -6.55
C SER A 961 -19.48 4.16 -5.25
N ARG A 962 -19.21 3.32 -4.27
CA ARG A 962 -18.63 3.72 -2.97
C ARG A 962 -17.10 3.75 -3.08
N TYR A 963 -16.56 3.55 -4.29
CA TYR A 963 -15.10 3.43 -4.51
C TYR A 963 -14.66 4.52 -5.48
N SER A 964 -13.80 5.42 -5.03
CA SER A 964 -13.19 6.48 -5.88
C SER A 964 -12.28 5.84 -6.94
N GLN A 965 -12.15 6.52 -8.09
CA GLN A 965 -11.16 6.14 -9.13
C GLN A 965 -9.78 6.05 -8.49
N GLN A 966 -9.50 6.90 -7.50
CA GLN A 966 -8.18 6.87 -6.85
C GLN A 966 -8.00 5.57 -6.07
N GLN A 967 -9.00 5.15 -5.30
CA GLN A 967 -8.87 3.90 -4.51
C GLN A 967 -8.70 2.75 -5.49
N LEU A 968 -9.51 2.71 -6.55
CA LEU A 968 -9.50 1.57 -7.51
C LEU A 968 -8.12 1.44 -8.14
N MET A 969 -7.56 2.59 -8.53
CA MET A 969 -6.24 2.68 -9.17
C MET A 969 -5.15 2.11 -8.24
N GLU A 970 -5.23 2.42 -6.94
CA GLU A 970 -4.15 2.14 -5.95
C GLU A 970 -4.33 0.77 -5.32
N THR A 971 -5.43 0.07 -5.60
CA THR A 971 -5.74 -1.23 -4.95
C THR A 971 -5.61 -2.35 -5.98
N SER A 972 -4.90 -3.42 -5.61
CA SER A 972 -4.55 -4.56 -6.52
C SER A 972 -5.51 -5.77 -6.42
N HIS A 973 -6.28 -5.89 -5.34
CA HIS A 973 -7.32 -6.94 -5.17
C HIS A 973 -8.64 -6.29 -4.76
N ARG A 974 -9.75 -6.90 -5.17
CA ARG A 974 -11.10 -6.36 -4.90
C ARG A 974 -11.41 -6.51 -3.42
N HIS A 975 -10.84 -7.50 -2.74
CA HIS A 975 -11.15 -7.81 -1.32
C HIS A 975 -10.45 -6.81 -0.38
N LEU A 976 -9.60 -5.93 -0.89
CA LEU A 976 -8.98 -4.87 -0.04
C LEU A 976 -9.65 -3.52 -0.28
N LEU A 977 -10.77 -3.48 -1.00
CA LEU A 977 -11.49 -2.21 -1.22
C LEU A 977 -12.35 -1.98 0.02
N HIS A 978 -12.49 -0.72 0.42
CA HIS A 978 -13.40 -0.29 1.51
C HIS A 978 -14.32 0.79 0.99
N ALA A 979 -15.61 0.68 1.31
CA ALA A 979 -16.58 1.74 1.04
C ALA A 979 -16.10 3.04 1.68
N GLU A 980 -16.00 4.08 0.88
CA GLU A 980 -15.64 5.43 1.40
C GLU A 980 -16.94 6.05 1.93
N GLU A 981 -16.82 7.18 2.66
CA GLU A 981 -18.00 7.94 3.12
C GLU A 981 -18.73 8.38 1.86
N GLY A 982 -20.03 8.12 1.80
CA GLY A 982 -20.89 8.63 0.71
C GLY A 982 -20.69 7.87 -0.58
N THR A 983 -20.96 8.54 -1.70
CA THR A 983 -21.06 7.91 -3.04
C THR A 983 -20.27 8.71 -4.07
N TRP A 984 -19.32 8.06 -4.74
CA TRP A 984 -18.52 8.68 -5.83
C TRP A 984 -19.33 8.57 -7.12
N LEU A 985 -19.49 9.70 -7.81
CA LEU A 985 -20.27 9.79 -9.06
C LEU A 985 -19.38 10.33 -10.17
N ASN A 986 -19.16 9.53 -11.20
CA ASN A 986 -18.46 10.00 -12.41
C ASN A 986 -19.50 10.18 -13.50
N ILE A 987 -19.66 11.41 -13.96
CA ILE A 987 -20.50 11.74 -15.15
C ILE A 987 -19.57 12.19 -16.28
N ASP A 988 -19.53 11.45 -17.37
CA ASP A 988 -18.65 11.78 -18.51
C ASP A 988 -19.49 12.19 -19.71
N GLY A 989 -19.10 13.27 -20.37
CA GLY A 989 -19.64 13.58 -21.71
C GLY A 989 -19.14 12.56 -22.70
N PHE A 990 -17.89 12.12 -22.53
CA PHE A 990 -17.17 11.22 -23.44
C PHE A 990 -16.25 10.29 -22.66
N HIS A 991 -16.15 9.05 -23.12
CA HIS A 991 -15.36 7.99 -22.45
C HIS A 991 -14.73 7.10 -23.51
N MET A 992 -13.44 6.87 -23.37
CA MET A 992 -12.59 6.12 -24.32
C MET A 992 -13.04 4.67 -24.31
N GLY A 993 -12.90 3.99 -25.45
CA GLY A 993 -13.18 2.56 -25.54
C GLY A 993 -12.29 1.78 -24.59
N ILE A 994 -12.64 0.53 -24.32
CA ILE A 994 -11.90 -0.34 -23.37
C ILE A 994 -10.96 -1.28 -24.11
N GLY A 995 -11.12 -1.43 -25.43
CA GLY A 995 -10.21 -2.30 -26.20
C GLY A 995 -10.36 -3.76 -25.82
N GLY A 996 -9.38 -4.58 -26.17
CA GLY A 996 -9.37 -6.01 -25.80
C GLY A 996 -9.10 -6.97 -26.94
N ASP A 997 -8.72 -6.48 -28.12
CA ASP A 997 -8.31 -7.40 -29.22
C ASP A 997 -7.12 -8.22 -28.72
N ASP A 998 -6.22 -7.59 -27.99
CA ASP A 998 -5.30 -8.29 -27.06
C ASP A 998 -5.19 -7.40 -25.83
N SER A 999 -4.34 -7.79 -24.90
CA SER A 999 -4.13 -7.04 -23.63
C SER A 999 -2.64 -6.87 -23.35
N TRP A 1000 -1.80 -6.87 -24.38
CA TRP A 1000 -0.35 -6.59 -24.22
C TRP A 1000 0.09 -5.45 -25.16
N SER A 1001 -0.83 -4.92 -25.95
CA SER A 1001 -0.57 -3.77 -26.85
C SER A 1001 -1.82 -2.92 -26.93
N PRO A 1002 -1.70 -1.62 -27.29
CA PRO A 1002 -2.88 -0.80 -27.40
C PRO A 1002 -3.83 -1.39 -28.47
N SER A 1003 -5.10 -1.55 -28.08
CA SER A 1003 -6.11 -2.24 -28.90
C SER A 1003 -7.42 -1.46 -28.99
N VAL A 1004 -7.52 -0.27 -28.40
CA VAL A 1004 -8.72 0.58 -28.60
C VAL A 1004 -8.58 1.19 -29.99
N SER A 1005 -9.58 0.97 -30.82
CA SER A 1005 -9.53 1.41 -32.23
C SER A 1005 -9.82 2.91 -32.27
N ALA A 1006 -9.29 3.56 -33.30
CA ALA A 1006 -9.27 5.03 -33.47
C ALA A 1006 -10.65 5.64 -33.22
N GLU A 1007 -11.71 5.09 -33.79
CA GLU A 1007 -13.05 5.70 -33.68
C GLU A 1007 -13.48 5.79 -32.20
N PHE A 1008 -12.87 5.01 -31.30
CA PHE A 1008 -13.24 5.01 -29.85
C PHE A 1008 -12.18 5.74 -29.02
N GLN A 1009 -11.23 6.41 -29.67
CA GLN A 1009 -10.24 7.26 -28.98
C GLN A 1009 -10.77 8.69 -28.96
N LEU A 1010 -10.46 9.45 -27.91
CA LEU A 1010 -10.94 10.84 -27.77
C LEU A 1010 -9.91 11.76 -28.42
N SER A 1011 -9.97 11.89 -29.75
CA SER A 1011 -8.97 12.64 -30.54
C SER A 1011 -9.55 13.93 -31.13
N ALA A 1012 -10.79 14.28 -30.82
CA ALA A 1012 -11.48 15.39 -31.52
C ALA A 1012 -10.80 16.73 -31.26
N GLY A 1013 -10.27 16.98 -30.05
CA GLY A 1013 -9.53 18.21 -29.76
C GLY A 1013 -10.37 19.20 -28.98
N ARG A 1014 -11.60 19.50 -29.46
CA ARG A 1014 -12.63 20.29 -28.75
C ARG A 1014 -13.77 19.34 -28.40
N TYR A 1015 -14.24 19.34 -27.15
CA TYR A 1015 -15.44 18.55 -26.75
C TYR A 1015 -16.47 19.47 -26.06
N HIS A 1016 -17.74 19.09 -26.18
CA HIS A 1016 -18.86 19.82 -25.54
C HIS A 1016 -19.83 18.80 -24.95
N TYR A 1017 -20.30 19.06 -23.73
CA TYR A 1017 -21.41 18.30 -23.12
C TYR A 1017 -22.15 19.19 -22.13
N GLN A 1018 -23.40 18.81 -21.86
CA GLN A 1018 -24.35 19.65 -21.10
C GLN A 1018 -25.10 18.74 -20.11
N LEU A 1019 -25.08 19.13 -18.84
CA LEU A 1019 -25.86 18.48 -17.75
C LEU A 1019 -26.87 19.46 -17.17
N VAL A 1020 -27.93 18.93 -16.58
CA VAL A 1020 -28.75 19.70 -15.61
C VAL A 1020 -28.81 18.93 -14.31
N TRP A 1021 -28.45 19.57 -13.20
CA TRP A 1021 -28.50 19.00 -11.83
C TRP A 1021 -29.76 19.53 -11.12
N CYS A 1022 -30.52 18.62 -10.52
CA CYS A 1022 -31.92 18.82 -10.12
C CYS A 1022 -32.12 18.32 -8.70
N GLN A 1023 -33.12 18.85 -8.00
CA GLN A 1023 -33.59 18.29 -6.71
C GLN A 1023 -34.94 17.62 -6.96
N LYS A 1024 -35.27 16.59 -6.18
CA LYS A 1024 -36.58 15.91 -6.18
C LYS A 1024 -36.99 15.61 -4.73
N ILE B 4 -25.73 1.00 -114.21
CA ILE B 4 -27.18 0.82 -113.83
C ILE B 4 -27.25 0.17 -112.44
N THR B 5 -26.34 -0.76 -112.18
CA THR B 5 -26.21 -1.44 -110.86
C THR B 5 -25.21 -0.68 -109.98
N ASP B 6 -24.86 0.55 -110.34
CA ASP B 6 -24.16 1.51 -109.45
C ASP B 6 -25.16 2.58 -108.98
N SER B 7 -26.35 2.63 -109.56
CA SER B 7 -27.37 3.65 -109.18
C SER B 7 -27.69 3.47 -107.70
N LEU B 8 -28.06 4.56 -107.05
CA LEU B 8 -28.56 4.55 -105.65
C LEU B 8 -29.76 3.61 -105.58
N ALA B 9 -30.58 3.56 -106.62
CA ALA B 9 -31.83 2.76 -106.59
C ALA B 9 -31.46 1.30 -106.31
N VAL B 10 -30.38 0.81 -106.91
CA VAL B 10 -30.00 -0.62 -106.80
C VAL B 10 -29.27 -0.87 -105.48
N VAL B 11 -28.30 -0.01 -105.17
CA VAL B 11 -27.42 -0.22 -103.98
C VAL B 11 -28.27 -0.01 -102.72
N LEU B 12 -29.08 1.04 -102.67
CA LEU B 12 -29.92 1.30 -101.48
C LEU B 12 -31.02 0.25 -101.37
N GLN B 13 -31.38 -0.39 -102.47
CA GLN B 13 -32.43 -1.44 -102.45
C GLN B 13 -32.04 -2.51 -101.41
N ARG B 14 -30.78 -2.94 -101.40
CA ARG B 14 -30.33 -4.10 -100.58
C ARG B 14 -30.45 -3.77 -99.07
N ARG B 15 -30.49 -2.49 -98.69
CA ARG B 15 -30.63 -2.04 -97.28
C ARG B 15 -29.63 -2.78 -96.40
N ASP B 16 -28.36 -2.76 -96.82
CA ASP B 16 -27.26 -3.50 -96.13
C ASP B 16 -27.02 -2.96 -94.72
N TRP B 17 -27.59 -1.79 -94.38
CA TRP B 17 -27.45 -1.17 -93.05
C TRP B 17 -28.55 -1.71 -92.11
N GLU B 18 -29.41 -2.60 -92.60
CA GLU B 18 -30.48 -3.19 -91.75
C GLU B 18 -30.30 -4.70 -91.75
N ASN B 19 -29.06 -5.15 -91.66
CA ASN B 19 -28.73 -6.59 -91.82
C ASN B 19 -27.39 -6.89 -91.19
N PRO B 20 -27.35 -7.52 -90.00
CA PRO B 20 -26.10 -7.74 -89.29
C PRO B 20 -25.28 -8.91 -89.87
N GLY B 21 -25.78 -9.52 -90.95
CA GLY B 21 -25.02 -10.51 -91.75
C GLY B 21 -24.19 -9.82 -92.83
N VAL B 22 -24.35 -8.51 -93.01
CA VAL B 22 -23.53 -7.70 -93.95
C VAL B 22 -22.97 -6.47 -93.24
N THR B 23 -21.72 -6.53 -92.80
CA THR B 23 -21.07 -5.40 -92.09
C THR B 23 -20.03 -4.74 -92.97
N GLN B 24 -19.78 -5.28 -94.16
CA GLN B 24 -18.85 -4.69 -95.14
C GLN B 24 -19.05 -5.37 -96.50
N LEU B 25 -18.76 -4.64 -97.57
CA LEU B 25 -18.60 -5.20 -98.94
C LEU B 25 -17.25 -4.73 -99.49
N ASN B 26 -16.46 -5.67 -100.01
CA ASN B 26 -15.21 -5.37 -100.77
C ASN B 26 -14.19 -4.66 -99.89
N ARG B 27 -14.34 -4.72 -98.57
CA ARG B 27 -13.39 -4.07 -97.64
C ARG B 27 -12.14 -4.93 -97.52
N LEU B 28 -10.96 -4.32 -97.51
CA LEU B 28 -9.68 -5.03 -97.39
C LEU B 28 -9.46 -5.47 -95.94
N ALA B 29 -8.56 -6.42 -95.77
CA ALA B 29 -8.20 -6.97 -94.45
C ALA B 29 -7.62 -5.88 -93.56
N ALA B 30 -7.77 -6.04 -92.26
CA ALA B 30 -7.18 -5.13 -91.25
C ALA B 30 -5.71 -5.52 -91.04
N HIS B 31 -4.95 -4.60 -90.44
CA HIS B 31 -3.49 -4.69 -90.33
C HIS B 31 -2.97 -3.54 -89.50
N PRO B 32 -1.73 -3.61 -88.98
CA PRO B 32 -1.14 -2.50 -88.24
C PRO B 32 -0.96 -1.32 -89.18
N PRO B 33 -0.62 -0.12 -88.66
CA PRO B 33 -0.48 1.06 -89.51
C PRO B 33 0.62 0.96 -90.57
N PHE B 34 0.23 1.18 -91.83
CA PHE B 34 1.12 1.15 -93.03
C PHE B 34 1.36 2.57 -93.54
N ALA B 35 2.54 2.77 -94.12
CA ALA B 35 2.94 4.02 -94.79
C ALA B 35 3.58 3.74 -96.15
N SER B 36 4.03 2.52 -96.40
CA SER B 36 4.63 2.13 -97.70
C SER B 36 5.81 3.06 -98.04
N TRP B 37 6.74 3.24 -97.09
CA TRP B 37 8.04 3.90 -97.38
C TRP B 37 8.75 3.13 -98.50
N ARG B 38 9.42 3.86 -99.39
CA ARG B 38 10.28 3.28 -100.45
C ARG B 38 11.76 3.62 -100.21
N ASN B 39 12.06 4.07 -98.99
CA ASN B 39 13.45 4.32 -98.50
C ASN B 39 13.52 3.86 -97.05
N SER B 40 14.50 3.05 -96.68
CA SER B 40 14.50 2.38 -95.35
C SER B 40 14.81 3.39 -94.25
N GLU B 41 15.53 4.47 -94.54
CA GLU B 41 15.91 5.49 -93.53
C GLU B 41 14.68 6.33 -93.17
N GLU B 42 13.80 6.58 -94.13
CA GLU B 42 12.56 7.33 -93.88
C GLU B 42 11.74 6.52 -92.88
N ALA B 43 11.62 5.20 -93.11
CA ALA B 43 10.86 4.29 -92.22
C ALA B 43 11.50 4.26 -90.83
N ARG B 44 12.83 4.27 -90.75
CA ARG B 44 13.52 4.18 -89.45
C ARG B 44 13.22 5.45 -88.64
N THR B 45 13.07 6.61 -89.27
CA THR B 45 12.97 7.90 -88.56
C THR B 45 11.52 8.38 -88.49
N ASP B 46 10.59 7.60 -89.00
CA ASP B 46 9.13 7.86 -88.90
C ASP B 46 8.81 9.19 -89.57
N ARG B 47 9.59 9.58 -90.58
CA ARG B 47 9.31 10.83 -91.35
C ARG B 47 8.12 10.60 -92.27
N PRO B 48 7.44 11.67 -92.72
CA PRO B 48 6.38 11.55 -93.72
C PRO B 48 6.77 10.63 -94.90
N SER B 49 5.77 9.93 -95.43
CA SER B 49 5.91 9.02 -96.59
C SER B 49 5.15 9.63 -97.76
N GLN B 50 5.84 9.82 -98.89
CA GLN B 50 5.23 10.36 -100.13
C GLN B 50 4.12 9.41 -100.61
N GLN B 51 4.02 8.17 -100.10
CA GLN B 51 2.99 7.21 -100.57
C GLN B 51 1.77 7.17 -99.64
N LEU B 52 1.71 8.06 -98.66
CA LEU B 52 0.53 8.18 -97.79
C LEU B 52 0.11 9.65 -97.75
N ARG B 53 -0.89 10.02 -98.54
CA ARG B 53 -1.36 11.41 -98.54
C ARG B 53 -2.67 11.49 -97.75
N SER B 54 -2.89 12.65 -97.15
CA SER B 54 -4.14 12.99 -96.44
C SER B 54 -5.14 13.52 -97.46
N LEU B 55 -6.41 13.14 -97.32
CA LEU B 55 -7.53 13.77 -98.08
C LEU B 55 -8.34 14.66 -97.13
N ASN B 56 -7.81 14.94 -95.95
CA ASN B 56 -8.46 15.87 -95.00
C ASN B 56 -8.53 17.23 -95.68
N GLY B 57 -9.61 17.96 -95.45
CA GLY B 57 -9.69 19.35 -95.94
C GLY B 57 -11.11 19.72 -96.27
N GLU B 58 -11.26 20.51 -97.33
CA GLU B 58 -12.56 21.05 -97.76
C GLU B 58 -13.21 20.01 -98.68
N TRP B 59 -14.24 19.35 -98.16
CA TRP B 59 -15.13 18.44 -98.93
C TRP B 59 -16.42 19.18 -99.23
N ARG B 60 -17.25 18.57 -100.07
CA ARG B 60 -18.62 19.05 -100.34
C ARG B 60 -19.62 18.12 -99.65
N PHE B 61 -20.61 18.71 -99.01
CA PHE B 61 -21.54 17.95 -98.13
C PHE B 61 -22.97 18.45 -98.33
N ALA B 62 -23.91 17.51 -98.27
CA ALA B 62 -25.35 17.77 -98.29
C ALA B 62 -26.05 16.79 -97.35
N TRP B 63 -26.97 17.32 -96.55
CA TRP B 63 -27.79 16.55 -95.58
C TRP B 63 -29.13 16.15 -96.20
N PHE B 64 -29.61 14.98 -95.82
CA PHE B 64 -30.87 14.40 -96.33
C PHE B 64 -31.59 13.66 -95.20
N PRO B 65 -32.94 13.74 -95.16
CA PRO B 65 -33.69 13.12 -94.07
C PRO B 65 -33.62 11.58 -94.11
N ALA B 66 -33.42 11.01 -95.29
CA ALA B 66 -33.41 9.56 -95.52
C ALA B 66 -32.59 9.27 -96.76
N PRO B 67 -31.97 8.07 -96.88
CA PRO B 67 -31.13 7.79 -98.04
C PRO B 67 -31.90 7.80 -99.38
N GLU B 68 -33.18 7.46 -99.34
CA GLU B 68 -34.01 7.40 -100.56
C GLU B 68 -34.31 8.82 -101.07
N ALA B 69 -34.07 9.86 -100.27
CA ALA B 69 -34.27 11.27 -100.69
C ALA B 69 -33.08 11.78 -101.51
N VAL B 70 -31.98 11.06 -101.55
CA VAL B 70 -30.74 11.52 -102.25
C VAL B 70 -30.97 11.36 -103.75
N PRO B 71 -30.80 12.43 -104.55
CA PRO B 71 -31.02 12.32 -105.98
C PRO B 71 -29.90 11.51 -106.65
N GLU B 72 -30.27 10.73 -107.67
CA GLU B 72 -29.34 9.90 -108.47
C GLU B 72 -28.23 10.80 -109.03
N SER B 73 -28.57 12.04 -109.41
CA SER B 73 -27.64 13.09 -109.89
C SER B 73 -26.30 13.01 -109.14
N TRP B 74 -26.35 12.77 -107.83
CA TRP B 74 -25.22 13.05 -106.91
C TRP B 74 -24.02 12.16 -107.21
N LEU B 75 -24.20 11.02 -107.88
CA LEU B 75 -23.04 10.12 -108.16
C LEU B 75 -22.29 10.62 -109.38
N GLU B 76 -23.00 11.19 -110.34
CA GLU B 76 -22.42 11.67 -111.62
C GLU B 76 -21.88 13.08 -111.45
N CYS B 77 -22.39 13.84 -110.48
CA CYS B 77 -22.22 15.31 -110.49
C CYS B 77 -22.48 15.90 -109.10
N ASP B 78 -21.72 16.94 -108.75
CA ASP B 78 -21.84 17.67 -107.48
C ASP B 78 -23.19 18.39 -107.39
N LEU B 79 -23.83 18.34 -106.22
CA LEU B 79 -25.15 18.98 -105.99
C LEU B 79 -24.97 20.49 -105.82
N PRO B 80 -25.70 21.32 -106.60
CA PRO B 80 -25.64 22.78 -106.41
C PRO B 80 -26.00 23.15 -104.97
N GLU B 81 -26.99 22.47 -104.40
CA GLU B 81 -27.49 22.75 -103.02
C GLU B 81 -26.43 22.43 -101.96
N ALA B 82 -25.40 21.65 -102.28
CA ALA B 82 -24.40 21.21 -101.30
C ALA B 82 -23.65 22.42 -100.74
N ASP B 83 -22.96 22.21 -99.62
CA ASP B 83 -22.12 23.23 -98.95
C ASP B 83 -20.69 22.71 -98.95
N THR B 84 -19.73 23.61 -98.75
CA THR B 84 -18.32 23.20 -98.52
C THR B 84 -18.07 23.17 -97.02
N VAL B 85 -17.49 22.06 -96.56
CA VAL B 85 -17.36 21.72 -95.13
C VAL B 85 -16.00 21.06 -94.95
N VAL B 86 -15.51 21.10 -93.72
CA VAL B 86 -14.17 20.53 -93.47
C VAL B 86 -14.37 19.08 -93.02
N VAL B 87 -13.45 18.21 -93.44
CA VAL B 87 -13.42 16.78 -93.04
C VAL B 87 -12.02 16.48 -92.50
N PRO B 88 -11.87 15.81 -91.34
CA PRO B 88 -12.97 15.20 -90.60
C PRO B 88 -13.81 16.13 -89.73
N SER B 89 -15.06 15.73 -89.51
CA SER B 89 -16.07 16.50 -88.74
C SER B 89 -17.25 15.59 -88.41
N ASN B 90 -18.03 16.00 -87.42
CA ASN B 90 -19.37 15.45 -87.15
C ASN B 90 -20.38 16.48 -87.65
N TRP B 91 -21.39 16.06 -88.41
CA TRP B 91 -22.23 17.04 -89.13
C TRP B 91 -23.16 17.75 -88.14
N GLN B 92 -23.41 17.12 -86.99
CA GLN B 92 -24.17 17.75 -85.89
C GLN B 92 -23.44 19.01 -85.40
N MET B 93 -22.11 19.01 -85.35
CA MET B 93 -21.33 20.18 -84.89
C MET B 93 -21.44 21.32 -85.90
N HIS B 94 -21.83 21.05 -87.15
CA HIS B 94 -22.06 22.09 -88.18
C HIS B 94 -23.51 22.57 -88.20
N GLY B 95 -24.38 22.02 -87.37
CA GLY B 95 -25.78 22.46 -87.21
C GLY B 95 -26.77 21.75 -88.13
N TYR B 96 -26.40 20.68 -88.84
CA TYR B 96 -27.27 20.04 -89.85
C TYR B 96 -28.36 19.21 -89.19
N ASP B 97 -28.12 18.72 -87.98
CA ASP B 97 -29.17 18.11 -87.12
C ASP B 97 -28.64 18.02 -85.69
N ALA B 98 -29.46 17.54 -84.78
CA ALA B 98 -29.11 17.66 -83.35
C ALA B 98 -28.26 16.46 -82.94
N PRO B 99 -27.26 16.69 -82.08
CA PRO B 99 -26.62 15.59 -81.37
C PRO B 99 -27.57 15.16 -80.26
N ILE B 100 -27.65 13.86 -80.05
CA ILE B 100 -28.58 13.27 -79.05
C ILE B 100 -27.74 12.71 -77.91
N TYR B 101 -28.03 13.14 -76.69
CA TYR B 101 -27.39 12.54 -75.51
C TYR B 101 -28.39 11.66 -74.78
N THR B 102 -28.22 10.36 -74.93
CA THR B 102 -28.95 9.34 -74.14
C THR B 102 -27.93 8.38 -73.53
N ASN B 103 -28.21 7.96 -72.30
CA ASN B 103 -27.29 7.11 -71.52
C ASN B 103 -27.52 5.67 -71.97
N VAL B 104 -28.58 5.04 -71.47
CA VAL B 104 -28.82 3.57 -71.65
C VAL B 104 -29.82 3.38 -72.78
N THR B 105 -30.98 4.03 -72.70
CA THR B 105 -32.03 3.78 -73.71
C THR B 105 -31.50 4.23 -75.08
N TYR B 106 -31.62 3.32 -76.05
CA TYR B 106 -31.16 3.55 -77.42
C TYR B 106 -31.83 4.80 -77.95
N PRO B 107 -31.15 5.61 -78.80
CA PRO B 107 -31.77 6.78 -79.41
C PRO B 107 -32.82 6.45 -80.50
N ILE B 108 -32.88 5.19 -80.92
CA ILE B 108 -33.85 4.70 -81.94
C ILE B 108 -34.72 3.63 -81.31
N THR B 109 -35.89 3.39 -81.90
CA THR B 109 -36.79 2.31 -81.44
C THR B 109 -35.99 1.02 -81.46
N VAL B 110 -36.11 0.22 -80.40
CA VAL B 110 -35.38 -1.07 -80.30
C VAL B 110 -36.18 -2.10 -81.09
N ASN B 111 -35.69 -2.43 -82.28
CA ASN B 111 -36.36 -3.35 -83.23
C ASN B 111 -35.28 -3.95 -84.13
N PRO B 112 -34.28 -4.65 -83.56
CA PRO B 112 -33.16 -5.14 -84.36
C PRO B 112 -33.59 -6.14 -85.42
N PRO B 113 -33.00 -6.10 -86.64
CA PRO B 113 -31.92 -5.17 -86.99
C PRO B 113 -32.34 -3.86 -87.67
N PHE B 114 -33.58 -3.45 -87.50
CA PHE B 114 -34.17 -2.33 -88.27
C PHE B 114 -33.83 -1.00 -87.60
N VAL B 115 -33.91 0.05 -88.39
CA VAL B 115 -33.67 1.45 -87.94
C VAL B 115 -34.73 2.34 -88.56
N PRO B 116 -34.96 3.54 -88.02
CA PRO B 116 -36.00 4.42 -88.55
C PRO B 116 -35.89 4.67 -90.07
N THR B 117 -37.03 4.71 -90.73
CA THR B 117 -37.09 5.11 -92.15
C THR B 117 -36.47 6.50 -92.29
N GLU B 118 -36.85 7.43 -91.42
CA GLU B 118 -36.23 8.78 -91.29
C GLU B 118 -34.87 8.62 -90.62
N ASN B 119 -33.86 8.39 -91.48
CA ASN B 119 -32.47 8.04 -91.10
C ASN B 119 -31.54 9.09 -91.69
N PRO B 120 -31.14 10.13 -90.92
CA PRO B 120 -30.30 11.20 -91.46
C PRO B 120 -29.09 10.63 -92.21
N THR B 121 -28.95 11.05 -93.47
CA THR B 121 -27.81 10.64 -94.32
C THR B 121 -26.99 11.86 -94.72
N GLY B 122 -25.67 11.74 -94.61
CA GLY B 122 -24.72 12.77 -95.04
C GLY B 122 -24.11 12.37 -96.36
N CYS B 123 -24.24 13.21 -97.38
CA CYS B 123 -23.63 13.00 -98.71
C CYS B 123 -22.35 13.82 -98.82
N TYR B 124 -21.22 13.13 -98.66
CA TYR B 124 -19.87 13.74 -98.76
C TYR B 124 -19.29 13.43 -100.13
N SER B 125 -18.82 14.46 -100.83
CA SER B 125 -18.08 14.27 -102.10
C SER B 125 -16.77 15.03 -102.01
N LEU B 126 -15.78 14.58 -102.78
CA LEU B 126 -14.53 15.35 -102.93
C LEU B 126 -13.97 15.07 -104.31
N THR B 127 -13.61 16.15 -105.02
CA THR B 127 -12.82 16.08 -106.27
C THR B 127 -11.35 16.31 -105.93
N PHE B 128 -10.49 15.45 -106.45
CA PHE B 128 -9.06 15.40 -106.09
C PHE B 128 -8.29 14.81 -107.25
N ASN B 129 -6.99 15.06 -107.26
CA ASN B 129 -6.09 14.65 -108.36
C ASN B 129 -5.32 13.41 -107.90
N VAL B 130 -5.03 12.57 -108.87
CA VAL B 130 -4.11 11.41 -108.69
C VAL B 130 -3.08 11.46 -109.80
N ASP B 131 -1.81 11.55 -109.40
CA ASP B 131 -0.64 11.51 -110.32
C ASP B 131 -0.63 10.15 -111.00
N GLU B 132 -0.25 10.11 -112.28
CA GLU B 132 -0.33 8.87 -113.08
C GLU B 132 0.67 7.85 -112.53
N SER B 133 1.76 8.34 -111.92
CA SER B 133 2.72 7.55 -111.10
C SER B 133 1.98 6.44 -110.35
N TRP B 134 0.90 6.81 -109.66
CA TRP B 134 0.14 5.91 -108.73
C TRP B 134 -0.63 4.84 -109.50
N LEU B 135 -1.04 5.12 -110.74
CA LEU B 135 -1.91 4.20 -111.51
C LEU B 135 -1.12 3.33 -112.48
N GLN B 136 0.14 3.65 -112.77
CA GLN B 136 0.91 2.86 -113.76
C GLN B 136 1.33 1.57 -113.10
N GLU B 137 1.67 1.63 -111.82
CA GLU B 137 2.09 0.44 -111.04
C GLU B 137 1.41 0.45 -109.69
N GLY B 138 1.20 -0.74 -109.15
CA GLY B 138 0.92 -0.93 -107.72
C GLY B 138 -0.53 -0.69 -107.34
N GLN B 139 -0.79 -0.77 -106.05
CA GLN B 139 -2.16 -0.72 -105.48
C GLN B 139 -2.35 0.64 -104.82
N THR B 140 -3.43 1.34 -105.17
CA THR B 140 -3.88 2.55 -104.48
C THR B 140 -5.18 2.22 -103.75
N ARG B 141 -5.18 2.42 -102.43
CA ARG B 141 -6.37 2.20 -101.56
C ARG B 141 -6.72 3.48 -100.82
N ILE B 142 -7.99 3.59 -100.44
CA ILE B 142 -8.47 4.72 -99.60
C ILE B 142 -8.70 4.17 -98.19
N ILE B 143 -8.34 4.97 -97.20
CA ILE B 143 -8.47 4.63 -95.77
C ILE B 143 -9.43 5.63 -95.12
N PHE B 144 -10.51 5.11 -94.56
CA PHE B 144 -11.48 5.89 -93.74
C PHE B 144 -11.31 5.50 -92.28
N ASP B 145 -10.52 6.27 -91.55
CA ASP B 145 -10.14 5.92 -90.16
C ASP B 145 -11.35 5.93 -89.22
N GLY B 146 -12.46 6.58 -89.59
CA GLY B 146 -13.66 6.62 -88.74
C GLY B 146 -14.85 7.24 -89.46
N VAL B 147 -15.92 6.47 -89.62
CA VAL B 147 -17.19 6.95 -90.23
C VAL B 147 -18.35 6.38 -89.43
N ASN B 148 -19.29 7.24 -89.07
CA ASN B 148 -20.37 6.96 -88.09
C ASN B 148 -21.70 7.22 -88.78
N SER B 149 -22.51 6.19 -89.10
CA SER B 149 -22.53 4.85 -88.52
C SER B 149 -22.09 3.78 -89.54
N ALA B 150 -22.46 3.99 -90.79
CA ALA B 150 -22.14 3.09 -91.91
C ALA B 150 -22.14 3.93 -93.17
N PHE B 151 -21.54 3.41 -94.23
CA PHE B 151 -21.48 4.19 -95.48
C PHE B 151 -21.32 3.27 -96.69
N HIS B 152 -21.78 3.79 -97.81
CA HIS B 152 -21.47 3.32 -99.17
C HIS B 152 -20.52 4.32 -99.82
N LEU B 153 -19.58 3.78 -100.60
CA LEU B 153 -18.51 4.56 -101.24
C LEU B 153 -18.58 4.37 -102.75
N TRP B 154 -18.65 5.49 -103.45
CA TRP B 154 -18.53 5.55 -104.93
C TRP B 154 -17.24 6.27 -105.28
N CYS B 155 -16.64 5.87 -106.39
CA CYS B 155 -15.49 6.58 -107.00
C CYS B 155 -15.75 6.72 -108.50
N ASN B 156 -15.87 7.96 -108.96
CA ASN B 156 -16.12 8.28 -110.39
C ASN B 156 -17.44 7.63 -110.83
N GLY B 157 -18.44 7.60 -109.95
CA GLY B 157 -19.81 7.14 -110.26
C GLY B 157 -19.98 5.63 -110.11
N ARG B 158 -18.89 4.87 -110.01
CA ARG B 158 -18.96 3.40 -109.88
C ARG B 158 -18.90 3.08 -108.38
N TRP B 159 -19.65 2.05 -107.98
CA TRP B 159 -19.77 1.64 -106.56
C TRP B 159 -18.56 0.79 -106.14
N VAL B 160 -18.01 1.08 -104.96
CA VAL B 160 -16.75 0.44 -104.46
C VAL B 160 -17.04 -0.54 -103.34
N GLY B 161 -17.77 -0.08 -102.32
CA GLY B 161 -18.06 -0.97 -101.18
C GLY B 161 -18.90 -0.30 -100.13
N TYR B 162 -18.94 -0.94 -98.97
CA TYR B 162 -19.78 -0.56 -97.81
C TYR B 162 -19.02 -0.92 -96.55
N GLY B 163 -19.25 -0.19 -95.48
CA GLY B 163 -18.52 -0.44 -94.23
C GLY B 163 -19.34 -0.09 -93.03
N GLN B 164 -19.07 -0.76 -91.92
CA GLN B 164 -19.66 -0.45 -90.58
C GLN B 164 -18.56 -0.46 -89.53
N ASP B 165 -18.95 -0.26 -88.27
CA ASP B 165 -18.05 -0.04 -87.10
C ASP B 165 -17.45 1.37 -87.20
N SER B 166 -17.89 2.25 -86.31
CA SER B 166 -17.64 3.70 -86.41
C SER B 166 -16.26 4.04 -85.89
N ARG B 167 -15.53 3.10 -85.28
CA ARG B 167 -14.28 3.46 -84.55
C ARG B 167 -13.07 2.64 -85.01
N LEU B 168 -13.16 2.03 -86.19
CA LEU B 168 -12.02 1.31 -86.80
C LEU B 168 -11.96 1.65 -88.28
N PRO B 169 -10.75 1.59 -88.88
CA PRO B 169 -10.58 2.00 -90.27
C PRO B 169 -11.21 1.04 -91.27
N SER B 170 -11.88 1.58 -92.27
CA SER B 170 -12.37 0.83 -93.44
C SER B 170 -11.57 1.21 -94.69
N GLU B 171 -10.90 0.23 -95.29
CA GLU B 171 -10.03 0.44 -96.47
C GLU B 171 -10.60 -0.28 -97.70
N PHE B 172 -10.53 0.37 -98.85
CA PHE B 172 -10.99 -0.20 -100.13
C PHE B 172 -9.94 0.05 -101.21
N ASP B 173 -9.78 -0.94 -102.09
CA ASP B 173 -8.91 -0.84 -103.27
C ASP B 173 -9.60 0.05 -104.32
N LEU B 174 -8.92 1.09 -104.77
CA LEU B 174 -9.48 2.08 -105.72
C LEU B 174 -8.72 2.02 -107.04
N SER B 175 -7.73 1.14 -107.17
CA SER B 175 -6.81 1.14 -108.34
C SER B 175 -7.62 1.05 -109.65
N ALA B 176 -8.59 0.14 -109.74
CA ALA B 176 -9.35 -0.10 -111.00
C ALA B 176 -10.45 0.97 -111.16
N PHE B 177 -10.64 1.87 -110.20
CA PHE B 177 -11.68 2.92 -110.29
C PHE B 177 -11.08 4.25 -110.67
N LEU B 178 -9.79 4.47 -110.40
CA LEU B 178 -9.19 5.82 -110.53
C LEU B 178 -8.72 6.01 -111.97
N ARG B 179 -8.77 7.26 -112.43
CA ARG B 179 -8.16 7.69 -113.72
C ARG B 179 -7.21 8.82 -113.40
N ALA B 180 -6.26 9.02 -114.30
CA ALA B 180 -5.23 10.08 -114.18
C ALA B 180 -5.94 11.42 -114.17
N GLY B 181 -5.52 12.30 -113.25
CA GLY B 181 -6.03 13.67 -113.14
C GLY B 181 -7.20 13.75 -112.16
N GLU B 182 -8.34 14.24 -112.63
CA GLU B 182 -9.49 14.58 -111.76
C GLU B 182 -10.28 13.30 -111.48
N ASN B 183 -10.52 13.05 -110.19
CA ASN B 183 -11.38 11.95 -109.70
C ASN B 183 -12.37 12.53 -108.71
N ARG B 184 -13.48 11.83 -108.48
CA ARG B 184 -14.52 12.26 -107.52
C ARG B 184 -14.93 11.08 -106.65
N LEU B 185 -14.81 11.23 -105.33
CA LEU B 185 -15.36 10.28 -104.34
C LEU B 185 -16.75 10.74 -103.94
N ALA B 186 -17.66 9.80 -103.77
CA ALA B 186 -19.04 10.02 -103.29
C ALA B 186 -19.25 9.09 -102.12
N VAL B 187 -19.42 9.65 -100.93
CA VAL B 187 -19.53 8.90 -99.65
C VAL B 187 -20.90 9.20 -99.04
N MET B 188 -21.74 8.17 -98.97
CA MET B 188 -23.07 8.30 -98.35
C MET B 188 -23.01 7.67 -96.97
N VAL B 189 -23.13 8.49 -95.95
CA VAL B 189 -22.99 8.06 -94.53
C VAL B 189 -24.36 8.04 -93.88
N LEU B 190 -24.72 6.90 -93.30
CA LEU B 190 -26.01 6.74 -92.60
C LEU B 190 -25.77 6.91 -91.11
N ARG B 191 -26.62 7.70 -90.46
CA ARG B 191 -26.51 7.94 -88.99
C ARG B 191 -26.81 6.63 -88.25
N TRP B 192 -27.77 5.85 -88.75
CA TRP B 192 -28.24 4.63 -88.07
C TRP B 192 -27.99 3.42 -88.97
N SER B 193 -27.71 2.30 -88.35
CA SER B 193 -27.49 1.03 -89.06
C SER B 193 -27.55 -0.07 -88.02
N ASP B 194 -27.51 -1.30 -88.49
CA ASP B 194 -27.59 -2.45 -87.56
C ASP B 194 -26.39 -2.35 -86.63
N GLY B 195 -25.30 -1.75 -87.09
CA GLY B 195 -24.11 -1.51 -86.24
C GLY B 195 -24.42 -0.63 -85.03
N SER B 196 -25.41 0.26 -85.13
CA SER B 196 -25.78 1.18 -84.03
C SER B 196 -26.32 0.40 -82.84
N TYR B 197 -26.78 -0.82 -83.06
CA TYR B 197 -27.26 -1.68 -81.94
C TYR B 197 -26.08 -2.05 -81.05
N LEU B 198 -24.88 -2.09 -81.63
CA LEU B 198 -23.65 -2.44 -80.88
C LEU B 198 -22.89 -1.18 -80.47
N GLU B 199 -23.48 0.01 -80.64
CA GLU B 199 -22.77 1.30 -80.37
C GLU B 199 -23.62 2.16 -79.44
N ASP B 200 -24.01 1.61 -78.30
CA ASP B 200 -24.90 2.30 -77.32
C ASP B 200 -24.07 2.82 -76.14
N GLN B 201 -22.92 3.43 -76.42
CA GLN B 201 -22.05 3.98 -75.35
C GLN B 201 -22.73 5.22 -74.79
N ASP B 202 -22.69 5.39 -73.48
CA ASP B 202 -23.32 6.56 -72.82
C ASP B 202 -22.52 7.81 -73.21
N MET B 203 -22.88 8.40 -74.34
CA MET B 203 -22.21 9.61 -74.86
C MET B 203 -23.12 10.28 -75.88
N TRP B 204 -22.74 11.46 -76.35
CA TRP B 204 -23.43 12.13 -77.48
C TRP B 204 -23.46 11.20 -78.69
N ARG B 205 -24.62 11.08 -79.31
CA ARG B 205 -24.81 10.29 -80.55
C ARG B 205 -24.70 11.24 -81.75
N MET B 206 -23.61 11.12 -82.50
CA MET B 206 -23.32 12.00 -83.65
C MET B 206 -23.09 11.11 -84.87
N SER B 207 -22.53 11.66 -85.95
CA SER B 207 -22.37 10.93 -87.23
C SER B 207 -21.47 11.71 -88.18
N GLY B 208 -21.04 11.03 -89.24
CA GLY B 208 -20.23 11.62 -90.32
C GLY B 208 -18.85 11.01 -90.43
N ILE B 209 -18.04 11.56 -91.32
CA ILE B 209 -16.62 11.17 -91.54
C ILE B 209 -15.77 11.92 -90.51
N PHE B 210 -15.60 11.35 -89.33
CA PHE B 210 -15.13 12.09 -88.14
C PHE B 210 -13.71 11.66 -87.78
N ARG B 211 -13.04 10.91 -88.65
CA ARG B 211 -11.59 10.66 -88.51
C ARG B 211 -10.96 10.74 -89.90
N ASP B 212 -9.63 10.65 -89.95
CA ASP B 212 -8.82 11.00 -91.14
C ASP B 212 -9.24 10.18 -92.34
N VAL B 213 -9.12 10.79 -93.51
CA VAL B 213 -9.25 10.10 -94.82
C VAL B 213 -7.87 10.12 -95.50
N SER B 214 -7.44 8.97 -96.02
CA SER B 214 -6.08 8.83 -96.60
C SER B 214 -6.10 8.10 -97.93
N LEU B 215 -5.06 8.31 -98.72
CA LEU B 215 -4.72 7.42 -99.85
C LEU B 215 -3.35 6.82 -99.62
N LEU B 216 -3.24 5.53 -99.87
CA LEU B 216 -2.00 4.79 -99.62
C LEU B 216 -1.65 4.02 -100.88
N HIS B 217 -0.49 4.32 -101.43
CA HIS B 217 0.06 3.57 -102.58
C HIS B 217 0.98 2.50 -102.06
N LYS B 218 0.70 1.25 -102.47
CA LYS B 218 1.51 0.07 -102.13
C LYS B 218 1.85 -0.68 -103.40
N PRO B 219 3.04 -1.30 -103.47
CA PRO B 219 3.38 -2.12 -104.62
C PRO B 219 2.51 -3.37 -104.65
N THR B 220 2.30 -3.92 -105.84
CA THR B 220 1.50 -5.15 -106.02
C THR B 220 2.07 -6.27 -105.14
N THR B 221 3.39 -6.35 -105.03
CA THR B 221 4.11 -7.25 -104.10
C THR B 221 4.43 -6.48 -102.82
N GLN B 222 3.72 -6.80 -101.73
CA GLN B 222 3.65 -5.92 -100.55
C GLN B 222 3.76 -6.71 -99.26
N ILE B 223 4.22 -6.04 -98.22
CA ILE B 223 4.01 -6.48 -96.83
C ILE B 223 2.53 -6.28 -96.53
N SER B 224 1.80 -7.37 -96.29
CA SER B 224 0.34 -7.32 -96.04
C SER B 224 0.03 -7.26 -94.54
N ASP B 225 0.96 -7.70 -93.70
CA ASP B 225 0.76 -7.79 -92.23
C ASP B 225 2.12 -8.01 -91.58
N PHE B 226 2.29 -7.55 -90.35
CA PHE B 226 3.45 -7.94 -89.52
C PHE B 226 3.10 -7.84 -88.04
N HIS B 227 3.66 -8.77 -87.28
CA HIS B 227 3.45 -8.91 -85.81
C HIS B 227 4.81 -8.89 -85.13
N VAL B 228 4.89 -8.16 -84.01
CA VAL B 228 6.12 -8.08 -83.18
C VAL B 228 5.77 -8.67 -81.82
N ALA B 229 6.58 -9.64 -81.38
CA ALA B 229 6.53 -10.19 -80.00
C ALA B 229 7.87 -10.04 -79.32
N THR B 230 7.89 -10.00 -77.98
CA THR B 230 9.12 -9.96 -77.17
C THR B 230 8.99 -10.97 -76.04
N ARG B 231 9.87 -11.97 -76.06
CA ARG B 231 10.00 -13.00 -75.00
C ARG B 231 11.23 -12.65 -74.17
N PHE B 232 11.20 -13.02 -72.89
CA PHE B 232 12.25 -12.67 -71.91
C PHE B 232 12.72 -13.89 -71.11
N ASN B 233 13.87 -13.74 -70.48
CA ASN B 233 14.37 -14.70 -69.46
C ASN B 233 13.86 -14.21 -68.11
N ASP B 234 14.27 -14.92 -67.06
N ASP B 234 14.22 -14.90 -67.03
CA ASP B 234 13.78 -14.78 -65.66
CA ASP B 234 13.57 -14.68 -65.71
C ASP B 234 13.96 -13.33 -65.18
C ASP B 234 13.93 -13.28 -65.17
N ASP B 235 15.11 -12.73 -65.48
CA ASP B 235 15.53 -11.42 -64.92
C ASP B 235 15.61 -10.36 -66.02
N PHE B 236 14.99 -10.61 -67.16
CA PHE B 236 14.81 -9.60 -68.25
C PHE B 236 16.17 -9.09 -68.71
N SER B 237 17.22 -9.90 -68.58
CA SER B 237 18.60 -9.54 -69.03
C SER B 237 18.83 -9.99 -70.48
N ARG B 238 18.06 -10.97 -70.96
CA ARG B 238 18.08 -11.36 -72.39
C ARG B 238 16.65 -11.38 -72.92
N ALA B 239 16.47 -10.89 -74.15
CA ALA B 239 15.16 -10.89 -74.83
C ALA B 239 15.33 -11.46 -76.23
N VAL B 240 14.24 -11.98 -76.77
CA VAL B 240 14.15 -12.39 -78.19
C VAL B 240 12.98 -11.63 -78.79
N LEU B 241 13.28 -10.80 -79.79
CA LEU B 241 12.23 -10.19 -80.62
C LEU B 241 11.90 -11.13 -81.77
N GLU B 242 10.66 -11.60 -81.82
CA GLU B 242 10.09 -12.34 -82.96
C GLU B 242 9.27 -11.36 -83.81
N ALA B 243 9.52 -11.36 -85.11
CA ALA B 243 8.79 -10.52 -86.06
C ALA B 243 8.25 -11.40 -87.17
N GLU B 244 6.93 -11.59 -87.22
CA GLU B 244 6.28 -12.39 -88.27
C GLU B 244 5.88 -11.42 -89.38
N VAL B 245 6.22 -11.74 -90.61
CA VAL B 245 5.95 -10.84 -91.75
C VAL B 245 5.20 -11.61 -92.82
N GLN B 246 4.08 -11.06 -93.26
CA GLN B 246 3.22 -11.68 -94.29
C GLN B 246 3.24 -10.79 -95.52
N MET B 247 3.05 -11.39 -96.68
CA MET B 247 3.08 -10.63 -97.96
C MET B 247 1.91 -11.05 -98.82
N CYS B 248 1.61 -10.23 -99.83
CA CYS B 248 0.67 -10.54 -100.93
C CYS B 248 1.42 -10.34 -102.23
N GLY B 249 0.80 -10.70 -103.35
CA GLY B 249 1.42 -10.55 -104.68
C GLY B 249 2.21 -11.79 -105.04
N GLU B 250 3.00 -11.72 -106.10
CA GLU B 250 3.65 -12.91 -106.67
C GLU B 250 4.90 -13.22 -105.88
N LEU B 251 4.88 -14.37 -105.20
CA LEU B 251 6.06 -14.95 -104.53
C LEU B 251 7.07 -15.35 -105.58
N ARG B 252 8.30 -14.88 -105.44
CA ARG B 252 9.43 -15.38 -106.24
C ARG B 252 10.55 -15.71 -105.26
N ASP B 253 11.45 -16.57 -105.67
CA ASP B 253 12.52 -17.09 -104.78
C ASP B 253 13.54 -16.00 -104.46
N TYR B 254 13.57 -14.92 -105.22
CA TYR B 254 14.52 -13.80 -105.01
C TYR B 254 14.03 -12.84 -103.92
N LEU B 255 12.78 -12.97 -103.46
CA LEU B 255 12.25 -12.07 -102.42
C LEU B 255 12.92 -12.37 -101.08
N ARG B 256 13.22 -11.32 -100.34
CA ARG B 256 13.85 -11.44 -99.01
C ARG B 256 13.13 -10.48 -98.09
N VAL B 257 13.28 -10.72 -96.80
CA VAL B 257 12.82 -9.76 -95.76
C VAL B 257 13.95 -9.55 -94.79
N THR B 258 14.25 -8.28 -94.56
CA THR B 258 15.14 -7.86 -93.47
C THR B 258 14.28 -7.20 -92.40
N VAL B 259 14.57 -7.53 -91.15
CA VAL B 259 14.04 -6.78 -89.99
C VAL B 259 15.22 -6.31 -89.15
N SER B 260 15.33 -5.00 -89.00
CA SER B 260 16.39 -4.35 -88.21
C SER B 260 15.75 -3.69 -86.99
N LEU B 261 16.47 -3.68 -85.88
CA LEU B 261 16.01 -3.09 -84.61
C LEU B 261 16.99 -1.98 -84.24
N TRP B 262 16.49 -0.76 -84.05
CA TRP B 262 17.30 0.43 -83.71
C TRP B 262 16.91 0.96 -82.33
N GLN B 263 17.83 1.68 -81.70
CA GLN B 263 17.56 2.46 -80.47
C GLN B 263 18.35 3.76 -80.57
N GLY B 264 17.67 4.84 -80.95
CA GLY B 264 18.34 6.06 -81.42
C GLY B 264 19.00 5.77 -82.76
N GLU B 265 20.28 6.12 -82.89
CA GLU B 265 21.06 5.93 -84.15
C GLU B 265 21.84 4.60 -84.14
N THR B 266 21.64 3.79 -83.10
CA THR B 266 22.36 2.52 -82.89
C THR B 266 21.56 1.36 -83.44
N GLN B 267 22.17 0.57 -84.32
CA GLN B 267 21.57 -0.72 -84.76
C GLN B 267 21.90 -1.77 -83.70
N VAL B 268 20.87 -2.34 -83.11
CA VAL B 268 21.02 -3.30 -81.99
C VAL B 268 21.09 -4.72 -82.55
N ALA B 269 20.30 -5.03 -83.57
CA ALA B 269 20.25 -6.38 -84.17
C ALA B 269 19.56 -6.31 -85.53
N SER B 270 19.72 -7.36 -86.31
CA SER B 270 19.19 -7.41 -87.69
C SER B 270 19.28 -8.85 -88.20
N GLY B 271 18.30 -9.23 -89.01
CA GLY B 271 18.24 -10.57 -89.62
C GLY B 271 17.59 -10.48 -90.99
N THR B 272 18.02 -11.36 -91.88
CA THR B 272 17.41 -11.46 -93.23
C THR B 272 17.06 -12.92 -93.51
N ALA B 273 15.96 -13.13 -94.20
CA ALA B 273 15.54 -14.49 -94.58
C ALA B 273 14.69 -14.41 -95.83
N PRO B 274 14.64 -15.50 -96.61
CA PRO B 274 13.64 -15.62 -97.67
C PRO B 274 12.28 -15.95 -97.06
N PHE B 275 11.24 -16.00 -97.87
CA PHE B 275 9.89 -16.43 -97.41
C PHE B 275 9.82 -17.95 -97.24
N GLY B 276 9.05 -18.39 -96.25
CA GLY B 276 8.91 -19.82 -95.92
C GLY B 276 8.95 -20.03 -94.42
N GLY B 277 7.78 -20.23 -93.81
CA GLY B 277 7.66 -20.41 -92.36
C GLY B 277 7.98 -21.83 -91.93
N GLU B 278 7.99 -22.05 -90.61
CA GLU B 278 8.03 -23.38 -89.98
C GLU B 278 6.87 -24.24 -90.50
N ILE B 279 7.09 -25.54 -90.61
CA ILE B 279 5.98 -26.50 -90.85
C ILE B 279 4.89 -26.30 -89.79
N ILE B 280 3.65 -26.22 -90.23
CA ILE B 280 2.50 -25.87 -89.34
C ILE B 280 1.60 -27.10 -89.17
N ASP B 281 1.38 -27.85 -90.23
CA ASP B 281 0.55 -29.07 -90.12
C ASP B 281 0.94 -30.03 -91.24
N GLU B 282 0.11 -31.04 -91.46
CA GLU B 282 0.35 -32.12 -92.44
C GLU B 282 0.55 -31.52 -93.83
N ARG B 283 0.08 -30.29 -94.04
CA ARG B 283 0.01 -29.71 -95.39
C ARG B 283 1.25 -28.86 -95.70
N GLY B 284 2.08 -28.59 -94.70
CA GLY B 284 3.28 -27.76 -94.87
C GLY B 284 3.15 -26.48 -94.07
N GLY B 285 3.77 -25.41 -94.56
CA GLY B 285 3.82 -24.12 -93.85
C GLY B 285 3.36 -22.98 -94.75
N TYR B 286 3.53 -21.77 -94.27
CA TYR B 286 3.13 -20.54 -95.01
C TYR B 286 4.28 -20.11 -95.91
N ALA B 287 4.12 -20.32 -97.22
CA ALA B 287 5.10 -19.89 -98.24
C ALA B 287 5.15 -18.37 -98.29
N ASP B 288 4.08 -17.69 -97.85
CA ASP B 288 3.92 -16.22 -97.99
C ASP B 288 4.19 -15.54 -96.65
N ARG B 289 4.87 -16.20 -95.73
CA ARG B 289 5.27 -15.56 -94.46
C ARG B 289 6.68 -15.99 -94.06
N VAL B 290 7.24 -15.24 -93.13
CA VAL B 290 8.55 -15.59 -92.53
C VAL B 290 8.61 -14.90 -91.18
N THR B 291 9.19 -15.59 -90.20
CA THR B 291 9.41 -15.03 -88.86
C THR B 291 10.91 -14.87 -88.66
N LEU B 292 11.34 -13.68 -88.26
CA LEU B 292 12.74 -13.40 -87.91
C LEU B 292 12.84 -13.26 -86.40
N ARG B 293 13.86 -13.88 -85.82
CA ARG B 293 14.14 -13.82 -84.37
C ARG B 293 15.47 -13.07 -84.16
N LEU B 294 15.41 -11.93 -83.48
CA LEU B 294 16.61 -11.14 -83.09
C LEU B 294 16.90 -11.29 -81.60
N ASN B 295 18.17 -11.49 -81.25
CA ASN B 295 18.59 -11.49 -79.83
C ASN B 295 18.84 -10.06 -79.40
N VAL B 296 18.43 -9.73 -78.18
CA VAL B 296 18.73 -8.42 -77.55
C VAL B 296 19.22 -8.67 -76.12
N GLU B 297 20.45 -8.28 -75.84
CA GLU B 297 21.05 -8.45 -74.49
C GLU B 297 20.87 -7.15 -73.71
N ASN B 298 20.40 -7.28 -72.48
CA ASN B 298 20.16 -6.16 -71.53
C ASN B 298 19.30 -5.09 -72.19
N PRO B 299 18.08 -5.43 -72.65
CA PRO B 299 17.24 -4.42 -73.29
C PRO B 299 16.68 -3.40 -72.30
N LYS B 300 16.64 -2.13 -72.73
CA LYS B 300 15.95 -1.05 -72.00
C LYS B 300 14.44 -1.34 -72.02
N LEU B 301 13.84 -1.44 -70.83
CA LEU B 301 12.45 -1.95 -70.68
C LEU B 301 11.48 -0.79 -70.71
N TRP B 302 10.33 -1.04 -71.33
CA TRP B 302 9.21 -0.09 -71.46
C TRP B 302 8.35 -0.14 -70.22
N SER B 303 7.98 1.03 -69.72
CA SER B 303 6.98 1.18 -68.64
C SER B 303 6.33 2.55 -68.78
N ALA B 304 5.36 2.85 -67.94
CA ALA B 304 4.77 4.20 -67.86
C ALA B 304 5.72 5.13 -67.10
N GLU B 305 6.63 4.56 -66.31
CA GLU B 305 7.61 5.32 -65.50
C GLU B 305 8.80 5.72 -66.39
N ILE B 306 9.25 4.84 -67.29
CA ILE B 306 10.30 5.12 -68.31
C ILE B 306 9.95 4.46 -69.62
N PRO B 307 9.32 5.19 -70.56
CA PRO B 307 8.89 4.59 -71.83
C PRO B 307 10.00 4.45 -72.89
N ASN B 308 11.01 3.65 -72.58
CA ASN B 308 12.11 3.26 -73.52
C ASN B 308 11.50 2.64 -74.77
N LEU B 309 11.85 3.15 -75.94
CA LEU B 309 11.37 2.59 -77.23
C LEU B 309 12.55 2.20 -78.09
N TYR B 310 12.39 1.12 -78.82
CA TYR B 310 13.20 0.77 -80.00
C TYR B 310 12.36 1.07 -81.24
N ARG B 311 12.97 0.99 -82.41
CA ARG B 311 12.21 1.03 -83.68
C ARG B 311 12.59 -0.19 -84.51
N ALA B 312 11.57 -0.91 -84.98
CA ALA B 312 11.72 -2.07 -85.88
C ALA B 312 11.39 -1.64 -87.29
N VAL B 313 12.33 -1.88 -88.20
CA VAL B 313 12.11 -1.58 -89.63
C VAL B 313 11.96 -2.91 -90.34
N VAL B 314 10.94 -2.99 -91.21
CA VAL B 314 10.66 -4.20 -92.02
C VAL B 314 10.83 -3.81 -93.49
N GLU B 315 11.90 -4.30 -94.10
CA GLU B 315 12.18 -4.04 -95.53
C GLU B 315 11.82 -5.32 -96.28
N LEU B 316 11.01 -5.16 -97.31
CA LEU B 316 10.77 -6.19 -98.34
C LEU B 316 11.61 -5.84 -99.56
N HIS B 317 12.56 -6.70 -99.90
CA HIS B 317 13.57 -6.46 -100.95
C HIS B 317 13.92 -7.75 -101.68
N THR B 318 14.59 -7.58 -102.81
CA THR B 318 15.10 -8.71 -103.62
C THR B 318 16.46 -9.11 -103.07
N ALA B 319 17.02 -10.19 -103.58
CA ALA B 319 18.32 -10.73 -103.12
C ALA B 319 19.45 -9.76 -103.52
N ASP B 320 19.34 -9.11 -104.68
CA ASP B 320 20.38 -8.16 -105.17
C ASP B 320 20.28 -6.83 -104.41
N GLY B 321 19.28 -6.65 -103.52
CA GLY B 321 19.20 -5.50 -102.59
C GLY B 321 18.09 -4.51 -102.91
N THR B 322 17.56 -4.54 -104.12
CA THR B 322 16.50 -3.57 -104.53
C THR B 322 15.38 -3.61 -103.50
N LEU B 323 15.10 -2.47 -102.87
CA LEU B 323 13.98 -2.33 -101.92
C LEU B 323 12.68 -2.31 -102.73
N ILE B 324 11.65 -2.95 -102.20
CA ILE B 324 10.28 -2.95 -102.80
C ILE B 324 9.44 -2.01 -101.93
N GLU B 325 9.50 -2.22 -100.62
CA GLU B 325 8.87 -1.28 -99.67
C GLU B 325 9.33 -1.60 -98.26
N ALA B 326 9.15 -0.63 -97.37
CA ALA B 326 9.47 -0.79 -95.94
C ALA B 326 8.29 -0.31 -95.10
N GLU B 327 8.02 -1.05 -94.01
CA GLU B 327 7.12 -0.58 -92.94
C GLU B 327 7.93 -0.57 -91.64
N ALA B 328 7.41 0.10 -90.63
CA ALA B 328 8.09 0.22 -89.33
C ALA B 328 7.10 0.50 -88.21
N CYS B 329 7.58 0.31 -86.99
CA CYS B 329 6.81 0.62 -85.77
C CYS B 329 7.76 0.79 -84.58
N ASP B 330 7.27 1.51 -83.58
CA ASP B 330 7.94 1.61 -82.28
C ASP B 330 7.79 0.26 -81.59
N VAL B 331 8.81 -0.13 -80.86
CA VAL B 331 8.81 -1.38 -80.07
C VAL B 331 9.05 -1.00 -78.62
N GLY B 332 8.29 -1.59 -77.72
CA GLY B 332 8.54 -1.49 -76.27
C GLY B 332 8.76 -2.86 -75.69
N PHE B 333 9.94 -3.11 -75.12
CA PHE B 333 10.25 -4.39 -74.46
C PHE B 333 9.51 -4.42 -73.13
N ARG B 334 8.38 -5.12 -73.11
CA ARG B 334 7.49 -5.23 -71.93
C ARG B 334 6.93 -6.64 -71.90
N GLU B 335 6.74 -7.16 -70.69
CA GLU B 335 6.03 -8.44 -70.47
C GLU B 335 4.86 -8.16 -69.55
N VAL B 336 3.68 -8.67 -69.93
CA VAL B 336 2.46 -8.54 -69.11
C VAL B 336 1.91 -9.94 -68.89
N ARG B 337 2.10 -10.46 -67.69
CA ARG B 337 1.55 -11.77 -67.29
C ARG B 337 0.62 -11.53 -66.12
N ILE B 338 -0.26 -12.48 -65.87
CA ILE B 338 -0.92 -12.59 -64.55
C ILE B 338 -0.37 -13.85 -63.92
N GLU B 339 0.32 -13.70 -62.80
CA GLU B 339 0.93 -14.85 -62.10
C GLU B 339 0.59 -14.75 -60.62
N ASN B 340 0.08 -15.87 -60.09
CA ASN B 340 -0.31 -16.03 -58.67
C ASN B 340 -1.24 -14.87 -58.29
N GLY B 341 -2.28 -14.64 -59.10
CA GLY B 341 -3.35 -13.68 -58.76
C GLY B 341 -2.98 -12.23 -58.99
N LEU B 342 -1.78 -11.93 -59.47
CA LEU B 342 -1.34 -10.52 -59.62
C LEU B 342 -1.07 -10.18 -61.08
N LEU B 343 -1.42 -8.96 -61.45
CA LEU B 343 -1.08 -8.37 -62.77
C LEU B 343 0.35 -7.86 -62.70
N LEU B 344 1.25 -8.45 -63.50
CA LEU B 344 2.70 -8.19 -63.48
C LEU B 344 3.10 -7.50 -64.78
N LEU B 345 3.83 -6.41 -64.64
CA LEU B 345 4.55 -5.79 -65.76
C LEU B 345 6.03 -5.92 -65.47
N ASN B 346 6.75 -6.65 -66.31
CA ASN B 346 8.20 -6.91 -66.14
C ASN B 346 8.42 -7.48 -64.74
N GLY B 347 7.53 -8.36 -64.28
CA GLY B 347 7.76 -9.15 -63.06
C GLY B 347 7.44 -8.39 -61.79
N LYS B 348 6.97 -7.14 -61.91
CA LYS B 348 6.52 -6.34 -60.74
C LYS B 348 5.02 -6.13 -60.82
N PRO B 349 4.30 -6.21 -59.69
CA PRO B 349 2.86 -5.96 -59.70
C PRO B 349 2.52 -4.47 -59.92
N LEU B 350 1.77 -4.19 -60.98
CA LEU B 350 1.23 -2.84 -61.26
C LEU B 350 0.25 -2.45 -60.15
N LEU B 351 0.20 -1.15 -59.87
CA LEU B 351 -0.93 -0.52 -59.14
C LEU B 351 -1.50 0.54 -60.07
N ILE B 352 -2.66 0.25 -60.65
CA ILE B 352 -3.25 1.02 -61.78
C ILE B 352 -3.83 2.32 -61.23
N ARG B 353 -3.14 3.42 -61.44
CA ARG B 353 -3.67 4.79 -61.30
C ARG B 353 -4.29 5.16 -62.64
N GLY B 354 -5.49 4.66 -62.89
CA GLY B 354 -6.11 4.80 -64.22
C GLY B 354 -7.27 5.78 -64.26
N VAL B 355 -7.68 6.06 -65.49
CA VAL B 355 -8.89 6.88 -65.77
C VAL B 355 -9.48 6.43 -67.09
N ASN B 356 -10.79 6.55 -67.21
CA ASN B 356 -11.51 6.37 -68.50
C ASN B 356 -11.46 7.67 -69.27
N ARG B 357 -11.28 7.58 -70.59
CA ARG B 357 -11.22 8.79 -71.43
C ARG B 357 -12.01 8.55 -72.71
N HIS B 358 -13.06 9.35 -72.88
CA HIS B 358 -13.81 9.46 -74.15
C HIS B 358 -13.07 10.41 -75.08
N GLU B 359 -13.26 10.22 -76.38
CA GLU B 359 -12.75 11.17 -77.38
C GLU B 359 -13.80 12.27 -77.56
N HIS B 360 -13.60 13.39 -76.87
CA HIS B 360 -14.60 14.49 -76.81
C HIS B 360 -13.95 15.87 -76.79
N HIS B 361 -14.50 16.75 -77.60
CA HIS B 361 -14.03 18.16 -77.73
C HIS B 361 -15.27 19.02 -77.73
N PRO B 362 -15.37 20.05 -76.86
CA PRO B 362 -16.59 20.82 -76.72
C PRO B 362 -17.03 21.46 -78.05
N LEU B 363 -16.08 21.68 -78.98
CA LEU B 363 -16.39 22.34 -80.27
C LEU B 363 -16.40 21.36 -81.44
N HIS B 364 -15.49 20.41 -81.46
CA HIS B 364 -15.32 19.50 -82.61
C HIS B 364 -15.97 18.14 -82.38
N GLY B 365 -16.68 17.98 -81.26
CA GLY B 365 -17.49 16.78 -80.97
C GLY B 365 -16.60 15.57 -80.73
N GLN B 366 -16.52 14.67 -81.71
CA GLN B 366 -15.81 13.39 -81.50
C GLN B 366 -14.61 13.31 -82.44
N VAL B 367 -14.22 14.45 -83.00
CA VAL B 367 -12.99 14.56 -83.84
C VAL B 367 -11.83 14.86 -82.90
N MET B 368 -10.79 14.04 -82.94
CA MET B 368 -9.60 14.21 -82.08
C MET B 368 -8.47 14.82 -82.88
N ASP B 369 -7.60 15.53 -82.18
CA ASP B 369 -6.43 16.23 -82.75
C ASP B 369 -5.22 15.95 -81.85
N GLU B 370 -4.03 16.16 -82.38
CA GLU B 370 -2.79 15.95 -81.61
C GLU B 370 -2.74 16.90 -80.41
N GLN B 371 -3.09 18.18 -80.59
CA GLN B 371 -2.90 19.22 -79.55
C GLN B 371 -3.67 18.80 -78.29
N THR B 372 -4.89 18.29 -78.43
CA THR B 372 -5.72 17.93 -77.24
C THR B 372 -5.29 16.56 -76.68
N MET B 373 -4.91 15.62 -77.54
CA MET B 373 -4.42 14.31 -77.07
C MET B 373 -3.21 14.56 -76.16
N VAL B 374 -2.32 15.46 -76.58
CA VAL B 374 -1.11 15.71 -75.77
C VAL B 374 -1.52 16.45 -74.50
N GLN B 375 -2.42 17.41 -74.62
CA GLN B 375 -2.90 18.18 -73.44
C GLN B 375 -3.40 17.18 -72.41
N ASP B 376 -4.15 16.19 -72.88
CA ASP B 376 -4.78 15.18 -72.00
C ASP B 376 -3.69 14.38 -71.31
N ILE B 377 -2.75 13.86 -72.11
CA ILE B 377 -1.67 12.98 -71.59
C ILE B 377 -0.81 13.73 -70.56
N LEU B 378 -0.51 15.00 -70.84
CA LEU B 378 0.30 15.82 -69.92
C LEU B 378 -0.44 15.97 -68.60
N LEU B 379 -1.72 16.36 -68.66
CA LEU B 379 -2.53 16.61 -67.44
C LEU B 379 -2.70 15.31 -66.63
N MET B 380 -2.87 14.19 -67.30
CA MET B 380 -3.02 12.89 -66.61
C MET B 380 -1.72 12.58 -65.85
N LYS B 381 -0.60 12.57 -66.55
CA LYS B 381 0.70 12.22 -65.95
C LYS B 381 1.10 13.24 -64.88
N GLN B 382 0.69 14.50 -65.02
CA GLN B 382 1.00 15.55 -64.00
C GLN B 382 0.13 15.34 -62.75
N ASN B 383 -0.98 14.61 -62.85
CA ASN B 383 -1.84 14.26 -61.69
C ASN B 383 -1.71 12.77 -61.34
N ASN B 384 -0.55 12.19 -61.64
CA ASN B 384 -0.15 10.87 -61.09
C ASN B 384 -1.06 9.76 -61.62
N PHE B 385 -1.55 9.92 -62.85
CA PHE B 385 -2.21 8.82 -63.60
C PHE B 385 -1.13 8.13 -64.42
N ASN B 386 -1.20 6.80 -64.43
CA ASN B 386 -0.23 5.95 -65.16
C ASN B 386 -0.94 5.08 -66.18
N ALA B 387 -2.27 5.15 -66.29
CA ALA B 387 -3.02 4.27 -67.21
C ALA B 387 -4.35 4.89 -67.63
N VAL B 388 -4.80 4.46 -68.80
CA VAL B 388 -6.04 4.99 -69.42
C VAL B 388 -6.79 3.85 -70.13
N ARG B 389 -8.12 3.87 -70.01
CA ARG B 389 -9.02 2.89 -70.63
C ARG B 389 -9.77 3.57 -71.76
N CYS B 390 -9.64 3.03 -72.97
CA CYS B 390 -10.28 3.56 -74.20
C CYS B 390 -11.76 3.22 -74.16
N SER B 391 -12.51 4.00 -73.40
CA SER B 391 -13.97 3.81 -73.19
C SER B 391 -14.73 4.52 -74.31
N HIS B 392 -15.47 3.77 -75.13
CA HIS B 392 -15.55 2.32 -75.10
C HIS B 392 -15.42 1.82 -76.54
N TYR B 393 -14.25 2.03 -77.11
CA TYR B 393 -14.01 1.82 -78.55
C TYR B 393 -12.53 2.02 -78.82
N PRO B 394 -12.02 1.50 -79.96
CA PRO B 394 -10.68 1.85 -80.41
C PRO B 394 -10.61 3.35 -80.67
N ASN B 395 -9.43 3.92 -80.40
CA ASN B 395 -9.19 5.38 -80.45
C ASN B 395 -8.54 5.72 -81.79
N HIS B 396 -8.43 7.02 -82.03
CA HIS B 396 -7.71 7.57 -83.18
C HIS B 396 -6.31 6.94 -83.13
N PRO B 397 -5.78 6.44 -84.26
CA PRO B 397 -4.50 5.70 -84.21
C PRO B 397 -3.36 6.42 -83.47
N LEU B 398 -3.36 7.75 -83.52
CA LEU B 398 -2.24 8.57 -82.98
C LEU B 398 -2.17 8.38 -81.47
N TRP B 399 -3.32 8.14 -80.84
CA TRP B 399 -3.42 8.02 -79.36
C TRP B 399 -2.41 6.98 -78.86
N TYR B 400 -2.40 5.80 -79.47
CA TYR B 400 -1.55 4.66 -79.04
C TYR B 400 -0.07 5.03 -79.23
N THR B 401 0.22 5.83 -80.26
CA THR B 401 1.61 6.31 -80.50
C THR B 401 2.03 7.25 -79.36
N LEU B 402 1.14 8.16 -78.96
CA LEU B 402 1.47 9.16 -77.92
C LEU B 402 1.62 8.46 -76.58
N CYS B 403 0.77 7.48 -76.25
CA CYS B 403 0.91 6.70 -74.98
C CYS B 403 2.16 5.83 -75.04
N ASP B 404 2.51 5.33 -76.22
CA ASP B 404 3.78 4.58 -76.39
C ASP B 404 4.94 5.49 -75.95
N ARG B 405 4.91 6.75 -76.36
CA ARG B 405 6.08 7.64 -76.23
C ARG B 405 6.08 8.34 -74.87
N TYR B 406 4.94 8.89 -74.43
CA TYR B 406 4.84 9.61 -73.15
C TYR B 406 4.82 8.62 -71.98
N GLY B 407 4.27 7.41 -72.20
CA GLY B 407 4.22 6.34 -71.18
C GLY B 407 2.90 6.31 -70.43
N LEU B 408 1.91 5.61 -70.97
CA LEU B 408 0.65 5.26 -70.27
C LEU B 408 0.27 3.83 -70.63
N TYR B 409 -0.14 3.05 -69.63
CA TYR B 409 -0.74 1.72 -69.87
C TYR B 409 -2.14 1.94 -70.45
N VAL B 410 -2.43 1.24 -71.54
CA VAL B 410 -3.70 1.41 -72.28
C VAL B 410 -4.52 0.13 -72.18
N VAL B 411 -5.81 0.30 -71.90
CA VAL B 411 -6.82 -0.76 -72.13
C VAL B 411 -7.49 -0.47 -73.48
N ASP B 412 -7.25 -1.34 -74.45
CA ASP B 412 -7.83 -1.21 -75.79
C ASP B 412 -9.15 -1.97 -75.79
N GLU B 413 -10.25 -1.23 -75.98
CA GLU B 413 -11.62 -1.77 -75.83
C GLU B 413 -12.28 -1.85 -77.21
N ALA B 414 -12.90 -2.98 -77.50
CA ALA B 414 -13.69 -3.18 -78.73
C ALA B 414 -14.92 -2.27 -78.70
N ASN B 415 -15.36 -1.87 -79.88
CA ASN B 415 -16.53 -0.98 -80.04
C ASN B 415 -17.79 -1.84 -79.97
N ILE B 416 -18.07 -2.40 -78.79
CA ILE B 416 -19.32 -3.17 -78.54
C ILE B 416 -19.98 -2.70 -77.24
N GLU B 417 -21.16 -2.11 -77.34
CA GLU B 417 -22.03 -1.83 -76.17
C GLU B 417 -23.50 -1.96 -76.57
N THR B 418 -24.19 -2.84 -75.86
CA THR B 418 -25.61 -3.16 -76.12
C THR B 418 -26.40 -2.89 -74.85
N HIS B 419 -26.06 -1.80 -74.16
CA HIS B 419 -26.60 -1.45 -72.82
C HIS B 419 -28.12 -1.43 -72.83
N GLY B 420 -28.73 -0.91 -73.90
CA GLY B 420 -30.18 -0.66 -73.92
C GLY B 420 -30.99 -1.90 -74.24
N MET B 421 -30.37 -3.02 -74.59
CA MET B 421 -31.14 -4.28 -74.80
C MET B 421 -31.76 -4.72 -73.47
N VAL B 422 -32.86 -5.44 -73.56
CA VAL B 422 -33.49 -6.08 -72.38
C VAL B 422 -33.60 -7.55 -72.71
N PRO B 423 -32.89 -8.44 -72.01
CA PRO B 423 -31.84 -8.04 -71.08
C PRO B 423 -30.59 -7.55 -71.82
N MET B 424 -29.56 -7.12 -71.10
CA MET B 424 -28.34 -6.57 -71.73
C MET B 424 -27.68 -7.66 -72.59
N ASN B 425 -28.02 -8.91 -72.29
CA ASN B 425 -27.52 -10.16 -72.93
C ASN B 425 -28.05 -10.37 -74.36
N ARG B 426 -29.10 -9.66 -74.77
CA ARG B 426 -30.01 -10.14 -75.84
C ARG B 426 -29.23 -10.40 -77.15
N LEU B 427 -28.36 -9.49 -77.58
CA LEU B 427 -27.65 -9.67 -78.86
C LEU B 427 -26.33 -10.43 -78.66
N THR B 428 -25.67 -10.27 -77.52
CA THR B 428 -24.32 -10.84 -77.28
C THR B 428 -24.40 -12.34 -76.98
N ASP B 429 -25.59 -12.86 -76.69
CA ASP B 429 -25.80 -14.32 -76.47
C ASP B 429 -26.37 -14.96 -77.74
N ASP B 430 -26.70 -14.14 -78.74
CA ASP B 430 -27.33 -14.62 -80.00
C ASP B 430 -26.23 -14.92 -81.03
N PRO B 431 -26.13 -16.17 -81.53
CA PRO B 431 -25.12 -16.52 -82.53
C PRO B 431 -25.23 -15.74 -83.84
N ARG B 432 -26.43 -15.26 -84.18
CA ARG B 432 -26.60 -14.44 -85.40
C ARG B 432 -25.87 -13.10 -85.27
N TRP B 433 -25.50 -12.67 -84.07
CA TRP B 433 -24.73 -11.40 -83.90
C TRP B 433 -23.24 -11.63 -83.66
N LEU B 434 -22.81 -12.89 -83.66
CA LEU B 434 -21.39 -13.25 -83.42
C LEU B 434 -20.55 -12.75 -84.60
N PRO B 435 -20.97 -12.86 -85.87
CA PRO B 435 -20.20 -12.24 -86.95
C PRO B 435 -19.92 -10.73 -86.77
N ALA B 436 -20.97 -9.94 -86.54
CA ALA B 436 -20.82 -8.49 -86.34
C ALA B 436 -19.88 -8.22 -85.17
N MET B 437 -20.02 -8.99 -84.10
CA MET B 437 -19.23 -8.78 -82.87
C MET B 437 -17.79 -9.21 -83.10
N SER B 438 -17.55 -10.26 -83.87
CA SER B 438 -16.17 -10.78 -84.00
C SER B 438 -15.34 -9.75 -84.79
N GLU B 439 -15.93 -9.13 -85.81
CA GLU B 439 -15.20 -8.12 -86.62
C GLU B 439 -14.80 -6.91 -85.75
N ARG B 440 -15.55 -6.60 -84.70
CA ARG B 440 -15.22 -5.42 -83.86
C ARG B 440 -14.12 -5.80 -82.86
N VAL B 441 -14.01 -7.08 -82.50
CA VAL B 441 -12.94 -7.54 -81.59
C VAL B 441 -11.67 -7.84 -82.42
N THR B 442 -11.81 -8.62 -83.48
CA THR B 442 -10.65 -9.16 -84.24
C THR B 442 -9.93 -8.01 -84.95
N ARG B 443 -10.69 -7.08 -85.56
N ARG B 443 -10.67 -7.08 -85.56
CA ARG B 443 -10.09 -6.00 -86.38
CA ARG B 443 -10.07 -6.00 -86.38
C ARG B 443 -9.37 -4.99 -85.47
C ARG B 443 -9.39 -4.98 -85.48
N MET B 444 -9.77 -4.91 -84.20
CA MET B 444 -9.06 -4.08 -83.21
C MET B 444 -7.70 -4.72 -82.97
N VAL B 445 -7.68 -6.00 -82.65
CA VAL B 445 -6.41 -6.70 -82.34
C VAL B 445 -5.46 -6.58 -83.53
N GLN B 446 -5.98 -6.71 -84.75
CA GLN B 446 -5.10 -6.71 -85.95
C GLN B 446 -4.47 -5.36 -86.17
N ARG B 447 -5.18 -4.29 -85.85
CA ARG B 447 -4.64 -2.91 -85.97
C ARG B 447 -3.66 -2.56 -84.84
N ASP B 448 -3.96 -2.86 -83.57
CA ASP B 448 -3.27 -2.25 -82.40
C ASP B 448 -2.30 -3.20 -81.70
N ARG B 449 -2.13 -4.43 -82.20
CA ARG B 449 -1.37 -5.53 -81.55
C ARG B 449 0.10 -5.16 -81.36
N ASN B 450 0.65 -4.24 -82.14
CA ASN B 450 2.11 -3.94 -82.07
C ASN B 450 2.42 -2.80 -81.08
N HIS B 451 1.42 -2.15 -80.49
CA HIS B 451 1.64 -0.99 -79.58
C HIS B 451 1.97 -1.46 -78.16
N PRO B 452 3.18 -1.17 -77.61
CA PRO B 452 3.50 -1.56 -76.24
C PRO B 452 2.58 -0.93 -75.18
N SER B 453 2.02 0.25 -75.46
CA SER B 453 1.18 0.97 -74.46
C SER B 453 -0.06 0.15 -74.16
N VAL B 454 -0.56 -0.60 -75.14
CA VAL B 454 -1.72 -1.51 -74.93
C VAL B 454 -1.24 -2.72 -74.13
N ILE B 455 -1.75 -2.90 -72.92
CA ILE B 455 -1.32 -4.05 -72.06
C ILE B 455 -2.49 -5.02 -71.88
N ILE B 456 -3.73 -4.57 -72.08
CA ILE B 456 -4.97 -5.36 -71.76
C ILE B 456 -6.00 -5.12 -72.84
N TRP B 457 -6.55 -6.19 -73.39
CA TRP B 457 -7.68 -6.13 -74.35
C TRP B 457 -9.01 -6.17 -73.58
N SER B 458 -9.99 -5.44 -74.07
CA SER B 458 -11.35 -5.45 -73.49
C SER B 458 -12.37 -5.81 -74.57
N LEU B 459 -13.33 -6.67 -74.24
CA LEU B 459 -14.35 -7.16 -75.21
C LEU B 459 -15.50 -6.18 -75.33
N GLY B 460 -15.38 -5.00 -74.72
CA GLY B 460 -16.42 -3.95 -74.84
C GLY B 460 -16.93 -3.58 -73.49
N ASN B 461 -18.17 -3.11 -73.45
CA ASN B 461 -18.71 -2.47 -72.24
C ASN B 461 -20.19 -2.78 -72.17
N GLU B 462 -20.67 -3.04 -70.97
CA GLU B 462 -22.12 -3.05 -70.60
C GLU B 462 -22.90 -3.70 -71.73
N SER B 463 -22.68 -4.99 -71.93
CA SER B 463 -23.47 -5.76 -72.91
C SER B 463 -23.85 -7.11 -72.32
N GLY B 464 -24.07 -7.17 -71.00
CA GLY B 464 -24.34 -8.43 -70.31
C GLY B 464 -23.19 -9.40 -70.51
N HIS B 465 -23.45 -10.70 -70.37
CA HIS B 465 -22.46 -11.75 -70.71
C HIS B 465 -23.09 -12.81 -71.59
N GLY B 466 -22.85 -12.74 -72.89
CA GLY B 466 -23.33 -13.75 -73.85
C GLY B 466 -22.24 -14.76 -74.19
N ALA B 467 -22.64 -15.86 -74.83
CA ALA B 467 -21.71 -16.91 -75.30
C ALA B 467 -20.75 -16.33 -76.34
N ASN B 468 -21.15 -15.29 -77.08
CA ASN B 468 -20.25 -14.64 -78.07
C ASN B 468 -19.06 -14.04 -77.33
N HIS B 469 -19.27 -13.55 -76.10
CA HIS B 469 -18.18 -12.99 -75.26
C HIS B 469 -17.16 -14.09 -74.97
N ASP B 470 -17.62 -15.28 -74.59
CA ASP B 470 -16.71 -16.40 -74.27
C ASP B 470 -15.94 -16.80 -75.53
N ALA B 471 -16.60 -16.81 -76.68
CA ALA B 471 -15.96 -17.20 -77.96
C ALA B 471 -14.82 -16.23 -78.27
N LEU B 472 -15.09 -14.94 -78.17
CA LEU B 472 -14.14 -13.89 -78.61
C LEU B 472 -13.08 -13.70 -77.56
N TYR B 473 -13.38 -13.99 -76.29
CA TYR B 473 -12.34 -14.04 -75.24
C TYR B 473 -11.29 -15.06 -75.67
N ARG B 474 -11.71 -16.28 -76.01
N ARG B 474 -11.72 -16.27 -76.02
CA ARG B 474 -10.77 -17.38 -76.36
CA ARG B 474 -10.78 -17.38 -76.35
C ARG B 474 -10.06 -17.07 -77.68
C ARG B 474 -10.07 -17.09 -77.67
N TRP B 475 -10.72 -16.36 -78.59
CA TRP B 475 -10.07 -15.96 -79.87
C TRP B 475 -8.85 -15.09 -79.56
N ILE B 476 -9.01 -14.11 -78.68
CA ILE B 476 -7.89 -13.19 -78.35
C ILE B 476 -6.77 -13.98 -77.66
N LYS B 477 -7.13 -14.85 -76.72
CA LYS B 477 -6.12 -15.64 -75.99
C LYS B 477 -5.29 -16.43 -77.01
N SER B 478 -5.94 -17.01 -78.02
CA SER B 478 -5.28 -17.92 -78.98
C SER B 478 -4.36 -17.11 -79.87
N VAL B 479 -4.82 -15.97 -80.35
CA VAL B 479 -4.05 -15.21 -81.38
C VAL B 479 -3.08 -14.20 -80.75
N ASP B 480 -3.25 -13.82 -79.48
CA ASP B 480 -2.29 -12.93 -78.77
C ASP B 480 -2.24 -13.31 -77.30
N PRO B 481 -1.33 -14.20 -76.90
CA PRO B 481 -1.19 -14.57 -75.49
C PRO B 481 -0.44 -13.50 -74.66
N SER B 482 0.12 -12.48 -75.30
CA SER B 482 1.00 -11.47 -74.65
C SER B 482 0.18 -10.52 -73.77
N ARG B 483 -1.15 -10.50 -73.88
CA ARG B 483 -1.98 -9.54 -73.12
C ARG B 483 -3.18 -10.23 -72.46
N PRO B 484 -3.46 -9.95 -71.17
CA PRO B 484 -4.70 -10.40 -70.56
C PRO B 484 -5.91 -9.79 -71.28
N VAL B 485 -7.06 -10.44 -71.12
CA VAL B 485 -8.37 -9.95 -71.64
C VAL B 485 -9.26 -9.68 -70.44
N GLN B 486 -10.01 -8.59 -70.49
CA GLN B 486 -10.96 -8.24 -69.40
C GLN B 486 -12.30 -7.91 -70.02
N TYR B 487 -13.34 -8.14 -69.24
CA TYR B 487 -14.72 -7.72 -69.61
C TYR B 487 -15.57 -7.70 -68.34
N GLU B 488 -16.29 -6.59 -68.13
CA GLU B 488 -17.04 -6.32 -66.88
C GLU B 488 -18.44 -6.93 -66.96
N GLY B 489 -18.97 -7.14 -68.17
CA GLY B 489 -20.40 -7.45 -68.34
C GLY B 489 -20.78 -8.72 -67.63
N GLY B 490 -22.04 -8.84 -67.21
CA GLY B 490 -22.57 -10.05 -66.55
C GLY B 490 -21.94 -10.33 -65.21
N GLY B 491 -21.62 -9.31 -64.41
CA GLY B 491 -21.24 -9.50 -63.00
C GLY B 491 -19.77 -9.30 -62.71
N ALA B 492 -18.99 -8.92 -63.73
CA ALA B 492 -17.57 -8.50 -63.63
C ALA B 492 -16.61 -9.67 -63.41
N ASP B 493 -17.09 -10.90 -63.22
CA ASP B 493 -16.21 -12.05 -62.88
C ASP B 493 -16.60 -13.26 -63.72
N THR B 494 -17.07 -13.02 -64.94
CA THR B 494 -17.51 -14.10 -65.84
C THR B 494 -16.30 -14.90 -66.33
N THR B 495 -16.59 -15.92 -67.14
CA THR B 495 -15.59 -16.78 -67.82
C THR B 495 -14.86 -16.00 -68.90
N ALA B 496 -15.27 -14.78 -69.22
CA ALA B 496 -14.68 -13.99 -70.34
C ALA B 496 -13.83 -12.84 -69.80
N THR B 497 -13.27 -12.97 -68.59
CA THR B 497 -12.39 -11.93 -68.00
C THR B 497 -11.25 -12.59 -67.21
N ASP B 498 -10.03 -12.11 -67.41
CA ASP B 498 -8.83 -12.56 -66.65
C ASP B 498 -8.69 -11.71 -65.39
N ILE B 499 -9.45 -10.63 -65.31
CA ILE B 499 -9.41 -9.65 -64.19
C ILE B 499 -10.83 -9.42 -63.67
N ILE B 500 -11.00 -9.42 -62.37
CA ILE B 500 -12.28 -8.97 -61.77
C ILE B 500 -12.34 -7.46 -61.96
N CYS B 501 -13.16 -6.99 -62.90
CA CYS B 501 -13.19 -5.56 -63.30
C CYS B 501 -14.58 -4.99 -63.05
N PRO B 502 -15.03 -4.90 -61.80
CA PRO B 502 -16.33 -4.32 -61.56
C PRO B 502 -16.34 -2.83 -61.90
N MET B 503 -17.55 -2.28 -62.00
CA MET B 503 -17.77 -0.84 -62.09
C MET B 503 -18.59 -0.41 -60.87
N TYR B 504 -18.02 0.47 -60.06
CA TYR B 504 -18.64 1.11 -58.87
C TYR B 504 -18.83 0.11 -57.73
N ALA B 505 -18.05 -0.95 -57.67
CA ALA B 505 -18.00 -1.78 -56.46
C ALA B 505 -17.41 -0.95 -55.33
N ARG B 506 -18.04 -0.95 -54.16
CA ARG B 506 -17.64 -0.10 -53.03
C ARG B 506 -16.61 -0.86 -52.20
N VAL B 507 -15.94 -0.14 -51.33
CA VAL B 507 -14.73 -0.66 -50.64
C VAL B 507 -15.16 -1.66 -49.57
N ASP B 508 -16.11 -1.29 -48.71
CA ASP B 508 -16.50 -2.09 -47.53
C ASP B 508 -17.95 -2.54 -47.65
N GLU B 509 -18.81 -1.78 -48.34
CA GLU B 509 -20.27 -2.06 -48.37
C GLU B 509 -20.56 -2.95 -49.58
N ASP B 510 -21.34 -4.02 -49.35
CA ASP B 510 -21.88 -4.91 -50.41
C ASP B 510 -23.13 -4.28 -51.01
N GLN B 511 -23.30 -4.42 -52.32
CA GLN B 511 -24.58 -4.15 -53.04
C GLN B 511 -25.02 -5.45 -53.71
N PRO B 512 -25.83 -6.29 -53.02
CA PRO B 512 -26.09 -7.65 -53.49
C PRO B 512 -27.26 -7.71 -54.47
N PHE B 513 -27.10 -7.04 -55.61
CA PHE B 513 -28.05 -7.10 -56.74
C PHE B 513 -28.21 -8.55 -57.17
N PRO B 514 -29.45 -9.01 -57.48
CA PRO B 514 -29.62 -10.35 -58.04
C PRO B 514 -28.87 -10.53 -59.36
N ALA B 515 -28.34 -11.75 -59.57
CA ALA B 515 -27.58 -12.22 -60.77
C ALA B 515 -26.22 -11.50 -60.85
N VAL B 516 -26.19 -10.19 -60.68
CA VAL B 516 -25.00 -9.35 -60.99
C VAL B 516 -24.58 -8.53 -59.77
N PRO B 517 -24.29 -9.16 -58.60
CA PRO B 517 -23.94 -8.39 -57.41
C PRO B 517 -22.61 -7.63 -57.56
N LYS B 518 -22.54 -6.50 -56.88
CA LYS B 518 -21.31 -5.70 -56.68
C LYS B 518 -20.87 -5.90 -55.23
N TRP B 519 -20.01 -6.89 -55.04
CA TRP B 519 -19.47 -7.16 -53.69
C TRP B 519 -18.50 -6.04 -53.33
N SER B 520 -18.37 -5.77 -52.04
CA SER B 520 -17.16 -5.17 -51.43
C SER B 520 -15.95 -5.70 -52.19
N ILE B 521 -15.10 -4.81 -52.68
CA ILE B 521 -13.87 -5.26 -53.41
C ILE B 521 -13.01 -6.14 -52.49
N LYS B 522 -13.00 -5.87 -51.18
CA LYS B 522 -12.18 -6.66 -50.24
C LYS B 522 -12.79 -8.06 -50.03
N LYS B 523 -14.10 -8.13 -49.94
CA LYS B 523 -14.81 -9.42 -49.82
C LYS B 523 -14.66 -10.20 -51.12
N TRP B 524 -14.83 -9.52 -52.25
CA TRP B 524 -14.85 -10.14 -53.60
C TRP B 524 -13.62 -11.03 -53.81
N LEU B 525 -12.44 -10.54 -53.39
CA LEU B 525 -11.17 -11.27 -53.58
C LEU B 525 -11.25 -12.67 -52.98
N SER B 526 -11.87 -12.81 -51.80
CA SER B 526 -11.77 -14.03 -50.94
C SER B 526 -12.98 -14.95 -51.13
N LEU B 527 -13.87 -14.65 -52.06
CA LEU B 527 -14.97 -15.60 -52.37
C LEU B 527 -14.35 -16.92 -52.76
N PRO B 528 -14.95 -18.06 -52.36
CA PRO B 528 -14.38 -19.38 -52.66
C PRO B 528 -14.10 -19.56 -54.14
N GLY B 529 -12.87 -19.93 -54.49
CA GLY B 529 -12.43 -20.30 -55.84
C GLY B 529 -11.99 -19.09 -56.64
N GLU B 530 -12.05 -17.90 -56.07
CA GLU B 530 -11.72 -16.64 -56.80
C GLU B 530 -10.23 -16.36 -56.67
N THR B 531 -9.51 -16.47 -57.77
CA THR B 531 -8.03 -16.49 -57.85
C THR B 531 -7.49 -15.14 -58.33
N ARG B 532 -8.31 -14.35 -59.03
CA ARG B 532 -7.84 -13.33 -59.99
C ARG B 532 -7.52 -12.04 -59.27
N PRO B 533 -6.75 -11.12 -59.89
CA PRO B 533 -6.66 -9.76 -59.38
C PRO B 533 -8.00 -9.05 -59.52
N LEU B 534 -8.16 -7.92 -58.85
CA LEU B 534 -9.33 -7.05 -59.09
C LEU B 534 -8.86 -5.64 -59.41
N ILE B 535 -9.31 -5.11 -60.55
CA ILE B 535 -9.00 -3.74 -61.01
C ILE B 535 -10.31 -3.17 -61.54
N LEU B 536 -10.87 -2.19 -60.85
CA LEU B 536 -12.17 -1.61 -61.24
C LEU B 536 -12.04 -0.96 -62.62
N CYS B 537 -12.84 -1.40 -63.58
CA CYS B 537 -12.81 -0.78 -64.92
C CYS B 537 -13.37 0.64 -64.84
N GLN B 538 -14.21 0.89 -63.83
CA GLN B 538 -14.81 2.22 -63.55
C GLN B 538 -15.03 2.33 -62.05
N TYR B 539 -14.60 3.42 -61.44
CA TYR B 539 -14.93 3.73 -60.02
C TYR B 539 -14.90 5.24 -59.82
N ALA B 540 -15.35 5.69 -58.67
CA ALA B 540 -15.36 7.12 -58.30
C ALA B 540 -16.00 7.96 -59.42
N HIS B 541 -17.31 7.87 -59.55
CA HIS B 541 -18.08 8.66 -60.54
C HIS B 541 -17.93 10.15 -60.23
N ALA B 542 -17.35 10.91 -61.15
CA ALA B 542 -16.85 12.28 -60.90
C ALA B 542 -17.83 13.31 -61.48
N MET B 543 -19.11 13.11 -61.24
CA MET B 543 -20.19 13.96 -61.79
C MET B 543 -20.38 15.16 -60.87
N GLY B 544 -19.97 16.33 -61.35
CA GLY B 544 -20.01 17.58 -60.56
C GLY B 544 -19.17 17.48 -59.31
N ASN B 545 -19.73 17.94 -58.20
CA ASN B 545 -19.06 17.97 -56.88
C ASN B 545 -19.05 16.54 -56.31
N SER B 546 -17.97 15.80 -56.53
CA SER B 546 -17.93 14.37 -56.16
C SER B 546 -16.49 13.95 -55.87
N LEU B 547 -16.19 12.65 -56.02
CA LEU B 547 -14.97 11.97 -55.52
C LEU B 547 -14.90 12.02 -53.99
N GLY B 548 -16.06 12.03 -53.35
CA GLY B 548 -16.13 11.73 -51.92
C GLY B 548 -15.75 10.28 -51.67
N GLY B 549 -14.92 10.05 -50.65
CA GLY B 549 -14.51 8.69 -50.26
C GLY B 549 -13.44 8.12 -51.19
N PHE B 550 -12.84 8.95 -52.04
CA PHE B 550 -11.76 8.49 -52.95
C PHE B 550 -10.60 7.92 -52.13
N ALA B 551 -10.27 8.55 -51.00
CA ALA B 551 -9.19 8.08 -50.11
C ALA B 551 -9.45 6.64 -49.66
N LYS B 552 -10.70 6.26 -49.48
CA LYS B 552 -11.05 4.93 -48.92
C LYS B 552 -10.66 3.82 -49.91
N TYR B 553 -10.73 4.09 -51.21
CA TYR B 553 -10.27 3.13 -52.26
C TYR B 553 -8.76 2.92 -52.15
N TRP B 554 -8.01 4.03 -52.09
CA TRP B 554 -6.54 3.94 -52.21
C TRP B 554 -5.96 3.33 -50.94
N GLN B 555 -6.64 3.50 -49.81
CA GLN B 555 -6.21 2.83 -48.55
C GLN B 555 -6.32 1.32 -48.79
N ALA B 556 -7.45 0.91 -49.37
CA ALA B 556 -7.76 -0.50 -49.64
C ALA B 556 -6.80 -1.01 -50.71
N PHE B 557 -6.58 -0.23 -51.78
CA PHE B 557 -5.67 -0.61 -52.88
C PHE B 557 -4.32 -0.95 -52.28
N ARG B 558 -3.79 -0.09 -51.40
CA ARG B 558 -2.41 -0.25 -50.85
C ARG B 558 -2.36 -1.42 -49.88
N GLN B 559 -3.43 -1.69 -49.13
CA GLN B 559 -3.41 -2.74 -48.09
C GLN B 559 -3.45 -4.11 -48.77
N TYR B 560 -4.22 -4.28 -49.85
CA TYR B 560 -4.59 -5.62 -50.41
C TYR B 560 -3.83 -5.85 -51.71
N PRO B 561 -2.87 -6.81 -51.73
CA PRO B 561 -2.07 -7.05 -52.93
C PRO B 561 -2.91 -7.28 -54.19
N ARG B 562 -4.00 -8.04 -54.08
CA ARG B 562 -4.80 -8.40 -55.27
C ARG B 562 -5.77 -7.27 -55.63
N LEU B 563 -5.86 -6.22 -54.82
CA LEU B 563 -6.47 -4.95 -55.29
C LEU B 563 -5.36 -4.15 -55.98
N GLN B 564 -5.43 -4.08 -57.30
CA GLN B 564 -4.37 -3.40 -58.08
C GLN B 564 -4.92 -2.15 -58.73
N GLY B 565 -5.92 -1.50 -58.11
CA GLY B 565 -6.33 -0.13 -58.49
C GLY B 565 -7.59 -0.10 -59.34
N GLY B 566 -7.72 0.94 -60.15
CA GLY B 566 -8.89 1.03 -61.03
C GLY B 566 -8.78 2.19 -61.98
N PHE B 567 -9.83 2.41 -62.75
CA PHE B 567 -9.94 3.53 -63.72
C PHE B 567 -11.09 4.44 -63.29
N VAL B 568 -10.78 5.70 -63.00
CA VAL B 568 -11.80 6.68 -62.56
C VAL B 568 -12.74 6.98 -63.72
N TRP B 569 -14.04 7.05 -63.45
CA TRP B 569 -15.05 7.52 -64.43
C TRP B 569 -15.44 8.95 -64.11
N ASP B 570 -15.00 9.94 -64.90
CA ASP B 570 -14.06 9.75 -66.00
C ASP B 570 -13.25 11.04 -66.20
N TRP B 571 -12.69 11.26 -67.38
CA TRP B 571 -11.65 12.31 -67.58
C TRP B 571 -12.32 13.66 -67.87
N VAL B 572 -13.09 13.73 -68.95
CA VAL B 572 -13.65 14.99 -69.50
C VAL B 572 -15.16 15.01 -69.36
N ASP B 573 -15.69 16.12 -68.83
CA ASP B 573 -17.10 16.49 -69.05
C ASP B 573 -17.36 16.42 -70.54
N GLN B 574 -18.43 15.75 -70.95
CA GLN B 574 -18.87 15.71 -72.37
C GLN B 574 -19.87 16.86 -72.60
N SER B 575 -19.52 18.07 -72.15
CA SER B 575 -20.34 19.26 -72.45
C SER B 575 -20.02 19.70 -73.87
N LEU B 576 -21.00 20.18 -74.60
CA LEU B 576 -20.79 20.83 -75.91
C LEU B 576 -21.04 22.32 -75.77
N ILE B 577 -20.39 23.10 -76.63
CA ILE B 577 -20.64 24.55 -76.72
C ILE B 577 -21.88 24.78 -77.58
N LYS B 578 -22.75 25.65 -77.10
CA LYS B 578 -23.86 26.21 -77.91
C LYS B 578 -23.74 27.72 -77.88
N TYR B 579 -24.37 28.37 -78.86
CA TYR B 579 -24.39 29.85 -78.96
C TYR B 579 -25.84 30.31 -78.84
N ASP B 580 -26.07 31.34 -78.04
CA ASP B 580 -27.43 31.90 -77.87
C ASP B 580 -27.73 32.79 -79.09
N GLU B 581 -28.84 33.55 -79.07
CA GLU B 581 -29.30 34.41 -80.20
C GLU B 581 -28.19 35.39 -80.60
N ASN B 582 -27.39 35.88 -79.64
CA ASN B 582 -26.35 36.93 -79.87
C ASN B 582 -24.94 36.30 -79.98
N GLY B 583 -24.85 34.96 -80.06
CA GLY B 583 -23.57 34.26 -80.30
C GLY B 583 -22.65 34.22 -79.08
N ASN B 584 -23.19 34.19 -77.87
CA ASN B 584 -22.36 33.86 -76.68
C ASN B 584 -22.26 32.35 -76.55
N PRO B 585 -21.04 31.81 -76.30
CA PRO B 585 -20.89 30.38 -76.06
C PRO B 585 -21.30 30.03 -74.61
N TRP B 586 -21.94 28.87 -74.45
CA TRP B 586 -22.27 28.29 -73.14
C TRP B 586 -22.28 26.77 -73.22
N SER B 587 -21.89 26.14 -72.12
CA SER B 587 -21.70 24.68 -72.00
C SER B 587 -23.07 24.02 -71.86
N ALA B 588 -23.41 23.16 -72.82
CA ALA B 588 -24.72 22.49 -72.92
C ALA B 588 -24.55 21.00 -72.64
N TYR B 589 -25.61 20.38 -72.16
CA TYR B 589 -25.70 18.92 -71.89
C TYR B 589 -27.01 18.38 -72.48
N GLY B 590 -27.45 17.22 -71.98
CA GLY B 590 -28.61 16.48 -72.49
C GLY B 590 -29.84 17.36 -72.63
N GLY B 591 -30.45 17.35 -73.82
CA GLY B 591 -31.71 18.04 -74.12
C GLY B 591 -31.49 19.45 -74.64
N ASP B 592 -30.31 20.03 -74.44
CA ASP B 592 -30.07 21.45 -74.81
C ASP B 592 -30.07 21.63 -76.33
N PHE B 593 -30.27 20.57 -77.12
CA PHE B 593 -30.40 20.66 -78.60
C PHE B 593 -31.76 20.14 -79.07
N GLY B 594 -32.76 20.11 -78.19
CA GLY B 594 -34.12 19.61 -78.51
C GLY B 594 -34.16 18.10 -78.57
N ASP B 595 -33.05 17.42 -78.24
CA ASP B 595 -32.94 15.94 -78.24
C ASP B 595 -33.81 15.35 -77.13
N THR B 596 -34.74 14.47 -77.49
CA THR B 596 -35.71 13.85 -76.57
C THR B 596 -36.04 12.43 -77.03
N PRO B 597 -35.97 11.42 -76.14
CA PRO B 597 -35.60 11.60 -74.73
C PRO B 597 -34.09 11.81 -74.56
N ASN B 598 -33.70 12.21 -73.34
CA ASN B 598 -32.29 12.54 -73.01
C ASN B 598 -32.03 12.32 -71.51
N ASP B 599 -30.75 12.29 -71.17
CA ASP B 599 -30.30 12.05 -69.78
C ASP B 599 -29.51 13.26 -69.27
N ARG B 600 -29.88 14.47 -69.71
CA ARG B 600 -29.52 15.78 -69.10
C ARG B 600 -28.03 15.82 -68.67
N GLN B 601 -27.75 16.02 -67.38
CA GLN B 601 -26.41 16.31 -66.83
C GLN B 601 -25.49 15.09 -66.99
N PHE B 602 -26.05 13.89 -67.08
CA PHE B 602 -25.28 12.64 -66.89
C PHE B 602 -24.16 12.46 -67.93
N CYS B 603 -24.05 13.32 -68.93
CA CYS B 603 -22.91 13.32 -69.87
C CYS B 603 -21.70 14.03 -69.25
N MET B 604 -21.85 14.70 -68.13
CA MET B 604 -20.73 15.43 -67.49
C MET B 604 -20.24 14.71 -66.23
N ASN B 605 -19.17 13.92 -66.36
CA ASN B 605 -18.68 13.03 -65.27
C ASN B 605 -17.17 13.20 -65.06
N GLY B 606 -16.59 14.30 -65.52
CA GLY B 606 -15.13 14.42 -65.70
C GLY B 606 -14.43 15.03 -64.50
N LEU B 607 -13.15 14.67 -64.34
CA LEU B 607 -12.23 15.37 -63.42
C LEU B 607 -11.93 16.76 -63.99
N VAL B 608 -12.03 16.93 -65.31
CA VAL B 608 -11.78 18.25 -65.94
C VAL B 608 -13.03 18.66 -66.72
N PHE B 609 -13.25 19.97 -66.83
CA PHE B 609 -14.25 20.57 -67.74
C PHE B 609 -13.86 20.23 -69.18
N ALA B 610 -14.78 20.43 -70.13
CA ALA B 610 -14.56 20.11 -71.56
C ALA B 610 -13.35 20.86 -72.12
N ASP B 611 -13.12 22.11 -71.69
CA ASP B 611 -11.94 22.93 -72.13
C ASP B 611 -10.66 22.47 -71.41
N ARG B 612 -10.71 21.41 -70.60
CA ARG B 612 -9.57 20.79 -69.86
C ARG B 612 -9.19 21.57 -68.58
N THR B 613 -9.99 22.54 -68.16
CA THR B 613 -9.84 23.14 -66.82
C THR B 613 -10.07 22.03 -65.79
N PRO B 614 -9.22 21.90 -64.76
CA PRO B 614 -9.49 20.99 -63.65
C PRO B 614 -10.72 21.36 -62.82
N HIS B 615 -11.51 20.33 -62.46
CA HIS B 615 -12.43 20.35 -61.30
C HIS B 615 -11.60 20.25 -60.03
N PRO B 616 -12.13 20.69 -58.87
CA PRO B 616 -11.43 20.52 -57.60
C PRO B 616 -11.00 19.08 -57.33
N ALA B 617 -11.84 18.10 -57.71
CA ALA B 617 -11.63 16.65 -57.45
C ALA B 617 -10.27 16.20 -57.99
N LEU B 618 -9.73 16.86 -59.00
CA LEU B 618 -8.48 16.40 -59.64
C LEU B 618 -7.34 16.38 -58.61
N THR B 619 -7.23 17.39 -57.76
CA THR B 619 -6.14 17.43 -56.75
C THR B 619 -6.28 16.21 -55.83
N GLU B 620 -7.51 15.88 -55.46
CA GLU B 620 -7.75 14.72 -54.57
C GLU B 620 -7.20 13.47 -55.27
N ALA B 621 -7.51 13.31 -56.56
CA ALA B 621 -6.96 12.19 -57.35
C ALA B 621 -5.43 12.25 -57.35
N LYS B 622 -4.87 13.42 -57.62
CA LYS B 622 -3.40 13.59 -57.68
C LYS B 622 -2.79 13.14 -56.34
N HIS B 623 -3.37 13.57 -55.23
CA HIS B 623 -2.78 13.32 -53.89
C HIS B 623 -2.86 11.82 -53.57
N GLN B 624 -4.01 11.20 -53.81
CA GLN B 624 -4.20 9.77 -53.42
C GLN B 624 -3.40 8.85 -54.35
N GLN B 625 -3.21 9.24 -55.61
CA GLN B 625 -2.50 8.40 -56.60
C GLN B 625 -0.98 8.65 -56.54
N GLN B 626 -0.48 9.43 -55.59
CA GLN B 626 0.94 9.87 -55.61
C GLN B 626 1.85 8.67 -55.31
N PHE B 627 3.08 8.77 -55.79
CA PHE B 627 4.02 7.63 -55.89
C PHE B 627 4.98 7.64 -54.70
N PHE B 628 4.89 8.66 -53.85
CA PHE B 628 5.72 8.75 -52.61
C PHE B 628 4.80 8.81 -51.41
N GLN B 629 4.93 7.83 -50.53
CA GLN B 629 4.13 7.76 -49.28
C GLN B 629 5.06 8.08 -48.11
N PHE B 630 4.52 8.69 -47.08
CA PHE B 630 5.31 9.27 -45.97
C PHE B 630 4.77 8.76 -44.65
N ARG B 631 5.67 8.59 -43.71
CA ARG B 631 5.31 8.43 -42.27
C ARG B 631 6.27 9.31 -41.47
N LEU B 632 5.82 9.77 -40.30
CA LEU B 632 6.60 10.62 -39.38
C LEU B 632 6.73 9.93 -38.03
N SER B 633 7.95 9.85 -37.50
CA SER B 633 8.19 9.37 -36.13
C SER B 633 9.23 10.26 -35.46
N GLY B 634 8.79 11.06 -34.47
CA GLY B 634 9.62 12.12 -33.89
C GLY B 634 9.88 13.22 -34.90
N GLN B 635 11.15 13.36 -35.32
CA GLN B 635 11.58 14.37 -36.32
C GLN B 635 12.15 13.66 -37.55
N THR B 636 11.84 12.37 -37.67
CA THR B 636 12.33 11.48 -38.75
C THR B 636 11.19 11.20 -39.74
N ILE B 637 11.44 11.43 -41.02
CA ILE B 637 10.47 11.13 -42.09
C ILE B 637 10.91 9.87 -42.85
N GLU B 638 10.03 8.87 -42.85
CA GLU B 638 10.17 7.69 -43.72
C GLU B 638 9.46 7.98 -45.03
N VAL B 639 10.25 8.13 -46.10
CA VAL B 639 9.72 8.24 -47.47
C VAL B 639 9.77 6.85 -48.10
N THR B 640 8.68 6.46 -48.75
CA THR B 640 8.60 5.15 -49.44
C THR B 640 8.33 5.41 -50.92
N SER B 641 9.01 4.66 -51.78
CA SER B 641 8.78 4.73 -53.25
C SER B 641 7.81 3.64 -53.68
N GLU B 642 6.78 4.02 -54.43
CA GLU B 642 5.83 3.05 -55.03
C GLU B 642 6.10 2.94 -56.54
N TYR B 643 7.13 3.62 -57.05
CA TYR B 643 7.68 3.33 -58.39
C TYR B 643 8.27 1.92 -58.40
N LEU B 644 8.16 1.25 -59.53
CA LEU B 644 8.63 -0.16 -59.61
C LEU B 644 9.94 -0.29 -60.40
N PHE B 645 10.35 0.74 -61.15
CA PHE B 645 11.51 0.60 -62.05
C PHE B 645 12.52 1.74 -61.90
N ARG B 646 12.10 2.96 -61.57
CA ARG B 646 13.03 4.12 -61.55
C ARG B 646 13.37 4.49 -60.12
N HIS B 647 14.60 4.95 -59.94
CA HIS B 647 15.02 5.71 -58.73
C HIS B 647 14.41 7.11 -58.77
N SER B 648 14.50 7.80 -57.64
CA SER B 648 14.07 9.22 -57.53
C SER B 648 15.16 10.14 -58.08
N ASP B 649 15.45 10.03 -59.37
CA ASP B 649 16.61 10.73 -60.00
C ASP B 649 16.19 12.11 -60.50
N ASN B 650 15.08 12.64 -60.02
CA ASN B 650 14.57 13.96 -60.44
C ASN B 650 13.62 14.44 -59.36
N GLU B 651 14.10 14.46 -58.11
CA GLU B 651 13.21 14.68 -56.95
C GLU B 651 14.00 15.24 -55.78
N LEU B 652 13.59 16.43 -55.31
CA LEU B 652 13.95 16.95 -53.98
C LEU B 652 12.74 16.82 -53.07
N LEU B 653 13.00 16.80 -51.76
CA LEU B 653 11.97 17.01 -50.72
C LEU B 653 12.18 18.38 -50.09
N HIS B 654 11.26 19.29 -50.34
CA HIS B 654 11.17 20.60 -49.65
C HIS B 654 10.30 20.41 -48.42
N TRP B 655 10.65 21.03 -47.30
CA TRP B 655 9.87 20.94 -46.04
C TRP B 655 9.70 22.34 -45.42
N MET B 656 8.50 22.64 -44.90
CA MET B 656 8.16 23.94 -44.24
C MET B 656 7.49 23.64 -42.90
N VAL B 657 7.95 24.28 -41.84
CA VAL B 657 7.26 24.22 -40.52
C VAL B 657 6.63 25.59 -40.27
N ALA B 658 5.36 25.60 -39.86
CA ALA B 658 4.60 26.85 -39.73
C ALA B 658 3.75 26.82 -38.46
N LEU B 659 3.59 27.99 -37.85
CA LEU B 659 2.72 28.21 -36.67
C LEU B 659 1.52 29.00 -37.14
N ASP B 660 0.37 28.34 -37.23
CA ASP B 660 -0.91 28.94 -37.69
C ASP B 660 -0.62 29.85 -38.90
N GLY B 661 0.14 29.33 -39.86
CA GLY B 661 0.30 29.97 -41.17
C GLY B 661 1.58 30.75 -41.27
N LYS B 662 2.12 31.23 -40.16
CA LYS B 662 3.39 32.00 -40.19
C LYS B 662 4.54 31.00 -40.31
N PRO B 663 5.37 31.06 -41.38
CA PRO B 663 6.46 30.09 -41.54
C PRO B 663 7.53 30.34 -40.49
N LEU B 664 8.15 29.27 -39.99
CA LEU B 664 9.23 29.36 -38.96
C LEU B 664 10.54 28.83 -39.53
N ALA B 665 10.54 27.60 -40.04
CA ALA B 665 11.73 26.94 -40.65
C ALA B 665 11.36 26.29 -41.98
N SER B 666 12.37 26.17 -42.84
CA SER B 666 12.26 25.72 -44.24
C SER B 666 13.40 24.72 -44.50
N GLY B 667 13.63 24.36 -45.74
CA GLY B 667 14.76 23.48 -46.09
C GLY B 667 14.44 22.51 -47.18
N GLU B 668 15.45 22.06 -47.90
CA GLU B 668 15.29 21.03 -48.94
C GLU B 668 16.39 19.99 -48.76
N VAL B 669 16.05 18.75 -49.03
CA VAL B 669 16.97 17.60 -48.85
C VAL B 669 16.83 16.70 -50.06
N PRO B 670 17.93 16.20 -50.63
CA PRO B 670 17.83 15.36 -51.84
C PRO B 670 17.11 14.04 -51.55
N LEU B 671 16.38 13.55 -52.55
CA LEU B 671 15.68 12.24 -52.51
C LEU B 671 16.45 11.22 -53.35
N ASP B 672 16.82 10.10 -52.73
CA ASP B 672 17.52 8.97 -53.37
C ASP B 672 16.88 7.69 -52.84
N VAL B 673 15.71 7.35 -53.40
CA VAL B 673 14.92 6.14 -53.03
C VAL B 673 14.88 5.20 -54.22
N ALA B 674 15.30 3.96 -53.98
CA ALA B 674 15.20 2.88 -54.97
C ALA B 674 13.72 2.58 -55.18
N PRO B 675 13.32 1.98 -56.33
CA PRO B 675 11.94 1.56 -56.54
C PRO B 675 11.52 0.60 -55.42
N GLN B 676 10.37 0.87 -54.81
CA GLN B 676 9.82 0.07 -53.69
C GLN B 676 10.72 0.22 -52.46
N GLY B 677 11.60 1.22 -52.43
CA GLY B 677 12.57 1.42 -51.35
C GLY B 677 12.13 2.49 -50.36
N LYS B 678 12.93 2.66 -49.31
CA LYS B 678 12.68 3.62 -48.22
C LYS B 678 13.90 4.51 -48.07
N GLN B 679 13.67 5.77 -47.74
CA GLN B 679 14.75 6.69 -47.31
C GLN B 679 14.32 7.35 -46.01
N LEU B 680 15.24 7.41 -45.05
CA LEU B 680 15.01 8.15 -43.79
C LEU B 680 15.68 9.52 -43.87
N ILE B 681 14.97 10.53 -43.38
CA ILE B 681 15.41 11.95 -43.38
C ILE B 681 15.17 12.53 -41.99
N GLU B 682 16.25 12.89 -41.30
CA GLU B 682 16.15 13.52 -39.99
C GLU B 682 16.07 15.02 -40.23
N LEU B 683 15.10 15.68 -39.61
CA LEU B 683 15.00 17.16 -39.68
C LEU B 683 15.95 17.76 -38.65
N PRO B 684 16.51 18.95 -38.93
CA PRO B 684 17.22 19.71 -37.90
C PRO B 684 16.32 20.03 -36.71
N GLU B 685 16.91 20.26 -35.55
CA GLU B 685 16.17 20.67 -34.33
C GLU B 685 15.27 21.85 -34.72
N LEU B 686 13.97 21.60 -34.82
CA LEU B 686 12.98 22.58 -35.35
C LEU B 686 12.84 23.71 -34.36
N PRO B 687 12.29 24.87 -34.78
CA PRO B 687 12.02 25.97 -33.84
C PRO B 687 10.88 25.61 -32.89
N GLN B 688 11.05 25.89 -31.60
CA GLN B 688 10.11 25.47 -30.54
C GLN B 688 9.62 26.71 -29.78
N PRO B 689 8.67 27.50 -30.35
CA PRO B 689 8.24 28.73 -29.71
C PRO B 689 7.19 28.47 -28.62
N GLU B 690 7.18 29.30 -27.58
CA GLU B 690 6.18 29.27 -26.49
C GLU B 690 4.85 29.85 -26.99
N SER B 691 4.86 30.67 -28.06
CA SER B 691 3.67 31.39 -28.62
C SER B 691 2.56 30.38 -28.88
N ALA B 692 1.32 30.82 -28.73
CA ALA B 692 0.14 29.93 -28.82
C ALA B 692 -0.11 29.52 -30.26
N GLY B 693 -0.60 28.30 -30.45
CA GLY B 693 -1.03 27.80 -31.75
C GLY B 693 -0.52 26.41 -32.03
N GLN B 694 -0.97 25.87 -33.17
CA GLN B 694 -0.59 24.53 -33.64
C GLN B 694 0.56 24.67 -34.63
N LEU B 695 1.60 23.86 -34.45
CA LEU B 695 2.74 23.77 -35.39
C LEU B 695 2.44 22.67 -36.40
N TRP B 696 2.59 23.00 -37.67
CA TRP B 696 2.34 22.09 -38.80
C TRP B 696 3.62 21.87 -39.59
N LEU B 697 3.87 20.62 -39.96
CA LEU B 697 4.94 20.20 -40.89
C LEU B 697 4.29 19.85 -42.22
N THR B 698 4.83 20.39 -43.29
CA THR B 698 4.39 20.06 -44.66
C THR B 698 5.61 19.71 -45.51
N VAL B 699 5.52 18.60 -46.23
CA VAL B 699 6.59 18.19 -47.16
C VAL B 699 6.03 18.18 -48.57
N ARG B 700 6.82 18.69 -49.51
CA ARG B 700 6.55 18.66 -50.98
C ARG B 700 7.63 17.84 -51.66
N VAL B 701 7.26 17.01 -52.60
CA VAL B 701 8.27 16.42 -53.51
C VAL B 701 8.27 17.27 -54.77
N VAL B 702 9.44 17.74 -55.15
CA VAL B 702 9.56 18.68 -56.28
C VAL B 702 10.57 18.08 -57.28
N GLN B 703 10.17 18.03 -58.55
CA GLN B 703 11.03 17.65 -59.67
C GLN B 703 11.75 18.90 -60.12
N PRO B 704 13.07 19.03 -59.86
CA PRO B 704 13.81 20.24 -60.21
C PRO B 704 13.90 20.43 -61.74
N ASN B 705 13.93 19.32 -62.48
CA ASN B 705 14.16 19.33 -63.94
C ASN B 705 12.84 19.13 -64.69
N ALA B 706 12.78 19.70 -65.89
CA ALA B 706 11.68 19.49 -66.83
C ALA B 706 11.69 18.03 -67.27
N THR B 707 10.53 17.53 -67.62
CA THR B 707 10.34 16.23 -68.30
C THR B 707 9.70 16.51 -69.64
N ALA B 708 9.38 15.46 -70.37
CA ALA B 708 8.58 15.57 -71.59
C ALA B 708 7.12 15.89 -71.20
N TRP B 709 6.72 15.66 -69.95
CA TRP B 709 5.31 15.77 -69.51
C TRP B 709 5.12 16.83 -68.41
N SER B 710 6.20 17.43 -67.92
CA SER B 710 6.14 18.41 -66.81
C SER B 710 7.27 19.43 -66.95
N GLU B 711 7.09 20.62 -66.39
CA GLU B 711 8.19 21.61 -66.41
C GLU B 711 8.76 21.79 -65.01
N ALA B 712 9.90 22.46 -64.93
CA ALA B 712 10.76 22.50 -63.75
C ALA B 712 9.94 22.98 -62.55
N GLY B 713 10.15 22.33 -61.41
CA GLY B 713 9.51 22.72 -60.15
C GLY B 713 8.14 22.10 -59.98
N HIS B 714 7.76 21.18 -60.86
CA HIS B 714 6.49 20.42 -60.73
C HIS B 714 6.48 19.70 -59.39
N ILE B 715 5.36 19.82 -58.67
CA ILE B 715 5.11 19.09 -57.40
C ILE B 715 4.35 17.81 -57.71
N SER B 716 4.87 16.66 -57.25
CA SER B 716 4.33 15.32 -57.60
C SER B 716 3.70 14.65 -56.39
N ALA B 717 3.92 15.14 -55.18
CA ALA B 717 3.47 14.46 -53.94
C ALA B 717 3.66 15.38 -52.74
N TRP B 718 2.85 15.15 -51.71
CA TRP B 718 2.93 15.94 -50.46
C TRP B 718 2.21 15.23 -49.33
N GLN B 719 2.37 15.77 -48.13
CA GLN B 719 1.77 15.21 -46.90
C GLN B 719 1.95 16.24 -45.79
N GLN B 720 1.04 16.25 -44.83
CA GLN B 720 1.07 17.23 -43.73
C GLN B 720 0.94 16.48 -42.41
N TRP B 721 1.52 17.02 -41.35
CA TRP B 721 1.31 16.52 -39.97
C TRP B 721 1.18 17.70 -39.02
N ARG B 722 0.37 17.53 -37.99
CA ARG B 722 0.45 18.36 -36.76
C ARG B 722 1.68 17.93 -35.97
N LEU B 723 2.46 18.90 -35.51
CA LEU B 723 3.67 18.64 -34.70
C LEU B 723 3.27 18.87 -33.24
N ALA B 724 3.41 20.08 -32.74
CA ALA B 724 3.10 20.41 -31.34
C ALA B 724 2.03 21.49 -31.33
N GLU B 725 1.21 21.46 -30.29
CA GLU B 725 0.21 22.53 -30.04
C GLU B 725 0.45 23.05 -28.63
N ASN B 726 0.40 24.37 -28.50
CA ASN B 726 0.39 25.02 -27.17
C ASN B 726 -0.90 25.83 -27.08
N LEU B 727 -1.82 25.36 -26.27
CA LEU B 727 -3.12 26.04 -26.09
C LEU B 727 -2.87 27.40 -25.45
N SER B 728 -3.58 28.42 -25.94
CA SER B 728 -3.54 29.79 -25.40
C SER B 728 -4.24 29.82 -24.04
N VAL B 729 -3.51 30.24 -23.00
CA VAL B 729 -3.98 30.19 -21.59
C VAL B 729 -4.17 31.61 -21.07
N THR B 730 -3.74 32.63 -21.84
CA THR B 730 -3.84 34.05 -21.43
C THR B 730 -5.30 34.51 -21.46
N LEU B 731 -5.74 35.23 -20.42
CA LEU B 731 -7.02 35.97 -20.45
C LEU B 731 -6.79 37.20 -21.33
N PRO B 732 -7.76 37.58 -22.19
CA PRO B 732 -7.63 38.84 -22.95
C PRO B 732 -7.63 40.02 -21.98
N ALA B 733 -6.96 41.11 -22.35
CA ALA B 733 -6.81 42.31 -21.50
C ALA B 733 -8.19 42.95 -21.33
N ALA B 734 -8.54 43.33 -20.10
CA ALA B 734 -9.84 43.94 -19.77
C ALA B 734 -10.03 45.19 -20.64
N SER B 735 -11.26 45.41 -21.10
CA SER B 735 -11.64 46.53 -21.99
C SER B 735 -11.84 47.80 -21.15
N HIS B 736 -11.74 48.96 -21.80
CA HIS B 736 -11.97 50.29 -21.18
C HIS B 736 -13.46 50.65 -21.27
N ALA B 737 -14.28 49.85 -21.96
CA ALA B 737 -15.67 50.22 -22.34
C ALA B 737 -16.62 49.06 -22.15
N ILE B 738 -17.90 49.39 -21.93
CA ILE B 738 -19.02 48.42 -21.73
C ILE B 738 -20.05 48.64 -22.83
N PRO B 739 -20.50 47.59 -23.54
CA PRO B 739 -21.54 47.74 -24.55
C PRO B 739 -22.94 47.91 -23.97
N HIS B 740 -23.68 48.86 -24.52
CA HIS B 740 -24.97 49.35 -23.95
C HIS B 740 -26.13 48.71 -24.67
N LEU B 741 -27.13 48.23 -23.92
CA LEU B 741 -28.36 47.58 -24.45
C LEU B 741 -29.51 48.58 -24.50
N THR B 742 -30.19 48.62 -25.65
CA THR B 742 -31.37 49.49 -25.87
C THR B 742 -32.53 48.59 -26.24
N THR B 743 -33.60 48.62 -25.44
CA THR B 743 -34.74 47.69 -25.62
C THR B 743 -35.93 48.47 -26.17
N SER B 744 -36.37 48.07 -27.36
CA SER B 744 -37.66 48.51 -27.97
C SER B 744 -38.64 47.34 -27.91
N GLU B 745 -39.88 47.59 -28.29
CA GLU B 745 -40.89 46.50 -28.40
C GLU B 745 -40.43 45.53 -29.49
N MET B 746 -39.82 46.05 -30.55
CA MET B 746 -39.51 45.25 -31.77
C MET B 746 -38.05 44.77 -31.80
N ASP B 747 -37.13 45.44 -31.10
CA ASP B 747 -35.67 45.21 -31.25
C ASP B 747 -34.99 45.12 -29.89
N PHE B 748 -33.91 44.34 -29.85
CA PHE B 748 -32.79 44.48 -28.90
C PHE B 748 -31.61 45.08 -29.67
N CYS B 749 -31.21 46.31 -29.35
CA CYS B 749 -30.08 46.99 -30.03
C CYS B 749 -28.93 47.20 -29.05
N ILE B 750 -27.72 47.02 -29.54
CA ILE B 750 -26.47 47.04 -28.73
C ILE B 750 -25.46 47.99 -29.39
N GLU B 751 -25.00 49.00 -28.66
CA GLU B 751 -24.03 50.00 -29.18
C GLU B 751 -22.69 49.83 -28.45
N LEU B 752 -21.60 49.97 -29.18
CA LEU B 752 -20.28 50.14 -28.57
C LEU B 752 -19.35 50.84 -29.56
N GLY B 753 -18.94 52.06 -29.25
CA GLY B 753 -18.10 52.86 -30.17
C GLY B 753 -18.88 53.17 -31.44
N ASN B 754 -18.28 52.92 -32.59
CA ASN B 754 -18.91 53.17 -33.91
C ASN B 754 -19.87 52.03 -34.27
N LYS B 755 -19.97 50.98 -33.43
CA LYS B 755 -20.58 49.66 -33.81
C LYS B 755 -21.96 49.49 -33.15
N ARG B 756 -22.92 49.05 -33.94
CA ARG B 756 -24.29 48.77 -33.48
C ARG B 756 -24.69 47.37 -33.97
N TRP B 757 -25.40 46.64 -33.12
CA TRP B 757 -26.02 45.33 -33.46
C TRP B 757 -27.53 45.46 -33.22
N GLN B 758 -28.33 44.90 -34.12
CA GLN B 758 -29.81 44.91 -33.98
C GLN B 758 -30.33 43.48 -34.10
N PHE B 759 -31.05 43.03 -33.07
CA PHE B 759 -31.75 41.72 -33.03
C PHE B 759 -33.26 41.92 -33.11
N ASN B 760 -33.87 41.38 -34.16
CA ASN B 760 -35.33 41.43 -34.35
C ASN B 760 -35.97 40.52 -33.29
N ARG B 761 -36.93 41.05 -32.53
CA ARG B 761 -37.58 40.28 -31.44
C ARG B 761 -38.78 39.51 -32.00
N GLN B 762 -39.24 39.81 -33.22
CA GLN B 762 -40.36 39.07 -33.83
C GLN B 762 -39.77 37.81 -34.47
N SER B 763 -38.63 37.95 -35.13
CA SER B 763 -37.96 36.82 -35.84
C SER B 763 -37.01 36.06 -34.89
N GLY B 764 -36.27 36.80 -34.06
CA GLY B 764 -35.29 36.25 -33.10
C GLY B 764 -33.91 36.12 -33.70
N PHE B 765 -33.66 36.81 -34.82
CA PHE B 765 -32.37 36.74 -35.54
C PHE B 765 -31.67 38.10 -35.50
N LEU B 766 -30.35 38.08 -35.67
CA LEU B 766 -29.56 39.30 -35.91
C LEU B 766 -30.00 39.86 -37.25
N SER B 767 -30.69 40.99 -37.24
CA SER B 767 -31.34 41.61 -38.44
C SER B 767 -30.33 42.50 -39.15
N GLN B 768 -29.40 43.13 -38.43
CA GLN B 768 -28.51 44.17 -39.02
C GLN B 768 -27.37 44.50 -38.06
N MET B 769 -26.22 44.84 -38.64
CA MET B 769 -25.04 45.34 -37.92
C MET B 769 -24.55 46.60 -38.63
N TRP B 770 -23.97 47.52 -37.86
CA TRP B 770 -23.50 48.83 -38.37
C TRP B 770 -22.03 49.00 -38.01
N ILE B 771 -21.26 49.59 -38.91
CA ILE B 771 -20.00 50.30 -38.59
C ILE B 771 -20.17 51.73 -39.10
N GLY B 772 -20.32 52.69 -38.19
CA GLY B 772 -20.71 54.07 -38.55
C GLY B 772 -22.13 54.13 -39.08
N ASP B 773 -22.36 54.88 -40.16
CA ASP B 773 -23.68 54.93 -40.85
C ASP B 773 -23.83 53.66 -41.70
N LYS B 774 -22.71 53.00 -42.05
CA LYS B 774 -22.66 51.88 -43.05
C LYS B 774 -23.33 50.62 -42.50
N LYS B 775 -24.46 50.21 -43.09
CA LYS B 775 -25.08 48.90 -42.77
C LYS B 775 -24.23 47.78 -43.38
N GLN B 776 -24.34 46.56 -42.85
CA GLN B 776 -23.45 45.44 -43.21
C GLN B 776 -24.22 44.22 -43.74
N LEU B 777 -25.51 44.12 -43.48
CA LEU B 777 -26.33 42.95 -43.84
C LEU B 777 -27.44 43.35 -44.81
N LEU B 778 -27.73 42.48 -45.78
CA LEU B 778 -28.93 42.58 -46.65
C LEU B 778 -29.96 41.52 -46.26
N THR B 779 -29.49 40.39 -45.71
CA THR B 779 -30.34 39.31 -45.16
C THR B 779 -29.92 39.02 -43.74
N PRO B 780 -30.88 38.78 -42.82
CA PRO B 780 -30.52 38.42 -41.45
C PRO B 780 -29.61 37.21 -41.39
N LEU B 781 -28.95 37.01 -40.24
CA LEU B 781 -28.12 35.81 -39.95
C LEU B 781 -29.04 34.73 -39.40
N ARG B 782 -29.31 33.69 -40.19
CA ARG B 782 -30.23 32.60 -39.81
C ARG B 782 -29.54 31.23 -39.91
N ASP B 783 -30.13 30.25 -39.24
CA ASP B 783 -29.73 28.84 -39.33
C ASP B 783 -30.01 28.36 -40.76
N GLN B 784 -29.24 27.37 -41.19
CA GLN B 784 -29.41 26.69 -42.50
C GLN B 784 -29.14 25.20 -42.28
N PHE B 785 -30.04 24.35 -42.73
CA PHE B 785 -29.89 22.89 -42.59
C PHE B 785 -29.92 22.21 -43.95
N THR B 786 -29.83 23.00 -45.02
CA THR B 786 -29.99 22.47 -46.40
C THR B 786 -28.89 23.03 -47.28
N ARG B 787 -28.60 22.29 -48.34
CA ARG B 787 -27.68 22.75 -49.41
C ARG B 787 -28.37 22.57 -50.76
N ALA B 788 -28.00 23.43 -51.71
CA ALA B 788 -28.33 23.27 -53.13
C ALA B 788 -27.84 21.89 -53.60
N PRO B 789 -28.74 20.98 -54.01
CA PRO B 789 -28.39 19.57 -54.12
C PRO B 789 -27.26 19.31 -55.12
N LEU B 790 -26.32 18.49 -54.72
CA LEU B 790 -25.25 18.00 -55.63
C LEU B 790 -25.87 17.01 -56.61
N ASP B 791 -25.18 16.76 -57.71
CA ASP B 791 -25.56 15.70 -58.66
C ASP B 791 -25.69 14.39 -57.88
N ASN B 792 -24.82 14.16 -56.90
CA ASN B 792 -24.84 12.94 -56.06
C ASN B 792 -26.03 12.96 -55.09
N ASP B 793 -26.59 14.11 -54.74
CA ASP B 793 -27.81 14.15 -53.90
C ASP B 793 -29.02 13.83 -54.77
N ILE B 794 -28.98 14.23 -56.04
CA ILE B 794 -30.14 14.11 -56.96
C ILE B 794 -30.23 12.68 -57.50
N GLY B 795 -29.11 12.11 -57.93
CA GLY B 795 -29.15 10.79 -58.58
C GLY B 795 -29.93 10.86 -59.88
N VAL B 796 -30.87 9.96 -60.09
CA VAL B 796 -31.66 9.96 -61.36
C VAL B 796 -33.06 10.55 -61.10
N SER B 797 -33.29 11.06 -59.91
CA SER B 797 -34.61 11.65 -59.58
C SER B 797 -34.87 12.76 -60.58
N GLU B 798 -36.09 12.79 -61.11
CA GLU B 798 -36.58 13.83 -62.05
C GLU B 798 -37.98 14.26 -61.62
N ALA B 799 -38.31 15.53 -61.84
CA ALA B 799 -39.67 16.11 -61.69
C ALA B 799 -40.74 15.09 -62.12
N THR B 800 -40.61 14.50 -63.31
CA THR B 800 -41.57 13.48 -63.84
C THR B 800 -41.52 12.23 -62.96
N ARG B 801 -40.38 11.54 -62.94
CA ARG B 801 -40.22 10.24 -62.23
C ARG B 801 -39.31 10.45 -61.01
N ILE B 802 -39.92 10.65 -59.85
CA ILE B 802 -39.22 10.80 -58.55
C ILE B 802 -38.51 9.48 -58.21
N ASP B 803 -37.33 9.59 -57.60
CA ASP B 803 -36.69 8.47 -56.86
C ASP B 803 -36.73 8.78 -55.36
N PRO B 804 -37.59 8.12 -54.56
CA PRO B 804 -37.66 8.41 -53.13
C PRO B 804 -36.38 8.09 -52.34
N ASN B 805 -35.46 7.32 -52.92
CA ASN B 805 -34.22 6.88 -52.21
C ASN B 805 -33.12 7.94 -52.32
N ALA B 806 -33.24 8.87 -53.26
CA ALA B 806 -32.24 9.95 -53.43
C ALA B 806 -32.33 10.92 -52.24
N TRP B 807 -31.19 11.50 -51.88
CA TRP B 807 -31.04 12.34 -50.67
C TRP B 807 -31.91 13.58 -50.82
N VAL B 808 -31.95 14.16 -52.01
CA VAL B 808 -32.71 15.41 -52.25
C VAL B 808 -34.19 15.14 -52.03
N GLU B 809 -34.65 13.93 -52.34
CA GLU B 809 -36.10 13.61 -52.24
C GLU B 809 -36.45 13.33 -50.78
N ARG B 810 -35.61 12.56 -50.10
CA ARG B 810 -35.79 12.32 -48.63
C ARG B 810 -35.87 13.67 -47.92
N TRP B 811 -35.00 14.62 -48.30
CA TRP B 811 -34.94 15.96 -47.69
C TRP B 811 -36.21 16.73 -48.01
N LYS B 812 -36.60 16.78 -49.28
CA LYS B 812 -37.78 17.57 -49.71
C LYS B 812 -39.02 16.98 -49.06
N ALA B 813 -39.13 15.66 -49.08
CA ALA B 813 -40.31 14.97 -48.51
C ALA B 813 -40.47 15.35 -47.04
N ALA B 814 -39.36 15.51 -46.31
CA ALA B 814 -39.36 15.76 -44.86
C ALA B 814 -39.51 17.25 -44.54
N GLY B 815 -39.56 18.10 -45.57
CA GLY B 815 -39.83 19.54 -45.40
C GLY B 815 -38.59 20.37 -45.12
N HIS B 816 -37.40 19.76 -45.17
CA HIS B 816 -36.13 20.50 -44.89
C HIS B 816 -36.10 21.81 -45.68
N TYR B 817 -36.51 21.79 -46.95
CA TYR B 817 -36.38 23.00 -47.81
C TYR B 817 -37.54 23.95 -47.55
N GLN B 818 -38.66 23.46 -47.04
CA GLN B 818 -39.90 24.29 -46.86
C GLN B 818 -40.16 24.51 -45.37
N ALA B 819 -39.17 24.34 -44.50
CA ALA B 819 -39.38 24.46 -43.03
C ALA B 819 -39.31 25.93 -42.61
N GLU B 820 -40.33 26.38 -41.85
CA GLU B 820 -40.46 27.79 -41.37
C GLU B 820 -40.00 27.84 -39.91
N ALA B 821 -39.25 28.88 -39.56
CA ALA B 821 -38.68 29.04 -38.20
C ALA B 821 -39.77 29.60 -37.27
N ALA B 822 -39.88 29.04 -36.08
CA ALA B 822 -40.83 29.44 -35.02
C ALA B 822 -40.06 29.84 -33.77
N LEU B 823 -40.17 31.12 -33.40
CA LEU B 823 -39.41 31.68 -32.26
C LEU B 823 -39.94 31.08 -30.95
N LEU B 824 -39.05 30.49 -30.16
CA LEU B 824 -39.36 29.86 -28.85
C LEU B 824 -39.01 30.82 -27.71
N GLN B 825 -37.92 31.55 -27.84
CA GLN B 825 -37.35 32.34 -26.73
C GLN B 825 -36.48 33.42 -27.36
N CYS B 826 -36.53 34.62 -26.81
CA CYS B 826 -35.66 35.73 -27.28
C CYS B 826 -35.50 36.70 -26.13
N THR B 827 -34.33 36.69 -25.49
CA THR B 827 -34.09 37.34 -24.18
C THR B 827 -32.80 38.13 -24.22
N ALA B 828 -32.81 39.31 -23.61
CA ALA B 828 -31.61 40.16 -23.41
C ALA B 828 -31.33 40.32 -21.91
N ASP B 829 -30.05 40.29 -21.57
CA ASP B 829 -29.55 40.45 -20.20
C ASP B 829 -28.30 41.32 -20.26
N THR B 830 -28.09 42.16 -19.26
CA THR B 830 -26.83 42.93 -19.14
C THR B 830 -25.93 42.24 -18.12
N LEU B 831 -24.66 42.04 -18.50
CA LEU B 831 -23.60 41.48 -17.64
C LEU B 831 -22.63 42.60 -17.29
N ALA B 832 -21.70 42.32 -16.38
CA ALA B 832 -20.73 43.31 -15.87
C ALA B 832 -19.96 43.93 -17.03
N ASP B 833 -19.62 43.12 -18.03
CA ASP B 833 -18.66 43.49 -19.12
C ASP B 833 -19.25 43.19 -20.49
N ALA B 834 -20.53 42.85 -20.61
CA ALA B 834 -21.09 42.40 -21.89
C ALA B 834 -22.62 42.41 -21.84
N VAL B 835 -23.20 42.33 -23.04
CA VAL B 835 -24.66 42.10 -23.26
C VAL B 835 -24.80 40.69 -23.80
N LEU B 836 -25.83 39.99 -23.34
CA LEU B 836 -26.07 38.56 -23.67
C LEU B 836 -27.46 38.42 -24.28
N ILE B 837 -27.51 38.12 -25.58
CA ILE B 837 -28.75 37.79 -26.31
C ILE B 837 -28.81 36.26 -26.42
N THR B 838 -29.95 35.68 -25.99
CA THR B 838 -30.17 34.22 -25.93
C THR B 838 -31.44 33.93 -26.70
N THR B 839 -31.41 32.98 -27.63
CA THR B 839 -32.55 32.70 -28.53
C THR B 839 -32.74 31.21 -28.68
N ALA B 840 -33.92 30.84 -29.17
CA ALA B 840 -34.29 29.46 -29.49
C ALA B 840 -35.35 29.47 -30.60
N HIS B 841 -35.14 28.66 -31.63
CA HIS B 841 -36.12 28.46 -32.72
C HIS B 841 -36.35 26.97 -32.92
N ALA B 842 -37.56 26.64 -33.33
CA ALA B 842 -37.91 25.29 -33.79
C ALA B 842 -38.30 25.40 -35.26
N TRP B 843 -37.72 24.55 -36.10
CA TRP B 843 -38.09 24.45 -37.53
C TRP B 843 -39.06 23.29 -37.65
N GLN B 844 -40.27 23.59 -38.13
CA GLN B 844 -41.36 22.58 -38.26
C GLN B 844 -41.80 22.47 -39.72
N HIS B 845 -42.37 21.31 -40.03
CA HIS B 845 -43.04 21.03 -41.30
C HIS B 845 -44.26 20.17 -41.01
N GLN B 846 -45.43 20.77 -41.21
CA GLN B 846 -46.75 20.12 -41.08
C GLN B 846 -46.78 19.32 -39.77
N GLY B 847 -46.43 20.00 -38.68
CA GLY B 847 -46.70 19.49 -37.32
C GLY B 847 -45.48 18.85 -36.71
N LYS B 848 -44.49 18.47 -37.53
CA LYS B 848 -43.30 17.74 -37.04
C LYS B 848 -42.16 18.73 -36.83
N THR B 849 -41.56 18.68 -35.64
CA THR B 849 -40.39 19.50 -35.29
C THR B 849 -39.14 18.78 -35.80
N LEU B 850 -38.49 19.40 -36.79
CA LEU B 850 -37.31 18.82 -37.47
C LEU B 850 -36.06 19.21 -36.70
N PHE B 851 -35.86 20.51 -36.48
CA PHE B 851 -34.64 21.04 -35.81
C PHE B 851 -35.02 22.03 -34.72
N ILE B 852 -34.22 22.05 -33.67
CA ILE B 852 -34.25 23.12 -32.62
C ILE B 852 -32.85 23.70 -32.54
N SER B 853 -32.77 25.02 -32.58
CA SER B 853 -31.47 25.74 -32.44
C SER B 853 -31.58 26.65 -31.23
N ARG B 854 -30.68 26.47 -30.27
CA ARG B 854 -30.53 27.41 -29.13
C ARG B 854 -29.20 28.14 -29.32
N LYS B 855 -29.24 29.47 -29.27
CA LYS B 855 -28.02 30.29 -29.43
C LYS B 855 -27.81 31.22 -28.23
N THR B 856 -26.57 31.66 -28.07
CA THR B 856 -26.23 32.79 -27.19
C THR B 856 -25.29 33.69 -27.97
N TYR B 857 -25.71 34.94 -28.17
CA TYR B 857 -24.84 36.01 -28.72
C TYR B 857 -24.32 36.80 -27.53
N ARG B 858 -23.00 36.89 -27.38
CA ARG B 858 -22.37 37.60 -26.23
C ARG B 858 -21.41 38.64 -26.77
N ILE B 859 -21.81 39.91 -26.67
CA ILE B 859 -21.07 41.08 -27.22
C ILE B 859 -20.36 41.77 -26.06
N ASP B 860 -19.03 41.75 -26.11
CA ASP B 860 -18.16 42.21 -24.99
C ASP B 860 -17.54 43.56 -25.37
N GLY B 861 -16.72 44.07 -24.46
CA GLY B 861 -16.16 45.43 -24.57
C GLY B 861 -15.23 45.56 -25.75
N SER B 862 -14.69 44.46 -26.26
CA SER B 862 -13.68 44.46 -27.36
C SER B 862 -14.36 44.50 -28.74
N GLY B 863 -15.69 44.62 -28.78
CA GLY B 863 -16.43 44.64 -30.05
C GLY B 863 -16.51 43.27 -30.68
N GLN B 864 -16.32 42.21 -29.88
CA GLN B 864 -16.35 40.82 -30.36
C GLN B 864 -17.70 40.20 -29.98
N MET B 865 -18.35 39.54 -30.95
CA MET B 865 -19.66 38.88 -30.74
C MET B 865 -19.46 37.38 -30.78
N ALA B 866 -19.46 36.75 -29.61
CA ALA B 866 -19.32 35.28 -29.46
C ALA B 866 -20.71 34.64 -29.62
N ILE B 867 -20.86 33.85 -30.68
CA ILE B 867 -22.12 33.10 -30.98
C ILE B 867 -21.92 31.64 -30.61
N THR B 868 -22.77 31.14 -29.71
CA THR B 868 -22.80 29.72 -29.32
C THR B 868 -24.07 29.05 -29.85
N VAL B 869 -23.88 28.00 -30.64
CA VAL B 869 -25.01 27.30 -31.29
C VAL B 869 -25.08 25.86 -30.78
N ASP B 870 -26.29 25.45 -30.42
CA ASP B 870 -26.59 24.10 -29.89
C ASP B 870 -27.87 23.62 -30.58
N VAL B 871 -27.72 22.66 -31.50
CA VAL B 871 -28.83 22.21 -32.39
C VAL B 871 -29.24 20.78 -32.01
N GLU B 872 -30.56 20.55 -31.98
CA GLU B 872 -31.15 19.20 -31.91
C GLU B 872 -31.76 18.86 -33.27
N VAL B 873 -31.51 17.66 -33.75
CA VAL B 873 -32.07 17.14 -35.02
C VAL B 873 -32.86 15.88 -34.72
N ALA B 874 -34.12 15.85 -35.14
CA ALA B 874 -35.00 14.71 -34.87
C ALA B 874 -34.31 13.46 -35.42
N SER B 875 -34.30 12.39 -34.64
CA SER B 875 -33.62 11.12 -34.98
C SER B 875 -34.22 10.51 -36.24
N ASP B 876 -35.49 10.76 -36.52
CA ASP B 876 -36.24 10.00 -37.55
C ASP B 876 -36.51 10.89 -38.77
N THR B 877 -35.88 12.06 -38.82
CA THR B 877 -35.88 12.88 -40.07
C THR B 877 -34.61 12.47 -40.81
N PRO B 878 -34.57 12.57 -42.14
CA PRO B 878 -33.32 12.30 -42.87
C PRO B 878 -32.20 13.22 -42.38
N HIS B 879 -31.00 12.67 -42.25
CA HIS B 879 -29.84 13.44 -41.72
C HIS B 879 -29.66 14.69 -42.58
N PRO B 880 -29.51 15.89 -41.97
CA PRO B 880 -29.44 17.12 -42.76
C PRO B 880 -28.10 17.29 -43.49
N ALA B 881 -28.13 18.15 -44.51
CA ALA B 881 -26.99 18.33 -45.43
C ALA B 881 -25.93 19.17 -44.74
N ARG B 882 -26.36 20.03 -43.82
CA ARG B 882 -25.42 20.94 -43.13
C ARG B 882 -26.07 21.47 -41.86
N ILE B 883 -25.24 21.88 -40.92
CA ILE B 883 -25.68 22.59 -39.70
C ILE B 883 -24.81 23.83 -39.57
N GLY B 884 -25.38 24.98 -39.91
CA GLY B 884 -24.64 26.26 -39.80
C GLY B 884 -25.58 27.43 -39.88
N LEU B 885 -24.97 28.58 -40.11
CA LEU B 885 -25.68 29.87 -40.29
C LEU B 885 -25.36 30.34 -41.69
N ASN B 886 -26.18 31.26 -42.19
CA ASN B 886 -25.81 31.99 -43.41
C ASN B 886 -26.43 33.37 -43.36
N CYS B 887 -25.88 34.25 -44.17
CA CYS B 887 -26.42 35.61 -44.36
C CYS B 887 -25.86 36.14 -45.66
N GLN B 888 -26.48 37.21 -46.14
CA GLN B 888 -25.98 38.00 -47.27
C GLN B 888 -25.38 39.27 -46.70
N LEU B 889 -24.08 39.46 -46.85
CA LEU B 889 -23.40 40.71 -46.41
C LEU B 889 -23.55 41.79 -47.49
N ALA B 890 -23.45 43.05 -47.10
CA ALA B 890 -23.54 44.20 -48.03
C ALA B 890 -22.21 44.34 -48.78
N GLN B 891 -21.10 44.07 -48.11
CA GLN B 891 -19.74 44.26 -48.69
C GLN B 891 -19.57 43.28 -49.86
N VAL B 892 -18.85 43.71 -50.87
CA VAL B 892 -18.29 42.85 -51.94
C VAL B 892 -16.80 43.15 -52.00
N ALA B 893 -16.01 42.30 -51.40
CA ALA B 893 -14.54 42.49 -51.36
C ALA B 893 -13.91 41.67 -52.47
N GLU B 894 -12.66 41.99 -52.78
CA GLU B 894 -11.95 41.35 -53.92
C GLU B 894 -11.24 40.08 -53.43
N ARG B 895 -10.77 40.04 -52.19
CA ARG B 895 -9.96 38.91 -51.68
C ARG B 895 -10.70 38.19 -50.55
N VAL B 896 -10.41 36.90 -50.40
CA VAL B 896 -10.89 36.04 -49.28
C VAL B 896 -9.68 35.35 -48.65
N ASN B 897 -9.49 35.55 -47.35
CA ASN B 897 -8.28 35.13 -46.61
C ASN B 897 -8.73 34.27 -45.45
N TRP B 898 -8.26 33.02 -45.41
CA TRP B 898 -8.70 32.08 -44.36
C TRP B 898 -7.54 31.21 -43.89
N LEU B 899 -7.59 30.88 -42.62
CA LEU B 899 -6.65 29.91 -42.02
C LEU B 899 -7.42 28.61 -41.89
N GLY B 900 -7.05 27.64 -42.74
CA GLY B 900 -7.66 26.29 -42.72
C GLY B 900 -7.22 25.48 -43.91
N LEU B 901 -8.02 24.48 -44.25
CA LEU B 901 -7.74 23.59 -45.39
C LEU B 901 -7.94 24.33 -46.70
N GLY B 902 -6.96 24.20 -47.59
CA GLY B 902 -7.04 24.80 -48.93
C GLY B 902 -5.84 24.43 -49.80
N PRO B 903 -5.55 25.22 -50.85
CA PRO B 903 -6.40 26.36 -51.26
C PRO B 903 -7.73 26.02 -51.97
N GLN B 904 -7.82 24.84 -52.55
CA GLN B 904 -8.98 24.46 -53.41
C GLN B 904 -10.15 24.04 -52.54
N GLU B 905 -11.29 23.87 -53.21
CA GLU B 905 -12.56 23.38 -52.63
C GLU B 905 -12.34 22.01 -51.99
N ASN B 906 -12.80 21.84 -50.77
CA ASN B 906 -12.65 20.55 -50.07
C ASN B 906 -13.87 20.32 -49.18
N TYR B 907 -14.27 19.04 -49.06
CA TYR B 907 -15.46 18.58 -48.33
C TYR B 907 -15.04 17.47 -47.38
N PRO B 908 -15.81 17.21 -46.29
CA PRO B 908 -15.45 16.17 -45.31
C PRO B 908 -14.89 14.87 -45.88
N ASP B 909 -15.49 14.35 -46.94
CA ASP B 909 -15.03 13.06 -47.53
C ASP B 909 -14.14 13.35 -48.76
N ARG B 910 -13.68 14.59 -48.91
CA ARG B 910 -12.75 14.95 -50.01
C ARG B 910 -11.88 16.13 -49.58
N LEU B 911 -11.02 15.91 -48.57
CA LEU B 911 -10.14 17.00 -48.05
C LEU B 911 -8.71 16.50 -47.81
N THR B 912 -8.32 15.34 -48.32
CA THR B 912 -6.98 14.77 -48.00
C THR B 912 -5.90 15.52 -48.80
N ALA B 913 -6.21 16.02 -49.97
CA ALA B 913 -5.27 16.83 -50.79
C ALA B 913 -5.13 18.23 -50.19
N ALA B 914 -6.16 18.76 -49.53
CA ALA B 914 -6.09 20.12 -48.97
C ALA B 914 -5.09 20.11 -47.81
N CYS B 915 -4.48 21.27 -47.56
CA CYS B 915 -3.52 21.44 -46.44
C CYS B 915 -3.88 22.67 -45.61
N PHE B 916 -3.56 22.59 -44.33
CA PHE B 916 -3.76 23.66 -43.35
C PHE B 916 -2.66 24.72 -43.49
N ASP B 917 -3.06 25.92 -43.85
CA ASP B 917 -2.14 27.08 -44.00
C ASP B 917 -2.98 28.34 -44.07
N ARG B 918 -2.33 29.48 -44.20
CA ARG B 918 -3.06 30.73 -44.54
C ARG B 918 -3.18 30.74 -46.06
N TRP B 919 -4.40 30.97 -46.55
CA TRP B 919 -4.70 31.06 -47.99
C TRP B 919 -5.28 32.45 -48.29
N ASP B 920 -4.95 32.98 -49.45
CA ASP B 920 -5.51 34.26 -49.92
C ASP B 920 -5.79 34.12 -51.41
N LEU B 921 -7.06 34.08 -51.79
CA LEU B 921 -7.48 33.98 -53.21
C LEU B 921 -8.51 35.07 -53.50
N PRO B 922 -8.73 35.39 -54.80
CA PRO B 922 -9.85 36.24 -55.18
C PRO B 922 -11.20 35.54 -54.96
N LEU B 923 -12.22 36.29 -54.61
CA LEU B 923 -13.58 35.78 -54.38
C LEU B 923 -14.04 34.89 -55.54
N SER B 924 -13.60 35.16 -56.77
CA SER B 924 -14.02 34.38 -57.98
C SER B 924 -13.55 32.93 -57.85
N ASP B 925 -12.38 32.71 -57.25
CA ASP B 925 -11.77 31.37 -57.04
C ASP B 925 -12.50 30.62 -55.92
N MET B 926 -13.35 31.29 -55.16
CA MET B 926 -14.09 30.62 -54.04
C MET B 926 -15.43 30.05 -54.54
N TYR B 927 -15.72 30.20 -55.84
CA TYR B 927 -16.89 29.61 -56.53
C TYR B 927 -16.37 28.64 -57.58
N THR B 928 -16.93 27.44 -57.62
CA THR B 928 -16.51 26.40 -58.58
C THR B 928 -17.56 26.25 -59.67
N PRO B 929 -17.24 26.60 -60.94
CA PRO B 929 -18.26 26.76 -61.98
C PRO B 929 -18.67 25.40 -62.57
N TYR B 930 -19.20 24.52 -61.72
CA TYR B 930 -19.88 23.30 -62.19
C TYR B 930 -20.99 23.72 -63.16
N VAL B 931 -21.10 23.02 -64.28
CA VAL B 931 -22.04 23.41 -65.36
C VAL B 931 -23.46 23.25 -64.85
N PHE B 932 -23.76 22.17 -64.13
CA PHE B 932 -25.02 22.04 -63.34
C PHE B 932 -24.79 22.65 -61.96
N PRO B 933 -25.35 23.84 -61.65
CA PRO B 933 -25.02 24.53 -60.42
C PRO B 933 -25.50 23.76 -59.18
N SER B 934 -24.63 23.71 -58.18
CA SER B 934 -24.91 23.05 -56.89
C SER B 934 -24.14 23.75 -55.79
N GLU B 935 -24.32 23.28 -54.57
CA GLU B 935 -23.43 23.70 -53.46
C GLU B 935 -22.01 23.51 -53.97
N ASN B 936 -21.14 24.48 -53.69
CA ASN B 936 -19.73 24.46 -54.16
C ASN B 936 -18.86 25.41 -53.35
N GLY B 937 -17.55 25.24 -53.47
CA GLY B 937 -16.56 26.19 -52.92
C GLY B 937 -16.38 26.09 -51.41
N LEU B 938 -16.91 25.06 -50.76
CA LEU B 938 -16.66 24.89 -49.32
C LEU B 938 -15.18 24.64 -49.08
N ARG B 939 -14.66 25.26 -48.02
CA ARG B 939 -13.35 24.90 -47.39
C ARG B 939 -13.66 24.42 -45.98
N CYS B 940 -12.92 23.39 -45.55
CA CYS B 940 -13.14 22.72 -44.24
C CYS B 940 -12.05 23.08 -43.22
N GLY B 941 -12.29 22.70 -41.97
CA GLY B 941 -11.33 22.83 -40.87
C GLY B 941 -10.74 24.23 -40.76
N THR B 942 -11.56 25.26 -40.94
CA THR B 942 -11.09 26.67 -40.97
C THR B 942 -11.22 27.29 -39.59
N ARG B 943 -10.12 27.87 -39.07
CA ARG B 943 -10.07 28.47 -37.71
C ARG B 943 -10.25 29.98 -37.77
N GLU B 944 -10.03 30.60 -38.93
CA GLU B 944 -10.17 32.06 -39.12
C GLU B 944 -10.60 32.32 -40.57
N LEU B 945 -11.57 33.22 -40.74
CA LEU B 945 -11.99 33.70 -42.08
C LEU B 945 -12.00 35.22 -42.06
N ASN B 946 -11.55 35.82 -43.15
CA ASN B 946 -11.43 37.29 -43.29
C ASN B 946 -12.08 37.70 -44.60
N TYR B 947 -12.93 38.71 -44.56
CA TYR B 947 -13.62 39.22 -45.76
C TYR B 947 -14.02 40.65 -45.50
N GLY B 948 -13.38 41.57 -46.22
CA GLY B 948 -13.54 43.02 -46.01
C GLY B 948 -13.15 43.40 -44.59
N PRO B 949 -14.02 44.10 -43.83
CA PRO B 949 -13.74 44.40 -42.43
C PRO B 949 -13.96 43.22 -41.49
N HIS B 950 -14.60 42.14 -41.96
CA HIS B 950 -15.12 41.05 -41.09
C HIS B 950 -14.04 40.00 -40.80
N GLN B 951 -14.10 39.45 -39.60
CA GLN B 951 -13.31 38.27 -39.20
C GLN B 951 -14.21 37.31 -38.44
N TRP B 952 -14.23 36.05 -38.84
CA TRP B 952 -14.88 34.97 -38.06
C TRP B 952 -13.81 34.01 -37.55
N ARG B 953 -13.87 33.67 -36.28
CA ARG B 953 -12.96 32.68 -35.67
C ARG B 953 -13.77 31.53 -35.12
N GLY B 954 -13.18 30.32 -35.15
CA GLY B 954 -13.76 29.15 -34.49
C GLY B 954 -13.16 27.87 -34.99
N ASP B 955 -14.02 26.90 -35.28
CA ASP B 955 -13.63 25.66 -36.00
C ASP B 955 -14.79 25.31 -36.91
N PHE B 956 -14.70 25.61 -38.20
CA PHE B 956 -15.89 25.55 -39.08
C PHE B 956 -15.51 25.26 -40.52
N GLN B 957 -16.54 24.98 -41.29
CA GLN B 957 -16.49 24.92 -42.76
C GLN B 957 -17.23 26.15 -43.30
N PHE B 958 -16.81 26.67 -44.45
CA PHE B 958 -17.49 27.84 -45.06
C PHE B 958 -17.45 27.75 -46.58
N ASN B 959 -18.42 28.38 -47.21
CA ASN B 959 -18.30 28.83 -48.61
C ASN B 959 -18.75 30.29 -48.69
N ILE B 960 -18.36 30.96 -49.76
CA ILE B 960 -18.62 32.42 -49.90
C ILE B 960 -18.61 32.78 -51.38
N SER B 961 -19.69 33.37 -51.85
CA SER B 961 -19.85 33.68 -53.29
C SER B 961 -20.98 34.69 -53.48
N ARG B 962 -21.18 35.07 -54.73
CA ARG B 962 -22.25 36.01 -55.11
C ARG B 962 -23.54 35.24 -55.41
N TYR B 963 -23.57 33.93 -55.14
CA TYR B 963 -24.71 33.06 -55.51
C TYR B 963 -25.28 32.36 -54.28
N SER B 964 -26.58 32.55 -54.05
CA SER B 964 -27.30 31.97 -52.90
C SER B 964 -27.57 30.48 -53.13
N GLN B 965 -27.67 29.73 -52.05
CA GLN B 965 -28.10 28.31 -52.11
C GLN B 965 -29.47 28.24 -52.80
N GLN B 966 -30.29 29.28 -52.63
CA GLN B 966 -31.61 29.34 -53.33
C GLN B 966 -31.37 29.43 -54.85
N GLN B 967 -30.54 30.37 -55.30
CA GLN B 967 -30.33 30.57 -56.75
C GLN B 967 -29.69 29.32 -57.35
N LEU B 968 -28.67 28.76 -56.68
CA LEU B 968 -27.95 27.57 -57.20
C LEU B 968 -28.93 26.40 -57.36
N MET B 969 -29.83 26.24 -56.40
CA MET B 969 -30.82 25.14 -56.39
C MET B 969 -31.81 25.28 -57.57
N GLU B 970 -32.15 26.50 -57.97
CA GLU B 970 -33.26 26.74 -58.94
C GLU B 970 -32.71 26.95 -60.34
N THR B 971 -31.40 26.92 -60.53
CA THR B 971 -30.76 27.25 -61.84
C THR B 971 -30.07 26.00 -62.39
N SER B 972 -30.36 25.68 -63.65
CA SER B 972 -29.98 24.42 -64.34
C SER B 972 -28.60 24.55 -65.00
N HIS B 973 -28.19 25.77 -65.39
CA HIS B 973 -26.94 25.98 -66.15
C HIS B 973 -26.14 27.13 -65.53
N ARG B 974 -24.83 26.96 -65.41
CA ARG B 974 -23.97 27.97 -64.78
C ARG B 974 -24.08 29.30 -65.52
N HIS B 975 -24.33 29.30 -66.83
CA HIS B 975 -24.37 30.52 -67.68
C HIS B 975 -25.65 31.31 -67.45
N LEU B 976 -26.62 30.78 -66.69
CA LEU B 976 -27.88 31.50 -66.35
C LEU B 976 -27.79 32.15 -64.97
N LEU B 977 -26.69 31.98 -64.22
CA LEU B 977 -26.54 32.57 -62.86
C LEU B 977 -26.25 34.07 -63.00
N HIS B 978 -26.84 34.87 -62.11
CA HIS B 978 -26.57 36.32 -61.95
C HIS B 978 -25.99 36.54 -60.55
N ALA B 979 -24.95 37.37 -60.45
CA ALA B 979 -24.43 37.83 -59.14
C ALA B 979 -25.57 38.50 -58.38
N GLU B 980 -25.75 38.15 -57.11
CA GLU B 980 -26.76 38.79 -56.24
C GLU B 980 -26.13 40.03 -55.60
N GLU B 981 -26.95 40.81 -54.90
CA GLU B 981 -26.64 42.22 -54.54
C GLU B 981 -25.32 42.23 -53.78
N GLY B 982 -25.17 41.36 -52.80
CA GLY B 982 -23.94 41.35 -51.99
C GLY B 982 -23.15 40.06 -52.13
N THR B 983 -22.70 39.53 -51.01
CA THR B 983 -21.92 38.28 -50.92
C THR B 983 -22.63 37.34 -49.96
N TRP B 984 -23.00 36.16 -50.44
CA TRP B 984 -23.62 35.13 -49.59
C TRP B 984 -22.52 34.38 -48.86
N LEU B 985 -22.66 34.28 -47.54
CA LEU B 985 -21.69 33.58 -46.68
C LEU B 985 -22.43 32.46 -45.94
N ASN B 986 -21.98 31.23 -46.15
CA ASN B 986 -22.46 30.06 -45.39
C ASN B 986 -21.35 29.59 -44.45
N ILE B 987 -21.58 29.67 -43.15
CA ILE B 987 -20.63 29.11 -42.15
C ILE B 987 -21.29 27.91 -41.49
N ASP B 988 -20.68 26.74 -41.64
CA ASP B 988 -21.24 25.49 -41.07
C ASP B 988 -20.32 25.00 -39.96
N GLY B 989 -20.88 24.63 -38.83
CA GLY B 989 -20.14 23.81 -37.85
C GLY B 989 -19.99 22.42 -38.41
N PHE B 990 -20.97 21.97 -39.19
CA PHE B 990 -21.01 20.59 -39.69
C PHE B 990 -21.58 20.54 -41.10
N HIS B 991 -21.00 19.67 -41.92
CA HIS B 991 -21.43 19.50 -43.32
C HIS B 991 -21.38 18.01 -43.68
N MET B 992 -22.43 17.58 -44.34
CA MET B 992 -22.55 16.20 -44.85
C MET B 992 -21.54 15.96 -45.99
N GLY B 993 -21.06 14.73 -46.10
CA GLY B 993 -20.19 14.30 -47.20
C GLY B 993 -20.88 14.49 -48.53
N ILE B 994 -20.11 14.44 -49.60
CA ILE B 994 -20.63 14.63 -50.98
C ILE B 994 -20.84 13.29 -51.69
N GLY B 995 -20.22 12.21 -51.20
CA GLY B 995 -20.38 10.89 -51.83
C GLY B 995 -19.75 10.85 -53.21
N GLY B 996 -20.10 9.85 -54.01
CA GLY B 996 -19.67 9.73 -55.41
C GLY B 996 -19.13 8.38 -55.81
N ASP B 997 -19.34 7.32 -55.04
CA ASP B 997 -18.99 5.94 -55.47
C ASP B 997 -19.86 5.56 -56.66
N ASP B 998 -21.09 6.07 -56.67
CA ASP B 998 -21.90 6.22 -57.92
C ASP B 998 -22.77 7.47 -57.76
N SER B 999 -23.48 7.82 -58.83
CA SER B 999 -24.32 9.03 -58.90
C SER B 999 -25.78 8.69 -59.16
N TRP B 1000 -26.21 7.46 -58.86
CA TRP B 1000 -27.61 7.04 -59.07
C TRP B 1000 -28.21 6.41 -57.80
N SER B 1001 -27.41 6.26 -56.76
CA SER B 1001 -27.89 5.78 -55.43
C SER B 1001 -27.12 6.52 -54.35
N PRO B 1002 -27.67 6.59 -53.12
CA PRO B 1002 -26.95 7.22 -52.01
C PRO B 1002 -25.56 6.63 -51.78
N SER B 1003 -24.56 7.51 -51.78
CA SER B 1003 -23.12 7.12 -51.82
C SER B 1003 -22.37 7.70 -50.61
N VAL B 1004 -23.02 8.52 -49.80
CA VAL B 1004 -22.34 9.17 -48.65
C VAL B 1004 -22.24 8.16 -47.51
N SER B 1005 -21.02 7.79 -47.15
CA SER B 1005 -20.76 6.76 -46.12
C SER B 1005 -21.26 7.27 -44.76
N ALA B 1006 -21.54 6.36 -43.84
CA ALA B 1006 -22.14 6.66 -42.51
C ALA B 1006 -21.30 7.68 -41.74
N GLU B 1007 -19.97 7.60 -41.78
CA GLU B 1007 -19.07 8.51 -41.00
C GLU B 1007 -19.31 9.98 -41.41
N PHE B 1008 -19.81 10.24 -42.61
CA PHE B 1008 -19.92 11.63 -43.13
C PHE B 1008 -21.38 12.07 -43.16
N GLN B 1009 -22.27 11.30 -42.56
CA GLN B 1009 -23.68 11.73 -42.42
C GLN B 1009 -23.84 12.37 -41.04
N LEU B 1010 -24.72 13.36 -40.94
CA LEU B 1010 -24.89 14.11 -39.69
C LEU B 1010 -26.01 13.48 -38.85
N SER B 1011 -25.67 12.39 -38.17
CA SER B 1011 -26.63 11.54 -37.43
C SER B 1011 -26.48 11.75 -35.92
N ALA B 1012 -25.62 12.66 -35.46
CA ALA B 1012 -25.25 12.72 -34.03
C ALA B 1012 -26.47 13.05 -33.15
N GLY B 1013 -27.42 13.84 -33.65
CA GLY B 1013 -28.63 14.23 -32.89
C GLY B 1013 -28.49 15.62 -32.27
N ARG B 1014 -27.47 15.80 -31.40
CA ARG B 1014 -27.11 17.10 -30.76
C ARG B 1014 -25.78 17.55 -31.40
N TYR B 1015 -25.71 18.84 -31.77
CA TYR B 1015 -24.51 19.45 -32.39
C TYR B 1015 -24.23 20.78 -31.69
N HIS B 1016 -22.94 21.10 -31.56
CA HIS B 1016 -22.47 22.32 -30.90
C HIS B 1016 -21.37 22.95 -31.74
N TYR B 1017 -21.44 24.25 -31.97
CA TYR B 1017 -20.36 24.99 -32.63
C TYR B 1017 -20.40 26.42 -32.11
N GLN B 1018 -19.24 27.09 -32.14
CA GLN B 1018 -19.03 28.44 -31.58
C GLN B 1018 -18.27 29.26 -32.61
N LEU B 1019 -18.77 30.46 -32.85
CA LEU B 1019 -18.12 31.45 -33.74
C LEU B 1019 -17.87 32.73 -32.94
N VAL B 1020 -16.82 33.44 -33.33
CA VAL B 1020 -16.62 34.85 -32.90
C VAL B 1020 -16.63 35.71 -34.15
N TRP B 1021 -17.52 36.69 -34.16
CA TRP B 1021 -17.66 37.70 -35.23
C TRP B 1021 -17.16 39.04 -34.68
N CYS B 1022 -16.13 39.60 -35.30
CA CYS B 1022 -15.58 40.94 -34.95
C CYS B 1022 -15.21 41.68 -36.22
N GLN B 1023 -14.93 42.96 -36.06
CA GLN B 1023 -14.55 43.86 -37.18
C GLN B 1023 -13.04 44.08 -37.12
N LYS B 1024 -12.52 44.70 -38.16
CA LYS B 1024 -11.07 45.02 -38.30
C LYS B 1024 -10.92 46.26 -39.19
N ILE C 4 20.21 9.90 114.98
CA ILE C 4 21.19 11.02 114.69
C ILE C 4 21.81 10.80 113.31
N THR C 5 21.90 9.54 112.88
CA THR C 5 22.33 9.16 111.51
C THR C 5 21.09 8.88 110.65
N ASP C 6 19.90 9.22 111.15
CA ASP C 6 18.66 9.38 110.33
C ASP C 6 18.43 10.86 110.00
N SER C 7 19.16 11.77 110.61
CA SER C 7 18.97 13.22 110.39
C SER C 7 19.28 13.52 108.93
N LEU C 8 18.68 14.58 108.41
CA LEU C 8 18.92 15.02 107.02
C LEU C 8 20.39 15.38 106.85
N ALA C 9 21.03 15.96 107.87
CA ALA C 9 22.42 16.43 107.77
C ALA C 9 23.36 15.25 107.45
N VAL C 10 23.06 14.06 107.96
CA VAL C 10 23.93 12.87 107.71
C VAL C 10 23.57 12.23 106.37
N VAL C 11 22.28 12.07 106.10
CA VAL C 11 21.82 11.40 104.86
C VAL C 11 22.19 12.30 103.67
N LEU C 12 21.92 13.60 103.77
CA LEU C 12 22.10 14.52 102.62
C LEU C 12 23.59 14.78 102.36
N GLN C 13 24.43 14.62 103.37
CA GLN C 13 25.88 14.91 103.19
C GLN C 13 26.50 13.89 102.22
N ARG C 14 25.98 12.65 102.18
CA ARG C 14 26.52 11.57 101.31
C ARG C 14 26.25 11.91 99.82
N ARG C 15 25.36 12.87 99.52
CA ARG C 15 25.05 13.36 98.15
C ARG C 15 25.03 12.18 97.18
N ASP C 16 24.18 11.20 97.48
CA ASP C 16 24.05 9.98 96.65
C ASP C 16 23.41 10.35 95.29
N TRP C 17 22.85 11.56 95.15
CA TRP C 17 22.17 11.99 93.90
C TRP C 17 23.17 12.65 92.96
N GLU C 18 24.44 12.71 93.33
CA GLU C 18 25.52 13.22 92.44
C GLU C 18 26.62 12.15 92.35
N ASN C 19 26.20 10.90 92.16
CA ASN C 19 27.13 9.74 92.13
C ASN C 19 26.46 8.58 91.38
N PRO C 20 26.82 8.32 90.12
CA PRO C 20 26.21 7.24 89.37
C PRO C 20 26.68 5.84 89.81
N GLY C 21 27.56 5.77 90.83
CA GLY C 21 27.90 4.51 91.52
C GLY C 21 26.88 4.14 92.60
N VAL C 22 26.00 5.06 92.97
CA VAL C 22 24.87 4.77 93.92
C VAL C 22 23.56 5.12 93.22
N THR C 23 22.82 4.13 92.75
CA THR C 23 21.49 4.36 92.10
C THR C 23 20.36 3.87 93.01
N GLN C 24 20.70 3.26 94.15
CA GLN C 24 19.68 2.80 95.11
C GLN C 24 20.39 2.44 96.40
N LEU C 25 19.63 2.43 97.49
CA LEU C 25 20.11 1.88 98.79
C LEU C 25 18.96 1.13 99.46
N ASN C 26 19.17 -0.15 99.73
CA ASN C 26 18.22 -1.03 100.46
C ASN C 26 16.96 -1.21 99.64
N ARG C 27 17.01 -0.99 98.33
CA ARG C 27 15.88 -1.28 97.42
C ARG C 27 15.81 -2.79 97.12
N LEU C 28 14.60 -3.34 97.12
CA LEU C 28 14.37 -4.78 96.85
C LEU C 28 14.50 -5.09 95.36
N ALA C 29 14.72 -6.37 95.05
CA ALA C 29 14.88 -6.87 93.66
C ALA C 29 13.60 -6.60 92.89
N ALA C 30 13.73 -6.26 91.61
CA ALA C 30 12.61 -6.12 90.67
C ALA C 30 12.08 -7.51 90.28
N HIS C 31 10.83 -7.53 89.81
CA HIS C 31 10.05 -8.76 89.59
C HIS C 31 8.81 -8.42 88.77
N PRO C 32 8.07 -9.43 88.25
CA PRO C 32 6.77 -9.18 87.63
C PRO C 32 5.78 -8.69 88.66
N PRO C 33 4.60 -8.16 88.24
CA PRO C 33 3.62 -7.65 89.19
C PRO C 33 3.08 -8.69 90.19
N PHE C 34 3.21 -8.35 91.49
CA PHE C 34 2.78 -9.17 92.64
C PHE C 34 1.53 -8.57 93.29
N ALA C 35 0.67 -9.45 93.79
CA ALA C 35 -0.53 -9.08 94.58
C ALA C 35 -0.63 -9.91 95.86
N SER C 36 0.04 -11.05 95.93
CA SER C 36 0.06 -11.92 97.13
C SER C 36 -1.37 -12.30 97.52
N TRP C 37 -2.16 -12.79 96.58
CA TRP C 37 -3.47 -13.43 96.89
C TRP C 37 -3.23 -14.58 97.86
N ARG C 38 -4.17 -14.76 98.79
CA ARG C 38 -4.16 -15.92 99.74
C ARG C 38 -5.32 -16.86 99.43
N ASN C 39 -5.98 -16.66 98.30
CA ASN C 39 -7.04 -17.55 97.76
C ASN C 39 -6.77 -17.73 96.26
N SER C 40 -6.77 -18.97 95.80
CA SER C 40 -6.36 -19.32 94.42
C SER C 40 -7.37 -18.75 93.42
N GLU C 41 -8.64 -18.65 93.77
CA GLU C 41 -9.68 -18.21 92.79
C GLU C 41 -9.64 -16.69 92.62
N GLU C 42 -9.28 -15.94 93.66
CA GLU C 42 -9.12 -14.47 93.53
C GLU C 42 -8.01 -14.20 92.51
N ALA C 43 -6.92 -14.98 92.58
CA ALA C 43 -5.79 -14.87 91.64
C ALA C 43 -6.26 -15.21 90.22
N ARG C 44 -6.99 -16.29 90.06
CA ARG C 44 -7.44 -16.71 88.71
C ARG C 44 -8.31 -15.62 88.08
N THR C 45 -9.03 -14.84 88.87
CA THR C 45 -10.04 -13.90 88.34
C THR C 45 -9.47 -12.48 88.27
N ASP C 46 -8.28 -12.24 88.81
CA ASP C 46 -7.63 -10.90 88.79
C ASP C 46 -8.48 -9.89 89.57
N ARG C 47 -9.19 -10.38 90.60
CA ARG C 47 -9.93 -9.49 91.52
C ARG C 47 -8.96 -8.79 92.46
N PRO C 48 -9.36 -7.66 93.07
CA PRO C 48 -8.57 -7.00 94.11
C PRO C 48 -8.04 -7.96 95.18
N SER C 49 -6.85 -7.67 95.68
CA SER C 49 -6.13 -8.45 96.72
C SER C 49 -6.18 -7.67 98.02
N GLN C 50 -6.68 -8.29 99.08
CA GLN C 50 -6.68 -7.68 100.44
C GLN C 50 -5.23 -7.45 100.90
N GLN C 51 -4.23 -7.96 100.19
CA GLN C 51 -2.80 -7.83 100.61
C GLN C 51 -2.11 -6.72 99.81
N LEU C 52 -2.83 -6.07 98.89
CA LEU C 52 -2.29 -4.95 98.08
C LEU C 52 -3.15 -3.72 98.32
N ARG C 53 -2.71 -2.83 99.21
CA ARG C 53 -3.38 -1.55 99.50
C ARG C 53 -2.71 -0.46 98.68
N SER C 54 -3.50 0.47 98.18
CA SER C 54 -3.01 1.68 97.51
C SER C 54 -2.89 2.78 98.55
N LEU C 55 -1.83 3.58 98.49
CA LEU C 55 -1.63 4.79 99.32
C LEU C 55 -1.90 6.04 98.49
N ASN C 56 -2.56 5.91 97.35
CA ASN C 56 -2.99 7.06 96.54
C ASN C 56 -4.04 7.84 97.33
N GLY C 57 -4.03 9.17 97.15
CA GLY C 57 -4.98 10.04 97.84
C GLY C 57 -4.29 11.30 98.32
N GLU C 58 -4.74 11.82 99.47
CA GLU C 58 -4.29 13.12 100.01
C GLU C 58 -3.03 12.90 100.84
N TRP C 59 -1.92 13.44 100.35
CA TRP C 59 -0.63 13.53 101.06
C TRP C 59 -0.40 14.98 101.47
N ARG C 60 0.63 15.20 102.26
CA ARG C 60 1.08 16.57 102.60
C ARG C 60 2.40 16.81 101.87
N PHE C 61 2.56 18.02 101.37
CA PHE C 61 3.66 18.37 100.45
C PHE C 61 4.19 19.77 100.75
N ALA C 62 5.51 19.90 100.65
CA ALA C 62 6.20 21.18 100.87
C ALA C 62 7.39 21.26 99.91
N TRP C 63 7.46 22.36 99.17
CA TRP C 63 8.51 22.63 98.17
C TRP C 63 9.68 23.35 98.81
N PHE C 64 10.88 23.06 98.33
CA PHE C 64 12.12 23.72 98.84
C PHE C 64 13.05 23.96 97.67
N PRO C 65 13.80 25.09 97.66
CA PRO C 65 14.70 25.38 96.55
C PRO C 65 15.90 24.43 96.48
N ALA C 66 16.27 23.81 97.60
CA ALA C 66 17.41 22.88 97.69
C ALA C 66 17.20 21.94 98.87
N PRO C 67 17.66 20.67 98.78
CA PRO C 67 17.50 19.75 99.90
C PRO C 67 18.11 20.30 101.22
N GLU C 68 19.17 21.10 101.09
CA GLU C 68 19.86 21.71 102.26
C GLU C 68 18.89 22.60 103.04
N ALA C 69 17.82 23.10 102.42
CA ALA C 69 16.87 24.06 103.04
C ALA C 69 15.81 23.36 103.89
N VAL C 70 15.60 22.05 103.71
CA VAL C 70 14.52 21.34 104.44
C VAL C 70 14.89 21.23 105.92
N PRO C 71 14.05 21.74 106.85
CA PRO C 71 14.38 21.64 108.28
C PRO C 71 14.32 20.20 108.80
N GLU C 72 15.21 19.90 109.75
CA GLU C 72 15.28 18.57 110.40
C GLU C 72 13.94 18.23 111.04
N SER C 73 13.20 19.24 111.47
CA SER C 73 11.82 19.13 111.99
C SER C 73 11.01 18.10 111.17
N TRP C 74 11.07 18.19 109.84
CA TRP C 74 10.18 17.49 108.89
C TRP C 74 10.23 15.96 109.10
N LEU C 75 11.35 15.42 109.59
CA LEU C 75 11.48 13.96 109.83
C LEU C 75 10.57 13.54 110.98
N GLU C 76 10.52 14.34 112.05
CA GLU C 76 9.81 13.98 113.30
C GLU C 76 8.35 14.36 113.15
N CYS C 77 8.05 15.38 112.36
CA CYS C 77 6.75 16.09 112.50
C CYS C 77 6.39 16.86 111.22
N ASP C 78 5.09 17.00 110.99
CA ASP C 78 4.52 17.60 109.77
C ASP C 78 4.74 19.12 109.76
N LEU C 79 5.19 19.66 108.65
CA LEU C 79 5.48 21.12 108.55
C LEU C 79 4.14 21.86 108.58
N PRO C 80 3.99 22.91 109.42
CA PRO C 80 2.79 23.74 109.35
C PRO C 80 2.61 24.37 107.96
N GLU C 81 3.71 24.87 107.37
CA GLU C 81 3.70 25.56 106.04
C GLU C 81 3.29 24.61 104.90
N ALA C 82 3.18 23.31 105.14
CA ALA C 82 2.86 22.32 104.10
C ALA C 82 1.43 22.52 103.63
N ASP C 83 1.12 21.97 102.46
CA ASP C 83 -0.23 21.95 101.87
C ASP C 83 -0.67 20.49 101.77
N THR C 84 -1.96 20.27 101.57
CA THR C 84 -2.52 18.93 101.29
C THR C 84 -2.75 18.77 99.78
N VAL C 85 -2.18 17.73 99.20
CA VAL C 85 -2.07 17.61 97.73
C VAL C 85 -2.33 16.17 97.34
N VAL C 86 -2.77 16.01 96.11
CA VAL C 86 -3.15 14.68 95.56
C VAL C 86 -1.87 13.97 95.13
N VAL C 87 -1.77 12.68 95.41
CA VAL C 87 -0.70 11.77 94.89
C VAL C 87 -1.36 10.56 94.25
N PRO C 88 -0.97 10.14 93.03
CA PRO C 88 0.18 10.70 92.31
C PRO C 88 -0.06 12.05 91.65
N SER C 89 1.02 12.83 91.57
CA SER C 89 1.04 14.22 91.05
C SER C 89 2.42 14.50 90.44
N ASN C 90 2.47 15.50 89.57
CA ASN C 90 3.73 16.24 89.29
C ASN C 90 3.57 17.61 89.95
N TRP C 91 4.57 18.07 90.69
CA TRP C 91 4.35 19.25 91.56
C TRP C 91 4.35 20.51 90.68
N GLN C 92 4.83 20.42 89.44
CA GLN C 92 4.77 21.55 88.48
C GLN C 92 3.32 21.82 88.13
N MET C 93 2.51 20.77 88.03
CA MET C 93 1.09 20.90 87.64
C MET C 93 0.28 21.54 88.77
N HIS C 94 0.84 21.58 89.99
CA HIS C 94 0.22 22.25 91.17
C HIS C 94 0.75 23.66 91.35
N GLY C 95 1.65 24.13 90.49
CA GLY C 95 2.12 25.53 90.46
C GLY C 95 3.40 25.76 91.27
N TYR C 96 4.01 24.72 91.85
CA TYR C 96 5.11 24.91 92.83
C TYR C 96 6.43 25.29 92.15
N ASP C 97 6.60 24.92 90.88
CA ASP C 97 7.64 25.54 90.02
C ASP C 97 7.24 25.25 88.58
N ALA C 98 8.04 25.73 87.64
CA ALA C 98 7.66 25.66 86.22
C ALA C 98 8.05 24.31 85.65
N PRO C 99 7.22 23.74 84.77
CA PRO C 99 7.68 22.67 83.88
C PRO C 99 8.59 23.28 82.81
N ILE C 100 9.66 22.56 82.48
CA ILE C 100 10.67 23.01 81.50
C ILE C 100 10.54 22.12 80.27
N TYR C 101 10.33 22.73 79.11
CA TYR C 101 10.34 22.00 77.83
C TYR C 101 11.61 22.32 77.04
N THR C 102 12.51 21.35 77.00
CA THR C 102 13.77 21.41 76.19
C THR C 102 13.92 20.07 75.48
N ASN C 103 14.34 20.14 74.23
CA ASN C 103 14.43 18.95 73.34
C ASN C 103 15.75 18.23 73.61
N VAL C 104 16.85 18.75 73.05
CA VAL C 104 18.18 18.09 73.17
C VAL C 104 18.94 18.72 74.33
N THR C 105 19.10 20.03 74.31
CA THR C 105 19.86 20.71 75.39
C THR C 105 19.33 20.26 76.75
N TYR C 106 20.22 19.72 77.59
CA TYR C 106 19.89 19.36 78.99
C TYR C 106 19.38 20.60 79.70
N PRO C 107 18.36 20.46 80.61
CA PRO C 107 17.84 21.60 81.36
C PRO C 107 18.76 22.05 82.49
N ILE C 108 19.83 21.29 82.75
CA ILE C 108 20.87 21.62 83.77
C ILE C 108 22.21 21.75 83.05
N THR C 109 23.14 22.48 83.67
CA THR C 109 24.54 22.56 83.19
C THR C 109 25.05 21.13 83.01
N VAL C 110 25.78 20.90 81.93
CA VAL C 110 26.33 19.54 81.62
C VAL C 110 27.68 19.42 82.31
N ASN C 111 27.68 18.71 83.43
CA ASN C 111 28.87 18.61 84.32
C ASN C 111 28.74 17.31 85.11
N PRO C 112 28.65 16.16 84.42
CA PRO C 112 28.35 14.90 85.10
C PRO C 112 29.45 14.54 86.08
N PRO C 113 29.11 13.94 87.25
CA PRO C 113 27.75 13.56 87.62
C PRO C 113 26.97 14.57 88.48
N PHE C 114 27.31 15.85 88.38
CA PHE C 114 26.81 16.87 89.32
C PHE C 114 25.53 17.47 88.77
N VAL C 115 24.78 18.06 89.69
CA VAL C 115 23.53 18.80 89.38
C VAL C 115 23.61 20.15 90.06
N PRO C 116 22.76 21.12 89.68
CA PRO C 116 22.75 22.41 90.37
C PRO C 116 22.63 22.25 91.89
N THR C 117 23.27 23.16 92.64
CA THR C 117 23.09 23.24 94.11
C THR C 117 21.64 23.67 94.38
N GLU C 118 21.12 24.57 93.54
CA GLU C 118 19.69 25.01 93.56
C GLU C 118 18.84 23.93 92.88
N ASN C 119 18.47 22.92 93.67
CA ASN C 119 17.86 21.65 93.19
C ASN C 119 16.48 21.51 93.79
N PRO C 120 15.40 21.90 93.07
CA PRO C 120 14.05 21.84 93.62
C PRO C 120 13.75 20.50 94.27
N THR C 121 13.41 20.58 95.55
CA THR C 121 13.16 19.41 96.43
C THR C 121 11.69 19.42 96.85
N GLY C 122 10.99 18.32 96.57
CA GLY C 122 9.62 18.10 97.05
C GLY C 122 9.62 17.20 98.27
N CYS C 123 9.08 17.71 99.37
CA CYS C 123 8.91 16.97 100.64
C CYS C 123 7.48 16.43 100.76
N TYR C 124 7.31 15.13 100.58
CA TYR C 124 6.01 14.47 100.67
C TYR C 124 5.92 13.76 102.03
N SER C 125 4.78 13.91 102.68
CA SER C 125 4.50 13.32 104.01
C SER C 125 3.16 12.59 103.92
N LEU C 126 3.05 11.44 104.59
CA LEU C 126 1.74 10.77 104.72
C LEU C 126 1.66 10.02 106.04
N THR C 127 0.59 10.30 106.81
CA THR C 127 0.25 9.54 108.01
C THR C 127 -0.87 8.57 107.66
N PHE C 128 -0.68 7.30 107.98
CA PHE C 128 -1.56 6.20 107.54
C PHE C 128 -1.59 5.12 108.63
N ASN C 129 -2.61 4.27 108.52
CA ASN C 129 -2.88 3.18 109.49
C ASN C 129 -2.29 1.89 108.94
N VAL C 130 -1.91 0.99 109.83
CA VAL C 130 -1.51 -0.40 109.47
C VAL C 130 -2.10 -1.32 110.53
N ASP C 131 -2.86 -2.32 110.08
CA ASP C 131 -3.46 -3.36 110.95
C ASP C 131 -2.35 -4.20 111.57
N GLU C 132 -2.60 -4.75 112.77
CA GLU C 132 -1.62 -5.60 113.47
C GLU C 132 -1.45 -6.92 112.71
N SER C 133 -2.47 -7.30 111.95
CA SER C 133 -2.44 -8.48 111.04
C SER C 133 -1.11 -8.47 110.26
N TRP C 134 -0.73 -7.31 109.73
CA TRP C 134 0.40 -7.16 108.77
C TRP C 134 1.73 -7.22 109.51
N LEU C 135 1.77 -6.85 110.79
CA LEU C 135 3.04 -6.81 111.53
C LEU C 135 3.28 -8.14 112.24
N GLN C 136 2.23 -8.89 112.57
CA GLN C 136 2.36 -10.14 113.37
C GLN C 136 3.17 -11.16 112.56
N GLU C 137 2.88 -11.30 111.28
CA GLU C 137 3.59 -12.26 110.40
C GLU C 137 3.94 -11.55 109.10
N GLY C 138 4.99 -12.02 108.44
CA GLY C 138 5.20 -11.75 107.01
C GLY C 138 5.92 -10.45 106.76
N GLN C 139 6.09 -10.15 105.48
CA GLN C 139 6.89 -9.00 105.02
C GLN C 139 5.92 -7.95 104.45
N THR C 140 6.02 -6.71 104.95
CA THR C 140 5.26 -5.57 104.40
C THR C 140 6.23 -4.62 103.73
N ARG C 141 6.06 -4.40 102.42
CA ARG C 141 6.92 -3.51 101.61
C ARG C 141 6.07 -2.39 101.02
N ILE C 142 6.72 -1.27 100.73
CA ILE C 142 6.07 -0.14 100.03
C ILE C 142 6.57 -0.14 98.59
N ILE C 143 5.72 0.22 97.64
CA ILE C 143 6.08 0.26 96.20
C ILE C 143 5.81 1.65 95.64
N PHE C 144 6.84 2.29 95.10
CA PHE C 144 6.75 3.61 94.44
C PHE C 144 6.88 3.43 92.93
N ASP C 145 5.76 3.25 92.24
CA ASP C 145 5.75 2.90 90.80
C ASP C 145 6.45 3.97 89.95
N GLY C 146 6.67 5.17 90.49
CA GLY C 146 7.33 6.22 89.70
C GLY C 146 7.63 7.46 90.50
N VAL C 147 8.92 7.78 90.64
CA VAL C 147 9.32 9.02 91.36
C VAL C 147 10.45 9.65 90.57
N ASN C 148 10.30 10.94 90.27
CA ASN C 148 11.14 11.72 89.36
C ASN C 148 11.76 12.85 90.15
N SER C 149 13.09 12.86 90.35
CA SER C 149 14.11 12.07 89.66
C SER C 149 14.73 11.00 90.57
N ALA C 150 14.76 11.29 91.85
CA ALA C 150 15.37 10.42 92.88
C ALA C 150 14.81 10.84 94.24
N PHE C 151 14.93 9.96 95.21
CA PHE C 151 14.33 10.27 96.52
C PHE C 151 14.95 9.43 97.61
N HIS C 152 14.97 10.02 98.79
CA HIS C 152 15.20 9.35 100.10
C HIS C 152 13.85 9.12 100.77
N LEU C 153 13.74 7.98 101.42
CA LEU C 153 12.52 7.56 102.13
C LEU C 153 12.83 7.39 103.61
N TRP C 154 12.00 8.03 104.44
CA TRP C 154 11.93 7.77 105.89
C TRP C 154 10.60 7.11 106.20
N CYS C 155 10.56 6.37 107.30
CA CYS C 155 9.31 5.84 107.89
C CYS C 155 9.41 5.97 109.40
N ASN C 156 8.54 6.78 110.00
CA ASN C 156 8.50 7.04 111.46
C ASN C 156 9.87 7.61 111.89
N GLY C 157 10.42 8.53 111.07
CA GLY C 157 11.65 9.29 111.40
C GLY C 157 12.93 8.51 111.14
N ARG C 158 12.84 7.20 110.93
CA ARG C 158 14.02 6.34 110.65
C ARG C 158 14.21 6.24 109.13
N TRP C 159 15.46 6.27 108.69
CA TRP C 159 15.79 6.26 107.24
C TRP C 159 15.69 4.84 106.69
N VAL C 160 15.08 4.68 105.51
CA VAL C 160 14.86 3.34 104.89
C VAL C 160 15.75 3.16 103.67
N GLY C 161 15.77 4.13 102.76
CA GLY C 161 16.53 3.93 101.51
C GLY C 161 16.47 5.09 100.55
N TYR C 162 16.86 4.80 99.32
CA TYR C 162 17.09 5.80 98.27
C TYR C 162 16.91 5.12 96.93
N GLY C 163 16.38 5.86 95.95
CA GLY C 163 16.04 5.26 94.66
C GLY C 163 16.30 6.20 93.52
N GLN C 164 16.58 5.63 92.34
CA GLN C 164 16.70 6.38 91.08
C GLN C 164 15.96 5.63 89.98
N ASP C 165 15.97 6.20 88.76
CA ASP C 165 15.20 5.77 87.56
C ASP C 165 13.72 6.12 87.77
N SER C 166 13.24 7.10 87.02
CA SER C 166 11.94 7.78 87.28
C SER C 166 10.76 6.95 86.75
N ARG C 167 11.01 5.90 85.96
CA ARG C 167 9.91 5.20 85.23
C ARG C 167 9.89 3.68 85.53
N LEU C 168 10.53 3.28 86.62
CA LEU C 168 10.40 1.88 87.08
C LEU C 168 10.13 1.91 88.59
N PRO C 169 9.39 0.90 89.11
CA PRO C 169 9.05 0.87 90.52
C PRO C 169 10.25 0.58 91.42
N SER C 170 10.33 1.30 92.54
CA SER C 170 11.32 1.10 93.61
C SER C 170 10.59 0.65 94.87
N GLU C 171 10.90 -0.55 95.36
CA GLU C 171 10.23 -1.15 96.53
C GLU C 171 11.22 -1.27 97.70
N PHE C 172 10.74 -1.06 98.91
CA PHE C 172 11.56 -1.15 100.14
C PHE C 172 10.81 -1.93 101.22
N ASP C 173 11.55 -2.77 101.93
CA ASP C 173 11.01 -3.54 103.08
C ASP C 173 10.79 -2.59 104.25
N LEU C 174 9.54 -2.48 104.73
CA LEU C 174 9.16 -1.56 105.82
C LEU C 174 8.83 -2.33 107.10
N SER C 175 8.96 -3.67 107.11
CA SER C 175 8.50 -4.55 108.22
C SER C 175 9.07 -4.11 109.58
N ALA C 176 10.37 -3.79 109.66
CA ALA C 176 11.03 -3.47 110.95
C ALA C 176 10.82 -1.99 111.30
N PHE C 177 10.20 -1.20 110.41
CA PHE C 177 10.03 0.27 110.61
C PHE C 177 8.62 0.59 111.10
N LEU C 178 7.65 -0.29 110.85
CA LEU C 178 6.24 0.05 111.08
C LEU C 178 5.86 -0.31 112.51
N ARG C 179 4.91 0.43 113.07
CA ARG C 179 4.29 0.09 114.36
C ARG C 179 2.78 -0.02 114.13
N ALA C 180 2.09 -0.68 115.04
CA ALA C 180 0.63 -0.86 114.95
C ALA C 180 0.00 0.53 115.05
N GLY C 181 -1.04 0.77 114.24
CA GLY C 181 -1.75 2.05 114.24
C GLY C 181 -1.05 3.07 113.38
N GLU C 182 -0.82 4.25 113.92
CA GLU C 182 -0.40 5.44 113.13
C GLU C 182 1.07 5.31 112.80
N ASN C 183 1.40 5.48 111.51
CA ASN C 183 2.78 5.54 110.98
C ASN C 183 2.87 6.76 110.08
N ARG C 184 4.08 7.28 109.87
CA ARG C 184 4.33 8.45 108.99
C ARG C 184 5.45 8.13 107.99
N LEU C 185 5.13 8.24 106.70
CA LEU C 185 6.13 8.24 105.60
C LEU C 185 6.62 9.66 105.40
N ALA C 186 7.92 9.78 105.12
CA ALA C 186 8.58 11.04 104.74
C ALA C 186 9.40 10.75 103.50
N VAL C 187 8.95 11.26 102.37
CA VAL C 187 9.61 11.05 101.07
C VAL C 187 10.13 12.40 100.58
N MET C 188 11.45 12.49 100.38
CA MET C 188 12.12 13.70 99.88
C MET C 188 12.52 13.41 98.44
N VAL C 189 11.86 14.06 97.49
CA VAL C 189 12.10 13.84 96.05
C VAL C 189 12.95 14.97 95.50
N LEU C 190 13.97 14.63 94.72
CA LEU C 190 14.88 15.65 94.15
C LEU C 190 14.63 15.73 92.65
N ARG C 191 14.46 16.95 92.14
CA ARG C 191 14.15 17.18 90.70
C ARG C 191 15.32 16.68 89.84
N TRP C 192 16.55 16.91 90.30
CA TRP C 192 17.78 16.57 89.54
C TRP C 192 18.60 15.55 90.31
N SER C 193 19.24 14.66 89.57
CA SER C 193 20.19 13.68 90.13
C SER C 193 21.14 13.27 89.03
N ASP C 194 22.10 12.44 89.35
CA ASP C 194 22.97 11.85 88.30
C ASP C 194 22.08 11.08 87.32
N GLY C 195 20.94 10.56 87.79
CA GLY C 195 20.00 9.85 86.92
C GLY C 195 19.42 10.75 85.83
N SER C 196 19.35 12.05 86.08
CA SER C 196 18.81 13.02 85.09
C SER C 196 19.65 13.01 83.83
N TYR C 197 20.93 12.61 83.92
CA TYR C 197 21.84 12.56 82.75
C TYR C 197 21.45 11.43 81.82
N LEU C 198 20.73 10.42 82.32
CA LEU C 198 20.17 9.32 81.49
C LEU C 198 18.71 9.57 81.14
N GLU C 199 18.16 10.76 81.44
CA GLU C 199 16.71 11.04 81.24
C GLU C 199 16.54 12.34 80.44
N ASP C 200 17.17 12.42 79.27
CA ASP C 200 17.09 13.65 78.45
C ASP C 200 16.11 13.41 77.29
N GLN C 201 14.95 12.81 77.58
CA GLN C 201 13.91 12.63 76.54
C GLN C 201 13.28 13.98 76.20
N ASP C 202 13.04 14.21 74.89
CA ASP C 202 12.45 15.46 74.36
C ASP C 202 10.98 15.54 74.82
N MET C 203 10.79 16.08 76.02
CA MET C 203 9.46 16.18 76.67
C MET C 203 9.58 17.12 77.86
N TRP C 204 8.44 17.52 78.40
CA TRP C 204 8.39 18.41 79.59
C TRP C 204 9.19 17.77 80.71
N ARG C 205 9.99 18.57 81.39
CA ARG C 205 10.85 18.10 82.50
C ARG C 205 10.12 18.41 83.80
N MET C 206 9.58 17.38 84.42
CA MET C 206 8.73 17.54 85.61
C MET C 206 9.38 16.74 86.75
N SER C 207 8.66 16.52 87.84
CA SER C 207 9.21 15.81 89.01
C SER C 207 8.09 15.47 89.99
N GLY C 208 8.41 14.59 90.93
CA GLY C 208 7.49 14.25 92.04
C GLY C 208 7.09 12.78 92.05
N ILE C 209 6.15 12.46 92.93
CA ILE C 209 5.58 11.10 93.05
C ILE C 209 4.44 11.02 92.04
N PHE C 210 4.73 10.63 90.81
CA PHE C 210 3.81 10.81 89.66
C PHE C 210 3.23 9.46 89.20
N ARG C 211 3.52 8.38 89.93
CA ARG C 211 2.82 7.08 89.74
C ARG C 211 2.44 6.51 91.11
N ASP C 212 1.80 5.34 91.11
CA ASP C 212 1.01 4.80 92.25
C ASP C 212 1.96 4.43 93.39
N VAL C 213 1.52 4.66 94.61
CA VAL C 213 2.23 4.23 95.84
C VAL C 213 1.40 3.13 96.47
N SER C 214 2.04 2.06 96.90
CA SER C 214 1.37 0.81 97.33
C SER C 214 2.03 0.22 98.58
N LEU C 215 1.24 -0.50 99.35
CA LEU C 215 1.78 -1.39 100.39
C LEU C 215 1.43 -2.81 100.00
N LEU C 216 2.41 -3.70 100.05
CA LEU C 216 2.19 -5.11 99.66
C LEU C 216 2.63 -6.00 100.81
N HIS C 217 1.70 -6.78 101.32
CA HIS C 217 1.99 -7.80 102.35
C HIS C 217 2.21 -9.12 101.65
N LYS C 218 3.34 -9.74 101.97
CA LYS C 218 3.72 -11.10 101.53
C LYS C 218 4.13 -11.91 102.74
N PRO C 219 3.93 -13.25 102.71
CA PRO C 219 4.51 -14.12 103.73
C PRO C 219 6.03 -14.17 103.61
N THR C 220 6.73 -14.46 104.72
CA THR C 220 8.21 -14.52 104.70
C THR C 220 8.64 -15.65 103.75
N THR C 221 7.86 -16.71 103.67
CA THR C 221 8.04 -17.76 102.64
C THR C 221 7.21 -17.40 101.41
N GLN C 222 7.87 -16.95 100.33
CA GLN C 222 7.19 -16.22 99.24
C GLN C 222 7.66 -16.66 97.87
N ILE C 223 6.79 -16.52 96.88
CA ILE C 223 7.16 -16.49 95.45
C ILE C 223 7.90 -15.18 95.20
N SER C 224 9.19 -15.27 94.89
CA SER C 224 10.06 -14.07 94.74
C SER C 224 10.11 -13.62 93.28
N ASP C 225 9.84 -14.54 92.34
CA ASP C 225 9.95 -14.29 90.89
C ASP C 225 9.33 -15.46 90.14
N PHE C 226 8.73 -15.20 88.99
CA PHE C 226 8.27 -16.27 88.08
C PHE C 226 8.32 -15.77 86.64
N HIS C 227 8.77 -16.66 85.75
CA HIS C 227 8.92 -16.39 84.30
C HIS C 227 8.07 -17.39 83.53
N VAL C 228 7.31 -16.90 82.56
CA VAL C 228 6.53 -17.79 81.67
C VAL C 228 7.09 -17.69 80.26
N ALA C 229 7.22 -18.84 79.61
CA ALA C 229 7.65 -18.97 78.19
C ALA C 229 6.68 -19.90 77.45
N THR C 230 6.53 -19.67 76.15
CA THR C 230 5.75 -20.55 75.26
C THR C 230 6.63 -20.94 74.09
N ARG C 231 6.82 -22.25 73.94
CA ARG C 231 7.58 -22.86 72.84
C ARG C 231 6.57 -23.59 71.97
N PHE C 232 6.80 -23.63 70.66
CA PHE C 232 5.83 -24.18 69.68
C PHE C 232 6.47 -25.21 68.74
N ASN C 233 5.60 -25.94 68.06
CA ASN C 233 6.00 -26.83 66.94
C ASN C 233 5.84 -26.04 65.64
N ASP C 234 6.15 -26.66 64.51
CA ASP C 234 6.27 -26.00 63.18
C ASP C 234 4.96 -25.27 62.82
N ASP C 235 3.80 -25.87 63.10
CA ASP C 235 2.49 -25.32 62.63
C ASP C 235 1.68 -24.76 63.80
N PHE C 236 2.29 -24.59 64.97
CA PHE C 236 1.67 -23.94 66.16
C PHE C 236 0.44 -24.73 66.62
N SER C 237 0.43 -26.04 66.42
CA SER C 237 -0.70 -26.94 66.79
C SER C 237 -0.44 -27.55 68.17
N ARG C 238 0.82 -27.65 68.58
CA ARG C 238 1.20 -28.06 69.96
C ARG C 238 2.07 -26.95 70.56
N ALA C 239 1.86 -26.63 71.83
CA ALA C 239 2.72 -25.71 72.58
C ALA C 239 3.05 -26.29 73.93
N VAL C 240 4.20 -25.89 74.46
CA VAL C 240 4.58 -26.16 75.86
C VAL C 240 4.71 -24.82 76.57
N LEU C 241 3.95 -24.65 77.63
CA LEU C 241 4.18 -23.50 78.55
C LEU C 241 5.19 -23.94 79.61
N GLU C 242 6.28 -23.20 79.71
CA GLU C 242 7.32 -23.37 80.75
C GLU C 242 7.15 -22.24 81.77
N ALA C 243 7.07 -22.58 83.05
CA ALA C 243 6.91 -21.59 84.15
C ALA C 243 7.98 -21.83 85.20
N GLU C 244 8.95 -20.95 85.28
CA GLU C 244 10.03 -21.07 86.29
C GLU C 244 9.58 -20.24 87.47
N VAL C 245 9.66 -20.81 88.67
CA VAL C 245 9.20 -20.13 89.91
C VAL C 245 10.34 -20.13 90.91
N GLN C 246 10.64 -18.94 91.43
CA GLN C 246 11.69 -18.74 92.45
C GLN C 246 11.01 -18.37 93.76
N MET C 247 11.66 -18.69 94.87
CA MET C 247 11.13 -18.40 96.22
C MET C 247 12.23 -17.83 97.09
N CYS C 248 11.80 -17.11 98.13
CA CYS C 248 12.64 -16.65 99.25
C CYS C 248 12.07 -17.21 100.54
N GLY C 249 12.88 -17.21 101.60
CA GLY C 249 12.48 -17.70 102.94
C GLY C 249 12.91 -19.12 103.21
N GLU C 250 12.34 -19.74 104.25
CA GLU C 250 12.81 -21.07 104.74
C GLU C 250 12.34 -22.15 103.77
N LEU C 251 13.28 -22.76 103.04
CA LEU C 251 13.04 -23.97 102.23
C LEU C 251 12.78 -25.14 103.17
N ARG C 252 11.65 -25.81 102.97
CA ARG C 252 11.32 -27.06 103.70
C ARG C 252 10.85 -28.10 102.68
N ASP C 253 11.03 -29.36 103.01
CA ASP C 253 10.72 -30.51 102.12
C ASP C 253 9.25 -30.52 101.73
N TYR C 254 8.36 -29.98 102.56
CA TYR C 254 6.89 -30.04 102.36
C TYR C 254 6.40 -28.95 101.40
N LEU C 255 7.24 -27.98 101.01
CA LEU C 255 6.80 -26.90 100.10
C LEU C 255 6.57 -27.48 98.71
N ARG C 256 5.53 -26.98 98.07
CA ARG C 256 5.23 -27.36 96.67
C ARG C 256 4.72 -26.15 95.91
N VAL C 257 4.75 -26.28 94.60
CA VAL C 257 4.23 -25.24 93.67
C VAL C 257 3.33 -25.94 92.69
N THR C 258 2.15 -25.35 92.51
CA THR C 258 1.25 -25.77 91.42
C THR C 258 1.16 -24.61 90.47
N VAL C 259 1.24 -24.92 89.18
CA VAL C 259 0.95 -23.93 88.11
C VAL C 259 -0.24 -24.46 87.31
N SER C 260 -1.32 -23.70 87.30
CA SER C 260 -2.55 -24.02 86.54
C SER C 260 -2.76 -22.97 85.45
N LEU C 261 -3.26 -23.44 84.31
CA LEU C 261 -3.52 -22.59 83.13
C LEU C 261 -5.00 -22.68 82.76
N TRP C 262 -5.66 -21.52 82.79
CA TRP C 262 -7.10 -21.42 82.49
C TRP C 262 -7.29 -20.64 81.21
N GLN C 263 -8.45 -20.85 80.59
CA GLN C 263 -9.02 -19.95 79.56
C GLN C 263 -10.53 -19.87 79.82
N GLY C 264 -11.00 -18.70 80.22
CA GLY C 264 -12.34 -18.57 80.80
C GLY C 264 -12.43 -19.42 82.05
N GLU C 265 -13.48 -20.23 82.15
CA GLU C 265 -13.75 -21.07 83.34
C GLU C 265 -13.18 -22.48 83.11
N THR C 266 -12.46 -22.69 82.01
CA THR C 266 -11.92 -24.01 81.63
C THR C 266 -10.46 -24.13 82.08
N GLN C 267 -10.14 -25.15 82.85
CA GLN C 267 -8.74 -25.50 83.18
C GLN C 267 -8.15 -26.25 82.01
N VAL C 268 -7.10 -25.72 81.42
CA VAL C 268 -6.48 -26.34 80.21
C VAL C 268 -5.40 -27.34 80.64
N ALA C 269 -4.62 -27.02 81.65
CA ALA C 269 -3.58 -27.94 82.14
C ALA C 269 -3.12 -27.49 83.52
N SER C 270 -2.41 -28.38 84.22
CA SER C 270 -1.93 -28.09 85.60
C SER C 270 -0.83 -29.09 85.98
N GLY C 271 0.21 -28.60 86.64
CA GLY C 271 1.27 -29.45 87.17
C GLY C 271 1.64 -29.02 88.58
N THR C 272 2.14 -29.95 89.37
CA THR C 272 2.62 -29.65 90.73
C THR C 272 3.99 -30.30 90.91
N ALA C 273 4.88 -29.64 91.63
CA ALA C 273 6.22 -30.17 91.90
C ALA C 273 6.72 -29.63 93.22
N PRO C 274 7.69 -30.33 93.84
CA PRO C 274 8.48 -29.72 94.90
C PRO C 274 9.58 -28.84 94.29
N PHE C 275 10.28 -28.10 95.15
CA PHE C 275 11.39 -27.24 94.70
C PHE C 275 12.61 -28.10 94.36
N GLY C 276 13.45 -27.59 93.48
CA GLY C 276 14.64 -28.30 92.97
C GLY C 276 14.66 -28.32 91.46
N GLY C 277 15.59 -27.58 90.86
CA GLY C 277 15.72 -27.51 89.41
C GLY C 277 16.64 -28.60 88.88
N GLU C 278 16.69 -28.70 87.56
CA GLU C 278 17.68 -29.53 86.82
C GLU C 278 19.09 -29.10 87.26
N ILE C 279 20.04 -30.04 87.23
CA ILE C 279 21.48 -29.75 87.40
C ILE C 279 21.88 -28.68 86.39
N ILE C 280 22.62 -27.66 86.82
CA ILE C 280 23.01 -26.56 85.88
C ILE C 280 24.54 -26.43 85.82
N ASP C 281 25.26 -26.82 86.87
CA ASP C 281 26.74 -26.86 86.78
C ASP C 281 27.28 -27.79 87.86
N GLU C 282 28.59 -27.74 88.06
CA GLU C 282 29.34 -28.67 88.94
C GLU C 282 28.85 -28.55 90.39
N ARG C 283 28.23 -27.44 90.78
CA ARG C 283 27.78 -27.27 92.19
C ARG C 283 26.35 -27.80 92.36
N GLY C 284 25.68 -28.15 91.27
CA GLY C 284 24.29 -28.67 91.31
C GLY C 284 23.33 -27.72 90.63
N GLY C 285 22.10 -27.64 91.17
CA GLY C 285 21.02 -26.80 90.62
C GLY C 285 20.44 -25.89 91.69
N TYR C 286 19.40 -25.15 91.34
CA TYR C 286 18.75 -24.19 92.26
C TYR C 286 17.76 -24.97 93.14
N ALA C 287 18.07 -25.09 94.43
CA ALA C 287 17.18 -25.68 95.45
C ALA C 287 15.93 -24.80 95.64
N ASP C 288 16.06 -23.50 95.40
CA ASP C 288 14.97 -22.52 95.67
C ASP C 288 14.19 -22.19 94.39
N ARG C 289 14.29 -23.03 93.36
CA ARG C 289 13.54 -22.80 92.11
C ARG C 289 12.91 -24.08 91.63
N VAL C 290 11.91 -23.95 90.78
CA VAL C 290 11.36 -25.11 90.04
C VAL C 290 10.76 -24.57 88.76
N THR C 291 10.78 -25.40 87.73
CA THR C 291 10.13 -25.09 86.43
C THR C 291 9.10 -26.17 86.14
N LEU C 292 7.88 -25.75 85.84
CA LEU C 292 6.77 -26.65 85.47
C LEU C 292 6.45 -26.45 83.99
N ARG C 293 6.36 -27.57 83.27
CA ARG C 293 6.05 -27.58 81.83
C ARG C 293 4.66 -28.20 81.63
N LEU C 294 3.71 -27.40 81.16
CA LEU C 294 2.36 -27.89 80.78
C LEU C 294 2.26 -28.00 79.26
N ASN C 295 1.64 -29.07 78.77
CA ASN C 295 1.33 -29.23 77.33
C ASN C 295 -0.01 -28.58 77.07
N VAL C 296 -0.13 -27.90 75.94
CA VAL C 296 -1.42 -27.36 75.42
C VAL C 296 -1.58 -27.80 73.96
N GLU C 297 -2.61 -28.58 73.66
CA GLU C 297 -3.00 -28.93 72.27
C GLU C 297 -3.76 -27.73 71.68
N ASN C 298 -3.46 -27.43 70.42
CA ASN C 298 -4.13 -26.40 69.59
C ASN C 298 -4.44 -25.15 70.43
N PRO C 299 -3.41 -24.41 70.86
CA PRO C 299 -3.66 -23.19 71.62
C PRO C 299 -4.21 -22.05 70.75
N LYS C 300 -5.17 -21.32 71.28
CA LYS C 300 -5.62 -20.05 70.69
C LYS C 300 -4.47 -19.06 70.84
N LEU C 301 -4.00 -18.53 69.70
CA LEU C 301 -2.74 -17.78 69.64
C LEU C 301 -3.03 -16.29 69.77
N TRP C 302 -2.10 -15.60 70.41
CA TRP C 302 -2.21 -14.15 70.67
C TRP C 302 -1.70 -13.38 69.46
N SER C 303 -2.38 -12.28 69.15
CA SER C 303 -1.96 -11.32 68.11
C SER C 303 -2.71 -10.03 68.38
N ALA C 304 -2.34 -8.96 67.69
CA ALA C 304 -3.08 -7.68 67.75
C ALA C 304 -4.46 -7.89 67.12
N GLU C 305 -4.55 -8.82 66.17
CA GLU C 305 -5.80 -9.06 65.41
C GLU C 305 -6.79 -9.84 66.28
N ILE C 306 -6.30 -10.76 67.10
CA ILE C 306 -7.11 -11.61 68.00
C ILE C 306 -6.33 -11.85 69.28
N PRO C 307 -6.49 -10.98 70.29
CA PRO C 307 -5.67 -11.08 71.49
C PRO C 307 -6.15 -12.15 72.48
N ASN C 308 -6.17 -13.41 72.02
CA ASN C 308 -6.56 -14.58 72.84
C ASN C 308 -5.63 -14.68 74.05
N LEU C 309 -6.20 -14.65 75.25
CA LEU C 309 -5.43 -14.76 76.51
C LEU C 309 -5.87 -16.01 77.26
N TYR C 310 -4.91 -16.59 77.94
CA TYR C 310 -5.13 -17.55 79.03
C TYR C 310 -4.77 -16.84 80.33
N ARG C 311 -4.91 -17.55 81.46
CA ARG C 311 -4.48 -17.02 82.75
C ARG C 311 -3.71 -18.11 83.49
N ALA C 312 -2.52 -17.76 83.98
CA ALA C 312 -1.64 -18.67 84.71
C ALA C 312 -1.75 -18.33 86.19
N VAL C 313 -1.91 -19.36 87.00
CA VAL C 313 -2.02 -19.18 88.46
C VAL C 313 -0.87 -19.95 89.08
N VAL C 314 -0.13 -19.26 89.95
CA VAL C 314 1.04 -19.87 90.64
C VAL C 314 0.70 -20.01 92.12
N GLU C 315 0.41 -21.23 92.54
CA GLU C 315 0.10 -21.54 93.95
C GLU C 315 1.41 -21.95 94.59
N LEU C 316 1.78 -21.28 95.68
CA LEU C 316 2.79 -21.78 96.62
C LEU C 316 2.07 -22.39 97.81
N HIS C 317 2.23 -23.69 98.01
CA HIS C 317 1.49 -24.43 99.06
C HIS C 317 2.38 -25.49 99.70
N THR C 318 1.85 -26.10 100.75
CA THR C 318 2.46 -27.25 101.43
C THR C 318 1.92 -28.53 100.81
N ALA C 319 2.47 -29.67 101.21
CA ALA C 319 2.10 -30.99 100.65
C ALA C 319 0.67 -31.34 101.04
N ASP C 320 0.24 -30.98 102.26
CA ASP C 320 -1.15 -31.26 102.74
C ASP C 320 -2.19 -30.31 102.08
N GLY C 321 -1.76 -29.32 101.28
CA GLY C 321 -2.67 -28.48 100.46
C GLY C 321 -2.80 -27.04 100.96
N THR C 322 -2.34 -26.75 102.17
CA THR C 322 -2.40 -25.38 102.73
C THR C 322 -1.76 -24.39 101.75
N LEU C 323 -2.53 -23.40 101.31
CA LEU C 323 -2.02 -22.32 100.44
C LEU C 323 -1.24 -21.32 101.28
N ILE C 324 -0.06 -20.96 100.79
CA ILE C 324 0.83 -19.94 101.43
C ILE C 324 0.57 -18.61 100.73
N GLU C 325 0.67 -18.60 99.41
CA GLU C 325 0.23 -17.44 98.59
C GLU C 325 0.11 -17.87 97.14
N ALA C 326 -0.50 -17.02 96.35
CA ALA C 326 -0.60 -17.24 94.89
C ALA C 326 -0.31 -15.95 94.15
N GLU C 327 0.34 -16.08 93.01
CA GLU C 327 0.46 -14.98 92.03
C GLU C 327 -0.13 -15.47 90.71
N ALA C 328 -0.29 -14.55 89.78
CA ALA C 328 -0.89 -14.89 88.48
C ALA C 328 -0.51 -13.84 87.44
N CYS C 329 -0.81 -14.18 86.20
CA CYS C 329 -0.60 -13.27 85.06
C CYS C 329 -1.46 -13.74 83.88
N ASP C 330 -1.73 -12.81 82.98
CA ASP C 330 -2.26 -13.14 81.65
C ASP C 330 -1.14 -13.79 80.83
N VAL C 331 -1.51 -14.73 79.97
CA VAL C 331 -0.55 -15.43 79.09
C VAL C 331 -1.06 -15.29 77.67
N GLY C 332 -0.16 -14.91 76.76
CA GLY C 332 -0.45 -14.94 75.33
C GLY C 332 0.45 -15.96 74.68
N PHE C 333 -0.15 -16.91 73.95
CA PHE C 333 0.63 -17.87 73.14
C PHE C 333 1.00 -17.18 71.85
N ARG C 334 2.25 -16.73 71.77
CA ARG C 334 2.80 -16.07 70.56
C ARG C 334 4.27 -16.42 70.45
N GLU C 335 4.74 -16.45 69.23
CA GLU C 335 6.18 -16.61 68.95
C GLU C 335 6.61 -15.41 68.13
N VAL C 336 7.77 -14.85 68.49
CA VAL C 336 8.42 -13.74 67.77
C VAL C 336 9.82 -14.18 67.40
N ARG C 337 10.05 -14.47 66.14
CA ARG C 337 11.40 -14.77 65.61
C ARG C 337 11.76 -13.71 64.58
N ILE C 338 13.05 -13.56 64.33
CA ILE C 338 13.53 -13.02 63.05
C ILE C 338 14.16 -14.18 62.31
N GLU C 339 13.59 -14.52 61.15
CA GLU C 339 14.00 -15.67 60.32
C GLU C 339 14.11 -15.17 58.88
N ASN C 340 15.29 -15.40 58.30
CA ASN C 340 15.65 -15.04 56.91
C ASN C 340 15.28 -13.58 56.71
N GLY C 341 15.73 -12.73 57.62
CA GLY C 341 15.63 -11.27 57.45
C GLY C 341 14.25 -10.71 57.74
N LEU C 342 13.29 -11.54 58.13
CA LEU C 342 11.92 -11.04 58.38
C LEU C 342 11.54 -11.19 59.85
N LEU C 343 10.90 -10.16 60.41
CA LEU C 343 10.27 -10.21 61.74
C LEU C 343 8.98 -11.02 61.64
N LEU C 344 8.93 -12.16 62.32
CA LEU C 344 7.79 -13.10 62.29
C LEU C 344 7.02 -13.09 63.60
N LEU C 345 5.71 -13.07 63.49
CA LEU C 345 4.82 -13.32 64.64
C LEU C 345 3.93 -14.53 64.32
N ASN C 346 4.14 -15.62 65.05
CA ASN C 346 3.46 -16.90 64.77
C ASN C 346 3.73 -17.33 63.33
N GLY C 347 4.94 -17.10 62.83
CA GLY C 347 5.39 -17.62 61.53
C GLY C 347 4.97 -16.75 60.36
N LYS C 348 4.29 -15.63 60.61
CA LYS C 348 3.87 -14.70 59.52
C LYS C 348 4.59 -13.37 59.70
N PRO C 349 5.00 -12.75 58.58
CA PRO C 349 5.70 -11.48 58.68
C PRO C 349 4.74 -10.34 59.06
N LEU C 350 4.99 -9.72 60.22
CA LEU C 350 4.28 -8.48 60.65
C LEU C 350 4.50 -7.39 59.61
N LEU C 351 3.52 -6.53 59.48
CA LEU C 351 3.69 -5.17 58.90
C LEU C 351 3.28 -4.18 59.98
N ILE C 352 4.27 -3.52 60.58
CA ILE C 352 4.05 -2.68 61.80
C ILE C 352 3.36 -1.38 61.41
N ARG C 353 2.08 -1.26 61.75
CA ARG C 353 1.33 0.01 61.71
C ARG C 353 1.47 0.61 63.10
N GLY C 354 2.59 1.29 63.33
CA GLY C 354 2.99 1.73 64.69
C GLY C 354 2.90 3.22 64.92
N VAL C 355 3.02 3.58 66.19
CA VAL C 355 3.11 4.99 66.63
C VAL C 355 3.92 5.04 67.91
N ASN C 356 4.67 6.12 68.09
CA ASN C 356 5.30 6.46 69.40
C ASN C 356 4.24 7.11 70.29
N ARG C 357 4.27 6.80 71.58
CA ARG C 357 3.31 7.37 72.55
C ARG C 357 4.05 7.70 73.85
N HIS C 358 4.16 9.00 74.13
CA HIS C 358 4.55 9.50 75.48
C HIS C 358 3.37 9.37 76.43
N GLU C 359 3.66 9.29 77.72
CA GLU C 359 2.63 9.39 78.77
C GLU C 359 2.45 10.88 79.08
N HIS C 360 1.39 11.46 78.53
CA HIS C 360 1.14 12.92 78.63
C HIS C 360 -0.35 13.22 78.74
N HIS C 361 -0.68 14.09 79.69
CA HIS C 361 -2.04 14.63 79.89
C HIS C 361 -1.94 16.14 80.03
N PRO C 362 -2.72 16.91 79.25
CA PRO C 362 -2.60 18.36 79.30
C PRO C 362 -2.87 18.97 80.68
N LEU C 363 -3.58 18.27 81.57
CA LEU C 363 -3.87 18.77 82.95
C LEU C 363 -2.98 18.07 83.97
N HIS C 364 -2.82 16.76 83.90
CA HIS C 364 -2.13 15.97 84.94
C HIS C 364 -0.65 15.75 84.60
N GLY C 365 -0.18 16.28 83.48
CA GLY C 365 1.25 16.24 83.12
C GLY C 365 1.69 14.86 82.69
N GLN C 366 2.43 14.13 83.53
CA GLN C 366 2.94 12.79 83.16
C GLN C 366 2.31 11.72 84.04
N VAL C 367 1.21 12.06 84.72
CA VAL C 367 0.42 11.10 85.53
C VAL C 367 -0.63 10.46 84.62
N MET C 368 -0.66 9.13 84.58
CA MET C 368 -1.53 8.37 83.65
C MET C 368 -2.68 7.73 84.42
N ASP C 369 -3.81 7.60 83.74
CA ASP C 369 -5.05 7.02 84.28
C ASP C 369 -5.62 6.02 83.27
N GLU C 370 -6.43 5.08 83.76
CA GLU C 370 -7.03 4.03 82.91
C GLU C 370 -7.87 4.71 81.81
N GLN C 371 -8.67 5.72 82.17
CA GLN C 371 -9.59 6.43 81.25
C GLN C 371 -8.81 6.84 79.99
N THR C 372 -7.62 7.43 80.18
CA THR C 372 -6.86 8.04 79.07
C THR C 372 -6.17 6.94 78.27
N MET C 373 -5.58 5.96 78.95
CA MET C 373 -4.93 4.80 78.27
C MET C 373 -5.94 4.11 77.36
N VAL C 374 -7.16 3.87 77.83
CA VAL C 374 -8.18 3.16 77.02
C VAL C 374 -8.56 4.05 75.84
N GLN C 375 -8.84 5.32 76.10
CA GLN C 375 -9.20 6.32 75.05
C GLN C 375 -8.10 6.33 73.97
N ASP C 376 -6.84 6.23 74.40
CA ASP C 376 -5.70 6.16 73.46
C ASP C 376 -5.81 4.87 72.65
N ILE C 377 -5.97 3.73 73.31
CA ILE C 377 -5.90 2.39 72.66
C ILE C 377 -7.07 2.24 71.67
N LEU C 378 -8.24 2.75 72.03
CA LEU C 378 -9.41 2.70 71.11
C LEU C 378 -9.08 3.53 69.86
N LEU C 379 -8.54 4.75 70.04
CA LEU C 379 -8.33 5.67 68.89
C LEU C 379 -7.23 5.12 67.98
N MET C 380 -6.22 4.48 68.55
CA MET C 380 -5.14 3.88 67.72
C MET C 380 -5.73 2.74 66.91
N LYS C 381 -6.47 1.83 67.54
CA LYS C 381 -7.01 0.65 66.85
C LYS C 381 -8.07 1.09 65.82
N GLN C 382 -8.84 2.14 66.14
CA GLN C 382 -9.86 2.68 65.21
C GLN C 382 -9.20 3.34 64.01
N ASN C 383 -7.94 3.75 64.11
CA ASN C 383 -7.19 4.32 62.95
C ASN C 383 -6.11 3.35 62.45
N ASN C 384 -6.34 2.05 62.62
CA ASN C 384 -5.62 0.99 61.89
C ASN C 384 -4.16 0.94 62.33
N PHE C 385 -3.90 1.31 63.58
CA PHE C 385 -2.62 1.06 64.28
C PHE C 385 -2.69 -0.30 64.97
N ASN C 386 -1.62 -1.08 64.83
CA ASN C 386 -1.49 -2.41 65.45
C ASN C 386 -0.32 -2.47 66.44
N ALA C 387 0.40 -1.37 66.68
CA ALA C 387 1.59 -1.44 67.54
C ALA C 387 1.95 -0.06 68.07
N VAL C 388 2.60 -0.04 69.23
CA VAL C 388 2.96 1.22 69.92
C VAL C 388 4.36 1.08 70.52
N ARG C 389 5.16 2.14 70.44
CA ARG C 389 6.53 2.17 70.99
C ARG C 389 6.55 3.06 72.24
N CYS C 390 6.96 2.46 73.36
CA CYS C 390 6.99 3.14 74.68
C CYS C 390 8.16 4.10 74.70
N SER C 391 7.98 5.24 74.02
CA SER C 391 8.97 6.34 73.92
C SER C 391 8.90 7.24 75.16
N HIS C 392 10.00 7.32 75.93
CA HIS C 392 11.18 6.49 75.79
C HIS C 392 11.55 6.02 77.20
N TYR C 393 10.74 5.12 77.71
CA TYR C 393 10.85 4.63 79.11
C TYR C 393 9.82 3.53 79.33
N PRO C 394 10.00 2.68 80.36
CA PRO C 394 8.91 1.80 80.79
C PRO C 394 7.68 2.60 81.23
N ASN C 395 6.51 2.07 80.88
CA ASN C 395 5.21 2.75 81.10
C ASN C 395 4.60 2.28 82.43
N HIS C 396 3.63 3.05 82.91
CA HIS C 396 2.69 2.65 83.99
C HIS C 396 2.34 1.19 83.76
N PRO C 397 2.34 0.32 84.81
CA PRO C 397 2.11 -1.11 84.62
C PRO C 397 0.81 -1.48 83.89
N LEU C 398 -0.23 -0.69 84.11
CA LEU C 398 -1.57 -1.00 83.54
C LEU C 398 -1.52 -0.98 82.00
N TRP C 399 -0.61 -0.21 81.41
CA TRP C 399 -0.53 -0.06 79.93
C TRP C 399 -0.35 -1.43 79.27
N TYR C 400 0.59 -2.23 79.77
CA TYR C 400 0.96 -3.53 79.15
C TYR C 400 -0.24 -4.47 79.25
N THR C 401 -1.01 -4.35 80.33
CA THR C 401 -2.22 -5.18 80.57
C THR C 401 -3.29 -4.82 79.52
N LEU C 402 -3.54 -3.54 79.33
CA LEU C 402 -4.56 -3.10 78.35
C LEU C 402 -4.12 -3.52 76.93
N CYS C 403 -2.84 -3.41 76.61
CA CYS C 403 -2.33 -3.83 75.26
C CYS C 403 -2.44 -5.34 75.13
N ASP C 404 -2.14 -6.06 76.21
CA ASP C 404 -2.34 -7.53 76.24
C ASP C 404 -3.79 -7.84 75.85
N ARG C 405 -4.75 -7.07 76.34
CA ARG C 405 -6.18 -7.45 76.26
C ARG C 405 -6.82 -6.86 75.00
N TYR C 406 -6.52 -5.62 74.65
CA TYR C 406 -7.12 -5.00 73.45
C TYR C 406 -6.37 -5.47 72.20
N GLY C 407 -5.09 -5.82 72.33
CA GLY C 407 -4.29 -6.36 71.21
C GLY C 407 -3.49 -5.28 70.50
N LEU C 408 -2.34 -4.88 71.06
CA LEU C 408 -1.32 -4.00 70.42
C LEU C 408 0.07 -4.62 70.65
N TYR C 409 0.91 -4.55 69.63
CA TYR C 409 2.33 -4.96 69.75
C TYR C 409 3.10 -3.81 70.38
N VAL C 410 3.86 -4.11 71.40
CA VAL C 410 4.53 -3.06 72.22
C VAL C 410 6.03 -3.24 72.02
N VAL C 411 6.71 -2.11 71.83
CA VAL C 411 8.17 -2.00 72.02
C VAL C 411 8.40 -1.41 73.42
N ASP C 412 8.96 -2.21 74.32
CA ASP C 412 9.26 -1.77 75.70
C ASP C 412 10.68 -1.22 75.72
N GLU C 413 10.81 0.06 76.09
CA GLU C 413 12.06 0.85 75.96
C GLU C 413 12.61 1.18 77.34
N ALA C 414 13.90 0.95 77.53
CA ALA C 414 14.63 1.31 78.76
C ALA C 414 14.64 2.84 78.92
N ASN C 415 14.74 3.30 80.15
CA ASN C 415 14.72 4.75 80.47
C ASN C 415 16.14 5.29 80.38
N ILE C 416 16.71 5.29 79.18
CA ILE C 416 18.07 5.82 78.91
C ILE C 416 17.99 6.75 77.70
N GLU C 417 18.19 8.06 77.93
CA GLU C 417 18.46 9.01 76.83
C GLU C 417 19.52 10.00 77.29
N THR C 418 20.61 10.07 76.53
CA THR C 418 21.75 10.97 76.80
C THR C 418 21.98 11.90 75.61
N HIS C 419 20.89 12.38 75.01
CA HIS C 419 20.90 13.16 73.73
C HIS C 419 21.79 14.40 73.85
N GLY C 420 21.76 15.08 75.00
CA GLY C 420 22.47 16.36 75.20
C GLY C 420 23.97 16.19 75.39
N MET C 421 24.50 14.97 75.45
CA MET C 421 25.96 14.81 75.62
C MET C 421 26.66 15.14 74.31
N VAL C 422 27.90 15.58 74.39
CA VAL C 422 28.74 15.79 73.18
C VAL C 422 30.00 14.98 73.37
N PRO C 423 30.23 13.93 72.56
CA PRO C 423 29.22 13.41 71.64
C PRO C 423 28.10 12.67 72.39
N MET C 424 27.10 12.18 71.66
CA MET C 424 25.95 11.47 72.26
C MET C 424 26.45 10.20 72.95
N ASN C 425 27.60 9.70 72.49
CA ASN C 425 28.34 8.49 72.95
C ASN C 425 28.85 8.61 74.39
N ARG C 426 28.94 9.82 74.95
CA ARG C 426 29.92 10.16 76.03
C ARG C 426 29.71 9.29 77.27
N LEU C 427 28.47 9.09 77.73
CA LEU C 427 28.22 8.30 78.95
C LEU C 427 28.01 6.81 78.61
N THR C 428 27.41 6.50 77.46
CA THR C 428 27.07 5.10 77.10
C THR C 428 28.29 4.33 76.61
N ASP C 429 29.39 5.00 76.29
CA ASP C 429 30.67 4.33 75.98
C ASP C 429 31.58 4.26 77.22
N ASP C 430 31.17 4.85 78.35
CA ASP C 430 32.00 4.95 79.57
C ASP C 430 31.62 3.81 80.51
N PRO C 431 32.56 2.92 80.89
CA PRO C 431 32.24 1.79 81.78
C PRO C 431 31.80 2.22 83.20
N ARG C 432 32.18 3.42 83.61
CA ARG C 432 31.72 3.94 84.92
C ARG C 432 30.20 4.15 84.90
N TRP C 433 29.58 4.31 83.73
CA TRP C 433 28.09 4.46 83.65
C TRP C 433 27.37 3.14 83.32
N LEU C 434 28.10 2.04 83.13
CA LEU C 434 27.51 0.73 82.81
C LEU C 434 26.62 0.27 83.97
N PRO C 435 27.01 0.37 85.27
CA PRO C 435 26.09 0.01 86.34
C PRO C 435 24.74 0.75 86.26
N ALA C 436 24.74 2.08 86.24
CA ALA C 436 23.50 2.89 86.19
C ALA C 436 22.65 2.45 84.99
N MET C 437 23.24 2.30 83.82
CA MET C 437 22.51 1.90 82.59
C MET C 437 21.96 0.48 82.76
N SER C 438 22.73 -0.43 83.35
CA SER C 438 22.35 -1.85 83.44
C SER C 438 21.05 -1.98 84.23
N GLU C 439 20.91 -1.24 85.33
CA GLU C 439 19.68 -1.34 86.17
C GLU C 439 18.48 -0.82 85.38
N ARG C 440 18.68 0.04 84.41
CA ARG C 440 17.54 0.61 83.66
C ARG C 440 17.07 -0.39 82.60
N VAL C 441 17.98 -1.20 82.10
CA VAL C 441 17.63 -2.27 81.13
C VAL C 441 17.16 -3.53 81.88
N THR C 442 17.94 -4.02 82.83
CA THR C 442 17.65 -5.31 83.49
C THR C 442 16.33 -5.22 84.25
N ARG C 443 16.12 -4.14 85.01
CA ARG C 443 14.89 -4.01 85.86
C ARG C 443 13.64 -3.87 84.98
N MET C 444 13.79 -3.30 83.78
CA MET C 444 12.66 -3.28 82.82
C MET C 444 12.32 -4.73 82.46
N VAL C 445 13.30 -5.54 82.07
CA VAL C 445 13.02 -6.93 81.60
C VAL C 445 12.42 -7.76 82.73
N GLN C 446 12.93 -7.65 83.95
CA GLN C 446 12.42 -8.46 85.08
C GLN C 446 10.95 -8.13 85.36
N ARG C 447 10.53 -6.88 85.21
CA ARG C 447 9.13 -6.46 85.46
C ARG C 447 8.19 -6.96 84.34
N ASP C 448 8.55 -6.77 83.06
CA ASP C 448 7.58 -6.78 81.92
C ASP C 448 7.73 -8.03 81.04
N ARG C 449 8.64 -8.94 81.37
CA ARG C 449 8.97 -10.11 80.49
C ARG C 449 7.80 -11.09 80.39
N ASN C 450 6.75 -10.96 81.19
CA ASN C 450 5.62 -11.93 81.13
C ASN C 450 4.47 -11.36 80.29
N HIS C 451 4.56 -10.11 79.83
CA HIS C 451 3.47 -9.48 79.04
C HIS C 451 3.52 -9.91 77.57
N PRO C 452 2.49 -10.59 77.01
CA PRO C 452 2.47 -10.95 75.59
C PRO C 452 2.53 -9.75 74.62
N SER C 453 2.00 -8.58 74.99
CA SER C 453 1.98 -7.40 74.11
C SER C 453 3.43 -6.99 73.79
N VAL C 454 4.35 -7.16 74.73
CA VAL C 454 5.78 -6.81 74.50
C VAL C 454 6.41 -7.81 73.52
N ILE C 455 6.78 -7.34 72.33
CA ILE C 455 7.37 -8.24 71.31
C ILE C 455 8.83 -7.85 71.03
N ILE C 456 9.25 -6.64 71.40
CA ILE C 456 10.62 -6.12 71.13
C ILE C 456 11.10 -5.31 72.33
N TRP C 457 12.30 -5.61 72.83
CA TRP C 457 13.00 -4.78 73.84
C TRP C 457 13.85 -3.72 73.14
N SER C 458 13.91 -2.52 73.73
CA SER C 458 14.74 -1.39 73.23
C SER C 458 15.69 -0.91 74.33
N LEU C 459 16.92 -0.56 73.97
CA LEU C 459 17.96 -0.20 74.95
C LEU C 459 17.92 1.30 75.23
N GLY C 460 16.89 1.99 74.76
CA GLY C 460 16.73 3.43 75.04
C GLY C 460 16.63 4.20 73.76
N ASN C 461 16.94 5.50 73.82
CA ASN C 461 16.74 6.41 72.68
C ASN C 461 17.88 7.43 72.61
N GLU C 462 18.36 7.71 71.39
CA GLU C 462 19.29 8.81 71.07
C GLU C 462 20.35 8.97 72.17
N SER C 463 21.23 7.98 72.28
CA SER C 463 22.36 8.03 73.23
C SER C 463 23.63 7.52 72.54
N GLY C 464 23.82 7.88 71.27
CA GLY C 464 24.93 7.39 70.43
C GLY C 464 24.99 5.88 70.48
N HIS C 465 26.15 5.28 70.20
CA HIS C 465 26.37 3.82 70.37
C HIS C 465 27.62 3.57 71.18
N GLY C 466 27.46 3.25 72.46
CA GLY C 466 28.59 2.94 73.34
C GLY C 466 28.79 1.44 73.47
N ALA C 467 29.92 1.04 74.03
CA ALA C 467 30.20 -0.38 74.36
C ALA C 467 29.22 -0.88 75.41
N ASN C 468 28.59 0.00 76.20
CA ASN C 468 27.61 -0.47 77.22
C ASN C 468 26.36 -0.96 76.50
N HIS C 469 26.07 -0.39 75.33
CA HIS C 469 24.91 -0.81 74.50
C HIS C 469 25.12 -2.25 74.03
N ASP C 470 26.32 -2.55 73.55
CA ASP C 470 26.64 -3.93 73.09
C ASP C 470 26.55 -4.90 74.27
N ALA C 471 27.04 -4.52 75.45
CA ALA C 471 27.00 -5.39 76.64
C ALA C 471 25.54 -5.71 77.03
N LEU C 472 24.69 -4.68 77.10
CA LEU C 472 23.29 -4.83 77.57
C LEU C 472 22.41 -5.47 76.48
N TYR C 473 22.74 -5.27 75.21
CA TYR C 473 22.09 -6.03 74.12
C TYR C 473 22.28 -7.53 74.40
N ARG C 474 23.54 -7.94 74.59
CA ARG C 474 23.86 -9.38 74.76
C ARG C 474 23.20 -9.91 76.04
N TRP C 475 23.12 -9.09 77.10
CA TRP C 475 22.45 -9.52 78.36
C TRP C 475 20.98 -9.90 78.09
N ILE C 476 20.27 -9.14 77.26
CA ILE C 476 18.84 -9.45 76.97
C ILE C 476 18.77 -10.71 76.11
N LYS C 477 19.64 -10.86 75.13
CA LYS C 477 19.64 -12.07 74.28
C LYS C 477 19.81 -13.32 75.15
N SER C 478 20.68 -13.27 76.15
CA SER C 478 20.99 -14.42 77.06
C SER C 478 19.82 -14.67 77.98
N VAL C 479 19.22 -13.61 78.53
CA VAL C 479 18.18 -13.76 79.58
C VAL C 479 16.79 -13.95 78.97
N ASP C 480 16.52 -13.40 77.79
CA ASP C 480 15.20 -13.56 77.14
C ASP C 480 15.38 -13.73 75.63
N PRO C 481 15.56 -14.95 75.14
CA PRO C 481 15.65 -15.16 73.69
C PRO C 481 14.30 -15.01 72.96
N SER C 482 13.20 -14.95 73.70
CA SER C 482 11.81 -14.92 73.15
C SER C 482 11.56 -13.62 72.35
N ARG C 483 12.39 -12.59 72.53
CA ARG C 483 12.12 -11.25 71.93
C ARG C 483 13.37 -10.67 71.28
N PRO C 484 13.25 -10.12 70.06
CA PRO C 484 14.32 -9.33 69.47
C PRO C 484 14.61 -8.04 70.27
N VAL C 485 15.84 -7.56 70.15
CA VAL C 485 16.34 -6.31 70.79
C VAL C 485 16.61 -5.30 69.69
N GLN C 486 16.17 -4.06 69.89
CA GLN C 486 16.41 -2.99 68.89
C GLN C 486 17.06 -1.79 69.58
N TYR C 487 17.86 -1.03 68.84
CA TYR C 487 18.41 0.26 69.28
C TYR C 487 18.83 1.08 68.07
N GLU C 488 18.38 2.34 68.00
CA GLU C 488 18.57 3.22 66.83
C GLU C 488 19.91 3.96 66.91
N GLY C 489 20.46 4.16 68.12
CA GLY C 489 21.62 5.04 68.30
C GLY C 489 22.81 4.61 67.47
N GLY C 490 23.68 5.56 67.15
CA GLY C 490 24.94 5.28 66.45
C GLY C 490 24.72 4.77 65.04
N GLY C 491 23.67 5.21 64.35
CA GLY C 491 23.55 4.98 62.89
C GLY C 491 22.47 3.97 62.53
N ALA C 492 21.75 3.45 63.52
CA ALA C 492 20.51 2.66 63.37
C ALA C 492 20.80 1.20 63.02
N ASP C 493 22.07 0.82 62.74
CA ASP C 493 22.37 -0.56 62.28
C ASP C 493 23.61 -1.08 62.99
N THR C 494 23.86 -0.59 64.20
CA THR C 494 25.00 -1.04 65.04
C THR C 494 24.86 -2.52 65.39
N THR C 495 25.89 -3.08 66.03
CA THR C 495 25.89 -4.48 66.54
C THR C 495 24.88 -4.64 67.68
N ALA C 496 24.27 -3.56 68.20
CA ALA C 496 23.36 -3.61 69.37
C ALA C 496 21.87 -3.59 68.94
N THR C 497 21.56 -3.99 67.70
CA THR C 497 20.16 -4.03 67.21
C THR C 497 19.98 -5.22 66.29
N ASP C 498 18.86 -5.92 66.42
CA ASP C 498 18.47 -7.06 65.56
C ASP C 498 17.68 -6.49 64.36
N ILE C 499 17.29 -5.23 64.44
CA ILE C 499 16.40 -4.57 63.46
C ILE C 499 17.06 -3.25 63.05
N ILE C 500 17.08 -2.97 61.75
CA ILE C 500 17.53 -1.63 61.26
C ILE C 500 16.42 -0.64 61.62
N CYS C 501 16.67 0.24 62.56
CA CYS C 501 15.58 1.03 63.18
C CYS C 501 15.87 2.52 63.05
N PRO C 502 16.03 3.04 61.81
CA PRO C 502 16.37 4.45 61.64
C PRO C 502 15.23 5.33 62.17
N MET C 503 15.55 6.61 62.34
CA MET C 503 14.51 7.63 62.63
C MET C 503 14.59 8.67 61.52
N TYR C 504 13.50 8.80 60.78
CA TYR C 504 13.33 9.82 59.72
C TYR C 504 14.18 9.49 58.53
N ALA C 505 14.54 8.23 58.33
CA ALA C 505 15.09 7.76 57.04
C ALA C 505 14.03 7.98 55.96
N ARG C 506 14.43 8.57 54.84
CA ARG C 506 13.47 8.88 53.77
C ARG C 506 13.39 7.67 52.86
N VAL C 507 12.35 7.65 52.02
CA VAL C 507 11.99 6.46 51.19
C VAL C 507 13.01 6.29 50.06
N ASP C 508 13.26 7.36 49.29
CA ASP C 508 14.09 7.33 48.06
C ASP C 508 15.35 8.17 48.21
N GLU C 509 15.32 9.24 49.00
CA GLU C 509 16.43 10.20 49.08
C GLU C 509 17.39 9.80 50.20
N ASP C 510 18.68 9.72 49.89
CA ASP C 510 19.74 9.49 50.91
C ASP C 510 20.04 10.81 51.62
N GLN C 511 20.34 10.72 52.91
CA GLN C 511 20.92 11.82 53.72
C GLN C 511 22.22 11.28 54.27
N PRO C 512 23.36 11.47 53.56
CA PRO C 512 24.61 10.78 53.90
C PRO C 512 25.42 11.58 54.93
N PHE C 513 24.86 11.74 56.13
CA PHE C 513 25.55 12.38 57.29
C PHE C 513 26.79 11.56 57.63
N PRO C 514 27.94 12.21 57.88
CA PRO C 514 29.14 11.50 58.31
C PRO C 514 28.90 10.70 59.60
N ALA C 515 29.52 9.51 59.69
CA ALA C 515 29.42 8.55 60.81
C ALA C 515 27.99 7.98 60.92
N VAL C 516 26.97 8.82 60.79
CA VAL C 516 25.56 8.46 61.12
C VAL C 516 24.65 8.69 59.91
N PRO C 517 24.91 8.08 58.73
CA PRO C 517 24.06 8.33 57.58
C PRO C 517 22.65 7.78 57.81
N LYS C 518 21.68 8.45 57.20
CA LYS C 518 20.30 7.94 56.99
C LYS C 518 20.16 7.61 55.49
N TRP C 519 20.40 6.37 55.14
CA TRP C 519 20.22 5.91 53.74
C TRP C 519 18.73 5.91 53.45
N SER C 520 18.36 6.03 52.16
CA SER C 520 17.07 5.55 51.62
C SER C 520 16.78 4.18 52.27
N ILE C 521 15.59 4.01 52.84
CA ILE C 521 15.22 2.71 53.46
C ILE C 521 15.30 1.59 52.42
N LYS C 522 15.00 1.87 51.15
CA LYS C 522 15.09 0.85 50.08
C LYS C 522 16.54 0.47 49.81
N LYS C 523 17.43 1.45 49.77
CA LYS C 523 18.86 1.20 49.50
C LYS C 523 19.48 0.49 50.69
N TRP C 524 19.06 0.87 51.90
CA TRP C 524 19.65 0.41 53.17
C TRP C 524 19.61 -1.10 53.25
N LEU C 525 18.48 -1.69 52.84
CA LEU C 525 18.29 -3.16 52.89
C LEU C 525 19.41 -3.86 52.12
N SER C 526 19.81 -3.31 50.97
CA SER C 526 20.65 -4.00 49.95
C SER C 526 22.14 -3.84 50.23
N LEU C 527 22.54 -2.94 51.15
CA LEU C 527 23.98 -2.67 51.37
C LEU C 527 24.66 -4.00 51.65
N PRO C 528 25.87 -4.21 51.07
CA PRO C 528 26.55 -5.50 51.21
C PRO C 528 26.67 -5.95 52.67
N GLY C 529 26.26 -7.19 52.94
CA GLY C 529 26.37 -7.85 54.25
C GLY C 529 25.17 -7.58 55.13
N GLU C 530 24.19 -6.80 54.68
CA GLU C 530 23.02 -6.42 55.52
C GLU C 530 21.89 -7.44 55.31
N THR C 531 21.47 -8.14 56.35
CA THR C 531 20.42 -9.20 56.27
C THR C 531 19.15 -8.83 57.04
N ARG C 532 19.17 -7.79 57.86
CA ARG C 532 18.13 -7.57 58.89
C ARG C 532 16.90 -6.94 58.27
N PRO C 533 15.74 -7.06 58.93
CA PRO C 533 14.57 -6.26 58.57
C PRO C 533 14.85 -4.79 58.87
N LEU C 534 14.00 -3.91 58.33
CA LEU C 534 14.06 -2.47 58.64
C LEU C 534 12.67 -2.02 59.09
N ILE C 535 12.61 -1.49 60.30
CA ILE C 535 11.36 -0.92 60.88
C ILE C 535 11.76 0.39 61.54
N LEU C 536 11.33 1.50 60.95
CA LEU C 536 11.66 2.86 61.46
C LEU C 536 11.13 3.00 62.89
N CYS C 537 12.02 3.29 63.84
CA CYS C 537 11.61 3.50 65.25
C CYS C 537 10.84 4.82 65.33
N GLN C 538 11.12 5.74 64.40
CA GLN C 538 10.36 7.00 64.23
C GLN C 538 10.34 7.36 62.75
N TYR C 539 9.18 7.76 62.24
CA TYR C 539 9.07 8.34 60.88
C TYR C 539 7.83 9.22 60.85
N ALA C 540 7.73 10.06 59.83
CA ALA C 540 6.59 10.98 59.61
C ALA C 540 6.40 11.86 60.85
N HIS C 541 7.29 12.81 61.03
CA HIS C 541 7.22 13.82 62.11
C HIS C 541 5.93 14.65 61.93
N ALA C 542 4.99 14.48 62.85
CA ALA C 542 3.59 14.96 62.71
C ALA C 542 3.41 16.30 63.42
N MET C 543 4.32 17.24 63.20
CA MET C 543 4.31 18.54 63.92
C MET C 543 3.46 19.52 63.14
N GLY C 544 2.34 19.93 63.73
CA GLY C 544 1.38 20.83 63.07
C GLY C 544 0.84 20.24 61.77
N ASN C 545 0.84 21.04 60.71
CA ASN C 545 0.31 20.62 59.40
C ASN C 545 1.43 19.82 58.70
N SER C 546 1.31 18.50 58.73
CA SER C 546 2.38 17.63 58.20
C SER C 546 1.82 16.23 57.89
N LEU C 547 2.67 15.21 57.86
CA LEU C 547 2.44 13.88 57.22
C LEU C 547 2.29 14.03 55.70
N GLY C 548 2.93 15.03 55.12
CA GLY C 548 3.19 15.05 53.69
C GLY C 548 4.10 13.88 53.31
N GLY C 549 3.76 13.19 52.22
CA GLY C 549 4.57 12.07 51.69
C GLY C 549 4.38 10.80 52.47
N PHE C 550 3.39 10.73 53.36
CA PHE C 550 3.09 9.51 54.15
C PHE C 550 2.81 8.31 53.24
N ALA C 551 2.08 8.51 52.14
CA ALA C 551 1.71 7.43 51.18
C ALA C 551 2.96 6.78 50.60
N LYS C 552 4.03 7.57 50.43
CA LYS C 552 5.27 7.11 49.79
C LYS C 552 5.91 6.00 50.64
N TYR C 553 5.78 6.09 51.97
CA TYR C 553 6.32 5.07 52.91
C TYR C 553 5.54 3.77 52.78
N TRP C 554 4.22 3.89 52.72
CA TRP C 554 3.36 2.67 52.72
C TRP C 554 3.42 1.99 51.36
N GLN C 555 3.67 2.75 50.28
CA GLN C 555 3.91 2.13 48.96
C GLN C 555 5.17 1.26 49.11
N ALA C 556 6.20 1.80 49.76
CA ALA C 556 7.51 1.14 49.90
C ALA C 556 7.38 -0.02 50.87
N PHE C 557 6.65 0.17 51.98
CA PHE C 557 6.46 -0.91 52.97
C PHE C 557 5.86 -2.12 52.27
N ARG C 558 4.83 -1.91 51.46
CA ARG C 558 4.07 -3.04 50.84
C ARG C 558 4.90 -3.71 49.73
N GLN C 559 5.68 -2.95 48.97
CA GLN C 559 6.46 -3.49 47.84
C GLN C 559 7.61 -4.34 48.39
N TYR C 560 8.29 -3.92 49.47
CA TYR C 560 9.57 -4.52 49.93
C TYR C 560 9.33 -5.41 51.15
N PRO C 561 9.56 -6.73 51.03
CA PRO C 561 9.30 -7.63 52.16
C PRO C 561 10.04 -7.18 53.42
N ARG C 562 11.29 -6.76 53.30
CA ARG C 562 12.11 -6.51 54.51
C ARG C 562 11.83 -5.10 55.03
N LEU C 563 11.06 -4.30 54.32
CA LEU C 563 10.45 -3.09 54.92
C LEU C 563 9.17 -3.55 55.62
N GLN C 564 9.20 -3.56 56.96
CA GLN C 564 8.08 -4.08 57.77
C GLN C 564 7.46 -2.94 58.56
N GLY C 565 7.52 -1.72 58.03
CA GLY C 565 6.74 -0.59 58.56
C GLY C 565 7.55 0.31 59.48
N GLY C 566 6.86 0.92 60.43
CA GLY C 566 7.52 1.82 61.39
C GLY C 566 6.55 2.41 62.38
N PHE C 567 7.06 3.25 63.25
CA PHE C 567 6.28 3.93 64.31
C PHE C 567 6.29 5.43 64.04
N VAL C 568 5.11 5.99 63.84
CA VAL C 568 4.96 7.45 63.57
C VAL C 568 5.41 8.22 64.82
N TRP C 569 6.12 9.33 64.60
CA TRP C 569 6.35 10.32 65.67
C TRP C 569 5.42 11.51 65.46
N ASP C 570 4.40 11.67 66.33
CA ASP C 570 4.03 10.73 67.37
C ASP C 570 2.53 10.90 67.67
N TRP C 571 2.05 10.39 68.80
CA TRP C 571 0.60 10.23 69.05
C TRP C 571 -0.03 11.57 69.48
N VAL C 572 0.43 12.13 70.60
CA VAL C 572 -0.21 13.28 71.28
C VAL C 572 0.71 14.50 71.24
N ASP C 573 0.13 15.63 70.89
CA ASP C 573 0.72 16.94 71.24
C ASP C 573 1.00 16.92 72.73
N GLN C 574 2.22 17.27 73.15
CA GLN C 574 2.57 17.46 74.58
C GLN C 574 2.29 18.92 74.98
N SER C 575 1.08 19.41 74.69
CA SER C 575 0.65 20.76 75.14
C SER C 575 0.19 20.65 76.58
N LEU C 576 0.34 21.72 77.34
CA LEU C 576 -0.19 21.82 78.72
C LEU C 576 -1.21 22.95 78.75
N ILE C 577 -2.16 22.85 79.67
CA ILE C 577 -3.24 23.87 79.79
C ILE C 577 -2.80 24.96 80.78
N LYS C 578 -2.95 26.21 80.38
CA LYS C 578 -2.88 27.39 81.27
C LYS C 578 -4.21 28.14 81.16
N TYR C 579 -4.48 29.01 82.13
CA TYR C 579 -5.76 29.75 82.23
C TYR C 579 -5.49 31.25 82.11
N ASP C 580 -6.32 31.93 81.34
CA ASP C 580 -6.13 33.37 81.00
C ASP C 580 -6.75 34.21 82.12
N GLU C 581 -6.90 35.52 81.88
CA GLU C 581 -7.39 36.50 82.88
C GLU C 581 -8.85 36.17 83.30
N ASN C 582 -9.61 35.46 82.45
CA ASN C 582 -11.02 35.09 82.76
C ASN C 582 -11.17 33.60 83.06
N GLY C 583 -10.07 32.86 83.24
CA GLY C 583 -10.13 31.45 83.64
C GLY C 583 -10.62 30.56 82.51
N ASN C 584 -10.31 30.92 81.27
CA ASN C 584 -10.52 30.06 80.07
C ASN C 584 -9.23 29.34 79.72
N PRO C 585 -9.29 28.02 79.44
CA PRO C 585 -8.08 27.25 79.18
C PRO C 585 -7.51 27.63 77.80
N TRP C 586 -6.19 27.49 77.65
CA TRP C 586 -5.50 27.56 76.34
C TRP C 586 -4.30 26.64 76.36
N SER C 587 -4.03 26.01 75.22
CA SER C 587 -2.89 25.10 74.99
C SER C 587 -1.58 25.89 75.03
N ALA C 588 -0.67 25.49 75.91
CA ALA C 588 0.63 26.13 76.08
C ALA C 588 1.73 25.16 75.65
N TYR C 589 2.87 25.71 75.24
CA TYR C 589 4.04 24.92 74.82
C TYR C 589 5.31 25.55 75.41
N GLY C 590 6.47 25.25 74.82
CA GLY C 590 7.78 25.66 75.34
C GLY C 590 7.82 27.13 75.66
N GLY C 591 8.32 27.48 76.86
CA GLY C 591 8.56 28.87 77.27
C GLY C 591 7.31 29.54 77.84
N ASP C 592 6.14 28.93 77.69
CA ASP C 592 4.87 29.53 78.16
C ASP C 592 4.80 29.48 79.69
N PHE C 593 5.81 28.93 80.37
CA PHE C 593 5.89 28.92 81.86
C PHE C 593 7.14 29.67 82.35
N GLY C 594 7.72 30.54 81.52
CA GLY C 594 8.95 31.29 81.87
C GLY C 594 10.20 30.43 81.86
N ASP C 595 10.05 29.16 81.43
CA ASP C 595 11.15 28.18 81.28
C ASP C 595 12.06 28.64 80.14
N THR C 596 13.35 28.81 80.43
CA THR C 596 14.39 29.25 79.46
C THR C 596 15.71 28.57 79.82
N PRO C 597 16.49 28.03 78.85
CA PRO C 597 16.08 27.99 77.44
C PRO C 597 15.00 26.93 77.21
N ASN C 598 14.34 27.01 76.04
CA ASN C 598 13.22 26.11 75.67
C ASN C 598 13.19 25.96 74.17
N ASP C 599 12.48 24.92 73.72
CA ASP C 599 12.31 24.57 72.29
C ASP C 599 10.84 24.76 71.86
N ARG C 600 10.20 25.81 72.37
CA ARG C 600 8.90 26.32 71.89
C ARG C 600 7.97 25.16 71.46
N GLN C 601 7.46 25.21 70.23
CA GLN C 601 6.31 24.39 69.77
C GLN C 601 6.79 22.97 69.47
N PHE C 602 8.09 22.67 69.55
CA PHE C 602 8.62 21.33 69.17
C PHE C 602 8.13 20.22 70.10
N CYS C 603 7.43 20.54 71.19
CA CYS C 603 6.76 19.53 72.06
C CYS C 603 5.48 19.00 71.41
N MET C 604 4.94 19.67 70.39
CA MET C 604 3.64 19.28 69.76
C MET C 604 3.90 18.59 68.42
N ASN C 605 3.91 17.27 68.41
CA ASN C 605 4.24 16.46 67.20
C ASN C 605 3.16 15.40 66.94
N GLY C 606 1.97 15.57 67.50
CA GLY C 606 1.01 14.46 67.61
C GLY C 606 0.09 14.39 66.42
N LEU C 607 -0.47 13.20 66.20
CA LEU C 607 -1.62 12.99 65.28
C LEU C 607 -2.88 13.53 65.96
N VAL C 608 -2.88 13.62 67.29
CA VAL C 608 -4.05 14.13 68.04
C VAL C 608 -3.62 15.27 68.95
N PHE C 609 -4.49 16.24 69.15
CA PHE C 609 -4.31 17.30 70.16
C PHE C 609 -4.24 16.65 71.55
N ALA C 610 -3.82 17.42 72.55
CA ALA C 610 -3.65 16.93 73.93
C ALA C 610 -4.97 16.32 74.47
N ASP C 611 -6.12 16.89 74.08
CA ASP C 611 -7.44 16.40 74.56
C ASP C 611 -7.89 15.18 73.74
N ARG C 612 -7.05 14.71 72.80
CA ARG C 612 -7.28 13.49 71.97
C ARG C 612 -8.26 13.77 70.82
N THR C 613 -8.58 15.03 70.54
CA THR C 613 -9.25 15.39 69.26
C THR C 613 -8.24 15.18 68.14
N PRO C 614 -8.64 14.53 67.02
CA PRO C 614 -7.70 14.24 65.94
C PRO C 614 -7.28 15.50 65.17
N HIS C 615 -6.01 15.52 64.73
CA HIS C 615 -5.53 16.41 63.65
C HIS C 615 -6.00 15.80 62.33
N PRO C 616 -6.03 16.60 61.24
CA PRO C 616 -6.36 16.07 59.91
C PRO C 616 -5.52 14.85 59.52
N ALA C 617 -4.22 14.87 59.85
CA ALA C 617 -3.23 13.85 59.44
C ALA C 617 -3.63 12.45 59.91
N LEU C 618 -4.50 12.33 60.93
CA LEU C 618 -4.82 11.02 61.54
C LEU C 618 -5.54 10.12 60.52
N THR C 619 -6.50 10.64 59.77
CA THR C 619 -7.24 9.80 58.80
C THR C 619 -6.32 9.46 57.61
N GLU C 620 -5.34 10.31 57.29
CA GLU C 620 -4.35 9.95 56.24
C GLU C 620 -3.61 8.70 56.70
N ALA C 621 -3.20 8.65 57.97
CA ALA C 621 -2.59 7.44 58.57
C ALA C 621 -3.59 6.29 58.52
N LYS C 622 -4.83 6.53 58.95
CA LYS C 622 -5.87 5.47 58.97
C LYS C 622 -5.98 4.87 57.57
N HIS C 623 -5.97 5.71 56.54
CA HIS C 623 -6.21 5.25 55.16
C HIS C 623 -5.01 4.43 54.70
N GLN C 624 -3.81 4.97 54.90
CA GLN C 624 -2.59 4.30 54.39
C GLN C 624 -2.34 3.00 55.16
N GLN C 625 -2.74 2.94 56.43
CA GLN C 625 -2.48 1.77 57.32
C GLN C 625 -3.66 0.78 57.29
N GLN C 626 -4.59 0.94 56.36
CA GLN C 626 -5.81 0.09 56.32
C GLN C 626 -5.41 -1.33 55.87
N PHE C 627 -6.19 -2.31 56.30
CA PHE C 627 -5.84 -3.74 56.21
C PHE C 627 -6.48 -4.35 54.97
N PHE C 628 -7.26 -3.58 54.22
CA PHE C 628 -7.88 -4.07 52.96
C PHE C 628 -7.36 -3.20 51.83
N GLN C 629 -6.80 -3.87 50.82
CA GLN C 629 -6.30 -3.20 49.60
C GLN C 629 -7.22 -3.59 48.44
N PHE C 630 -7.40 -2.67 47.51
CA PHE C 630 -8.42 -2.78 46.45
C PHE C 630 -7.75 -2.56 45.11
N ARG C 631 -8.27 -3.24 44.10
CA ARG C 631 -7.95 -2.98 42.68
C ARG C 631 -9.27 -3.05 41.93
N LEU C 632 -9.33 -2.37 40.79
CA LEU C 632 -10.52 -2.31 39.91
C LEU C 632 -10.08 -2.68 38.51
N SER C 633 -10.84 -3.56 37.87
CA SER C 633 -10.67 -3.87 36.44
C SER C 633 -12.05 -4.12 35.84
N GLY C 634 -12.49 -3.21 34.97
CA GLY C 634 -13.86 -3.22 34.43
C GLY C 634 -14.84 -2.89 35.52
N GLN C 635 -15.68 -3.86 35.89
CA GLN C 635 -16.71 -3.68 36.94
C GLN C 635 -16.35 -4.54 38.14
N THR C 636 -15.18 -5.18 38.13
CA THR C 636 -14.80 -6.24 39.10
C THR C 636 -13.77 -5.70 40.08
N ILE C 637 -14.09 -5.77 41.38
CA ILE C 637 -13.22 -5.30 42.47
C ILE C 637 -12.48 -6.49 43.06
N GLU C 638 -11.15 -6.40 43.09
CA GLU C 638 -10.27 -7.35 43.80
C GLU C 638 -10.03 -6.75 45.18
N VAL C 639 -10.50 -7.45 46.21
CA VAL C 639 -10.21 -7.09 47.63
C VAL C 639 -9.14 -8.03 48.16
N THR C 640 -8.06 -7.46 48.66
CA THR C 640 -7.00 -8.24 49.33
C THR C 640 -7.01 -7.92 50.82
N SER C 641 -6.86 -8.95 51.65
CA SER C 641 -6.74 -8.77 53.12
C SER C 641 -5.27 -8.85 53.51
N GLU C 642 -4.79 -7.86 54.26
CA GLU C 642 -3.41 -7.84 54.80
C GLU C 642 -3.41 -8.36 56.23
N TYR C 643 -4.56 -8.73 56.77
CA TYR C 643 -4.62 -9.47 58.04
C TYR C 643 -3.89 -10.79 57.86
N LEU C 644 -3.24 -11.28 58.93
CA LEU C 644 -2.39 -12.48 58.87
C LEU C 644 -3.05 -13.67 59.56
N PHE C 645 -4.07 -13.44 60.40
CA PHE C 645 -4.66 -14.52 61.24
C PHE C 645 -6.17 -14.63 61.11
N ARG C 646 -6.88 -13.52 60.92
CA ARG C 646 -8.36 -13.57 60.97
C ARG C 646 -8.96 -13.44 59.56
N HIS C 647 -10.13 -14.07 59.39
CA HIS C 647 -11.02 -13.84 58.22
C HIS C 647 -11.73 -12.49 58.36
N SER C 648 -12.49 -12.10 57.34
CA SER C 648 -13.44 -10.96 57.36
C SER C 648 -14.67 -11.30 58.21
N ASP C 649 -14.49 -11.52 59.51
CA ASP C 649 -15.54 -12.06 60.42
C ASP C 649 -16.52 -10.96 60.81
N ASN C 650 -16.35 -9.75 60.32
CA ASN C 650 -17.11 -8.58 60.82
C ASN C 650 -16.96 -7.43 59.84
N GLU C 651 -17.33 -7.65 58.58
CA GLU C 651 -16.94 -6.76 57.48
C GLU C 651 -17.90 -6.97 56.33
N LEU C 652 -18.46 -5.89 55.80
CA LEU C 652 -19.10 -5.92 54.48
C LEU C 652 -18.71 -4.64 53.74
N LEU C 653 -18.83 -4.70 52.43
CA LEU C 653 -18.33 -3.66 51.50
C LEU C 653 -19.51 -2.91 50.94
N HIS C 654 -19.68 -1.67 51.38
CA HIS C 654 -20.70 -0.75 50.85
C HIS C 654 -20.10 -0.09 49.62
N TRP C 655 -20.89 0.12 48.57
CA TRP C 655 -20.39 0.77 47.33
C TRP C 655 -21.40 1.81 46.85
N MET C 656 -20.90 2.96 46.42
CA MET C 656 -21.69 4.10 45.96
C MET C 656 -21.11 4.58 44.63
N VAL C 657 -21.96 4.72 43.61
CA VAL C 657 -21.59 5.35 42.32
C VAL C 657 -22.29 6.71 42.22
N ALA C 658 -21.53 7.75 41.90
CA ALA C 658 -22.04 9.12 41.90
C ALA C 658 -21.46 9.89 40.73
N LEU C 659 -22.25 10.81 40.19
CA LEU C 659 -21.81 11.73 39.11
C LEU C 659 -21.77 13.15 39.68
N ASP C 660 -20.56 13.68 39.85
CA ASP C 660 -20.30 15.02 40.43
C ASP C 660 -21.15 15.19 41.70
N GLY C 661 -21.18 14.17 42.56
CA GLY C 661 -21.78 14.28 43.89
C GLY C 661 -23.18 13.70 43.95
N LYS C 662 -23.92 13.72 42.83
CA LYS C 662 -25.30 13.17 42.80
C LYS C 662 -25.18 11.65 42.81
N PRO C 663 -25.72 10.94 43.83
CA PRO C 663 -25.60 9.48 43.88
C PRO C 663 -26.53 8.83 42.84
N LEU C 664 -26.09 7.74 42.20
CA LEU C 664 -26.88 7.05 41.14
C LEU C 664 -27.26 5.64 41.59
N ALA C 665 -26.29 4.85 42.02
CA ALA C 665 -26.46 3.44 42.45
C ALA C 665 -25.66 3.18 43.73
N SER C 666 -26.15 2.23 44.52
CA SER C 666 -25.63 1.89 45.87
C SER C 666 -25.64 0.37 45.99
N GLY C 667 -25.27 -0.16 47.15
CA GLY C 667 -25.31 -1.61 47.37
C GLY C 667 -24.37 -2.08 48.45
N GLU C 668 -24.62 -3.29 48.93
CA GLU C 668 -23.84 -3.93 50.00
C GLU C 668 -23.38 -5.28 49.50
N VAL C 669 -22.14 -5.63 49.82
CA VAL C 669 -21.52 -6.93 49.45
C VAL C 669 -20.96 -7.54 50.72
N PRO C 670 -21.33 -8.79 51.08
CA PRO C 670 -20.69 -9.46 52.22
C PRO C 670 -19.22 -9.76 51.87
N LEU C 671 -18.33 -9.56 52.84
CA LEU C 671 -16.87 -9.77 52.67
C LEU C 671 -16.48 -11.06 53.36
N ASP C 672 -15.86 -11.95 52.60
CA ASP C 672 -15.34 -13.23 53.12
C ASP C 672 -13.96 -13.47 52.51
N VAL C 673 -12.94 -12.80 53.08
CA VAL C 673 -11.52 -12.90 52.63
C VAL C 673 -10.69 -13.60 53.70
N ALA C 674 -10.03 -14.68 53.32
CA ALA C 674 -9.04 -15.36 54.17
C ALA C 674 -7.88 -14.40 54.43
N PRO C 675 -7.16 -14.54 55.56
CA PRO C 675 -5.98 -13.72 55.81
C PRO C 675 -4.97 -13.89 54.67
N GLN C 676 -4.52 -12.76 54.10
CA GLN C 676 -3.58 -12.70 52.96
C GLN C 676 -4.29 -13.24 51.72
N GLY C 677 -5.61 -13.29 51.73
CA GLY C 677 -6.37 -13.84 50.61
C GLY C 677 -6.93 -12.75 49.72
N LYS C 678 -7.66 -13.18 48.70
CA LYS C 678 -8.32 -12.27 47.73
C LYS C 678 -9.78 -12.68 47.59
N GLN C 679 -10.65 -11.71 47.37
CA GLN C 679 -12.06 -11.97 47.03
C GLN C 679 -12.42 -11.11 45.82
N LEU C 680 -13.03 -11.72 44.81
CA LEU C 680 -13.51 -10.97 43.63
C LEU C 680 -14.97 -10.58 43.85
N ILE C 681 -15.30 -9.34 43.54
CA ILE C 681 -16.70 -8.86 43.59
C ILE C 681 -17.00 -8.16 42.27
N GLU C 682 -18.02 -8.62 41.54
CA GLU C 682 -18.44 -7.90 40.32
C GLU C 682 -19.67 -7.10 40.68
N LEU C 683 -19.69 -5.86 40.22
CA LEU C 683 -20.82 -4.93 40.39
C LEU C 683 -21.94 -5.35 39.44
N PRO C 684 -23.22 -5.13 39.82
CA PRO C 684 -24.30 -5.13 38.84
C PRO C 684 -24.11 -3.99 37.82
N GLU C 685 -24.57 -4.21 36.59
CA GLU C 685 -24.44 -3.27 35.44
C GLU C 685 -24.77 -1.87 35.95
N LEU C 686 -23.76 -1.07 36.27
CA LEU C 686 -23.95 0.27 36.87
C LEU C 686 -24.60 1.20 35.85
N PRO C 687 -25.47 2.13 36.28
CA PRO C 687 -26.17 3.01 35.34
C PRO C 687 -25.18 3.90 34.59
N GLN C 688 -25.38 4.07 33.28
CA GLN C 688 -24.46 4.81 32.37
C GLN C 688 -25.21 5.98 31.75
N PRO C 689 -25.27 7.15 32.41
CA PRO C 689 -26.04 8.29 31.91
C PRO C 689 -25.29 9.16 30.90
N GLU C 690 -26.04 9.81 29.99
CA GLU C 690 -25.50 10.70 28.94
C GLU C 690 -25.27 12.11 29.51
N SER C 691 -25.68 12.40 30.76
CA SER C 691 -25.44 13.69 31.44
C SER C 691 -23.94 13.92 31.59
N ALA C 692 -23.49 15.17 31.48
CA ALA C 692 -22.07 15.54 31.57
C ALA C 692 -21.56 15.43 33.01
N GLY C 693 -20.29 15.07 33.16
CA GLY C 693 -19.64 14.93 34.46
C GLY C 693 -18.85 13.65 34.58
N GLN C 694 -18.04 13.58 35.62
CA GLN C 694 -17.18 12.42 35.95
C GLN C 694 -17.96 11.50 36.90
N LEU C 695 -18.03 10.24 36.55
CA LEU C 695 -18.64 9.18 37.37
C LEU C 695 -17.57 8.66 38.32
N TRP C 696 -17.87 8.61 39.61
CA TRP C 696 -16.94 8.14 40.67
C TRP C 696 -17.51 6.89 41.36
N LEU C 697 -16.67 5.89 41.55
CA LEU C 697 -16.98 4.71 42.38
C LEU C 697 -16.32 4.90 43.74
N THR C 698 -17.05 4.62 44.80
CA THR C 698 -16.53 4.67 46.18
C THR C 698 -16.88 3.36 46.88
N VAL C 699 -15.90 2.74 47.53
CA VAL C 699 -16.15 1.53 48.35
C VAL C 699 -15.71 1.83 49.78
N ARG C 700 -16.50 1.40 50.74
CA ARG C 700 -16.19 1.53 52.18
C ARG C 700 -16.32 0.13 52.78
N VAL C 701 -15.38 -0.23 53.63
CA VAL C 701 -15.53 -1.47 54.45
C VAL C 701 -16.12 -1.04 55.78
N VAL C 702 -17.18 -1.70 56.19
CA VAL C 702 -17.87 -1.31 57.43
C VAL C 702 -18.04 -2.57 58.27
N GLN C 703 -17.73 -2.44 59.56
CA GLN C 703 -17.90 -3.52 60.57
C GLN C 703 -19.31 -3.37 61.13
N PRO C 704 -20.24 -4.30 60.80
CA PRO C 704 -21.62 -4.15 61.26
C PRO C 704 -21.72 -4.29 62.78
N ASN C 705 -20.83 -5.08 63.38
CA ASN C 705 -20.93 -5.44 64.82
C ASN C 705 -19.93 -4.63 65.64
N ALA C 706 -20.34 -4.30 66.86
CA ALA C 706 -19.45 -3.71 67.88
C ALA C 706 -18.33 -4.70 68.20
N THR C 707 -17.17 -4.15 68.54
CA THR C 707 -16.03 -4.91 69.09
C THR C 707 -15.72 -4.34 70.47
N ALA C 708 -14.62 -4.80 71.05
CA ALA C 708 -14.12 -4.23 72.31
C ALA C 708 -13.55 -2.84 72.03
N TRP C 709 -13.15 -2.58 70.78
CA TRP C 709 -12.40 -1.33 70.45
C TRP C 709 -13.18 -0.43 69.49
N SER C 710 -14.33 -0.88 68.98
CA SER C 710 -15.08 -0.13 67.93
C SER C 710 -16.59 -0.29 68.12
N GLU C 711 -17.32 0.74 67.71
CA GLU C 711 -18.80 0.79 67.69
C GLU C 711 -19.31 0.14 66.41
N ALA C 712 -20.60 -0.20 66.41
CA ALA C 712 -21.26 -0.76 65.21
C ALA C 712 -21.18 0.28 64.08
N GLY C 713 -20.92 -0.21 62.88
CA GLY C 713 -20.92 0.62 61.65
C GLY C 713 -19.60 1.35 61.45
N HIS C 714 -18.60 1.06 62.29
CA HIS C 714 -17.24 1.63 62.14
C HIS C 714 -16.73 1.33 60.74
N ILE C 715 -16.15 2.35 60.10
CA ILE C 715 -15.52 2.23 58.76
C ILE C 715 -14.03 2.00 58.96
N SER C 716 -13.49 0.92 58.39
CA SER C 716 -12.09 0.49 58.62
C SER C 716 -11.21 0.78 57.41
N ALA C 717 -11.79 0.94 56.22
CA ALA C 717 -11.04 1.13 54.95
C ALA C 717 -11.94 1.69 53.87
N TRP C 718 -11.33 2.25 52.85
CA TRP C 718 -12.08 2.76 51.68
C TRP C 718 -11.14 2.99 50.51
N GLN C 719 -11.70 3.19 49.34
CA GLN C 719 -10.93 3.48 48.11
C GLN C 719 -11.85 4.14 47.10
N GLN C 720 -11.27 4.95 46.22
CA GLN C 720 -12.04 5.66 45.19
C GLN C 720 -11.42 5.40 43.83
N TRP C 721 -12.27 5.37 42.80
CA TRP C 721 -11.83 5.37 41.38
C TRP C 721 -12.71 6.34 40.58
N ARG C 722 -12.12 6.94 39.56
CA ARG C 722 -12.89 7.51 38.44
C ARG C 722 -13.39 6.35 37.56
N LEU C 723 -14.67 6.39 37.22
CA LEU C 723 -15.26 5.50 36.17
C LEU C 723 -15.34 6.33 34.89
N ALA C 724 -16.42 6.27 34.13
CA ALA C 724 -16.52 6.97 32.83
C ALA C 724 -16.66 8.48 33.04
N GLU C 725 -16.08 9.26 32.14
CA GLU C 725 -16.30 10.72 32.09
C GLU C 725 -17.03 11.05 30.78
N ASN C 726 -17.87 12.06 30.86
CA ASN C 726 -18.60 12.62 29.69
C ASN C 726 -18.27 14.10 29.67
N LEU C 727 -17.41 14.50 28.76
CA LEU C 727 -17.06 15.93 28.61
C LEU C 727 -18.31 16.67 28.17
N SER C 728 -18.58 17.81 28.82
CA SER C 728 -19.70 18.70 28.46
C SER C 728 -19.36 19.41 27.14
N VAL C 729 -20.27 19.38 26.16
CA VAL C 729 -20.04 20.06 24.85
C VAL C 729 -21.18 21.02 24.52
N THR C 730 -22.22 21.08 25.33
CA THR C 730 -23.40 21.92 25.01
C THR C 730 -23.09 23.37 25.41
N LEU C 731 -23.26 24.30 24.47
CA LEU C 731 -23.15 25.77 24.73
C LEU C 731 -24.40 26.23 25.47
N PRO C 732 -24.26 27.01 26.57
CA PRO C 732 -25.43 27.58 27.25
C PRO C 732 -26.15 28.57 26.30
N ALA C 733 -27.47 28.73 26.47
CA ALA C 733 -28.30 29.64 25.66
C ALA C 733 -27.77 31.07 25.84
N ALA C 734 -27.60 31.80 24.74
CA ALA C 734 -26.71 32.99 24.62
C ALA C 734 -27.30 34.21 25.36
N SER C 735 -27.79 34.03 26.59
CA SER C 735 -28.02 35.10 27.60
C SER C 735 -29.09 36.09 27.11
N HIS C 736 -29.54 36.96 28.02
CA HIS C 736 -30.46 38.08 27.73
C HIS C 736 -29.63 39.26 27.18
N ALA C 737 -29.20 40.16 28.07
CA ALA C 737 -28.64 41.48 27.71
C ALA C 737 -27.11 41.41 27.65
N ILE C 738 -26.50 42.57 27.46
CA ILE C 738 -25.02 42.75 27.33
C ILE C 738 -24.54 43.63 28.49
N PRO C 739 -23.42 43.29 29.15
CA PRO C 739 -22.89 44.13 30.22
C PRO C 739 -22.19 45.39 29.71
N HIS C 740 -22.42 46.49 30.43
CA HIS C 740 -22.05 47.87 30.01
C HIS C 740 -20.80 48.33 30.72
N LEU C 741 -19.86 48.92 29.98
CA LEU C 741 -18.56 49.39 30.50
C LEU C 741 -18.62 50.91 30.72
N THR C 742 -18.17 51.35 31.90
CA THR C 742 -18.10 52.78 32.29
C THR C 742 -16.67 53.12 32.66
N THR C 743 -16.00 53.89 31.82
CA THR C 743 -14.57 54.21 32.00
C THR C 743 -14.40 55.58 32.66
N SER C 744 -13.92 55.60 33.90
CA SER C 744 -13.41 56.83 34.56
C SER C 744 -11.88 56.78 34.54
N GLU C 745 -11.25 57.91 34.86
CA GLU C 745 -9.78 58.02 34.93
C GLU C 745 -9.27 56.99 35.97
N MET C 746 -10.08 56.65 36.98
CA MET C 746 -9.61 55.86 38.14
C MET C 746 -10.08 54.41 38.08
N ASP C 747 -11.16 54.13 37.35
CA ASP C 747 -11.81 52.80 37.43
C ASP C 747 -12.22 52.34 36.03
N PHE C 748 -12.33 51.03 35.87
CA PHE C 748 -13.19 50.38 34.86
C PHE C 748 -14.35 49.73 35.61
N CYS C 749 -15.56 50.26 35.43
CA CYS C 749 -16.78 49.76 36.14
C CYS C 749 -17.72 49.11 35.13
N ILE C 750 -18.31 47.99 35.54
CA ILE C 750 -19.11 47.11 34.66
C ILE C 750 -20.45 46.86 35.35
N GLU C 751 -21.55 47.17 34.65
CA GLU C 751 -22.91 47.03 35.21
C GLU C 751 -23.64 45.97 34.39
N LEU C 752 -24.43 45.13 35.06
CA LEU C 752 -25.39 44.22 34.41
C LEU C 752 -26.44 43.81 35.42
N GLY C 753 -27.68 44.24 35.20
CA GLY C 753 -28.80 43.94 36.11
C GLY C 753 -28.54 44.57 37.46
N ASN C 754 -28.62 43.78 38.54
CA ASN C 754 -28.42 44.23 39.94
C ASN C 754 -26.92 44.27 40.30
N LYS C 755 -26.03 43.88 39.39
CA LYS C 755 -24.61 43.58 39.72
C LYS C 755 -23.67 44.60 39.08
N ARG C 756 -22.69 45.07 39.85
CA ARG C 756 -21.60 45.95 39.37
C ARG C 756 -20.25 45.33 39.75
N TRP C 757 -19.23 45.54 38.90
CA TRP C 757 -17.84 45.11 39.14
C TRP C 757 -16.93 46.31 39.00
N GLN C 758 -16.03 46.54 39.95
CA GLN C 758 -15.13 47.72 39.91
C GLN C 758 -13.68 47.26 39.83
N PHE C 759 -12.96 47.76 38.85
CA PHE C 759 -11.51 47.49 38.65
C PHE C 759 -10.72 48.77 38.82
N ASN C 760 -9.83 48.79 39.80
CA ASN C 760 -8.97 49.96 40.11
C ASN C 760 -7.86 50.01 39.06
N ARG C 761 -7.72 51.15 38.38
CA ARG C 761 -6.73 51.29 37.28
C ARG C 761 -5.38 51.77 37.80
N GLN C 762 -5.30 52.19 39.07
CA GLN C 762 -4.01 52.50 39.74
C GLN C 762 -3.36 51.19 40.19
N SER C 763 -4.13 50.28 40.80
CA SER C 763 -3.65 48.98 41.33
C SER C 763 -3.71 47.88 40.26
N GLY C 764 -4.76 47.87 39.43
CA GLY C 764 -4.98 46.84 38.39
C GLY C 764 -5.72 45.62 38.92
N PHE C 765 -6.42 45.75 40.04
CA PHE C 765 -7.14 44.62 40.65
C PHE C 765 -8.64 44.87 40.66
N LEU C 766 -9.41 43.80 40.78
CA LEU C 766 -10.85 43.85 41.07
C LEU C 766 -11.02 44.41 42.50
N SER C 767 -11.33 45.69 42.62
CA SER C 767 -11.33 46.40 43.92
C SER C 767 -12.64 46.16 44.67
N GLN C 768 -13.78 46.01 43.97
CA GLN C 768 -15.05 45.61 44.63
C GLN C 768 -16.12 45.16 43.64
N MET C 769 -17.12 44.47 44.19
CA MET C 769 -18.28 43.91 43.48
C MET C 769 -19.55 44.10 44.32
N TRP C 770 -20.65 44.38 43.63
CA TRP C 770 -21.96 44.75 44.24
C TRP C 770 -23.01 43.76 43.80
N ILE C 771 -23.89 43.39 44.72
CA ILE C 771 -25.23 42.78 44.40
C ILE C 771 -26.27 43.67 45.06
N GLY C 772 -26.97 44.50 44.27
CA GLY C 772 -27.87 45.53 44.79
C GLY C 772 -27.11 46.67 45.44
N ASP C 773 -27.53 47.07 46.64
CA ASP C 773 -26.80 48.06 47.48
C ASP C 773 -25.60 47.38 48.15
N LYS C 774 -25.63 46.04 48.31
CA LYS C 774 -24.73 45.28 49.23
C LYS C 774 -23.35 45.07 48.59
N LYS C 775 -22.33 45.70 49.19
CA LYS C 775 -20.91 45.51 48.81
C LYS C 775 -20.51 44.09 49.13
N GLN C 776 -19.46 43.57 48.48
CA GLN C 776 -19.11 42.13 48.65
C GLN C 776 -17.62 41.92 49.00
N LEU C 777 -16.76 42.93 48.84
CA LEU C 777 -15.31 42.80 49.19
C LEU C 777 -14.87 43.86 50.20
N LEU C 778 -14.05 43.46 51.16
CA LEU C 778 -13.34 44.40 52.07
C LEU C 778 -11.89 44.57 51.59
N THR C 779 -11.35 43.54 50.94
CA THR C 779 -10.01 43.60 50.31
C THR C 779 -10.14 43.25 48.83
N PRO C 780 -9.41 43.95 47.93
CA PRO C 780 -9.38 43.55 46.53
C PRO C 780 -8.95 42.09 46.34
N LEU C 781 -9.27 41.56 45.16
CA LEU C 781 -8.79 40.23 44.69
C LEU C 781 -7.40 40.41 44.09
N ARG C 782 -6.39 39.97 44.85
CA ARG C 782 -4.98 40.06 44.43
C ARG C 782 -4.37 38.67 44.37
N ASP C 783 -3.22 38.58 43.70
CA ASP C 783 -2.41 37.34 43.63
C ASP C 783 -1.79 37.10 45.01
N GLN C 784 -1.49 35.84 45.29
CA GLN C 784 -0.76 35.43 46.50
C GLN C 784 0.24 34.32 46.14
N PHE C 785 1.51 34.52 46.49
CA PHE C 785 2.60 33.55 46.23
C PHE C 785 3.24 33.05 47.52
N THR C 786 2.58 33.30 48.65
CA THR C 786 3.13 33.01 50.00
C THR C 786 2.05 32.36 50.86
N ARG C 787 2.47 31.58 51.84
CA ARG C 787 1.55 31.05 52.88
C ARG C 787 2.12 31.38 54.26
N ALA C 788 1.23 31.44 55.24
CA ALA C 788 1.63 31.45 56.67
C ALA C 788 2.47 30.19 56.92
N PRO C 789 3.75 30.33 57.29
CA PRO C 789 4.67 29.21 57.29
C PRO C 789 4.20 28.08 58.20
N LEU C 790 4.18 26.86 57.68
CA LEU C 790 3.94 25.65 58.50
C LEU C 790 5.17 25.38 59.37
N ASP C 791 4.97 24.60 60.42
CA ASP C 791 6.11 24.18 61.28
C ASP C 791 7.21 23.60 60.39
N ASN C 792 6.81 22.84 59.36
CA ASN C 792 7.77 22.18 58.42
C ASN C 792 8.53 23.23 57.59
N ASP C 793 7.92 24.37 57.29
CA ASP C 793 8.60 25.41 56.51
C ASP C 793 9.63 26.12 57.40
N ILE C 794 9.35 26.24 58.69
CA ILE C 794 10.24 27.01 59.59
C ILE C 794 11.38 26.11 60.03
N GLY C 795 11.12 24.88 60.41
CA GLY C 795 12.18 24.03 60.98
C GLY C 795 12.64 24.57 62.32
N VAL C 796 13.94 24.74 62.51
CA VAL C 796 14.54 25.24 63.78
C VAL C 796 14.91 26.71 63.61
N SER C 797 14.51 27.32 62.50
CA SER C 797 14.73 28.76 62.26
C SER C 797 14.08 29.56 63.40
N GLU C 798 14.86 30.47 64.00
CA GLU C 798 14.37 31.48 64.97
C GLU C 798 15.01 32.82 64.61
N ALA C 799 14.36 33.91 65.04
CA ALA C 799 14.82 35.29 64.79
C ALA C 799 16.28 35.46 65.27
N THR C 800 16.66 34.85 66.39
CA THR C 800 18.02 35.00 67.00
C THR C 800 19.03 34.13 66.25
N ARG C 801 18.71 32.86 65.97
CA ARG C 801 19.60 31.91 65.25
C ARG C 801 18.89 31.42 63.98
N ILE C 802 19.12 32.11 62.86
CA ILE C 802 18.41 31.89 61.57
C ILE C 802 19.05 30.68 60.87
N ASP C 803 18.21 29.85 60.28
CA ASP C 803 18.66 28.76 59.40
C ASP C 803 18.35 29.19 57.96
N PRO C 804 19.35 29.59 57.15
CA PRO C 804 19.05 30.04 55.79
C PRO C 804 18.49 28.93 54.89
N ASN C 805 18.64 27.68 55.30
CA ASN C 805 18.27 26.49 54.49
C ASN C 805 16.77 26.18 54.63
N ALA C 806 16.08 26.71 55.64
CA ALA C 806 14.63 26.47 55.83
C ALA C 806 13.82 27.24 54.78
N TRP C 807 12.70 26.67 54.37
CA TRP C 807 11.85 27.24 53.29
C TRP C 807 11.46 28.67 53.64
N VAL C 808 11.08 28.89 54.90
CA VAL C 808 10.54 30.20 55.34
C VAL C 808 11.64 31.23 55.13
N GLU C 809 12.91 30.84 55.33
CA GLU C 809 14.04 31.81 55.28
C GLU C 809 14.42 32.09 53.83
N ARG C 810 14.48 31.06 53.00
CA ARG C 810 14.72 31.21 51.55
C ARG C 810 13.64 32.13 50.97
N TRP C 811 12.41 32.02 51.45
CA TRP C 811 11.29 32.88 50.99
C TRP C 811 11.54 34.31 51.47
N LYS C 812 11.78 34.48 52.76
CA LYS C 812 12.03 35.82 53.34
C LYS C 812 13.19 36.48 52.59
N ALA C 813 14.29 35.75 52.40
CA ALA C 813 15.54 36.27 51.80
C ALA C 813 15.24 36.78 50.38
N ALA C 814 14.40 36.06 49.63
CA ALA C 814 14.12 36.37 48.22
C ALA C 814 13.05 37.45 48.10
N GLY C 815 12.43 37.87 49.20
CA GLY C 815 11.47 38.98 49.20
C GLY C 815 10.05 38.51 48.87
N HIS C 816 9.78 37.23 48.97
CA HIS C 816 8.43 36.71 48.68
C HIS C 816 7.40 37.41 49.56
N TYR C 817 7.71 37.63 50.83
CA TYR C 817 6.71 38.19 51.78
C TYR C 817 6.67 39.71 51.66
N GLN C 818 7.73 40.34 51.17
CA GLN C 818 7.84 41.82 51.15
C GLN C 818 7.43 42.39 49.79
N ALA C 819 7.42 41.59 48.72
CA ALA C 819 7.25 42.08 47.33
C ALA C 819 5.90 42.81 47.18
N GLU C 820 5.93 43.97 46.53
CA GLU C 820 4.74 44.80 46.23
C GLU C 820 4.47 44.69 44.73
N ALA C 821 3.21 44.67 44.34
CA ALA C 821 2.77 44.50 42.94
C ALA C 821 2.99 45.81 42.18
N ALA C 822 3.60 45.74 40.99
CA ALA C 822 3.82 46.89 40.10
C ALA C 822 3.00 46.70 38.83
N LEU C 823 2.07 47.60 38.55
CA LEU C 823 1.12 47.40 37.43
C LEU C 823 1.87 47.63 36.12
N LEU C 824 1.78 46.69 35.18
CA LEU C 824 2.43 46.78 33.84
C LEU C 824 1.42 47.12 32.75
N GLN C 825 0.16 46.69 32.91
CA GLN C 825 -0.91 46.88 31.90
C GLN C 825 -2.24 46.65 32.60
N CYS C 826 -3.26 47.40 32.18
CA CYS C 826 -4.63 47.24 32.71
C CYS C 826 -5.58 47.94 31.75
N THR C 827 -6.19 47.17 30.85
CA THR C 827 -6.96 47.68 29.69
C THR C 827 -8.35 47.06 29.69
N ALA C 828 -9.30 47.80 29.16
CA ALA C 828 -10.69 47.33 28.97
C ALA C 828 -10.96 47.28 27.48
N ASP C 829 -11.89 46.42 27.09
CA ASP C 829 -12.36 46.25 25.69
C ASP C 829 -13.81 45.82 25.77
N THR C 830 -14.63 46.28 24.83
CA THR C 830 -16.03 45.83 24.71
C THR C 830 -16.09 44.80 23.58
N LEU C 831 -16.70 43.66 23.86
CA LEU C 831 -16.94 42.57 22.89
C LEU C 831 -18.43 42.47 22.60
N ALA C 832 -18.79 41.71 21.58
CA ALA C 832 -20.19 41.53 21.13
C ALA C 832 -21.09 41.18 22.32
N ASP C 833 -20.62 40.32 23.23
CA ASP C 833 -21.48 39.73 24.28
C ASP C 833 -20.81 39.79 25.66
N ALA C 834 -19.77 40.60 25.84
CA ALA C 834 -19.04 40.60 27.12
C ALA C 834 -18.08 41.78 27.21
N VAL C 835 -17.72 42.12 28.45
CA VAL C 835 -16.62 43.07 28.76
C VAL C 835 -15.37 42.25 29.05
N LEU C 836 -14.20 42.71 28.59
CA LEU C 836 -12.93 42.00 28.79
C LEU C 836 -11.91 42.94 29.43
N ILE C 837 -11.51 42.64 30.67
CA ILE C 837 -10.47 43.41 31.39
C ILE C 837 -9.18 42.59 31.37
N THR C 838 -8.08 43.22 30.95
CA THR C 838 -6.76 42.58 30.77
C THR C 838 -5.80 43.26 31.73
N THR C 839 -5.07 42.48 32.52
CA THR C 839 -4.11 43.04 33.50
C THR C 839 -2.84 42.23 33.50
N ALA C 840 -1.76 42.89 33.92
CA ALA C 840 -0.41 42.31 34.05
C ALA C 840 0.33 43.04 35.16
N HIS C 841 0.77 42.30 36.17
CA HIS C 841 1.59 42.81 37.27
C HIS C 841 2.94 42.09 37.24
N ALA C 842 3.94 42.77 37.75
CA ALA C 842 5.22 42.17 38.19
C ALA C 842 5.32 42.34 39.71
N TRP C 843 5.79 41.30 40.40
CA TRP C 843 6.25 41.42 41.80
C TRP C 843 7.76 41.51 41.82
N GLN C 844 8.29 42.60 42.37
CA GLN C 844 9.75 42.84 42.41
C GLN C 844 10.22 42.93 43.86
N HIS C 845 11.53 42.74 44.03
CA HIS C 845 12.23 42.93 45.32
C HIS C 845 13.68 43.30 45.01
N GLN C 846 14.08 44.50 45.47
CA GLN C 846 15.44 45.04 45.23
C GLN C 846 15.78 44.85 43.75
N GLY C 847 14.85 45.18 42.85
CA GLY C 847 15.13 45.28 41.41
C GLY C 847 15.02 43.96 40.67
N LYS C 848 14.96 42.84 41.38
CA LYS C 848 14.78 41.52 40.73
C LYS C 848 13.29 41.26 40.57
N THR C 849 12.90 40.80 39.39
CA THR C 849 11.49 40.41 39.13
C THR C 849 11.32 38.95 39.55
N LEU C 850 10.45 38.72 40.52
CA LEU C 850 10.20 37.36 41.06
C LEU C 850 9.09 36.72 40.25
N PHE C 851 7.93 37.37 40.21
CA PHE C 851 6.71 36.84 39.56
C PHE C 851 6.14 37.87 38.60
N ILE C 852 5.58 37.39 37.50
CA ILE C 852 4.70 38.15 36.57
C ILE C 852 3.41 37.35 36.44
N SER C 853 2.29 38.06 36.48
CA SER C 853 0.95 37.45 36.40
C SER C 853 0.15 38.24 35.37
N ARG C 854 -0.25 37.57 34.30
CA ARG C 854 -1.14 38.15 33.28
C ARG C 854 -2.51 37.54 33.45
N LYS C 855 -3.53 38.38 33.56
CA LYS C 855 -4.91 37.91 33.78
C LYS C 855 -5.80 38.41 32.63
N THR C 856 -6.95 37.77 32.50
CA THR C 856 -8.08 38.30 31.73
C THR C 856 -9.34 37.96 32.50
N TYR C 857 -10.07 39.00 32.91
CA TYR C 857 -11.43 38.90 33.49
C TYR C 857 -12.43 39.12 32.36
N ARG C 858 -13.33 38.18 32.18
CA ARG C 858 -14.35 38.23 31.10
C ARG C 858 -15.72 38.07 31.74
N ILE C 859 -16.46 39.17 31.77
CA ILE C 859 -17.84 39.24 32.32
C ILE C 859 -18.80 39.23 31.14
N ASP C 860 -19.68 38.24 31.11
CA ASP C 860 -20.62 37.99 29.98
C ASP C 860 -22.05 38.29 30.44
N GLY C 861 -23.00 38.02 29.55
CA GLY C 861 -24.40 38.46 29.69
C GLY C 861 -25.13 37.72 30.80
N SER C 862 -24.64 36.55 31.21
CA SER C 862 -25.26 35.73 32.29
C SER C 862 -24.58 35.99 33.64
N GLY C 863 -23.90 37.13 33.79
CA GLY C 863 -23.38 37.61 35.08
C GLY C 863 -22.29 36.71 35.64
N GLN C 864 -21.57 36.01 34.76
CA GLN C 864 -20.46 35.12 35.17
C GLN C 864 -19.15 35.75 34.71
N MET C 865 -18.19 35.83 35.63
CA MET C 865 -16.87 36.48 35.42
C MET C 865 -15.80 35.39 35.31
N ALA C 866 -15.28 35.21 34.09
CA ALA C 866 -14.25 34.20 33.77
C ALA C 866 -12.87 34.82 33.97
N ILE C 867 -12.11 34.26 34.90
CA ILE C 867 -10.74 34.74 35.25
C ILE C 867 -9.74 33.74 34.69
N THR C 868 -8.82 34.25 33.88
CA THR C 868 -7.71 33.46 33.29
C THR C 868 -6.41 34.01 33.86
N VAL C 869 -5.64 33.15 34.53
CA VAL C 869 -4.35 33.56 35.16
C VAL C 869 -3.21 32.75 34.53
N ASP C 870 -2.14 33.47 34.22
CA ASP C 870 -0.93 32.91 33.58
C ASP C 870 0.28 33.55 34.25
N VAL C 871 0.97 32.79 35.09
CA VAL C 871 2.02 33.33 36.00
C VAL C 871 3.38 32.81 35.55
N GLU C 872 4.35 33.71 35.52
CA GLU C 872 5.77 33.37 35.32
C GLU C 872 6.42 33.43 36.69
N VAL C 873 7.36 32.51 36.95
CA VAL C 873 8.15 32.46 38.22
C VAL C 873 9.62 32.32 37.85
N ALA C 874 10.44 33.26 38.32
CA ALA C 874 11.88 33.30 38.02
C ALA C 874 12.50 31.93 38.31
N SER C 875 13.32 31.46 37.38
CA SER C 875 14.01 30.16 37.45
C SER C 875 14.78 30.05 38.77
N ASP C 876 15.33 31.17 39.26
CA ASP C 876 16.39 31.16 40.30
C ASP C 876 15.90 31.79 41.61
N THR C 877 14.59 32.05 41.74
CA THR C 877 13.99 32.38 43.06
C THR C 877 13.55 31.07 43.69
N PRO C 878 13.50 30.98 45.04
CA PRO C 878 12.94 29.80 45.69
C PRO C 878 11.52 29.50 45.22
N HIS C 879 11.22 28.25 44.93
CA HIS C 879 9.89 27.85 44.44
C HIS C 879 8.83 28.36 45.40
N PRO C 880 7.79 29.07 44.92
CA PRO C 880 6.82 29.69 45.81
C PRO C 880 5.87 28.71 46.52
N ALA C 881 5.34 29.12 47.66
CA ALA C 881 4.47 28.30 48.53
C ALA C 881 3.16 28.02 47.80
N ARG C 882 2.70 28.95 46.98
CA ARG C 882 1.40 28.77 46.28
C ARG C 882 1.35 29.72 45.10
N ILE C 883 0.40 29.46 44.22
CA ILE C 883 0.08 30.35 43.07
C ILE C 883 -1.43 30.43 43.00
N GLY C 884 -1.99 31.48 43.59
CA GLY C 884 -3.44 31.70 43.58
C GLY C 884 -3.76 33.15 43.73
N LEU C 885 -5.02 33.39 44.06
CA LEU C 885 -5.55 34.72 44.43
C LEU C 885 -6.06 34.61 45.86
N ASN C 886 -6.28 35.76 46.47
CA ASN C 886 -7.01 35.81 47.76
C ASN C 886 -7.75 37.13 47.82
N CYS C 887 -8.76 37.16 48.68
CA CYS C 887 -9.56 38.36 48.96
C CYS C 887 -10.31 38.17 50.27
N GLN C 888 -10.69 39.26 50.90
CA GLN C 888 -11.58 39.23 52.08
C GLN C 888 -12.99 39.56 51.60
N LEU C 889 -13.91 38.62 51.78
CA LEU C 889 -15.33 38.84 51.43
C LEU C 889 -16.00 39.58 52.59
N ALA C 890 -17.09 40.28 52.31
CA ALA C 890 -17.94 40.94 53.33
C ALA C 890 -18.90 39.92 53.96
N GLN C 891 -19.36 38.92 53.20
CA GLN C 891 -20.30 37.88 53.70
C GLN C 891 -19.60 37.03 54.77
N VAL C 892 -20.37 36.64 55.77
CA VAL C 892 -20.01 35.60 56.77
C VAL C 892 -21.17 34.60 56.83
N ALA C 893 -21.04 33.50 56.10
CA ALA C 893 -22.10 32.46 56.00
C ALA C 893 -21.86 31.40 57.07
N GLU C 894 -22.89 30.57 57.28
CA GLU C 894 -22.87 29.51 58.31
C GLU C 894 -22.16 28.29 57.69
N ARG C 895 -22.34 28.05 56.40
CA ARG C 895 -21.87 26.77 55.80
C ARG C 895 -20.99 27.04 54.57
N VAL C 896 -20.19 26.03 54.25
CA VAL C 896 -19.27 25.95 53.08
C VAL C 896 -19.61 24.66 52.35
N ASN C 897 -19.91 24.79 51.06
CA ASN C 897 -20.29 23.65 50.19
C ASN C 897 -19.35 23.63 48.99
N TRP C 898 -18.63 22.53 48.82
CA TRP C 898 -17.67 22.41 47.70
C TRP C 898 -17.73 21.01 47.10
N LEU C 899 -17.47 20.94 45.81
CA LEU C 899 -17.31 19.67 45.08
C LEU C 899 -15.81 19.44 44.87
N GLY C 900 -15.26 18.47 45.59
CA GLY C 900 -13.83 18.13 45.53
C GLY C 900 -13.44 17.16 46.60
N LEU C 901 -12.15 17.15 46.92
CA LEU C 901 -11.58 16.24 47.92
C LEU C 901 -11.95 16.71 49.31
N GLY C 902 -12.39 15.78 50.15
CA GLY C 902 -12.79 16.09 51.54
C GLY C 902 -13.24 14.83 52.27
N PRO C 903 -13.98 14.97 53.39
CA PRO C 903 -14.37 16.27 53.95
C PRO C 903 -13.29 17.08 54.69
N GLN C 904 -12.24 16.39 55.14
CA GLN C 904 -11.27 17.05 56.05
C GLN C 904 -10.12 17.68 55.24
N GLU C 905 -9.34 18.52 55.91
CA GLU C 905 -8.15 19.19 55.37
C GLU C 905 -7.30 18.20 54.56
N ASN C 906 -6.89 18.62 53.37
CA ASN C 906 -5.99 17.81 52.53
C ASN C 906 -5.13 18.73 51.67
N TYR C 907 -3.88 18.31 51.46
CA TYR C 907 -2.84 19.05 50.71
C TYR C 907 -2.28 18.13 49.63
N PRO C 908 -1.59 18.67 48.61
CA PRO C 908 -1.03 17.86 47.53
C PRO C 908 -0.33 16.58 47.98
N ASP C 909 0.53 16.65 48.99
CA ASP C 909 1.29 15.45 49.45
C ASP C 909 0.58 14.80 50.64
N ARG C 910 -0.68 15.15 50.92
CA ARG C 910 -1.49 14.48 51.96
C ARG C 910 -2.97 14.60 51.58
N LEU C 911 -3.40 13.85 50.55
CA LEU C 911 -4.80 13.91 50.06
C LEU C 911 -5.34 12.54 49.67
N THR C 912 -4.73 11.44 50.09
CA THR C 912 -5.12 10.11 49.55
C THR C 912 -6.36 9.65 50.31
N ALA C 913 -6.44 9.97 51.59
CA ALA C 913 -7.60 9.65 52.46
C ALA C 913 -8.82 10.46 52.03
N ALA C 914 -8.62 11.63 51.44
CA ALA C 914 -9.72 12.52 51.02
C ALA C 914 -10.43 11.88 49.83
N CYS C 915 -11.74 12.11 49.75
CA CYS C 915 -12.61 11.53 48.71
C CYS C 915 -13.30 12.64 47.95
N PHE C 916 -13.45 12.45 46.64
CA PHE C 916 -14.18 13.38 45.73
C PHE C 916 -15.68 13.15 45.91
N ASP C 917 -16.37 14.21 46.28
CA ASP C 917 -17.83 14.17 46.52
C ASP C 917 -18.28 15.60 46.77
N ARG C 918 -19.58 15.76 46.98
CA ARG C 918 -20.13 17.06 47.42
C ARG C 918 -20.06 17.07 48.93
N TRP C 919 -19.40 18.09 49.47
CA TRP C 919 -19.18 18.22 50.92
C TRP C 919 -19.84 19.52 51.40
N ASP C 920 -20.41 19.46 52.59
CA ASP C 920 -21.09 20.59 53.25
C ASP C 920 -20.70 20.57 54.72
N LEU C 921 -19.82 21.49 55.12
CA LEU C 921 -19.35 21.60 56.51
C LEU C 921 -19.64 23.01 57.02
N PRO C 922 -19.70 23.21 58.36
CA PRO C 922 -19.82 24.54 58.93
C PRO C 922 -18.47 25.27 58.82
N LEU C 923 -18.49 26.59 58.74
CA LEU C 923 -17.26 27.38 58.42
C LEU C 923 -16.18 27.09 59.46
N SER C 924 -16.56 26.76 60.69
CA SER C 924 -15.61 26.43 61.78
C SER C 924 -14.73 25.24 61.33
N ASP C 925 -15.35 24.20 60.77
CA ASP C 925 -14.67 22.95 60.32
C ASP C 925 -13.67 23.24 59.19
N MET C 926 -13.75 24.40 58.55
CA MET C 926 -12.85 24.71 57.41
C MET C 926 -11.57 25.36 57.94
N TYR C 927 -11.52 25.57 59.27
CA TYR C 927 -10.31 26.03 60.00
C TYR C 927 -9.82 24.88 60.89
N THR C 928 -8.52 24.63 60.86
CA THR C 928 -7.91 23.59 61.71
C THR C 928 -7.11 24.24 62.84
N PRO C 929 -7.58 24.10 64.10
CA PRO C 929 -6.95 24.82 65.23
C PRO C 929 -5.62 24.20 65.68
N TYR C 930 -4.64 24.19 64.78
CA TYR C 930 -3.24 23.91 65.18
C TYR C 930 -2.85 24.95 66.23
N VAL C 931 -2.22 24.51 67.30
CA VAL C 931 -1.92 25.38 68.47
C VAL C 931 -0.95 26.47 68.01
N PHE C 932 0.11 26.12 67.28
CA PHE C 932 0.92 27.12 66.53
C PHE C 932 0.23 27.40 65.20
N PRO C 933 -0.37 28.60 65.02
CA PRO C 933 -1.12 28.89 63.80
C PRO C 933 -0.23 28.96 62.56
N SER C 934 -0.75 28.36 61.50
CA SER C 934 -0.11 28.31 60.17
C SER C 934 -1.19 28.28 59.10
N GLU C 935 -0.77 28.25 57.85
CA GLU C 935 -1.67 27.87 56.75
C GLU C 935 -2.35 26.57 57.18
N ASN C 936 -3.64 26.48 56.89
CA ASN C 936 -4.45 25.31 57.32
C ASN C 936 -5.74 25.25 56.49
N GLY C 937 -6.42 24.11 56.61
CA GLY C 937 -7.81 23.91 56.17
C GLY C 937 -7.94 23.94 54.67
N LEU C 938 -6.83 23.75 53.93
CA LEU C 938 -6.88 23.68 52.46
C LEU C 938 -7.61 22.41 52.07
N ARG C 939 -8.45 22.53 51.04
CA ARG C 939 -9.05 21.38 50.32
C ARG C 939 -8.64 21.48 48.86
N CYS C 940 -8.25 20.34 48.29
CA CYS C 940 -7.62 20.22 46.96
C CYS C 940 -8.59 19.56 45.97
N GLY C 941 -8.24 19.68 44.68
CA GLY C 941 -8.98 19.05 43.56
C GLY C 941 -10.44 19.45 43.56
N THR C 942 -10.71 20.72 43.83
CA THR C 942 -12.09 21.24 43.99
C THR C 942 -12.55 21.87 42.68
N ARG C 943 -13.75 21.50 42.23
CA ARG C 943 -14.29 21.94 40.92
C ARG C 943 -15.30 23.07 41.12
N GLU C 944 -15.91 23.12 42.30
CA GLU C 944 -17.00 24.07 42.62
C GLU C 944 -16.88 24.44 44.09
N LEU C 945 -16.91 25.74 44.38
CA LEU C 945 -16.97 26.23 45.77
C LEU C 945 -18.22 27.10 45.94
N ASN C 946 -18.89 26.99 47.08
CA ASN C 946 -20.16 27.70 47.37
C ASN C 946 -20.13 28.28 48.77
N TYR C 947 -20.11 29.60 48.86
CA TYR C 947 -20.10 30.34 50.14
C TYR C 947 -21.03 31.55 50.00
N GLY C 948 -22.17 31.49 50.67
CA GLY C 948 -23.18 32.56 50.63
C GLY C 948 -23.82 32.61 49.25
N PRO C 949 -23.90 33.79 48.61
CA PRO C 949 -24.34 33.89 47.21
C PRO C 949 -23.27 33.53 46.18
N HIS C 950 -22.01 33.39 46.59
CA HIS C 950 -20.85 33.22 45.69
C HIS C 950 -20.68 31.76 45.29
N GLN C 951 -20.40 31.54 44.01
CA GLN C 951 -19.98 30.24 43.45
C GLN C 951 -18.73 30.46 42.61
N TRP C 952 -17.69 29.69 42.89
CA TRP C 952 -16.46 29.61 42.05
C TRP C 952 -16.43 28.22 41.42
N ARG C 953 -16.16 28.17 40.12
CA ARG C 953 -15.93 26.89 39.39
C ARG C 953 -14.55 26.94 38.76
N GLY C 954 -13.94 25.76 38.61
CA GLY C 954 -12.64 25.61 37.93
C GLY C 954 -11.95 24.32 38.32
N ASP C 955 -10.64 24.40 38.51
CA ASP C 955 -9.82 23.29 39.04
C ASP C 955 -8.80 23.91 40.00
N PHE C 956 -9.14 23.96 41.29
CA PHE C 956 -8.34 24.74 42.25
C PHE C 956 -8.26 24.06 43.61
N GLN C 957 -7.32 24.54 44.42
CA GLN C 957 -7.29 24.25 45.87
C GLN C 957 -7.73 25.52 46.58
N PHE C 958 -8.41 25.38 47.73
CA PHE C 958 -8.90 26.54 48.48
C PHE C 958 -8.78 26.31 49.98
N ASN C 959 -8.65 27.40 50.73
CA ASN C 959 -9.05 27.45 52.17
C ASN C 959 -9.88 28.70 52.40
N ILE C 960 -10.65 28.68 53.49
CA ILE C 960 -11.66 29.74 53.80
C ILE C 960 -11.96 29.77 55.29
N SER C 961 -11.73 30.93 55.91
CA SER C 961 -12.10 31.18 57.32
C SER C 961 -11.78 32.61 57.68
N ARG C 962 -12.09 32.98 58.93
CA ARG C 962 -12.06 34.38 59.42
C ARG C 962 -10.64 34.83 59.76
N TYR C 963 -9.60 34.09 59.35
CA TYR C 963 -8.20 34.40 59.73
C TYR C 963 -7.38 34.63 58.47
N SER C 964 -6.72 35.79 58.39
CA SER C 964 -5.81 36.15 57.26
C SER C 964 -4.55 35.29 57.33
N GLN C 965 -3.91 35.08 56.18
CA GLN C 965 -2.55 34.49 56.14
C GLN C 965 -1.62 35.40 56.94
N GLN C 966 -1.92 36.70 56.97
CA GLN C 966 -1.11 37.70 57.70
C GLN C 966 -1.23 37.44 59.20
N GLN C 967 -2.45 37.35 59.73
CA GLN C 967 -2.66 37.15 61.18
C GLN C 967 -2.08 35.79 61.58
N LEU C 968 -2.35 34.75 60.79
CA LEU C 968 -1.83 33.38 61.07
C LEU C 968 -0.31 33.43 61.17
N MET C 969 0.31 34.23 60.31
CA MET C 969 1.79 34.31 60.17
C MET C 969 2.41 34.94 61.41
N GLU C 970 1.82 36.01 61.93
CA GLU C 970 2.44 36.82 63.00
C GLU C 970 1.74 36.58 64.35
N THR C 971 1.00 35.49 64.48
CA THR C 971 0.42 35.04 65.79
C THR C 971 0.90 33.62 66.09
N SER C 972 1.35 33.37 67.32
CA SER C 972 2.08 32.14 67.73
C SER C 972 1.21 31.16 68.54
N HIS C 973 0.04 31.56 69.00
CA HIS C 973 -0.89 30.64 69.70
C HIS C 973 -2.30 30.83 69.14
N ARG C 974 -3.01 29.72 68.98
CA ARG C 974 -4.37 29.73 68.38
C ARG C 974 -5.33 30.57 69.24
N HIS C 975 -5.15 30.61 70.57
CA HIS C 975 -6.02 31.35 71.52
C HIS C 975 -5.79 32.86 71.40
N LEU C 976 -4.79 33.31 70.64
CA LEU C 976 -4.58 34.77 70.43
C LEU C 976 -5.12 35.20 69.06
N LEU C 977 -5.87 34.34 68.38
CA LEU C 977 -6.49 34.71 67.08
C LEU C 977 -7.83 35.37 67.34
N HIS C 978 -8.11 36.43 66.60
CA HIS C 978 -9.41 37.14 66.61
C HIS C 978 -9.99 37.05 65.19
N ALA C 979 -11.26 36.68 65.09
CA ALA C 979 -11.98 36.68 63.81
C ALA C 979 -11.86 38.08 63.21
N GLU C 980 -11.55 38.15 61.91
CA GLU C 980 -11.47 39.42 61.15
C GLU C 980 -12.86 39.72 60.58
N GLU C 981 -13.02 40.94 60.07
CA GLU C 981 -14.35 41.54 59.88
C GLU C 981 -15.19 40.63 58.98
N GLY C 982 -14.58 40.07 57.94
CA GLY C 982 -15.32 39.25 56.96
C GLY C 982 -14.87 37.81 56.95
N THR C 983 -14.76 37.24 55.75
CA THR C 983 -14.26 35.88 55.52
C THR C 983 -13.13 35.92 54.50
N TRP C 984 -11.95 35.44 54.89
CA TRP C 984 -10.77 35.39 54.00
C TRP C 984 -10.84 34.13 53.14
N LEU C 985 -10.69 34.31 51.84
CA LEU C 985 -10.78 33.24 50.84
C LEU C 985 -9.47 33.19 50.08
N ASN C 986 -8.81 32.04 50.12
CA ASN C 986 -7.59 31.78 49.32
C ASN C 986 -7.93 30.73 48.28
N ILE C 987 -7.88 31.09 47.01
CA ILE C 987 -8.09 30.13 45.90
C ILE C 987 -6.78 30.00 45.12
N ASP C 988 -6.16 28.83 45.20
CA ASP C 988 -4.88 28.54 44.51
C ASP C 988 -5.18 27.62 43.32
N GLY C 989 -4.65 27.97 42.16
CA GLY C 989 -4.44 26.97 41.09
C GLY C 989 -3.43 25.91 41.51
N PHE C 990 -2.41 26.31 42.27
CA PHE C 990 -1.28 25.42 42.66
C PHE C 990 -0.83 25.73 44.09
N HIS C 991 -0.50 24.68 44.83
CA HIS C 991 -0.02 24.79 46.22
C HIS C 991 1.13 23.82 46.43
N MET C 992 2.17 24.30 47.10
CA MET C 992 3.35 23.46 47.43
C MET C 992 2.96 22.45 48.51
N GLY C 993 3.59 21.29 48.47
CA GLY C 993 3.42 20.26 49.51
C GLY C 993 3.80 20.76 50.89
N ILE C 994 3.37 20.05 51.90
CA ILE C 994 3.64 20.41 53.31
C ILE C 994 4.85 19.64 53.84
N GLY C 995 5.25 18.52 53.22
CA GLY C 995 6.41 17.73 53.67
C GLY C 995 6.15 17.11 55.03
N GLY C 996 7.21 16.74 55.76
CA GLY C 996 7.09 16.21 57.13
C GLY C 996 7.86 14.93 57.39
N ASP C 997 8.74 14.51 56.49
CA ASP C 997 9.66 13.37 56.75
C ASP C 997 10.48 13.70 58.00
N ASP C 998 10.83 14.97 58.13
CA ASP C 998 11.25 15.58 59.42
C ASP C 998 10.91 17.07 59.37
N SER C 999 11.07 17.74 60.52
CA SER C 999 10.64 19.15 60.72
C SER C 999 11.84 20.03 61.06
N TRP C 1000 13.06 19.59 60.74
CA TRP C 1000 14.27 20.42 60.95
C TRP C 1000 15.06 20.59 59.65
N SER C 1001 14.59 19.99 58.57
CA SER C 1001 15.24 20.05 57.24
C SER C 1001 14.14 20.18 56.20
N PRO C 1002 14.43 20.76 55.02
CA PRO C 1002 13.47 20.73 53.92
C PRO C 1002 13.09 19.28 53.59
N SER C 1003 11.78 19.03 53.57
CA SER C 1003 11.21 17.65 53.50
C SER C 1003 10.21 17.54 52.35
N VAL C 1004 9.96 18.62 51.62
CA VAL C 1004 8.95 18.57 50.52
C VAL C 1004 9.65 18.03 49.28
N SER C 1005 9.20 16.86 48.82
CA SER C 1005 9.78 16.15 47.67
C SER C 1005 9.64 17.02 46.42
N ALA C 1006 10.52 16.81 45.45
CA ALA C 1006 10.63 17.65 44.24
C ALA C 1006 9.29 17.69 43.47
N GLU C 1007 8.58 16.59 43.35
CA GLU C 1007 7.32 16.53 42.55
C GLU C 1007 6.18 17.33 43.24
N PHE C 1008 6.37 17.83 44.47
CA PHE C 1008 5.36 18.68 45.15
C PHE C 1008 5.86 20.13 45.28
N GLN C 1009 7.02 20.43 44.72
CA GLN C 1009 7.50 21.84 44.66
C GLN C 1009 6.97 22.49 43.37
N LEU C 1010 6.75 23.79 43.39
CA LEU C 1010 6.23 24.53 42.21
C LEU C 1010 7.41 25.08 41.40
N SER C 1011 8.02 24.22 40.59
CA SER C 1011 9.25 24.54 39.82
C SER C 1011 8.95 24.65 38.33
N ALA C 1012 7.69 24.55 37.91
CA ALA C 1012 7.34 24.41 36.47
C ALA C 1012 7.79 25.64 35.67
N GLY C 1013 7.76 26.84 36.25
CA GLY C 1013 8.19 28.09 35.61
C GLY C 1013 7.00 28.92 35.13
N ARG C 1014 6.19 28.37 34.22
CA ARG C 1014 4.92 28.97 33.72
C ARG C 1014 3.77 28.19 34.36
N TYR C 1015 2.75 28.89 34.86
CA TYR C 1015 1.57 28.25 35.49
C TYR C 1015 0.30 28.89 34.94
N HIS C 1016 -0.76 28.08 34.82
CA HIS C 1016 -2.05 28.47 34.23
C HIS C 1016 -3.18 27.95 35.10
N TYR C 1017 -4.19 28.77 35.37
CA TYR C 1017 -5.44 28.30 36.03
C TYR C 1017 -6.57 29.21 35.62
N GLN C 1018 -7.80 28.73 35.78
CA GLN C 1018 -9.04 29.43 35.35
C GLN C 1018 -10.10 29.33 36.44
N LEU C 1019 -10.67 30.48 36.81
CA LEU C 1019 -11.83 30.57 37.73
C LEU C 1019 -13.05 31.07 36.97
N VAL C 1020 -14.21 30.65 37.45
CA VAL C 1020 -15.51 31.26 37.11
C VAL C 1020 -16.14 31.73 38.41
N TRP C 1021 -16.32 33.04 38.53
CA TRP C 1021 -17.00 33.66 39.69
C TRP C 1021 -18.39 34.08 39.25
N CYS C 1022 -19.41 33.64 39.97
CA CYS C 1022 -20.80 34.05 39.70
C CYS C 1022 -21.59 34.13 41.01
N GLN C 1023 -22.77 34.75 40.92
CA GLN C 1023 -23.71 34.89 42.05
C GLN C 1023 -24.78 33.80 41.91
N LYS C 1024 -25.57 33.62 42.96
CA LYS C 1024 -26.71 32.67 43.00
C LYS C 1024 -27.83 33.29 43.83
N ILE D 4 34.36 -47.28 -0.61
CA ILE D 4 32.93 -47.77 -0.47
C ILE D 4 32.31 -47.12 0.77
N THR D 5 33.07 -47.14 1.86
CA THR D 5 32.71 -46.49 3.14
C THR D 5 32.94 -44.97 3.10
N ASP D 6 33.43 -44.43 1.97
CA ASP D 6 33.61 -42.97 1.77
C ASP D 6 32.50 -42.41 0.87
N SER D 7 31.63 -43.27 0.34
CA SER D 7 30.52 -42.85 -0.56
C SER D 7 29.53 -42.02 0.24
N LEU D 8 28.91 -41.04 -0.43
CA LEU D 8 27.82 -40.26 0.20
C LEU D 8 26.76 -41.23 0.71
N ALA D 9 26.50 -42.29 -0.03
CA ALA D 9 25.40 -43.23 0.28
C ALA D 9 25.56 -43.76 1.71
N VAL D 10 26.79 -44.06 2.15
CA VAL D 10 27.04 -44.71 3.46
C VAL D 10 27.22 -43.65 4.55
N VAL D 11 27.93 -42.58 4.26
CA VAL D 11 28.14 -41.46 5.23
C VAL D 11 26.81 -40.78 5.54
N LEU D 12 26.00 -40.49 4.53
CA LEU D 12 24.69 -39.81 4.74
C LEU D 12 23.67 -40.74 5.42
N GLN D 13 23.87 -42.04 5.32
CA GLN D 13 22.86 -42.99 5.84
C GLN D 13 22.91 -42.99 7.37
N ARG D 14 24.05 -42.62 7.96
CA ARG D 14 24.20 -42.51 9.43
C ARG D 14 23.28 -41.40 9.96
N ARG D 15 22.94 -40.42 9.12
CA ARG D 15 22.11 -39.25 9.50
C ARG D 15 22.59 -38.74 10.85
N ASP D 16 23.87 -38.41 10.92
CA ASP D 16 24.53 -37.91 12.14
C ASP D 16 23.95 -36.55 12.51
N TRP D 17 23.34 -35.83 11.55
CA TRP D 17 22.80 -34.47 11.79
C TRP D 17 21.41 -34.50 12.43
N GLU D 18 20.83 -35.68 12.65
CA GLU D 18 19.56 -35.84 13.40
C GLU D 18 19.78 -36.69 14.66
N ASN D 19 20.90 -36.49 15.35
CA ASN D 19 21.28 -37.35 16.50
C ASN D 19 22.16 -36.56 17.46
N PRO D 20 21.62 -36.04 18.58
CA PRO D 20 22.39 -35.19 19.48
C PRO D 20 23.45 -35.97 20.29
N GLY D 21 23.53 -37.29 20.07
CA GLY D 21 24.58 -38.18 20.63
C GLY D 21 25.80 -38.24 19.74
N VAL D 22 25.72 -37.66 18.55
CA VAL D 22 26.87 -37.48 17.63
C VAL D 22 26.96 -35.98 17.32
N THR D 23 27.93 -35.31 17.92
CA THR D 23 28.17 -33.87 17.61
C THR D 23 29.47 -33.69 16.85
N GLN D 24 30.24 -34.76 16.66
CA GLN D 24 31.53 -34.70 15.93
C GLN D 24 32.03 -36.12 15.67
N LEU D 25 32.89 -36.27 14.67
CA LEU D 25 33.56 -37.56 14.38
C LEU D 25 34.98 -37.29 13.94
N ASN D 26 35.96 -37.80 14.69
CA ASN D 26 37.41 -37.69 14.37
C ASN D 26 37.86 -36.23 14.50
N ARG D 27 37.13 -35.39 15.23
CA ARG D 27 37.49 -33.97 15.47
C ARG D 27 38.52 -33.89 16.58
N LEU D 28 39.59 -33.11 16.36
CA LEU D 28 40.68 -32.91 17.34
C LEU D 28 40.19 -32.04 18.50
N ALA D 29 40.82 -32.24 19.66
CA ALA D 29 40.52 -31.48 20.89
C ALA D 29 40.74 -29.98 20.66
N ALA D 30 39.94 -29.18 21.34
CA ALA D 30 40.03 -27.70 21.35
C ALA D 30 41.18 -27.27 22.27
N HIS D 31 41.53 -25.99 22.19
CA HIS D 31 42.78 -25.42 22.75
C HIS D 31 42.81 -23.93 22.50
N PRO D 32 43.71 -23.17 23.15
CA PRO D 32 43.88 -21.76 22.84
C PRO D 32 44.50 -21.61 21.46
N PRO D 33 44.41 -20.41 20.83
CA PRO D 33 44.93 -20.19 19.48
C PRO D 33 46.41 -20.59 19.34
N PHE D 34 46.69 -21.45 18.36
CA PHE D 34 48.04 -21.93 17.99
C PHE D 34 48.48 -21.28 16.68
N ALA D 35 49.80 -21.18 16.50
CA ALA D 35 50.43 -20.79 15.23
C ALA D 35 51.66 -21.64 14.89
N SER D 36 52.18 -22.42 15.83
CA SER D 36 53.33 -23.35 15.60
C SER D 36 54.52 -22.59 14.99
N TRP D 37 54.85 -21.44 15.55
CA TRP D 37 56.11 -20.74 15.22
C TRP D 37 57.25 -21.75 15.45
N ARG D 38 58.28 -21.68 14.61
CA ARG D 38 59.53 -22.45 14.78
C ARG D 38 60.71 -21.53 15.10
N ASN D 39 60.43 -20.25 15.32
CA ASN D 39 61.38 -19.22 15.81
C ASN D 39 60.69 -18.50 16.95
N SER D 40 61.38 -18.32 18.06
CA SER D 40 60.76 -17.87 19.32
C SER D 40 60.56 -16.35 19.32
N GLU D 41 61.31 -15.57 18.53
CA GLU D 41 61.08 -14.09 18.53
C GLU D 41 59.98 -13.76 17.53
N GLU D 42 59.69 -14.67 16.59
CA GLU D 42 58.51 -14.54 15.73
C GLU D 42 57.28 -14.67 16.62
N ALA D 43 57.31 -15.64 17.55
CA ALA D 43 56.23 -15.86 18.53
C ALA D 43 56.10 -14.62 19.42
N ARG D 44 57.22 -14.09 19.88
CA ARG D 44 57.18 -13.00 20.88
C ARG D 44 56.47 -11.78 20.30
N THR D 45 56.65 -11.53 19.01
CA THR D 45 56.20 -10.29 18.34
C THR D 45 54.88 -10.52 17.60
N ASP D 46 54.33 -11.73 17.65
CA ASP D 46 52.99 -12.04 17.07
C ASP D 46 53.02 -11.80 15.56
N ARG D 47 54.17 -11.99 14.92
CA ARG D 47 54.27 -11.85 13.44
C ARG D 47 53.70 -13.10 12.79
N PRO D 48 53.26 -13.00 11.52
CA PRO D 48 52.81 -14.17 10.77
C PRO D 48 53.70 -15.40 10.99
N SER D 49 53.09 -16.58 10.95
CA SER D 49 53.78 -17.89 11.04
C SER D 49 53.66 -18.61 9.70
N GLN D 50 54.79 -19.07 9.17
CA GLN D 50 54.87 -19.82 7.90
C GLN D 50 54.17 -21.17 8.08
N GLN D 51 53.80 -21.53 9.32
CA GLN D 51 53.15 -22.86 9.60
C GLN D 51 51.63 -22.72 9.74
N LEU D 52 51.09 -21.51 9.61
CA LEU D 52 49.63 -21.29 9.57
C LEU D 52 49.24 -20.63 8.24
N ARG D 53 48.78 -21.43 7.28
CA ARG D 53 48.26 -20.94 5.97
C ARG D 53 46.76 -20.70 6.08
N SER D 54 46.28 -19.70 5.36
CA SER D 54 44.84 -19.41 5.16
C SER D 54 44.37 -20.07 3.85
N LEU D 55 43.19 -20.68 3.90
CA LEU D 55 42.54 -21.24 2.71
C LEU D 55 41.37 -20.34 2.31
N ASN D 56 41.31 -19.12 2.82
CA ASN D 56 40.28 -18.16 2.42
C ASN D 56 40.50 -17.82 0.94
N GLY D 57 39.43 -17.48 0.25
CA GLY D 57 39.54 -17.04 -1.14
C GLY D 57 38.47 -17.68 -1.99
N GLU D 58 38.82 -17.97 -3.24
CA GLU D 58 37.87 -18.50 -4.24
C GLU D 58 37.79 -20.02 -4.08
N TRP D 59 36.64 -20.47 -3.60
CA TRP D 59 36.28 -21.89 -3.53
C TRP D 59 35.25 -22.14 -4.63
N ARG D 60 34.93 -23.43 -4.81
CA ARG D 60 33.84 -23.88 -5.70
C ARG D 60 32.67 -24.31 -4.83
N PHE D 61 31.47 -23.90 -5.23
CA PHE D 61 30.24 -24.07 -4.42
C PHE D 61 29.09 -24.53 -5.31
N ALA D 62 28.24 -25.40 -4.78
CA ALA D 62 26.99 -25.82 -5.44
C ALA D 62 25.92 -26.07 -4.37
N TRP D 63 24.71 -25.60 -4.64
CA TRP D 63 23.57 -25.63 -3.68
C TRP D 63 22.66 -26.80 -4.02
N PHE D 64 22.13 -27.44 -3.00
CA PHE D 64 21.20 -28.59 -3.16
C PHE D 64 20.05 -28.44 -2.17
N PRO D 65 18.84 -28.93 -2.52
CA PRO D 65 17.69 -28.79 -1.62
C PRO D 65 17.72 -29.76 -0.43
N ALA D 66 18.51 -30.84 -0.53
CA ALA D 66 18.67 -31.86 0.52
C ALA D 66 19.96 -32.64 0.30
N PRO D 67 20.66 -33.07 1.36
CA PRO D 67 21.94 -33.74 1.19
C PRO D 67 21.82 -35.01 0.37
N GLU D 68 20.65 -35.64 0.36
CA GLU D 68 20.42 -36.87 -0.43
C GLU D 68 20.55 -36.60 -1.94
N ALA D 69 20.36 -35.36 -2.38
CA ALA D 69 20.34 -34.98 -3.81
C ALA D 69 21.75 -34.75 -4.37
N VAL D 70 22.78 -34.71 -3.54
CA VAL D 70 24.16 -34.44 -4.01
C VAL D 70 24.63 -35.69 -4.72
N PRO D 71 25.15 -35.60 -5.96
CA PRO D 71 25.65 -36.79 -6.65
C PRO D 71 27.01 -37.21 -6.09
N GLU D 72 27.28 -38.51 -6.10
CA GLU D 72 28.55 -39.14 -5.66
C GLU D 72 29.72 -38.63 -6.51
N SER D 73 29.43 -38.21 -7.74
CA SER D 73 30.40 -37.52 -8.62
C SER D 73 31.19 -36.49 -7.80
N TRP D 74 30.56 -35.81 -6.86
CA TRP D 74 31.14 -34.58 -6.27
C TRP D 74 32.35 -34.90 -5.36
N LEU D 75 32.45 -36.13 -4.83
CA LEU D 75 33.62 -36.52 -3.98
C LEU D 75 34.86 -36.72 -4.85
N GLU D 76 34.69 -37.28 -6.05
CA GLU D 76 35.82 -37.65 -6.94
C GLU D 76 36.24 -36.41 -7.74
N CYS D 77 35.31 -35.52 -8.03
CA CYS D 77 35.50 -34.58 -9.15
C CYS D 77 34.56 -33.37 -9.06
N ASP D 78 35.04 -32.24 -9.56
CA ASP D 78 34.35 -30.93 -9.49
C ASP D 78 33.06 -30.98 -10.29
N LEU D 79 31.99 -30.38 -9.77
CA LEU D 79 30.66 -30.41 -10.43
C LEU D 79 30.64 -29.34 -11.50
N PRO D 80 30.27 -29.68 -12.77
CA PRO D 80 30.20 -28.68 -13.83
C PRO D 80 29.21 -27.54 -13.51
N GLU D 81 28.11 -27.88 -12.86
CA GLU D 81 27.03 -26.91 -12.50
C GLU D 81 27.57 -25.90 -11.47
N ALA D 82 28.71 -26.17 -10.84
CA ALA D 82 29.18 -25.36 -9.68
C ALA D 82 29.50 -23.94 -10.12
N ASP D 83 29.59 -23.04 -9.16
CA ASP D 83 30.02 -21.64 -9.35
C ASP D 83 31.27 -21.44 -8.53
N THR D 84 31.90 -20.29 -8.69
CA THR D 84 33.08 -19.89 -7.88
C THR D 84 32.69 -18.73 -7.00
N VAL D 85 32.88 -18.89 -5.69
CA VAL D 85 32.42 -17.91 -4.68
C VAL D 85 33.56 -17.69 -3.71
N VAL D 86 33.49 -16.60 -2.98
CA VAL D 86 34.51 -16.24 -1.95
C VAL D 86 34.14 -16.92 -0.64
N VAL D 87 35.15 -17.46 0.02
CA VAL D 87 35.04 -18.06 1.37
C VAL D 87 36.01 -17.28 2.24
N PRO D 88 35.61 -16.88 3.47
CA PRO D 88 34.31 -17.22 4.05
C PRO D 88 33.13 -16.41 3.51
N SER D 89 31.94 -17.01 3.57
CA SER D 89 30.66 -16.34 3.20
C SER D 89 29.47 -17.08 3.81
N ASN D 90 28.33 -16.40 3.84
CA ASN D 90 27.00 -17.03 4.05
C ASN D 90 26.33 -17.18 2.68
N TRP D 91 25.93 -18.39 2.32
CA TRP D 91 25.45 -18.64 0.95
C TRP D 91 24.13 -17.91 0.71
N GLN D 92 23.47 -17.43 1.76
CA GLN D 92 22.26 -16.57 1.60
C GLN D 92 22.67 -15.20 1.06
N MET D 93 23.84 -14.71 1.42
CA MET D 93 24.33 -13.39 0.95
C MET D 93 24.74 -13.46 -0.52
N HIS D 94 24.84 -14.66 -1.11
CA HIS D 94 25.15 -14.86 -2.55
C HIS D 94 23.87 -15.15 -3.34
N GLY D 95 22.71 -15.19 -2.67
CA GLY D 95 21.40 -15.35 -3.32
C GLY D 95 20.98 -16.79 -3.56
N TYR D 96 21.61 -17.79 -2.95
CA TYR D 96 21.31 -19.22 -3.23
C TYR D 96 20.02 -19.67 -2.54
N ASP D 97 19.70 -19.13 -1.37
CA ASP D 97 18.34 -19.26 -0.78
C ASP D 97 18.15 -18.10 0.19
N ALA D 98 17.01 -18.03 0.84
CA ALA D 98 16.67 -16.80 1.57
C ALA D 98 17.19 -16.91 3.00
N PRO D 99 17.73 -15.80 3.53
CA PRO D 99 17.93 -15.67 4.96
C PRO D 99 16.57 -15.61 5.62
N ILE D 100 16.46 -16.19 6.82
CA ILE D 100 15.15 -16.25 7.53
C ILE D 100 15.32 -15.45 8.81
N TYR D 101 14.53 -14.39 8.96
CA TYR D 101 14.48 -13.70 10.27
C TYR D 101 13.25 -14.17 11.06
N THR D 102 13.52 -14.94 12.11
CA THR D 102 12.53 -15.28 13.15
C THR D 102 13.19 -15.08 14.52
N ASN D 103 12.39 -14.63 15.45
CA ASN D 103 12.83 -14.30 16.83
C ASN D 103 12.86 -15.60 17.63
N VAL D 104 11.71 -16.03 18.16
CA VAL D 104 11.62 -17.15 19.12
C VAL D 104 11.19 -18.41 18.39
N THR D 105 10.15 -18.33 17.58
CA THR D 105 9.68 -19.50 16.82
C THR D 105 10.84 -20.09 16.01
N TYR D 106 11.16 -21.35 16.23
CA TYR D 106 12.18 -22.05 15.42
C TYR D 106 11.79 -21.99 13.95
N PRO D 107 12.77 -21.80 13.04
CA PRO D 107 12.47 -21.74 11.61
C PRO D 107 12.09 -23.11 11.03
N ILE D 108 12.21 -24.16 11.84
CA ILE D 108 11.86 -25.55 11.44
C ILE D 108 10.79 -26.05 12.39
N THR D 109 10.08 -27.09 11.97
CA THR D 109 9.14 -27.83 12.83
C THR D 109 9.91 -28.29 14.06
N VAL D 110 9.33 -28.08 15.24
CA VAL D 110 10.00 -28.54 16.48
C VAL D 110 9.66 -30.01 16.66
N ASN D 111 10.57 -30.89 16.23
CA ASN D 111 10.42 -32.35 16.45
C ASN D 111 11.80 -32.88 16.74
N PRO D 112 12.41 -32.54 17.89
CA PRO D 112 13.78 -32.95 18.17
C PRO D 112 13.88 -34.48 18.26
N PRO D 113 14.97 -35.07 17.73
CA PRO D 113 16.09 -34.30 17.17
C PRO D 113 16.07 -34.16 15.65
N PHE D 114 14.88 -34.26 15.06
CA PHE D 114 14.73 -34.41 13.59
C PHE D 114 14.73 -33.05 12.92
N VAL D 115 14.89 -33.12 11.62
CA VAL D 115 15.16 -31.93 10.79
C VAL D 115 14.33 -32.08 9.53
N PRO D 116 13.82 -30.98 8.95
CA PRO D 116 13.09 -31.09 7.69
C PRO D 116 13.91 -31.85 6.64
N THR D 117 13.23 -32.72 5.89
CA THR D 117 13.85 -33.41 4.73
C THR D 117 14.29 -32.33 3.76
N GLU D 118 13.54 -31.24 3.69
CA GLU D 118 13.93 -30.00 2.97
C GLU D 118 15.04 -29.32 3.76
N ASN D 119 16.28 -29.69 3.48
CA ASN D 119 17.47 -29.26 4.25
C ASN D 119 18.51 -28.69 3.30
N PRO D 120 18.46 -27.37 3.01
CA PRO D 120 19.38 -26.75 2.08
C PRO D 120 20.83 -27.12 2.41
N THR D 121 21.51 -27.74 1.44
CA THR D 121 22.88 -28.24 1.59
C THR D 121 23.79 -27.43 0.67
N GLY D 122 24.89 -26.93 1.23
CA GLY D 122 25.94 -26.23 0.47
C GLY D 122 27.18 -27.10 0.30
N CYS D 123 27.51 -27.43 -0.94
CA CYS D 123 28.70 -28.28 -1.27
C CYS D 123 29.86 -27.39 -1.68
N TYR D 124 30.82 -27.20 -0.77
CA TYR D 124 32.06 -26.42 -0.96
C TYR D 124 33.19 -27.37 -1.41
N SER D 125 33.97 -26.95 -2.39
CA SER D 125 35.15 -27.70 -2.87
C SER D 125 36.33 -26.74 -3.03
N LEU D 126 37.53 -27.24 -2.76
CA LEU D 126 38.76 -26.46 -2.98
C LEU D 126 39.89 -27.37 -3.40
N THR D 127 40.54 -27.02 -4.51
CA THR D 127 41.77 -27.67 -4.99
C THR D 127 42.94 -26.76 -4.63
N PHE D 128 43.91 -27.31 -3.91
CA PHE D 128 45.00 -26.51 -3.34
C PHE D 128 46.28 -27.34 -3.34
N ASN D 129 47.39 -26.64 -3.19
CA ASN D 129 48.73 -27.27 -3.17
C ASN D 129 49.17 -27.44 -1.70
N VAL D 130 49.86 -28.54 -1.44
CA VAL D 130 50.55 -28.74 -0.13
C VAL D 130 52.00 -29.09 -0.45
N ASP D 131 52.89 -28.36 0.21
CA ASP D 131 54.37 -28.43 0.06
C ASP D 131 54.83 -29.77 0.66
N GLU D 132 55.87 -30.38 0.08
CA GLU D 132 56.43 -31.69 0.53
C GLU D 132 56.95 -31.56 1.97
N SER D 133 57.44 -30.37 2.33
CA SER D 133 57.85 -30.01 3.71
C SER D 133 56.82 -30.51 4.72
N TRP D 134 55.52 -30.35 4.42
CA TRP D 134 54.43 -30.54 5.41
C TRP D 134 54.11 -32.03 5.57
N LEU D 135 54.35 -32.84 4.55
CA LEU D 135 54.01 -34.28 4.61
C LEU D 135 55.21 -35.13 5.02
N GLN D 136 56.44 -34.63 4.86
CA GLN D 136 57.64 -35.41 5.25
C GLN D 136 57.68 -35.59 6.78
N GLU D 137 57.36 -34.55 7.54
CA GLU D 137 57.44 -34.59 9.02
C GLU D 137 56.19 -33.90 9.59
N GLY D 138 55.74 -34.36 10.75
CA GLY D 138 54.79 -33.63 11.60
C GLY D 138 53.34 -33.90 11.23
N GLN D 139 52.46 -33.06 11.77
CA GLN D 139 51.00 -33.21 11.68
C GLN D 139 50.43 -31.95 11.04
N THR D 140 49.73 -32.15 9.94
CA THR D 140 49.03 -31.10 9.18
C THR D 140 47.54 -31.19 9.49
N ARG D 141 46.97 -30.15 10.04
CA ARG D 141 45.51 -30.14 10.38
C ARG D 141 44.80 -29.00 9.67
N ILE D 142 43.51 -29.17 9.51
CA ILE D 142 42.67 -28.11 8.90
C ILE D 142 41.80 -27.55 10.01
N ILE D 143 41.62 -26.24 10.01
CA ILE D 143 40.83 -25.53 11.05
C ILE D 143 39.70 -24.77 10.36
N PHE D 144 38.45 -25.19 10.61
CA PHE D 144 37.23 -24.47 10.19
C PHE D 144 36.75 -23.65 11.37
N ASP D 145 36.99 -22.35 11.33
CA ASP D 145 36.70 -21.45 12.47
C ASP D 145 35.18 -21.35 12.67
N GLY D 146 34.38 -21.60 11.63
CA GLY D 146 32.92 -21.45 11.74
C GLY D 146 32.14 -22.01 10.55
N VAL D 147 31.35 -23.05 10.81
CA VAL D 147 30.52 -23.71 9.76
C VAL D 147 29.08 -23.88 10.28
N ASN D 148 28.13 -23.27 9.60
CA ASN D 148 26.73 -23.21 10.01
C ASN D 148 25.91 -24.16 9.13
N SER D 149 25.35 -25.23 9.69
CA SER D 149 25.32 -25.52 11.11
C SER D 149 26.02 -26.84 11.44
N ALA D 150 26.25 -27.66 10.44
CA ALA D 150 26.95 -28.94 10.59
C ALA D 150 27.58 -29.27 9.24
N PHE D 151 28.56 -30.15 9.23
CA PHE D 151 29.20 -30.52 7.95
C PHE D 151 29.95 -31.83 8.06
N HIS D 152 30.01 -32.53 6.92
CA HIS D 152 30.96 -33.64 6.65
C HIS D 152 32.13 -33.13 5.80
N LEU D 153 33.32 -33.67 6.07
CA LEU D 153 34.58 -33.25 5.43
C LEU D 153 35.17 -34.46 4.72
N TRP D 154 35.42 -34.26 3.42
CA TRP D 154 36.21 -35.19 2.57
C TRP D 154 37.49 -34.50 2.13
N CYS D 155 38.55 -35.27 1.96
CA CYS D 155 39.82 -34.79 1.37
C CYS D 155 40.37 -35.86 0.44
N ASN D 156 40.42 -35.53 -0.86
CA ASN D 156 40.89 -36.42 -1.96
C ASN D 156 39.95 -37.61 -2.08
N GLY D 157 38.65 -37.40 -1.81
CA GLY D 157 37.62 -38.43 -1.98
C GLY D 157 37.45 -39.31 -0.77
N ARG D 158 38.40 -39.29 0.18
CA ARG D 158 38.29 -40.10 1.41
C ARG D 158 37.59 -39.25 2.47
N TRP D 159 36.83 -39.91 3.34
CA TRP D 159 36.05 -39.23 4.39
C TRP D 159 36.96 -38.96 5.60
N VAL D 160 36.85 -37.75 6.13
CA VAL D 160 37.69 -37.32 7.28
C VAL D 160 36.85 -37.23 8.54
N GLY D 161 35.78 -36.45 8.54
CA GLY D 161 35.05 -36.26 9.80
C GLY D 161 33.76 -35.48 9.65
N TYR D 162 33.24 -35.04 10.79
CA TYR D 162 31.92 -34.37 10.92
C TYR D 162 31.97 -33.44 12.12
N GLY D 163 31.24 -32.34 12.03
CA GLY D 163 31.29 -31.33 13.10
C GLY D 163 29.99 -30.55 13.24
N GLN D 164 29.72 -30.15 14.48
CA GLN D 164 28.56 -29.31 14.86
C GLN D 164 29.03 -28.19 15.79
N ASP D 165 28.09 -27.34 16.20
CA ASP D 165 28.33 -26.03 16.86
C ASP D 165 28.90 -25.05 15.84
N SER D 166 28.11 -24.06 15.46
CA SER D 166 28.40 -23.21 14.30
C SER D 166 29.31 -22.04 14.70
N ARG D 167 29.67 -21.87 15.97
CA ARG D 167 30.44 -20.65 16.34
C ARG D 167 31.73 -20.98 17.08
N LEU D 168 32.20 -22.22 17.01
CA LEU D 168 33.53 -22.61 17.55
C LEU D 168 34.27 -23.40 16.49
N PRO D 169 35.63 -23.42 16.53
CA PRO D 169 36.43 -24.05 15.49
C PRO D 169 36.35 -25.57 15.55
N SER D 170 36.22 -26.18 14.38
CA SER D 170 36.32 -27.65 14.18
C SER D 170 37.63 -27.95 13.45
N GLU D 171 38.47 -28.78 14.07
CA GLU D 171 39.81 -29.09 13.55
C GLU D 171 39.91 -30.59 13.24
N PHE D 172 40.46 -30.95 12.09
CA PHE D 172 40.69 -32.37 11.72
C PHE D 172 42.13 -32.57 11.25
N ASP D 173 42.68 -33.72 11.61
CA ASP D 173 44.03 -34.13 11.16
C ASP D 173 43.91 -34.62 9.72
N LEU D 174 44.71 -34.04 8.82
CA LEU D 174 44.68 -34.37 7.36
C LEU D 174 45.95 -35.10 6.94
N SER D 175 46.89 -35.36 7.86
CA SER D 175 48.24 -35.91 7.54
C SER D 175 48.12 -37.14 6.64
N ALA D 176 47.29 -38.11 7.04
CA ALA D 176 47.15 -39.42 6.35
C ALA D 176 46.28 -39.26 5.11
N PHE D 177 45.74 -38.08 4.80
CA PHE D 177 44.84 -37.86 3.64
C PHE D 177 45.52 -37.05 2.52
N LEU D 178 46.45 -36.17 2.86
CA LEU D 178 47.07 -35.27 1.87
C LEU D 178 48.15 -36.00 1.09
N ARG D 179 48.31 -35.61 -0.17
CA ARG D 179 49.41 -36.04 -1.05
C ARG D 179 50.18 -34.78 -1.44
N ALA D 180 51.44 -34.95 -1.85
CA ALA D 180 52.28 -33.84 -2.34
C ALA D 180 51.67 -33.34 -3.64
N GLY D 181 51.54 -32.02 -3.75
CA GLY D 181 50.95 -31.36 -4.92
C GLY D 181 49.48 -31.05 -4.71
N GLU D 182 48.67 -31.41 -5.69
CA GLU D 182 47.25 -31.00 -5.77
C GLU D 182 46.44 -31.88 -4.85
N ASN D 183 45.58 -31.26 -4.04
CA ASN D 183 44.65 -31.93 -3.12
C ASN D 183 43.28 -31.30 -3.30
N ARG D 184 42.22 -32.05 -3.01
CA ARG D 184 40.85 -31.52 -3.12
C ARG D 184 40.10 -31.71 -1.81
N LEU D 185 39.65 -30.61 -1.20
CA LEU D 185 38.72 -30.62 -0.05
C LEU D 185 37.30 -30.68 -0.57
N ALA D 186 36.46 -31.44 0.10
CA ALA D 186 35.02 -31.49 -0.20
C ALA D 186 34.28 -31.36 1.12
N VAL D 187 33.50 -30.29 1.24
CA VAL D 187 32.84 -29.92 2.51
C VAL D 187 31.34 -29.81 2.24
N MET D 188 30.58 -30.73 2.81
CA MET D 188 29.11 -30.73 2.70
C MET D 188 28.54 -30.08 3.96
N VAL D 189 27.90 -28.93 3.79
CA VAL D 189 27.39 -28.11 4.92
C VAL D 189 25.86 -28.17 4.93
N LEU D 190 25.31 -28.56 6.07
CA LEU D 190 23.85 -28.66 6.21
C LEU D 190 23.37 -27.42 6.93
N ARG D 191 22.32 -26.80 6.42
CA ARG D 191 21.67 -25.64 7.07
C ARG D 191 21.08 -26.08 8.44
N TRP D 192 20.45 -27.27 8.51
CA TRP D 192 19.70 -27.72 9.70
C TRP D 192 20.28 -29.02 10.19
N SER D 193 20.40 -29.12 11.50
CA SER D 193 20.98 -30.28 12.20
C SER D 193 20.42 -30.31 13.61
N ASP D 194 20.69 -31.37 14.34
CA ASP D 194 20.20 -31.42 15.74
C ASP D 194 20.82 -30.25 16.49
N GLY D 195 21.93 -29.69 16.00
CA GLY D 195 22.53 -28.49 16.59
C GLY D 195 21.69 -27.25 16.41
N SER D 196 20.77 -27.25 15.44
CA SER D 196 19.85 -26.11 15.18
C SER D 196 19.00 -25.89 16.43
N TYR D 197 18.73 -26.94 17.21
CA TYR D 197 17.81 -26.86 18.36
C TYR D 197 18.46 -26.06 19.49
N LEU D 198 19.80 -26.02 19.49
CA LEU D 198 20.55 -25.21 20.49
C LEU D 198 21.01 -23.88 19.89
N GLU D 199 20.47 -23.47 18.73
CA GLU D 199 20.95 -22.25 18.03
C GLU D 199 19.77 -21.36 17.65
N ASP D 200 18.84 -21.11 18.57
CA ASP D 200 17.60 -20.35 18.25
C ASP D 200 17.74 -18.89 18.68
N GLN D 201 18.91 -18.30 18.44
CA GLN D 201 19.13 -16.87 18.79
C GLN D 201 18.23 -16.02 17.89
N ASP D 202 17.75 -14.90 18.44
CA ASP D 202 16.94 -13.92 17.69
C ASP D 202 17.84 -13.16 16.72
N MET D 203 18.02 -13.73 15.53
CA MET D 203 18.84 -13.10 14.48
C MET D 203 18.48 -13.74 13.14
N TRP D 204 19.11 -13.26 12.08
CA TRP D 204 18.98 -13.92 10.75
C TRP D 204 19.53 -15.34 10.85
N ARG D 205 18.80 -16.30 10.33
CA ARG D 205 19.22 -17.73 10.23
C ARG D 205 19.85 -17.95 8.86
N MET D 206 21.16 -18.07 8.82
CA MET D 206 21.95 -18.26 7.58
C MET D 206 22.75 -19.54 7.76
N SER D 207 23.71 -19.77 6.88
CA SER D 207 24.47 -21.02 6.84
C SER D 207 25.67 -20.85 5.93
N GLY D 208 26.58 -21.81 5.97
CA GLY D 208 27.78 -21.85 5.12
C GLY D 208 29.07 -21.75 5.90
N ILE D 209 30.18 -21.67 5.19
CA ILE D 209 31.53 -21.60 5.80
C ILE D 209 31.82 -20.12 5.98
N PHE D 210 31.39 -19.56 7.10
CA PHE D 210 31.29 -18.09 7.31
C PHE D 210 32.45 -17.55 8.16
N ARG D 211 33.39 -18.39 8.55
CA ARG D 211 34.62 -17.92 9.22
C ARG D 211 35.82 -18.57 8.56
N ASP D 212 37.02 -18.16 8.95
CA ASP D 212 38.28 -18.49 8.25
C ASP D 212 38.49 -20.00 8.21
N VAL D 213 39.05 -20.48 7.12
CA VAL D 213 39.57 -21.87 6.98
C VAL D 213 41.10 -21.79 6.91
N SER D 214 41.77 -22.70 7.59
CA SER D 214 43.24 -22.61 7.81
C SER D 214 43.85 -24.01 7.77
N LEU D 215 45.11 -24.06 7.38
CA LEU D 215 45.94 -25.28 7.57
C LEU D 215 47.01 -24.95 8.58
N LEU D 216 47.22 -25.83 9.54
CA LEU D 216 48.22 -25.65 10.59
C LEU D 216 49.17 -26.85 10.58
N HIS D 217 50.47 -26.56 10.50
CA HIS D 217 51.53 -27.59 10.64
C HIS D 217 52.13 -27.50 12.03
N LYS D 218 52.11 -28.62 12.74
CA LYS D 218 52.80 -28.77 14.03
C LYS D 218 53.75 -29.95 13.97
N PRO D 219 54.80 -29.98 14.80
CA PRO D 219 55.62 -31.17 14.94
C PRO D 219 54.80 -32.29 15.59
N THR D 220 55.18 -33.55 15.33
CA THR D 220 54.59 -34.72 16.00
C THR D 220 54.69 -34.52 17.52
N THR D 221 55.79 -33.95 18.01
CA THR D 221 55.97 -33.63 19.45
C THR D 221 55.62 -32.15 19.65
N GLN D 222 54.55 -31.85 20.36
CA GLN D 222 53.87 -30.55 20.22
C GLN D 222 53.27 -30.10 21.53
N ILE D 223 53.22 -28.78 21.68
CA ILE D 223 52.39 -28.13 22.72
C ILE D 223 50.94 -28.31 22.30
N SER D 224 50.20 -29.05 23.11
CA SER D 224 48.81 -29.46 22.80
C SER D 224 47.84 -28.48 23.46
N ASP D 225 48.30 -27.78 24.49
CA ASP D 225 47.44 -26.89 25.30
C ASP D 225 48.33 -26.13 26.26
N PHE D 226 47.92 -24.91 26.63
CA PHE D 226 48.58 -24.13 27.69
C PHE D 226 47.58 -23.13 28.30
N HIS D 227 47.63 -23.06 29.62
CA HIS D 227 46.77 -22.18 30.46
C HIS D 227 47.68 -21.25 31.22
N VAL D 228 47.34 -19.96 31.24
CA VAL D 228 48.10 -18.96 32.04
C VAL D 228 47.15 -18.34 33.07
N ALA D 229 47.60 -18.28 34.31
CA ALA D 229 46.83 -17.73 35.44
C ALA D 229 47.65 -16.64 36.11
N THR D 230 46.96 -15.71 36.78
CA THR D 230 47.60 -14.60 37.51
C THR D 230 46.96 -14.44 38.88
N ARG D 231 47.67 -14.85 39.93
CA ARG D 231 47.23 -14.58 41.32
C ARG D 231 48.08 -13.43 41.88
N PHE D 232 47.51 -12.73 42.84
CA PHE D 232 48.04 -11.47 43.41
C PHE D 232 47.97 -11.50 44.94
N ASN D 233 48.77 -10.63 45.54
CA ASN D 233 48.67 -10.34 46.99
C ASN D 233 47.60 -9.27 47.19
N ASP D 234 47.42 -8.81 48.42
CA ASP D 234 46.33 -7.87 48.81
C ASP D 234 46.49 -6.55 48.02
N ASP D 235 47.71 -6.10 47.78
CA ASP D 235 47.98 -4.72 47.30
C ASP D 235 48.22 -4.71 45.77
N PHE D 236 48.20 -5.86 45.12
CA PHE D 236 48.52 -6.05 43.68
C PHE D 236 49.94 -5.55 43.35
N SER D 237 50.87 -5.66 44.30
CA SER D 237 52.27 -5.21 44.09
C SER D 237 53.18 -6.40 43.80
N ARG D 238 52.73 -7.60 44.13
CA ARG D 238 53.37 -8.87 43.69
C ARG D 238 52.32 -9.69 42.94
N ALA D 239 52.73 -10.33 41.86
CA ALA D 239 51.86 -11.32 41.17
C ALA D 239 52.68 -12.55 40.84
N VAL D 240 52.02 -13.69 40.81
CA VAL D 240 52.64 -14.93 40.28
C VAL D 240 51.91 -15.28 38.99
N LEU D 241 52.68 -15.49 37.92
CA LEU D 241 52.11 -16.01 36.67
C LEU D 241 52.32 -17.51 36.65
N GLU D 242 51.23 -18.26 36.73
CA GLU D 242 51.25 -19.73 36.59
C GLU D 242 50.95 -20.03 35.13
N ALA D 243 51.68 -20.97 34.55
CA ALA D 243 51.54 -21.36 33.13
C ALA D 243 51.68 -22.87 33.04
N GLU D 244 50.58 -23.57 32.81
CA GLU D 244 50.60 -25.04 32.65
C GLU D 244 50.73 -25.34 31.17
N VAL D 245 51.61 -26.26 30.86
CA VAL D 245 51.88 -26.67 29.46
C VAL D 245 51.67 -28.18 29.35
N GLN D 246 50.80 -28.56 28.43
CA GLN D 246 50.54 -29.98 28.12
C GLN D 246 51.12 -30.24 26.74
N MET D 247 51.55 -31.47 26.50
CA MET D 247 52.18 -31.86 25.22
C MET D 247 51.59 -33.17 24.70
N CYS D 248 51.74 -33.37 23.40
CA CYS D 248 51.43 -34.65 22.74
C CYS D 248 52.69 -35.11 22.01
N GLY D 249 52.69 -36.35 21.59
CA GLY D 249 53.84 -36.99 20.92
C GLY D 249 54.60 -37.81 21.93
N GLU D 250 55.80 -38.26 21.57
CA GLU D 250 56.58 -39.17 22.43
C GLU D 250 57.35 -38.30 23.43
N LEU D 251 57.02 -38.44 24.71
CA LEU D 251 57.87 -37.92 25.81
C LEU D 251 59.26 -38.53 25.70
N ARG D 252 60.29 -37.69 25.87
CA ARG D 252 61.69 -38.17 26.07
C ARG D 252 62.31 -37.33 27.19
N ASP D 253 63.27 -37.92 27.89
CA ASP D 253 63.95 -37.31 29.07
C ASP D 253 64.49 -35.93 28.73
N TYR D 254 64.87 -35.68 27.48
CA TYR D 254 65.61 -34.45 27.11
C TYR D 254 64.66 -33.28 26.81
N LEU D 255 63.34 -33.48 26.86
CA LEU D 255 62.38 -32.40 26.53
C LEU D 255 62.31 -31.42 27.70
N ARG D 256 62.30 -30.13 27.36
CA ARG D 256 62.16 -29.02 28.31
C ARG D 256 61.09 -28.08 27.79
N VAL D 257 60.55 -27.28 28.69
CA VAL D 257 59.66 -26.15 28.34
C VAL D 257 60.23 -24.89 28.98
N THR D 258 60.29 -23.83 28.21
CA THR D 258 60.61 -22.49 28.72
C THR D 258 59.41 -21.59 28.53
N VAL D 259 59.09 -20.81 29.56
CA VAL D 259 58.05 -19.75 29.45
C VAL D 259 58.69 -18.41 29.86
N SER D 260 58.64 -17.45 28.97
CA SER D 260 59.21 -16.11 29.19
C SER D 260 58.07 -15.11 29.18
N LEU D 261 58.16 -14.08 30.01
CA LEU D 261 57.16 -13.00 30.07
C LEU D 261 57.81 -11.68 29.66
N TRP D 262 57.23 -11.01 28.68
CA TRP D 262 57.77 -9.75 28.13
C TRP D 262 56.76 -8.61 28.26
N GLN D 263 57.24 -7.39 28.44
CA GLN D 263 56.45 -6.15 28.23
C GLN D 263 57.29 -5.18 27.40
N GLY D 264 56.88 -4.90 26.16
CA GLY D 264 57.79 -4.36 25.15
C GLY D 264 58.93 -5.34 24.87
N GLU D 265 60.17 -4.83 24.78
CA GLU D 265 61.38 -5.68 24.52
C GLU D 265 62.15 -5.88 25.82
N THR D 266 61.48 -5.72 26.95
CA THR D 266 61.99 -6.08 28.29
C THR D 266 61.49 -7.48 28.65
N GLN D 267 62.42 -8.38 29.00
CA GLN D 267 62.08 -9.70 29.57
C GLN D 267 61.82 -9.50 31.06
N VAL D 268 60.62 -9.74 31.52
CA VAL D 268 60.24 -9.49 32.93
C VAL D 268 60.62 -10.70 33.78
N ALA D 269 60.38 -11.90 33.28
CA ALA D 269 60.71 -13.14 34.03
C ALA D 269 60.86 -14.29 33.05
N SER D 270 61.39 -15.40 33.55
CA SER D 270 61.54 -16.62 32.73
C SER D 270 61.80 -17.83 33.61
N GLY D 271 61.29 -18.97 33.18
CA GLY D 271 61.51 -20.27 33.84
C GLY D 271 61.63 -21.39 32.83
N THR D 272 62.34 -22.43 33.24
CA THR D 272 62.63 -23.63 32.42
C THR D 272 62.45 -24.84 33.29
N ALA D 273 61.87 -25.89 32.75
CA ALA D 273 61.67 -27.12 33.53
C ALA D 273 61.51 -28.27 32.56
N PRO D 274 61.90 -29.49 32.96
CA PRO D 274 61.47 -30.68 32.23
C PRO D 274 59.97 -30.95 32.51
N PHE D 275 59.41 -31.93 31.82
CA PHE D 275 58.01 -32.34 32.03
C PHE D 275 57.94 -33.10 33.33
N GLY D 276 56.79 -33.05 33.99
CA GLY D 276 56.51 -33.79 35.24
C GLY D 276 55.82 -32.91 36.24
N GLY D 277 54.50 -33.04 36.35
CA GLY D 277 53.68 -32.22 37.25
C GLY D 277 53.77 -32.68 38.69
N GLU D 278 53.13 -31.91 39.58
CA GLU D 278 52.95 -32.26 41.00
C GLU D 278 52.21 -33.59 41.04
N ILE D 279 52.38 -34.34 42.10
CA ILE D 279 51.54 -35.53 42.39
C ILE D 279 50.09 -35.05 42.57
N ILE D 280 49.15 -35.73 41.94
CA ILE D 280 47.74 -35.28 41.89
C ILE D 280 46.84 -36.27 42.63
N ASP D 281 47.13 -37.58 42.52
CA ASP D 281 46.40 -38.66 43.22
C ASP D 281 47.30 -39.89 43.34
N GLU D 282 46.71 -41.03 43.60
CA GLU D 282 47.46 -42.22 44.07
C GLU D 282 48.27 -42.82 42.92
N ARG D 283 47.95 -42.55 41.65
CA ARG D 283 48.68 -43.15 40.50
C ARG D 283 49.85 -42.23 40.10
N GLY D 284 49.96 -41.05 40.70
CA GLY D 284 51.08 -40.12 40.46
C GLY D 284 50.62 -38.80 39.89
N GLY D 285 51.37 -38.27 38.92
CA GLY D 285 51.06 -36.98 38.28
C GLY D 285 51.04 -37.10 36.77
N TYR D 286 50.88 -35.98 36.08
CA TYR D 286 50.93 -35.94 34.59
C TYR D 286 52.37 -35.88 34.10
N ALA D 287 52.87 -36.97 33.55
CA ALA D 287 54.23 -37.01 32.96
C ALA D 287 54.34 -36.01 31.80
N ASP D 288 53.24 -35.75 31.10
CA ASP D 288 53.23 -34.97 29.83
C ASP D 288 52.83 -33.51 30.09
N ARG D 289 53.00 -33.05 31.32
CA ARG D 289 52.60 -31.67 31.68
C ARG D 289 53.65 -31.04 32.59
N VAL D 290 53.65 -29.72 32.59
CA VAL D 290 54.59 -28.92 33.40
C VAL D 290 53.93 -27.59 33.70
N THR D 291 54.07 -27.13 34.92
CA THR D 291 53.60 -25.78 35.33
C THR D 291 54.82 -24.98 35.76
N LEU D 292 54.93 -23.77 35.21
CA LEU D 292 56.01 -22.81 35.51
C LEU D 292 55.41 -21.65 36.25
N ARG D 293 55.98 -21.31 37.41
CA ARG D 293 55.57 -20.14 38.23
C ARG D 293 56.62 -19.04 38.08
N LEU D 294 56.24 -17.92 37.48
CA LEU D 294 57.10 -16.73 37.41
C LEU D 294 56.59 -15.69 38.40
N ASN D 295 57.51 -15.04 39.10
CA ASN D 295 57.21 -13.88 39.97
C ASN D 295 57.31 -12.60 39.15
N VAL D 296 56.36 -11.70 39.35
CA VAL D 296 56.34 -10.37 38.70
C VAL D 296 56.05 -9.32 39.76
N GLU D 297 57.01 -8.42 40.00
CA GLU D 297 56.90 -7.36 41.04
C GLU D 297 56.34 -6.10 40.37
N ASN D 298 55.48 -5.41 41.08
CA ASN D 298 54.75 -4.21 40.58
C ASN D 298 54.29 -4.42 39.15
N PRO D 299 53.43 -5.43 38.89
CA PRO D 299 52.92 -5.64 37.54
C PRO D 299 51.94 -4.53 37.13
N LYS D 300 52.10 -4.06 35.89
CA LYS D 300 51.13 -3.15 35.23
C LYS D 300 49.83 -3.92 35.03
N LEU D 301 48.74 -3.41 35.60
CA LEU D 301 47.46 -4.16 35.71
C LEU D 301 46.60 -3.87 34.49
N TRP D 302 45.92 -4.91 34.00
CA TRP D 302 45.01 -4.81 32.84
C TRP D 302 43.65 -4.27 33.27
N SER D 303 43.14 -3.33 32.51
CA SER D 303 41.83 -2.68 32.74
C SER D 303 41.25 -2.27 31.39
N ALA D 304 39.97 -1.98 31.35
CA ALA D 304 39.37 -1.31 30.18
C ALA D 304 39.85 0.15 30.14
N GLU D 305 40.20 0.72 31.28
CA GLU D 305 40.71 2.12 31.37
C GLU D 305 42.18 2.17 30.88
N ILE D 306 42.95 1.15 31.20
CA ILE D 306 44.38 1.04 30.78
C ILE D 306 44.63 -0.43 30.49
N PRO D 307 44.50 -0.86 29.23
CA PRO D 307 44.76 -2.27 28.88
C PRO D 307 46.24 -2.64 28.74
N ASN D 308 46.99 -2.58 29.84
CA ASN D 308 48.41 -3.00 29.90
C ASN D 308 48.53 -4.48 29.55
N LEU D 309 49.36 -4.80 28.57
CA LEU D 309 49.57 -6.22 28.17
C LEU D 309 51.03 -6.61 28.35
N TYR D 310 51.22 -7.81 28.84
CA TYR D 310 52.51 -8.52 28.75
C TYR D 310 52.35 -9.52 27.61
N ARG D 311 53.42 -10.24 27.30
CA ARG D 311 53.42 -11.30 26.29
C ARG D 311 54.06 -12.54 26.88
N ALA D 312 53.42 -13.68 26.73
CA ALA D 312 53.92 -14.98 27.22
C ALA D 312 54.35 -15.84 26.03
N VAL D 313 55.59 -16.30 26.06
CA VAL D 313 56.11 -17.19 25.00
C VAL D 313 56.33 -18.55 25.61
N VAL D 314 55.82 -19.56 24.94
CA VAL D 314 55.98 -20.96 25.40
C VAL D 314 56.91 -21.67 24.41
N GLU D 315 58.12 -21.98 24.86
CA GLU D 315 59.13 -22.67 24.04
C GLU D 315 59.09 -24.14 24.44
N LEU D 316 58.85 -25.00 23.47
CA LEU D 316 59.14 -26.44 23.60
C LEU D 316 60.46 -26.71 22.91
N HIS D 317 61.44 -27.20 23.65
CA HIS D 317 62.82 -27.40 23.12
C HIS D 317 63.45 -28.61 23.78
N THR D 318 64.60 -29.00 23.26
CA THR D 318 65.47 -30.06 23.86
C THR D 318 66.47 -29.41 24.80
N ALA D 319 67.12 -30.24 25.62
CA ALA D 319 68.07 -29.77 26.64
C ALA D 319 69.21 -29.02 25.93
N ASP D 320 69.65 -29.52 24.76
CA ASP D 320 70.78 -28.93 23.99
C ASP D 320 70.32 -27.68 23.23
N GLY D 321 69.11 -27.18 23.50
CA GLY D 321 68.66 -25.84 23.07
C GLY D 321 67.82 -25.85 21.81
N THR D 322 67.79 -26.95 21.07
CA THR D 322 67.03 -27.01 19.79
C THR D 322 65.56 -26.77 20.04
N LEU D 323 65.03 -25.70 19.44
CA LEU D 323 63.58 -25.37 19.50
C LEU D 323 62.80 -26.41 18.69
N ILE D 324 61.75 -26.96 19.29
CA ILE D 324 60.81 -27.85 18.56
C ILE D 324 59.65 -27.00 18.04
N GLU D 325 59.10 -26.14 18.89
CA GLU D 325 58.06 -25.16 18.49
C GLU D 325 57.80 -24.20 19.65
N ALA D 326 57.19 -23.07 19.32
CA ALA D 326 56.84 -22.04 20.31
C ALA D 326 55.41 -21.53 20.08
N GLU D 327 54.64 -21.44 21.16
CA GLU D 327 53.32 -20.77 21.12
C GLU D 327 53.39 -19.52 21.97
N ALA D 328 52.36 -18.67 21.88
CA ALA D 328 52.37 -17.39 22.58
C ALA D 328 50.96 -16.86 22.76
N CYS D 329 50.83 -15.95 23.72
CA CYS D 329 49.56 -15.24 24.05
C CYS D 329 49.87 -13.89 24.69
N ASP D 330 48.94 -12.96 24.56
CA ASP D 330 48.97 -11.71 25.34
C ASP D 330 48.49 -12.05 26.75
N VAL D 331 49.05 -11.37 27.73
CA VAL D 331 48.74 -11.60 29.16
C VAL D 331 48.25 -10.28 29.74
N GLY D 332 47.15 -10.35 30.49
CA GLY D 332 46.59 -9.23 31.26
C GLY D 332 46.59 -9.59 32.73
N PHE D 333 47.41 -8.91 33.51
CA PHE D 333 47.40 -9.07 34.99
C PHE D 333 46.15 -8.40 35.54
N ARG D 334 45.15 -9.20 35.87
CA ARG D 334 43.87 -8.69 36.40
C ARG D 334 43.19 -9.80 37.17
N GLU D 335 42.51 -9.41 38.24
CA GLU D 335 41.79 -10.35 39.12
C GLU D 335 40.31 -10.01 39.06
N VAL D 336 39.50 -11.03 38.83
CA VAL D 336 38.02 -10.89 38.80
C VAL D 336 37.49 -11.74 39.95
N ARG D 337 36.96 -11.07 40.96
CA ARG D 337 36.38 -11.74 42.14
C ARG D 337 35.01 -11.12 42.38
N ILE D 338 34.14 -11.89 42.98
CA ILE D 338 32.95 -11.34 43.66
C ILE D 338 33.24 -11.48 45.14
N GLU D 339 33.29 -10.37 45.87
CA GLU D 339 33.50 -10.36 47.34
C GLU D 339 32.45 -9.47 48.00
N ASN D 340 31.82 -9.99 49.05
CA ASN D 340 30.73 -9.33 49.81
C ASN D 340 29.76 -8.62 48.84
N GLY D 341 29.27 -9.36 47.85
CA GLY D 341 28.14 -8.96 47.00
C GLY D 341 28.53 -8.11 45.81
N LEU D 342 29.82 -7.81 45.65
CA LEU D 342 30.24 -6.90 44.55
C LEU D 342 31.16 -7.61 43.57
N LEU D 343 30.97 -7.29 42.29
CA LEU D 343 31.90 -7.69 41.21
C LEU D 343 33.11 -6.78 41.29
N LEU D 344 34.24 -7.34 41.67
CA LEU D 344 35.52 -6.61 41.76
C LEU D 344 36.42 -6.96 40.58
N LEU D 345 37.03 -5.93 40.02
CA LEU D 345 38.23 -6.08 39.16
C LEU D 345 39.38 -5.40 39.88
N ASN D 346 40.45 -6.15 40.16
CA ASN D 346 41.64 -5.63 40.87
C ASN D 346 41.21 -4.91 42.15
N GLY D 347 40.25 -5.46 42.88
CA GLY D 347 39.86 -4.96 44.21
C GLY D 347 38.91 -3.78 44.16
N LYS D 348 38.51 -3.31 42.97
CA LYS D 348 37.60 -2.15 42.81
C LYS D 348 36.29 -2.56 42.14
N PRO D 349 35.15 -2.09 42.68
CA PRO D 349 33.85 -2.48 42.14
C PRO D 349 33.62 -1.88 40.76
N LEU D 350 33.44 -2.75 39.78
CA LEU D 350 33.09 -2.34 38.40
C LEU D 350 31.73 -1.64 38.39
N LEU D 351 31.54 -0.80 37.39
CA LEU D 351 30.23 -0.28 36.98
C LEU D 351 30.12 -0.46 35.46
N ILE D 352 29.46 -1.53 35.08
CA ILE D 352 29.44 -2.05 33.69
C ILE D 352 28.68 -1.09 32.79
N ARG D 353 29.39 -0.41 31.92
CA ARG D 353 28.78 0.39 30.84
C ARG D 353 28.70 -0.49 29.60
N GLY D 354 27.75 -1.42 29.59
CA GLY D 354 27.79 -2.54 28.63
C GLY D 354 26.82 -2.40 27.47
N VAL D 355 27.10 -3.15 26.41
CA VAL D 355 26.15 -3.34 25.28
C VAL D 355 26.24 -4.80 24.79
N ASN D 356 25.14 -5.30 24.26
CA ASN D 356 25.14 -6.59 23.52
C ASN D 356 25.50 -6.32 22.05
N ARG D 357 26.39 -7.15 21.52
CA ARG D 357 26.84 -7.02 20.12
C ARG D 357 26.76 -8.37 19.41
N HIS D 358 25.94 -8.42 18.37
CA HIS D 358 25.90 -9.54 17.40
C HIS D 358 26.97 -9.32 16.35
N GLU D 359 27.41 -10.41 15.74
CA GLU D 359 28.27 -10.35 14.55
C GLU D 359 27.37 -10.20 13.33
N HIS D 360 27.29 -8.99 12.81
CA HIS D 360 26.38 -8.67 11.70
C HIS D 360 27.02 -7.61 10.82
N HIS D 361 26.88 -7.82 9.52
CA HIS D 361 27.33 -6.92 8.44
C HIS D 361 26.21 -6.87 7.41
N PRO D 362 25.68 -5.68 7.08
CA PRO D 362 24.52 -5.58 6.18
C PRO D 362 24.78 -6.19 4.79
N LEU D 363 26.03 -6.24 4.36
CA LEU D 363 26.39 -6.86 3.06
C LEU D 363 26.78 -8.32 3.26
N HIS D 364 27.72 -8.60 4.15
CA HIS D 364 28.40 -9.93 4.23
C HIS D 364 27.71 -10.86 5.23
N GLY D 365 26.62 -10.40 5.85
CA GLY D 365 25.81 -11.21 6.76
C GLY D 365 26.51 -11.39 8.09
N GLN D 366 26.92 -12.61 8.40
CA GLN D 366 27.51 -12.96 9.72
C GLN D 366 29.00 -13.25 9.53
N VAL D 367 29.59 -12.77 8.43
CA VAL D 367 31.05 -12.80 8.22
C VAL D 367 31.64 -11.51 8.80
N MET D 368 32.63 -11.65 9.67
CA MET D 368 33.27 -10.51 10.35
C MET D 368 34.62 -10.20 9.70
N ASP D 369 35.04 -8.94 9.83
CA ASP D 369 36.34 -8.45 9.34
C ASP D 369 36.96 -7.52 10.38
N GLU D 370 38.27 -7.33 10.30
CA GLU D 370 39.01 -6.51 11.28
C GLU D 370 38.47 -5.08 11.21
N GLN D 371 38.31 -4.53 10.01
CA GLN D 371 37.91 -3.11 9.85
C GLN D 371 36.63 -2.88 10.67
N THR D 372 35.65 -3.77 10.57
CA THR D 372 34.31 -3.57 11.18
C THR D 372 34.41 -3.76 12.70
N MET D 373 35.16 -4.77 13.13
CA MET D 373 35.39 -5.02 14.58
C MET D 373 35.97 -3.76 15.22
N VAL D 374 37.05 -3.23 14.65
CA VAL D 374 37.75 -2.02 15.17
C VAL D 374 36.78 -0.84 15.10
N GLN D 375 36.05 -0.70 14.00
CA GLN D 375 35.09 0.42 13.85
C GLN D 375 34.11 0.37 15.02
N ASP D 376 33.67 -0.84 15.37
CA ASP D 376 32.70 -1.08 16.47
C ASP D 376 33.36 -0.70 17.78
N ILE D 377 34.58 -1.17 18.03
CA ILE D 377 35.27 -0.96 19.33
C ILE D 377 35.55 0.54 19.54
N LEU D 378 35.89 1.28 18.49
CA LEU D 378 36.14 2.73 18.60
C LEU D 378 34.81 3.44 18.92
N LEU D 379 33.74 3.12 18.20
CA LEU D 379 32.43 3.80 18.42
C LEU D 379 31.94 3.51 19.84
N MET D 380 32.09 2.28 20.29
CA MET D 380 31.66 1.89 21.65
C MET D 380 32.44 2.72 22.68
N LYS D 381 33.77 2.66 22.62
CA LYS D 381 34.62 3.36 23.61
C LYS D 381 34.40 4.87 23.50
N GLN D 382 34.05 5.39 22.33
CA GLN D 382 33.87 6.86 22.17
C GLN D 382 32.55 7.29 22.83
N ASN D 383 31.63 6.35 23.03
CA ASN D 383 30.32 6.67 23.63
C ASN D 383 30.28 6.15 25.07
N ASN D 384 31.46 5.99 25.69
CA ASN D 384 31.63 5.63 27.13
C ASN D 384 31.12 4.21 27.43
N PHE D 385 31.38 3.26 26.55
CA PHE D 385 31.06 1.84 26.78
C PHE D 385 32.29 1.13 27.33
N ASN D 386 32.06 0.32 28.35
CA ASN D 386 33.07 -0.32 29.22
C ASN D 386 33.29 -1.74 28.72
N ALA D 387 32.24 -2.35 28.20
CA ALA D 387 32.14 -3.82 28.15
C ALA D 387 31.11 -4.25 27.11
N VAL D 388 31.28 -5.47 26.65
CA VAL D 388 30.44 -6.01 25.55
C VAL D 388 30.09 -7.44 25.90
N ARG D 389 28.92 -7.88 25.48
CA ARG D 389 28.45 -9.26 25.73
C ARG D 389 28.35 -9.91 24.36
N CYS D 390 29.05 -11.03 24.20
CA CYS D 390 29.01 -11.84 22.97
C CYS D 390 27.64 -12.51 22.91
N SER D 391 26.63 -11.77 22.46
CA SER D 391 25.24 -12.28 22.30
C SER D 391 25.12 -12.96 20.95
N HIS D 392 24.81 -14.26 20.90
CA HIS D 392 24.81 -15.17 22.03
C HIS D 392 25.61 -16.42 21.64
N TYR D 393 26.90 -16.25 21.42
CA TYR D 393 27.76 -17.33 20.92
C TYR D 393 29.20 -16.86 21.00
N PRO D 394 30.18 -17.78 20.93
CA PRO D 394 31.59 -17.39 20.86
C PRO D 394 31.84 -16.66 19.54
N ASN D 395 32.67 -15.63 19.62
CA ASN D 395 32.87 -14.71 18.50
C ASN D 395 34.06 -15.19 17.69
N HIS D 396 34.23 -14.57 16.53
CA HIS D 396 35.46 -14.67 15.71
C HIS D 396 36.67 -14.41 16.61
N PRO D 397 37.72 -15.26 16.53
CA PRO D 397 38.79 -15.23 17.54
C PRO D 397 39.44 -13.86 17.71
N LEU D 398 39.56 -13.12 16.61
CA LEU D 398 40.25 -11.80 16.56
C LEU D 398 39.57 -10.83 17.51
N TRP D 399 38.25 -10.97 17.72
CA TRP D 399 37.45 -10.07 18.56
C TRP D 399 38.08 -9.95 19.96
N TYR D 400 38.43 -11.09 20.57
CA TYR D 400 38.96 -11.12 21.96
C TYR D 400 40.34 -10.45 21.98
N THR D 401 41.12 -10.62 20.92
CA THR D 401 42.45 -9.99 20.79
C THR D 401 42.25 -8.46 20.76
N LEU D 402 41.26 -8.00 20.01
CA LEU D 402 41.02 -6.54 19.87
C LEU D 402 40.54 -5.97 21.21
N CYS D 403 39.67 -6.67 21.92
CA CYS D 403 39.21 -6.24 23.28
C CYS D 403 40.37 -6.30 24.30
N ASP D 404 41.29 -7.24 24.14
CA ASP D 404 42.51 -7.31 24.98
C ASP D 404 43.28 -6.01 24.86
N ARG D 405 43.43 -5.53 23.62
CA ARG D 405 44.41 -4.46 23.30
C ARG D 405 43.77 -3.07 23.40
N TYR D 406 42.54 -2.91 22.92
CA TYR D 406 41.82 -1.61 22.98
C TYR D 406 41.29 -1.39 24.39
N GLY D 407 40.85 -2.45 25.08
CA GLY D 407 40.38 -2.42 26.48
C GLY D 407 38.88 -2.43 26.59
N LEU D 408 38.27 -3.62 26.55
CA LEU D 408 36.82 -3.83 26.84
C LEU D 408 36.63 -5.10 27.65
N TYR D 409 35.76 -5.03 28.65
CA TYR D 409 35.38 -6.23 29.43
C TYR D 409 34.43 -7.06 28.56
N VAL D 410 34.73 -8.35 28.43
CA VAL D 410 33.95 -9.25 27.56
C VAL D 410 33.22 -10.30 28.38
N VAL D 411 31.94 -10.49 28.08
CA VAL D 411 31.15 -11.66 28.53
C VAL D 411 31.13 -12.66 27.38
N ASP D 412 31.85 -13.77 27.56
CA ASP D 412 31.94 -14.86 26.56
C ASP D 412 30.77 -15.81 26.80
N GLU D 413 29.97 -16.07 25.78
CA GLU D 413 28.68 -16.76 25.98
C GLU D 413 28.64 -18.02 25.11
N ALA D 414 28.35 -19.17 25.70
CA ALA D 414 28.26 -20.46 24.98
C ALA D 414 27.15 -20.40 23.95
N ASN D 415 27.26 -21.20 22.90
CA ASN D 415 26.34 -21.18 21.74
C ASN D 415 25.16 -22.12 22.01
N ILE D 416 24.36 -21.78 23.03
CA ILE D 416 23.17 -22.56 23.45
C ILE D 416 22.02 -21.58 23.66
N GLU D 417 21.04 -21.62 22.75
CA GLU D 417 19.73 -20.97 22.95
C GLU D 417 18.63 -21.88 22.43
N THR D 418 17.67 -22.19 23.29
CA THR D 418 16.54 -23.10 23.00
C THR D 418 15.23 -22.36 23.21
N HIS D 419 15.20 -21.08 22.84
CA HIS D 419 14.10 -20.16 23.18
C HIS D 419 12.73 -20.71 22.74
N GLY D 420 12.65 -21.30 21.55
CA GLY D 420 11.37 -21.72 20.94
C GLY D 420 10.81 -23.04 21.48
N MET D 421 11.56 -23.78 22.28
CA MET D 421 11.02 -25.00 22.92
C MET D 421 9.88 -24.60 23.85
N VAL D 422 8.94 -25.52 24.09
CA VAL D 422 7.89 -25.28 25.11
C VAL D 422 7.89 -26.44 26.11
N PRO D 423 8.26 -26.23 27.39
CA PRO D 423 8.78 -24.95 27.87
C PRO D 423 10.26 -24.73 27.47
N MET D 424 10.80 -23.55 27.77
CA MET D 424 12.17 -23.16 27.33
C MET D 424 13.15 -24.21 27.87
N ASN D 425 12.74 -24.81 28.97
CA ASN D 425 13.46 -25.81 29.78
C ASN D 425 13.70 -27.12 29.03
N ARG D 426 12.96 -27.42 27.96
CA ARG D 426 12.70 -28.84 27.56
C ARG D 426 13.99 -29.60 27.28
N LEU D 427 14.91 -29.02 26.51
CA LEU D 427 16.18 -29.73 26.18
C LEU D 427 17.22 -29.53 27.27
N THR D 428 17.25 -28.41 27.95
CA THR D 428 18.32 -28.13 28.95
C THR D 428 18.08 -28.92 30.26
N ASP D 429 16.90 -29.49 30.48
CA ASP D 429 16.66 -30.31 31.70
C ASP D 429 16.75 -31.79 31.34
N ASP D 430 16.95 -32.10 30.07
CA ASP D 430 16.99 -33.49 29.54
C ASP D 430 18.44 -33.99 29.52
N PRO D 431 18.80 -35.03 30.31
CA PRO D 431 20.19 -35.49 30.36
C PRO D 431 20.73 -35.96 29.00
N ARG D 432 19.88 -36.44 28.11
CA ARG D 432 20.31 -36.86 26.75
C ARG D 432 20.87 -35.68 25.94
N TRP D 433 20.63 -34.42 26.32
CA TRP D 433 21.19 -33.24 25.63
C TRP D 433 22.37 -32.65 26.40
N LEU D 434 22.71 -33.22 27.54
CA LEU D 434 23.86 -32.71 28.34
C LEU D 434 25.15 -32.82 27.52
N PRO D 435 25.44 -33.95 26.82
CA PRO D 435 26.65 -34.01 26.01
C PRO D 435 26.78 -32.88 24.99
N ALA D 436 25.75 -32.67 24.16
CA ALA D 436 25.77 -31.64 23.09
C ALA D 436 25.91 -30.25 23.72
N MET D 437 25.32 -30.04 24.89
CA MET D 437 25.41 -28.74 25.61
C MET D 437 26.79 -28.60 26.24
N SER D 438 27.35 -29.67 26.80
CA SER D 438 28.68 -29.68 27.44
C SER D 438 29.74 -29.19 26.44
N GLU D 439 29.69 -29.70 25.21
CA GLU D 439 30.76 -29.42 24.21
C GLU D 439 30.71 -27.95 23.83
N ARG D 440 29.53 -27.33 23.87
CA ARG D 440 29.40 -25.89 23.52
C ARG D 440 29.98 -25.02 24.62
N VAL D 441 29.84 -25.43 25.89
CA VAL D 441 30.41 -24.68 27.04
C VAL D 441 31.90 -24.99 27.19
N THR D 442 32.28 -26.27 27.23
CA THR D 442 33.67 -26.70 27.53
C THR D 442 34.61 -26.16 26.46
N ARG D 443 34.25 -26.33 25.20
CA ARG D 443 35.13 -25.98 24.07
C ARG D 443 35.25 -24.46 23.97
N MET D 444 34.27 -23.69 24.46
CA MET D 444 34.39 -22.22 24.51
C MET D 444 35.47 -21.86 25.53
N VAL D 445 35.42 -22.46 26.72
CA VAL D 445 36.39 -22.16 27.81
C VAL D 445 37.79 -22.56 27.35
N GLN D 446 37.95 -23.74 26.76
CA GLN D 446 39.30 -24.22 26.38
C GLN D 446 39.96 -23.23 25.43
N ARG D 447 39.18 -22.61 24.53
CA ARG D 447 39.72 -21.73 23.47
C ARG D 447 40.05 -20.36 24.07
N ASP D 448 39.15 -19.78 24.87
CA ASP D 448 39.21 -18.33 25.19
C ASP D 448 39.68 -18.08 26.63
N ARG D 449 40.12 -19.10 27.36
CA ARG D 449 40.39 -18.96 28.82
C ARG D 449 41.64 -18.13 29.08
N ASN D 450 42.46 -17.84 28.07
CA ASN D 450 43.73 -17.07 28.25
C ASN D 450 43.55 -15.59 27.93
N HIS D 451 42.36 -15.14 27.52
CA HIS D 451 42.12 -13.75 27.09
C HIS D 451 41.76 -12.88 28.28
N PRO D 452 42.57 -11.87 28.65
CA PRO D 452 42.23 -11.01 29.79
C PRO D 452 40.88 -10.29 29.65
N SER D 453 40.46 -9.99 28.42
CA SER D 453 39.21 -9.26 28.12
C SER D 453 38.02 -10.06 28.65
N VAL D 454 38.11 -11.39 28.61
CA VAL D 454 37.01 -12.24 29.12
C VAL D 454 37.06 -12.24 30.65
N ILE D 455 36.12 -11.53 31.28
CA ILE D 455 36.02 -11.47 32.76
C ILE D 455 34.88 -12.35 33.28
N ILE D 456 33.88 -12.66 32.46
CA ILE D 456 32.69 -13.44 32.90
C ILE D 456 32.34 -14.47 31.83
N TRP D 457 32.13 -15.72 32.24
CA TRP D 457 31.55 -16.79 31.39
C TRP D 457 30.02 -16.76 31.49
N SER D 458 29.33 -16.97 30.37
CA SER D 458 27.86 -17.17 30.33
C SER D 458 27.50 -18.51 29.69
N LEU D 459 26.52 -19.22 30.25
CA LEU D 459 26.14 -20.59 29.83
C LEU D 459 25.22 -20.55 28.61
N GLY D 460 24.96 -19.36 28.07
CA GLY D 460 24.08 -19.22 26.89
C GLY D 460 23.02 -18.18 27.13
N ASN D 461 21.88 -18.36 26.46
CA ASN D 461 20.79 -17.36 26.48
C ASN D 461 19.46 -18.07 26.28
N GLU D 462 18.42 -17.51 26.91
CA GLU D 462 17.00 -17.91 26.80
C GLU D 462 16.86 -19.42 26.51
N SER D 463 17.17 -20.25 27.51
CA SER D 463 17.06 -21.72 27.40
C SER D 463 16.43 -22.28 28.66
N GLY D 464 15.61 -21.48 29.37
CA GLY D 464 15.05 -21.87 30.66
C GLY D 464 16.15 -22.19 31.66
N HIS D 465 15.82 -22.90 32.72
CA HIS D 465 16.83 -23.40 33.69
C HIS D 465 16.71 -24.92 33.82
N GLY D 466 17.65 -25.64 33.23
CA GLY D 466 17.70 -27.10 33.32
C GLY D 466 18.81 -27.57 34.24
N ALA D 467 18.78 -28.86 34.59
CA ALA D 467 19.82 -29.47 35.45
C ALA D 467 21.16 -29.51 34.70
N ASN D 468 21.14 -29.42 33.37
CA ASN D 468 22.41 -29.38 32.59
C ASN D 468 23.08 -28.03 32.86
N HIS D 469 22.31 -26.97 33.02
CA HIS D 469 22.86 -25.64 33.35
C HIS D 469 23.68 -25.75 34.65
N ASP D 470 23.08 -26.32 35.69
CA ASP D 470 23.76 -26.49 37.01
C ASP D 470 25.03 -27.33 36.84
N ALA D 471 24.97 -28.41 36.08
CA ALA D 471 26.15 -29.28 35.85
C ALA D 471 27.27 -28.44 35.22
N LEU D 472 26.95 -27.69 34.18
CA LEU D 472 27.98 -27.00 33.39
C LEU D 472 28.44 -25.75 34.11
N TYR D 473 27.59 -25.12 34.93
CA TYR D 473 28.03 -24.03 35.84
C TYR D 473 29.17 -24.53 36.73
N ARG D 474 28.98 -25.68 37.38
CA ARG D 474 29.99 -26.25 38.32
C ARG D 474 31.22 -26.68 37.54
N TRP D 475 31.07 -27.10 36.29
CA TRP D 475 32.23 -27.50 35.46
C TRP D 475 33.17 -26.31 35.29
N ILE D 476 32.62 -25.15 34.98
CA ILE D 476 33.42 -23.92 34.81
C ILE D 476 34.03 -23.54 36.17
N LYS D 477 33.24 -23.59 37.24
CA LYS D 477 33.74 -23.17 38.56
C LYS D 477 34.97 -23.98 38.89
N SER D 478 34.95 -25.28 38.62
CA SER D 478 36.04 -26.20 39.02
C SER D 478 37.21 -26.07 38.04
N VAL D 479 36.94 -25.86 36.76
CA VAL D 479 37.98 -25.78 35.70
C VAL D 479 38.62 -24.39 35.69
N ASP D 480 37.90 -23.32 36.00
CA ASP D 480 38.45 -21.93 35.95
C ASP D 480 37.84 -21.05 37.02
N PRO D 481 38.39 -21.07 38.25
CA PRO D 481 37.85 -20.24 39.33
C PRO D 481 38.10 -18.74 39.12
N SER D 482 38.91 -18.37 38.14
CA SER D 482 39.35 -16.95 37.92
C SER D 482 38.18 -16.07 37.45
N ARG D 483 37.06 -16.64 37.01
CA ARG D 483 36.00 -15.84 36.36
C ARG D 483 34.65 -16.26 36.91
N PRO D 484 33.79 -15.30 37.26
CA PRO D 484 32.41 -15.62 37.59
C PRO D 484 31.66 -16.17 36.37
N VAL D 485 30.62 -16.96 36.66
CA VAL D 485 29.74 -17.59 35.63
C VAL D 485 28.35 -17.00 35.81
N GLN D 486 27.70 -16.65 34.72
CA GLN D 486 26.35 -16.04 34.79
C GLN D 486 25.44 -16.71 33.77
N TYR D 487 24.15 -16.66 34.07
CA TYR D 487 23.09 -17.17 33.18
C TYR D 487 21.75 -16.60 33.65
N GLU D 488 20.98 -16.06 32.71
CA GLU D 488 19.72 -15.31 33.01
C GLU D 488 18.53 -16.28 33.03
N GLY D 489 18.62 -17.41 32.33
CA GLY D 489 17.48 -18.32 32.16
C GLY D 489 16.86 -18.75 33.48
N GLY D 490 15.55 -19.02 33.45
CA GLY D 490 14.79 -19.54 34.60
C GLY D 490 14.66 -18.50 35.70
N GLY D 491 14.65 -17.20 35.38
CA GLY D 491 14.32 -16.16 36.37
C GLY D 491 15.53 -15.38 36.87
N ALA D 492 16.70 -15.54 36.24
CA ALA D 492 17.87 -14.65 36.39
C ALA D 492 18.58 -14.85 37.73
N ASP D 493 18.06 -15.67 38.63
CA ASP D 493 18.68 -15.79 39.99
C ASP D 493 18.84 -17.26 40.37
N THR D 494 19.01 -18.13 39.39
CA THR D 494 19.00 -19.59 39.66
C THR D 494 20.31 -19.99 40.31
N THR D 495 20.45 -21.26 40.64
CA THR D 495 21.68 -21.81 41.23
C THR D 495 22.78 -21.92 40.19
N ALA D 496 22.56 -21.52 38.94
CA ALA D 496 23.59 -21.59 37.88
C ALA D 496 24.16 -20.20 37.53
N THR D 497 24.08 -19.22 38.44
CA THR D 497 24.51 -17.83 38.15
C THR D 497 25.08 -17.18 39.42
N ASP D 498 26.28 -16.63 39.27
CA ASP D 498 26.97 -15.85 40.33
C ASP D 498 26.43 -14.42 40.37
N ILE D 499 25.68 -14.02 39.36
CA ILE D 499 25.25 -12.59 39.19
C ILE D 499 23.76 -12.60 38.84
N ILE D 500 22.98 -11.82 39.55
CA ILE D 500 21.57 -11.61 39.17
C ILE D 500 21.59 -10.83 37.87
N CYS D 501 21.28 -11.48 36.75
CA CYS D 501 21.44 -10.87 35.41
C CYS D 501 20.12 -10.89 34.66
N PRO D 502 19.08 -10.19 35.16
CA PRO D 502 17.80 -10.17 34.48
C PRO D 502 17.87 -9.43 33.15
N MET D 503 16.90 -9.70 32.28
CA MET D 503 16.76 -8.96 31.02
C MET D 503 15.46 -8.16 31.11
N TYR D 504 15.57 -6.84 30.99
CA TYR D 504 14.42 -5.93 30.92
C TYR D 504 13.69 -5.86 32.26
N ALA D 505 14.38 -6.15 33.35
CA ALA D 505 13.87 -5.78 34.69
C ALA D 505 13.84 -4.26 34.76
N ARG D 506 12.74 -3.71 35.23
CA ARG D 506 12.56 -2.25 35.34
C ARG D 506 13.08 -1.76 36.68
N VAL D 507 13.27 -0.46 36.78
CA VAL D 507 14.00 0.17 37.91
C VAL D 507 13.12 0.15 39.16
N ASP D 508 11.87 0.58 39.03
CA ASP D 508 10.98 0.76 40.22
C ASP D 508 9.81 -0.22 40.14
N GLU D 509 9.30 -0.49 38.94
CA GLU D 509 8.04 -1.24 38.72
C GLU D 509 8.31 -2.74 38.60
N ASP D 510 7.60 -3.52 39.43
CA ASP D 510 7.68 -5.01 39.41
C ASP D 510 6.87 -5.53 38.24
N GLN D 511 7.38 -6.57 37.61
CA GLN D 511 6.62 -7.40 36.63
C GLN D 511 6.54 -8.80 37.20
N PRO D 512 5.50 -9.12 38.02
CA PRO D 512 5.49 -10.39 38.77
C PRO D 512 4.92 -11.53 37.92
N PHE D 513 5.61 -11.87 36.83
CA PHE D 513 5.26 -13.02 35.98
C PHE D 513 5.35 -14.30 36.80
N PRO D 514 4.38 -15.24 36.66
CA PRO D 514 4.46 -16.49 37.40
C PRO D 514 5.74 -17.23 37.00
N ALA D 515 6.41 -17.84 37.99
CA ALA D 515 7.60 -18.73 37.88
C ALA D 515 8.88 -17.93 37.58
N VAL D 516 8.79 -16.87 36.79
CA VAL D 516 9.98 -16.16 36.24
C VAL D 516 9.75 -14.66 36.36
N PRO D 517 9.47 -14.15 37.58
CA PRO D 517 9.16 -12.73 37.72
C PRO D 517 10.39 -11.90 37.35
N LYS D 518 10.15 -10.66 36.97
CA LYS D 518 11.17 -9.61 36.85
C LYS D 518 10.87 -8.56 37.91
N TRP D 519 11.47 -8.72 39.09
CA TRP D 519 11.32 -7.73 40.18
C TRP D 519 12.02 -6.43 39.78
N SER D 520 11.54 -5.32 40.33
CA SER D 520 12.29 -4.04 40.33
C SER D 520 13.72 -4.35 40.78
N ILE D 521 14.70 -3.95 39.99
CA ILE D 521 16.14 -4.26 40.26
C ILE D 521 16.53 -3.77 41.66
N LYS D 522 15.86 -2.76 42.20
CA LYS D 522 16.15 -2.25 43.57
C LYS D 522 15.59 -3.23 44.60
N LYS D 523 14.35 -3.68 44.40
CA LYS D 523 13.71 -4.64 45.32
C LYS D 523 14.45 -5.98 45.24
N TRP D 524 14.91 -6.37 44.06
CA TRP D 524 15.49 -7.71 43.80
C TRP D 524 16.67 -7.92 44.75
N LEU D 525 17.50 -6.90 44.89
CA LEU D 525 18.72 -6.98 45.72
C LEU D 525 18.36 -7.42 47.13
N SER D 526 17.28 -6.86 47.69
CA SER D 526 16.92 -6.88 49.13
C SER D 526 16.05 -8.09 49.48
N LEU D 527 15.65 -8.92 48.52
CA LEU D 527 14.85 -10.15 48.83
C LEU D 527 15.62 -11.03 49.80
N PRO D 528 14.92 -11.68 50.77
CA PRO D 528 15.60 -12.44 51.83
C PRO D 528 16.53 -13.53 51.28
N GLY D 529 17.80 -13.53 51.72
CA GLY D 529 18.81 -14.54 51.35
C GLY D 529 19.65 -14.14 50.14
N GLU D 530 19.24 -13.10 49.41
CA GLU D 530 19.89 -12.69 48.15
C GLU D 530 21.13 -11.84 48.45
N THR D 531 22.31 -12.33 48.09
CA THR D 531 23.63 -11.71 48.41
C THR D 531 24.27 -11.08 47.18
N ARG D 532 23.83 -11.47 45.98
CA ARG D 532 24.64 -11.32 44.73
C ARG D 532 24.53 -9.92 44.15
N PRO D 533 25.51 -9.49 43.34
CA PRO D 533 25.37 -8.27 42.55
C PRO D 533 24.32 -8.48 41.45
N LEU D 534 23.82 -7.39 40.91
CA LEU D 534 22.80 -7.42 39.83
C LEU D 534 23.33 -6.63 38.64
N ILE D 535 23.51 -7.31 37.52
CA ILE D 535 23.96 -6.68 36.27
C ILE D 535 23.06 -7.20 35.15
N LEU D 536 22.20 -6.34 34.64
CA LEU D 536 21.22 -6.77 33.62
C LEU D 536 22.00 -7.26 32.40
N CYS D 537 21.74 -8.50 31.97
CA CYS D 537 22.41 -9.08 30.79
C CYS D 537 21.85 -8.40 29.53
N GLN D 538 20.65 -7.80 29.65
CA GLN D 538 20.03 -7.01 28.57
C GLN D 538 19.11 -5.99 29.22
N TYR D 539 19.18 -4.73 28.79
CA TYR D 539 18.24 -3.68 29.27
C TYR D 539 18.19 -2.57 28.24
N ALA D 540 17.18 -1.73 28.33
CA ALA D 540 16.99 -0.58 27.43
C ALA D 540 16.94 -1.05 25.96
N HIS D 541 15.87 -1.76 25.61
CA HIS D 541 15.63 -2.26 24.23
C HIS D 541 15.64 -1.08 23.27
N ALA D 542 16.65 -1.00 22.42
CA ALA D 542 16.91 0.14 21.52
C ALA D 542 16.28 -0.06 20.12
N MET D 543 15.02 -0.49 20.06
CA MET D 543 14.33 -0.76 18.78
C MET D 543 13.68 0.53 18.27
N GLY D 544 14.21 1.09 17.19
CA GLY D 544 13.71 2.34 16.60
C GLY D 544 13.89 3.52 17.52
N ASN D 545 12.84 4.34 17.65
CA ASN D 545 12.83 5.54 18.52
C ASN D 545 12.61 5.07 19.96
N SER D 546 13.70 4.84 20.68
CA SER D 546 13.69 4.12 21.97
C SER D 546 14.72 4.73 22.93
N LEU D 547 15.04 3.99 24.00
CA LEU D 547 15.87 4.39 25.16
C LEU D 547 15.17 5.47 25.97
N GLY D 548 13.84 5.53 25.94
CA GLY D 548 13.11 6.30 26.95
C GLY D 548 13.43 5.74 28.32
N GLY D 549 13.66 6.60 29.31
CA GLY D 549 13.84 6.19 30.72
C GLY D 549 15.25 5.72 30.99
N PHE D 550 16.18 5.90 30.04
CA PHE D 550 17.55 5.37 30.18
C PHE D 550 18.21 5.95 31.44
N ALA D 551 17.96 7.23 31.72
CA ALA D 551 18.59 7.95 32.85
C ALA D 551 18.15 7.30 34.18
N LYS D 552 16.91 6.83 34.23
CA LYS D 552 16.34 6.25 35.46
C LYS D 552 17.22 5.09 35.89
N TYR D 553 17.77 4.32 34.94
CA TYR D 553 18.62 3.15 35.25
C TYR D 553 19.94 3.62 35.87
N TRP D 554 20.56 4.63 35.27
CA TRP D 554 21.92 5.05 35.67
C TRP D 554 21.86 5.80 37.00
N GLN D 555 20.76 6.51 37.28
CA GLN D 555 20.54 7.09 38.63
C GLN D 555 20.59 5.95 39.66
N ALA D 556 19.94 4.82 39.34
CA ALA D 556 19.84 3.66 40.26
C ALA D 556 21.20 2.97 40.35
N PHE D 557 21.85 2.75 39.21
CA PHE D 557 23.19 2.13 39.18
C PHE D 557 24.12 2.89 40.13
N ARG D 558 24.05 4.22 40.10
CA ARG D 558 24.98 5.06 40.90
C ARG D 558 24.58 5.05 42.37
N GLN D 559 23.30 4.95 42.69
CA GLN D 559 22.81 5.06 44.08
C GLN D 559 23.00 3.74 44.82
N TYR D 560 22.82 2.59 44.16
CA TYR D 560 22.87 1.24 44.80
C TYR D 560 24.20 0.55 44.49
N PRO D 561 25.05 0.30 45.50
CA PRO D 561 26.31 -0.41 45.28
C PRO D 561 26.19 -1.73 44.50
N ARG D 562 25.26 -2.61 44.87
CA ARG D 562 25.16 -3.94 44.24
C ARG D 562 24.47 -3.85 42.87
N LEU D 563 23.90 -2.71 42.48
CA LEU D 563 23.53 -2.48 41.05
C LEU D 563 24.81 -2.03 40.35
N GLN D 564 25.41 -2.94 39.59
CA GLN D 564 26.70 -2.67 38.91
C GLN D 564 26.48 -2.58 37.40
N GLY D 565 25.29 -2.17 36.97
CA GLY D 565 25.05 -1.73 35.59
C GLY D 565 24.33 -2.75 34.74
N GLY D 566 24.69 -2.82 33.47
CA GLY D 566 24.00 -3.70 32.53
C GLY D 566 24.48 -3.56 31.11
N PHE D 567 24.00 -4.44 30.24
CA PHE D 567 24.37 -4.45 28.80
C PHE D 567 23.14 -4.06 27.99
N VAL D 568 23.22 -2.94 27.29
CA VAL D 568 22.07 -2.48 26.46
C VAL D 568 21.83 -3.46 25.33
N TRP D 569 20.56 -3.72 25.01
CA TRP D 569 20.17 -4.47 23.79
C TRP D 569 19.63 -3.50 22.75
N ASP D 570 20.39 -3.30 21.67
CA ASP D 570 21.73 -3.85 21.49
C ASP D 570 22.53 -2.87 20.64
N TRP D 571 23.70 -3.29 20.17
CA TRP D 571 24.65 -2.38 19.49
C TRP D 571 24.15 -1.97 18.10
N VAL D 572 23.97 -2.93 17.19
CA VAL D 572 23.75 -2.60 15.75
C VAL D 572 22.49 -3.27 15.19
N ASP D 573 21.77 -2.50 14.38
CA ASP D 573 20.59 -2.95 13.61
C ASP D 573 20.99 -4.14 12.74
N GLN D 574 20.27 -5.25 12.85
CA GLN D 574 20.51 -6.44 11.99
C GLN D 574 19.74 -6.27 10.67
N SER D 575 19.85 -5.12 10.01
CA SER D 575 19.24 -4.91 8.68
C SER D 575 20.19 -5.53 7.65
N LEU D 576 19.64 -5.92 6.52
CA LEU D 576 20.45 -6.35 5.37
C LEU D 576 20.13 -5.43 4.19
N ILE D 577 21.06 -5.38 3.25
CA ILE D 577 20.93 -4.55 2.03
C ILE D 577 20.24 -5.36 0.93
N LYS D 578 19.22 -4.78 0.34
CA LYS D 578 18.66 -5.26 -0.95
C LYS D 578 18.83 -4.15 -1.96
N TYR D 579 18.68 -4.47 -3.23
CA TYR D 579 18.83 -3.51 -4.36
C TYR D 579 17.51 -3.41 -5.14
N ASP D 580 17.06 -2.19 -5.42
CA ASP D 580 15.76 -1.92 -6.08
C ASP D 580 15.90 -2.10 -7.60
N GLU D 581 14.90 -1.63 -8.35
CA GLU D 581 14.77 -1.80 -9.83
C GLU D 581 16.00 -1.24 -10.54
N ASN D 582 16.57 -0.14 -10.02
CA ASN D 582 17.73 0.57 -10.63
C ASN D 582 19.06 0.12 -10.00
N GLY D 583 19.04 -0.67 -8.93
CA GLY D 583 20.25 -1.07 -8.19
C GLY D 583 20.66 -0.05 -7.14
N ASN D 584 19.72 0.73 -6.60
CA ASN D 584 19.98 1.52 -5.38
C ASN D 584 19.78 0.59 -4.19
N PRO D 585 20.67 0.63 -3.17
CA PRO D 585 20.52 -0.24 -2.02
C PRO D 585 19.45 0.33 -1.08
N TRP D 586 18.73 -0.56 -0.40
CA TRP D 586 17.85 -0.18 0.72
C TRP D 586 17.98 -1.19 1.87
N SER D 587 17.68 -0.76 3.09
CA SER D 587 17.76 -1.58 4.32
C SER D 587 16.52 -2.46 4.44
N ALA D 588 16.73 -3.76 4.55
CA ALA D 588 15.66 -4.76 4.61
C ALA D 588 15.64 -5.46 5.98
N TYR D 589 14.48 -6.00 6.32
CA TYR D 589 14.27 -6.72 7.59
C TYR D 589 13.43 -7.97 7.34
N GLY D 590 12.89 -8.54 8.41
CA GLY D 590 12.16 -9.81 8.37
C GLY D 590 11.08 -9.82 7.30
N GLY D 591 11.13 -10.86 6.46
CA GLY D 591 10.09 -11.07 5.44
C GLY D 591 10.48 -10.44 4.12
N ASP D 592 11.46 -9.56 4.11
CA ASP D 592 11.86 -8.86 2.86
C ASP D 592 12.58 -9.83 1.91
N PHE D 593 12.72 -11.11 2.24
CA PHE D 593 13.41 -12.12 1.37
C PHE D 593 12.46 -13.28 1.06
N GLY D 594 11.15 -13.06 1.20
CA GLY D 594 10.13 -14.11 1.05
C GLY D 594 10.10 -15.06 2.24
N ASP D 595 10.89 -14.79 3.29
CA ASP D 595 10.98 -15.65 4.49
C ASP D 595 9.69 -15.57 5.29
N THR D 596 9.06 -16.72 5.58
CA THR D 596 7.82 -16.82 6.40
C THR D 596 7.80 -18.16 7.11
N PRO D 597 7.39 -18.18 8.40
CA PRO D 597 7.02 -16.98 9.14
C PRO D 597 8.23 -16.13 9.54
N ASN D 598 7.98 -14.86 9.87
CA ASN D 598 9.06 -13.89 10.19
C ASN D 598 8.58 -12.87 11.21
N ASP D 599 9.54 -12.19 11.82
CA ASP D 599 9.28 -11.24 12.94
C ASP D 599 9.67 -9.82 12.52
N ARG D 600 9.57 -9.54 11.23
CA ARG D 600 9.56 -8.16 10.66
C ARG D 600 10.67 -7.33 11.32
N GLN D 601 10.37 -6.14 11.82
CA GLN D 601 11.41 -5.13 12.14
C GLN D 601 12.08 -5.44 13.49
N PHE D 602 11.76 -6.56 14.12
CA PHE D 602 12.30 -6.89 15.47
C PHE D 602 13.77 -7.31 15.40
N CYS D 603 14.31 -7.47 14.20
CA CYS D 603 15.76 -7.72 14.03
C CYS D 603 16.55 -6.41 14.18
N MET D 604 15.87 -5.26 14.20
CA MET D 604 16.53 -3.94 14.31
C MET D 604 16.34 -3.36 15.72
N ASN D 605 17.35 -3.48 16.58
CA ASN D 605 17.27 -3.05 18.00
C ASN D 605 18.52 -2.26 18.40
N GLY D 606 19.24 -1.68 17.44
CA GLY D 606 20.60 -1.18 17.68
C GLY D 606 20.65 0.29 18.05
N LEU D 607 21.73 0.66 18.73
CA LEU D 607 22.10 2.09 18.94
C LEU D 607 22.65 2.68 17.62
N VAL D 608 23.14 1.83 16.72
CA VAL D 608 23.65 2.29 15.41
C VAL D 608 22.97 1.51 14.32
N PHE D 609 22.76 2.16 13.18
CA PHE D 609 22.27 1.53 11.94
C PHE D 609 23.30 0.51 11.48
N ALA D 610 22.91 -0.36 10.56
CA ALA D 610 23.79 -1.45 10.08
C ALA D 610 25.11 -0.87 9.56
N ASP D 611 25.08 0.28 8.86
CA ASP D 611 26.30 0.95 8.30
C ASP D 611 27.10 1.62 9.43
N ARG D 612 26.67 1.48 10.68
CA ARG D 612 27.38 1.98 11.90
C ARG D 612 27.26 3.51 12.07
N THR D 613 26.34 4.17 11.35
CA THR D 613 25.96 5.55 11.69
C THR D 613 25.06 5.50 12.92
N PRO D 614 25.29 6.36 13.94
CA PRO D 614 24.51 6.30 15.16
C PRO D 614 23.04 6.68 15.01
N HIS D 615 22.22 6.11 15.90
CA HIS D 615 20.84 6.55 16.21
C HIS D 615 20.93 7.71 17.19
N PRO D 616 19.90 8.58 17.28
CA PRO D 616 19.90 9.62 18.29
C PRO D 616 20.11 9.08 19.72
N ALA D 617 19.67 7.85 20.00
CA ALA D 617 19.75 7.25 21.35
C ALA D 617 21.22 7.13 21.81
N LEU D 618 22.15 7.01 20.87
CA LEU D 618 23.56 6.76 21.24
C LEU D 618 24.08 7.90 22.12
N THR D 619 23.76 9.16 21.81
CA THR D 619 24.21 10.33 22.62
C THR D 619 23.69 10.17 24.05
N GLU D 620 22.44 9.75 24.21
CA GLU D 620 21.82 9.61 25.54
C GLU D 620 22.64 8.58 26.34
N ALA D 621 23.06 7.49 25.68
CA ALA D 621 23.91 6.46 26.32
C ALA D 621 25.25 7.10 26.68
N LYS D 622 25.85 7.79 25.73
CA LYS D 622 27.17 8.41 25.94
C LYS D 622 27.14 9.32 27.18
N HIS D 623 26.08 10.11 27.34
CA HIS D 623 25.97 11.11 28.42
C HIS D 623 25.76 10.41 29.77
N GLN D 624 24.85 9.43 29.82
CA GLN D 624 24.48 8.76 31.08
C GLN D 624 25.63 7.85 31.56
N GLN D 625 26.38 7.29 30.61
CA GLN D 625 27.48 6.36 30.91
C GLN D 625 28.79 7.11 31.13
N GLN D 626 28.77 8.45 31.20
CA GLN D 626 30.01 9.25 31.21
C GLN D 626 30.71 9.08 32.56
N PHE D 627 32.04 9.22 32.56
CA PHE D 627 32.92 8.84 33.69
C PHE D 627 33.22 10.04 34.60
N PHE D 628 32.75 11.24 34.24
CA PHE D 628 32.85 12.42 35.11
C PHE D 628 31.46 12.92 35.46
N GLN D 629 31.16 13.02 36.76
CA GLN D 629 29.88 13.53 37.29
C GLN D 629 30.14 14.91 37.88
N PHE D 630 29.15 15.80 37.78
CA PHE D 630 29.30 17.22 38.15
C PHE D 630 28.20 17.66 39.10
N ARG D 631 28.56 18.52 40.04
CA ARG D 631 27.60 19.27 40.88
C ARG D 631 28.03 20.73 40.91
N LEU D 632 27.07 21.62 41.09
CA LEU D 632 27.29 23.09 41.05
C LEU D 632 26.76 23.74 42.33
N SER D 633 27.62 24.52 42.98
CA SER D 633 27.28 25.37 44.16
C SER D 633 27.73 26.80 43.90
N GLY D 634 26.78 27.68 43.54
CA GLY D 634 27.05 29.05 43.13
C GLY D 634 27.89 29.10 41.85
N GLN D 635 29.18 29.43 41.99
CA GLN D 635 30.13 29.50 40.86
C GLN D 635 31.23 28.46 41.04
N THR D 636 30.98 27.42 41.86
CA THR D 636 31.95 26.32 42.11
C THR D 636 31.42 25.01 41.55
N ILE D 637 32.23 24.35 40.73
CA ILE D 637 31.92 23.02 40.12
C ILE D 637 32.66 21.94 40.90
N GLU D 638 31.92 20.94 41.36
CA GLU D 638 32.52 19.73 41.93
C GLU D 638 32.55 18.68 40.83
N VAL D 639 33.76 18.31 40.39
CA VAL D 639 33.96 17.21 39.42
C VAL D 639 34.32 15.95 40.19
N THR D 640 33.58 14.87 39.94
CA THR D 640 33.87 13.54 40.50
C THR D 640 34.23 12.59 39.36
N SER D 641 35.34 11.87 39.51
CA SER D 641 35.75 10.83 38.55
C SER D 641 35.19 9.49 39.01
N GLU D 642 34.59 8.75 38.08
CA GLU D 642 34.14 7.36 38.31
C GLU D 642 35.15 6.38 37.71
N TYR D 643 36.30 6.85 37.22
CA TYR D 643 37.39 5.93 36.83
C TYR D 643 37.91 5.23 38.09
N LEU D 644 38.30 3.96 37.95
CA LEU D 644 38.77 3.15 39.09
C LEU D 644 40.29 3.06 39.15
N PHE D 645 40.99 3.32 38.05
CA PHE D 645 42.45 3.10 37.99
C PHE D 645 43.23 4.31 37.48
N ARG D 646 42.66 5.16 36.63
CA ARG D 646 43.46 6.23 35.98
C ARG D 646 43.11 7.60 36.55
N HIS D 647 44.10 8.51 36.49
CA HIS D 647 43.92 9.96 36.72
C HIS D 647 43.44 10.63 35.43
N SER D 648 43.05 11.91 35.54
CA SER D 648 42.62 12.77 34.40
C SER D 648 43.82 13.28 33.60
N ASP D 649 44.71 12.39 33.16
CA ASP D 649 45.98 12.80 32.52
C ASP D 649 45.78 12.95 31.00
N ASN D 650 44.54 13.16 30.55
CA ASN D 650 44.23 13.49 29.14
C ASN D 650 42.88 14.21 29.09
N GLU D 651 42.69 15.19 29.97
CA GLU D 651 41.37 15.79 30.18
C GLU D 651 41.50 17.27 30.52
N LEU D 652 40.64 18.05 29.88
CA LEU D 652 40.54 19.53 29.99
C LEU D 652 39.06 19.82 30.22
N LEU D 653 38.73 20.77 31.08
CA LEU D 653 37.32 21.18 31.27
C LEU D 653 37.06 22.53 30.61
N HIS D 654 36.34 22.52 29.50
CA HIS D 654 35.88 23.71 28.74
C HIS D 654 34.56 24.16 29.37
N TRP D 655 34.37 25.47 29.56
CA TRP D 655 33.12 26.02 30.14
C TRP D 655 32.64 27.25 29.38
N MET D 656 31.34 27.27 29.08
CA MET D 656 30.67 28.37 28.33
C MET D 656 29.46 28.83 29.14
N VAL D 657 29.35 30.14 29.35
CA VAL D 657 28.12 30.79 29.88
C VAL D 657 27.45 31.53 28.74
N ALA D 658 26.16 31.28 28.52
CA ALA D 658 25.40 31.87 27.39
C ALA D 658 24.04 32.39 27.86
N LEU D 659 23.65 33.55 27.33
CA LEU D 659 22.30 34.16 27.51
C LEU D 659 21.47 33.80 26.28
N ASP D 660 20.44 32.95 26.46
CA ASP D 660 19.50 32.52 25.39
C ASP D 660 20.26 32.30 24.07
N GLY D 661 21.37 31.56 24.15
CA GLY D 661 22.17 31.15 22.98
C GLY D 661 23.39 32.03 22.75
N LYS D 662 23.33 33.30 23.15
CA LYS D 662 24.42 34.30 22.97
C LYS D 662 25.55 34.02 23.96
N PRO D 663 26.77 33.64 23.50
CA PRO D 663 27.88 33.42 24.41
C PRO D 663 28.36 34.73 25.04
N LEU D 664 28.66 34.71 26.34
CA LEU D 664 29.21 35.86 27.09
C LEU D 664 30.62 35.55 27.57
N ALA D 665 30.80 34.47 28.34
CA ALA D 665 32.12 34.08 28.90
C ALA D 665 32.46 32.63 28.54
N SER D 666 33.75 32.37 28.40
CA SER D 666 34.33 31.07 28.04
C SER D 666 35.50 30.82 29.01
N GLY D 667 36.28 29.77 28.79
CA GLY D 667 37.44 29.48 29.63
C GLY D 667 37.74 28.01 29.71
N GLU D 668 38.99 27.68 30.01
CA GLU D 668 39.46 26.28 30.08
C GLU D 668 40.18 26.06 31.40
N VAL D 669 39.97 24.89 31.98
CA VAL D 669 40.59 24.48 33.27
C VAL D 669 41.25 23.11 33.07
N PRO D 670 42.51 22.92 33.48
CA PRO D 670 43.11 21.60 33.42
C PRO D 670 42.39 20.72 34.44
N LEU D 671 42.23 19.43 34.12
CA LEU D 671 41.54 18.47 35.02
C LEU D 671 42.59 17.56 35.61
N ASP D 672 42.55 17.42 36.93
CA ASP D 672 43.52 16.61 37.71
C ASP D 672 42.77 15.85 38.79
N VAL D 673 41.97 14.85 38.40
CA VAL D 673 41.09 14.07 39.32
C VAL D 673 41.63 12.66 39.45
N ALA D 674 41.97 12.29 40.68
CA ALA D 674 42.35 10.91 41.02
C ALA D 674 41.16 10.00 40.75
N PRO D 675 41.40 8.69 40.53
CA PRO D 675 40.29 7.75 40.42
C PRO D 675 39.41 7.82 41.68
N GLN D 676 38.10 7.92 41.49
CA GLN D 676 37.07 7.96 42.56
C GLN D 676 37.22 9.26 43.34
N GLY D 677 38.01 10.21 42.85
CA GLY D 677 38.31 11.45 43.58
C GLY D 677 37.40 12.61 43.17
N LYS D 678 37.73 13.78 43.69
CA LYS D 678 36.97 15.04 43.47
C LYS D 678 37.96 16.18 43.21
N GLN D 679 37.56 17.10 42.36
CA GLN D 679 38.30 18.35 42.12
C GLN D 679 37.28 19.48 42.16
N LEU D 680 37.56 20.49 42.97
CA LEU D 680 36.72 21.70 43.02
C LEU D 680 37.31 22.74 42.07
N ILE D 681 36.43 23.42 41.32
CA ILE D 681 36.84 24.50 40.38
C ILE D 681 35.98 25.73 40.64
N GLU D 682 36.60 26.84 41.06
CA GLU D 682 35.90 28.13 41.23
C GLU D 682 35.99 28.88 39.91
N LEU D 683 34.86 29.25 39.33
CA LEU D 683 34.84 29.94 38.01
C LEU D 683 35.13 31.42 38.23
N PRO D 684 35.81 32.09 37.28
CA PRO D 684 35.99 33.54 37.36
C PRO D 684 34.66 34.28 37.51
N GLU D 685 34.66 35.47 38.11
CA GLU D 685 33.45 36.31 38.28
C GLU D 685 32.75 36.35 36.91
N LEU D 686 31.61 35.67 36.80
CA LEU D 686 30.90 35.47 35.52
C LEU D 686 30.10 36.73 35.22
N PRO D 687 29.75 36.99 33.94
CA PRO D 687 28.97 38.18 33.59
C PRO D 687 27.52 38.09 34.10
N GLN D 688 27.02 39.16 34.70
CA GLN D 688 25.70 39.21 35.37
C GLN D 688 24.84 40.26 34.68
N PRO D 689 24.46 40.04 33.40
CA PRO D 689 23.89 41.11 32.58
C PRO D 689 22.41 41.34 32.92
N GLU D 690 21.95 42.58 32.77
CA GLU D 690 20.58 43.01 33.15
C GLU D 690 19.53 42.55 32.12
N SER D 691 19.90 42.32 30.85
CA SER D 691 18.97 41.99 29.73
C SER D 691 18.24 40.67 30.01
N ALA D 692 17.00 40.57 29.52
CA ALA D 692 16.10 39.44 29.83
C ALA D 692 16.69 38.12 29.30
N GLY D 693 16.24 37.01 29.87
CA GLY D 693 16.54 35.66 29.37
C GLY D 693 17.09 34.74 30.44
N GLN D 694 17.36 33.50 30.06
CA GLN D 694 17.94 32.47 30.95
C GLN D 694 19.45 32.43 30.71
N LEU D 695 20.20 32.51 31.78
CA LEU D 695 21.67 32.33 31.72
C LEU D 695 21.98 30.86 31.98
N TRP D 696 22.75 30.24 31.08
CA TRP D 696 23.04 28.79 31.12
C TRP D 696 24.54 28.59 31.27
N LEU D 697 24.92 27.65 32.13
CA LEU D 697 26.32 27.21 32.24
C LEU D 697 26.40 25.83 31.58
N THR D 698 27.41 25.65 30.76
CA THR D 698 27.68 24.38 30.04
C THR D 698 29.15 24.03 30.27
N VAL D 699 29.42 22.80 30.72
CA VAL D 699 30.81 22.32 30.87
C VAL D 699 30.98 21.08 29.99
N ARG D 700 32.13 20.96 29.37
CA ARG D 700 32.49 19.80 28.53
C ARG D 700 33.85 19.32 29.02
N VAL D 701 34.05 18.01 29.04
CA VAL D 701 35.40 17.44 29.23
C VAL D 701 35.95 17.14 27.83
N VAL D 702 37.17 17.61 27.59
CA VAL D 702 37.83 17.50 26.27
C VAL D 702 39.11 16.73 26.48
N GLN D 703 39.36 15.74 25.63
CA GLN D 703 40.64 15.00 25.58
C GLN D 703 41.55 15.68 24.57
N PRO D 704 42.56 16.45 25.00
CA PRO D 704 43.36 17.22 24.05
C PRO D 704 44.20 16.30 23.16
N ASN D 705 44.62 15.13 23.68
CA ASN D 705 45.55 14.22 22.98
C ASN D 705 44.80 13.04 22.36
N ALA D 706 45.26 12.60 21.19
CA ALA D 706 44.78 11.36 20.54
C ALA D 706 45.11 10.16 21.43
N THR D 707 44.23 9.17 21.38
CA THR D 707 44.43 7.83 21.99
C THR D 707 44.35 6.79 20.87
N ALA D 708 44.48 5.52 21.23
CA ALA D 708 44.31 4.40 20.27
C ALA D 708 42.86 4.32 19.79
N TRP D 709 41.90 4.87 20.55
CA TRP D 709 40.44 4.74 20.29
C TRP D 709 39.77 6.10 20.02
N SER D 710 40.53 7.19 20.03
CA SER D 710 39.97 8.56 20.10
C SER D 710 40.82 9.49 19.24
N GLU D 711 40.21 10.55 18.72
CA GLU D 711 40.91 11.64 18.03
C GLU D 711 41.19 12.76 19.02
N ALA D 712 42.03 13.72 18.65
CA ALA D 712 42.30 14.95 19.44
C ALA D 712 41.04 15.82 19.49
N GLY D 713 40.72 16.31 20.69
CA GLY D 713 39.58 17.21 20.89
C GLY D 713 38.29 16.48 21.19
N HIS D 714 38.37 15.15 21.29
CA HIS D 714 37.22 14.26 21.60
C HIS D 714 36.57 14.73 22.90
N ILE D 715 35.25 14.87 22.87
CA ILE D 715 34.41 15.20 24.06
C ILE D 715 33.88 13.91 24.69
N SER D 716 34.13 13.75 26.00
CA SER D 716 33.85 12.50 26.76
C SER D 716 32.72 12.68 27.78
N ALA D 717 32.37 13.91 28.14
CA ALA D 717 31.30 14.17 29.14
C ALA D 717 30.88 15.63 29.07
N TRP D 718 29.70 15.92 29.60
CA TRP D 718 29.19 17.29 29.68
C TRP D 718 28.04 17.35 30.68
N GLN D 719 27.65 18.57 31.01
CA GLN D 719 26.53 18.84 31.94
C GLN D 719 26.13 20.31 31.78
N GLN D 720 24.89 20.60 32.14
CA GLN D 720 24.31 21.95 31.98
C GLN D 720 23.59 22.36 33.26
N TRP D 721 23.60 23.65 33.55
CA TRP D 721 22.74 24.22 34.62
C TRP D 721 22.17 25.56 34.17
N ARG D 722 20.94 25.86 34.57
CA ARG D 722 20.43 27.24 34.50
C ARG D 722 21.02 27.99 35.70
N LEU D 723 21.69 29.10 35.43
CA LEU D 723 22.09 30.07 36.46
C LEU D 723 20.92 31.04 36.60
N ALA D 724 21.20 32.33 36.49
CA ALA D 724 20.17 33.36 36.74
C ALA D 724 19.14 33.38 35.60
N GLU D 725 17.94 33.87 35.91
CA GLU D 725 16.91 34.22 34.90
C GLU D 725 16.46 35.65 35.16
N ASN D 726 16.24 36.38 34.08
CA ASN D 726 15.70 37.75 34.13
C ASN D 726 14.39 37.72 33.36
N LEU D 727 13.28 37.74 34.07
CA LEU D 727 11.96 37.86 33.43
C LEU D 727 11.83 39.21 32.74
N SER D 728 11.39 39.18 31.49
CA SER D 728 11.19 40.40 30.67
C SER D 728 9.94 41.10 31.19
N VAL D 729 10.07 42.41 31.46
CA VAL D 729 8.96 43.26 31.97
C VAL D 729 8.72 44.42 31.01
N THR D 730 9.51 44.50 29.95
CA THR D 730 9.41 45.59 28.95
C THR D 730 8.16 45.37 28.11
N LEU D 731 7.36 46.43 27.92
CA LEU D 731 6.26 46.41 26.92
C LEU D 731 6.87 46.46 25.53
N PRO D 732 6.49 45.54 24.59
CA PRO D 732 6.73 45.77 23.16
C PRO D 732 5.92 46.99 22.74
N ALA D 733 6.51 47.87 21.94
CA ALA D 733 5.95 49.20 21.60
C ALA D 733 4.61 49.02 20.88
N ALA D 734 3.59 49.76 21.31
CA ALA D 734 2.29 49.85 20.61
C ALA D 734 2.55 50.44 19.22
N SER D 735 1.93 49.85 18.19
CA SER D 735 2.21 50.17 16.77
C SER D 735 1.25 51.25 16.29
N HIS D 736 1.66 51.99 15.26
CA HIS D 736 0.87 53.11 14.68
C HIS D 736 -0.18 52.56 13.71
N ALA D 737 -0.43 51.23 13.70
CA ALA D 737 -1.44 50.59 12.84
C ALA D 737 -2.27 49.59 13.64
N ILE D 738 -3.50 49.37 13.18
CA ILE D 738 -4.49 48.48 13.85
C ILE D 738 -4.93 47.46 12.80
N PRO D 739 -4.98 46.16 13.13
CA PRO D 739 -5.45 45.15 12.18
C PRO D 739 -6.96 45.23 11.96
N HIS D 740 -7.36 45.01 10.71
CA HIS D 740 -8.73 45.25 10.19
C HIS D 740 -9.43 43.91 10.02
N LEU D 741 -10.58 43.76 10.66
CA LEU D 741 -11.41 42.54 10.54
C LEU D 741 -12.43 42.78 9.42
N THR D 742 -12.53 41.79 8.54
CA THR D 742 -13.55 41.75 7.48
C THR D 742 -14.29 40.42 7.65
N THR D 743 -15.60 40.50 7.75
CA THR D 743 -16.50 39.37 8.06
C THR D 743 -17.31 39.02 6.82
N SER D 744 -17.10 37.80 6.32
CA SER D 744 -18.00 37.13 5.37
C SER D 744 -18.85 36.10 6.12
N GLU D 745 -19.85 35.51 5.49
CA GLU D 745 -20.69 34.46 6.15
C GLU D 745 -19.80 33.25 6.42
N MET D 746 -18.74 33.05 5.64
CA MET D 746 -17.95 31.79 5.68
C MET D 746 -16.49 32.04 6.05
N ASP D 747 -16.11 33.29 6.29
CA ASP D 747 -14.70 33.59 6.69
C ASP D 747 -14.65 34.79 7.64
N PHE D 748 -13.70 34.73 8.56
CA PHE D 748 -13.10 35.91 9.24
C PHE D 748 -11.74 36.13 8.60
N CYS D 749 -11.59 37.24 7.88
CA CYS D 749 -10.29 37.60 7.29
C CYS D 749 -9.74 38.81 8.04
N ILE D 750 -8.42 38.82 8.18
CA ILE D 750 -7.68 39.82 9.01
C ILE D 750 -6.56 40.35 8.14
N GLU D 751 -6.51 41.68 7.99
CA GLU D 751 -5.54 42.36 7.10
C GLU D 751 -4.70 43.29 7.96
N LEU D 752 -3.40 43.31 7.71
CA LEU D 752 -2.50 44.33 8.31
C LEU D 752 -1.30 44.51 7.39
N GLY D 753 -1.30 45.60 6.61
CA GLY D 753 -0.27 45.90 5.60
C GLY D 753 -0.10 44.75 4.61
N ASN D 754 1.12 44.20 4.55
CA ASN D 754 1.52 42.98 3.79
C ASN D 754 0.54 41.81 4.00
N LYS D 755 0.15 41.59 5.26
CA LYS D 755 -0.25 40.25 5.77
C LYS D 755 -1.76 40.15 5.90
N ARG D 756 -2.30 38.97 5.54
CA ARG D 756 -3.72 38.60 5.71
C ARG D 756 -3.77 37.26 6.46
N TRP D 757 -4.80 37.05 7.27
CA TRP D 757 -5.07 35.78 7.97
C TRP D 757 -6.52 35.39 7.68
N GLN D 758 -6.75 34.13 7.29
CA GLN D 758 -8.11 33.67 6.92
C GLN D 758 -8.53 32.54 7.83
N PHE D 759 -9.62 32.75 8.55
CA PHE D 759 -10.24 31.72 9.42
C PHE D 759 -11.52 31.23 8.76
N ASN D 760 -11.60 29.93 8.56
CA ASN D 760 -12.79 29.26 7.98
C ASN D 760 -13.82 29.07 9.10
N ARG D 761 -15.01 29.64 8.91
CA ARG D 761 -16.06 29.67 9.95
C ARG D 761 -16.88 28.37 9.96
N GLN D 762 -16.79 27.52 8.94
CA GLN D 762 -17.46 26.20 8.97
C GLN D 762 -16.57 25.21 9.73
N SER D 763 -15.27 25.19 9.45
CA SER D 763 -14.26 24.30 10.11
C SER D 763 -13.85 24.86 11.47
N GLY D 764 -13.54 26.15 11.54
CA GLY D 764 -13.10 26.81 12.78
C GLY D 764 -11.59 26.87 12.89
N PHE D 765 -10.87 26.71 11.77
CA PHE D 765 -9.40 26.69 11.75
C PHE D 765 -8.86 27.86 10.93
N LEU D 766 -7.61 28.24 11.22
CA LEU D 766 -6.82 29.16 10.38
C LEU D 766 -6.50 28.41 9.09
N SER D 767 -7.18 28.74 7.98
CA SER D 767 -7.11 27.97 6.71
C SER D 767 -6.02 28.51 5.80
N GLN D 768 -5.66 29.79 5.90
CA GLN D 768 -4.62 30.35 5.00
C GLN D 768 -4.02 31.60 5.61
N MET D 769 -2.83 31.95 5.12
CA MET D 769 -2.06 33.10 5.61
C MET D 769 -1.23 33.61 4.43
N TRP D 770 -1.20 34.92 4.27
CA TRP D 770 -0.55 35.58 3.12
C TRP D 770 0.57 36.52 3.58
N ILE D 771 1.68 36.52 2.84
CA ILE D 771 2.61 37.68 2.83
C ILE D 771 2.70 38.17 1.39
N GLY D 772 2.09 39.33 1.11
CA GLY D 772 1.90 39.82 -0.26
C GLY D 772 0.99 38.88 -1.03
N ASP D 773 1.37 38.52 -2.25
CA ASP D 773 0.62 37.57 -3.12
C ASP D 773 0.87 36.13 -2.61
N LYS D 774 2.02 35.87 -1.95
CA LYS D 774 2.51 34.50 -1.63
C LYS D 774 1.71 33.91 -0.46
N LYS D 775 1.01 32.80 -0.71
CA LYS D 775 0.29 32.05 0.34
C LYS D 775 1.29 31.14 1.06
N GLN D 776 0.99 30.82 2.33
CA GLN D 776 1.95 30.21 3.27
C GLN D 776 1.49 28.83 3.78
N LEU D 777 0.25 28.41 3.54
CA LEU D 777 -0.23 27.09 4.04
C LEU D 777 -0.77 26.24 2.90
N LEU D 778 -0.54 24.93 2.96
CA LEU D 778 -1.13 23.92 2.04
C LEU D 778 -2.18 23.10 2.80
N THR D 779 -2.07 23.05 4.11
CA THR D 779 -3.07 22.42 5.01
C THR D 779 -3.36 23.43 6.10
N PRO D 780 -4.61 23.56 6.56
CA PRO D 780 -4.89 24.43 7.70
C PRO D 780 -4.12 24.03 8.96
N LEU D 781 -4.18 24.89 9.96
CA LEU D 781 -3.54 24.65 11.27
C LEU D 781 -4.61 24.04 12.17
N ARG D 782 -4.43 22.78 12.51
CA ARG D 782 -5.41 22.02 13.33
C ARG D 782 -4.68 21.38 14.52
N ASP D 783 -5.44 21.08 15.55
CA ASP D 783 -4.95 20.28 16.70
C ASP D 783 -4.59 18.87 16.19
N GLN D 784 -3.66 18.22 16.89
CA GLN D 784 -3.27 16.82 16.62
C GLN D 784 -3.04 16.15 17.98
N PHE D 785 -3.63 14.98 18.16
CA PHE D 785 -3.56 14.23 19.44
C PHE D 785 -2.93 12.85 19.25
N THR D 786 -2.37 12.62 18.06
CA THR D 786 -1.82 11.31 17.66
C THR D 786 -0.45 11.48 17.01
N ARG D 787 0.35 10.43 17.10
CA ARG D 787 1.66 10.40 16.42
C ARG D 787 1.71 9.10 15.63
N ALA D 788 2.52 9.10 14.58
CA ALA D 788 2.84 7.86 13.85
C ALA D 788 3.49 6.93 14.88
N PRO D 789 2.92 5.73 15.07
CA PRO D 789 3.28 4.89 16.19
C PRO D 789 4.75 4.47 16.14
N LEU D 790 5.43 4.59 17.28
CA LEU D 790 6.83 4.13 17.40
C LEU D 790 6.80 2.60 17.52
N ASP D 791 7.95 1.97 17.30
CA ASP D 791 8.11 0.51 17.52
C ASP D 791 7.64 0.18 18.93
N ASN D 792 7.90 1.06 19.89
CA ASN D 792 7.48 0.82 21.31
C ASN D 792 5.97 0.93 21.47
N ASP D 793 5.30 1.75 20.66
CA ASP D 793 3.82 1.90 20.71
C ASP D 793 3.15 0.69 20.05
N ILE D 794 3.82 0.06 19.09
CA ILE D 794 3.19 -1.08 18.35
C ILE D 794 3.40 -2.35 19.18
N GLY D 795 4.60 -2.55 19.70
CA GLY D 795 4.94 -3.82 20.36
C GLY D 795 4.92 -4.93 19.34
N VAL D 796 4.31 -6.05 19.70
CA VAL D 796 4.18 -7.25 18.81
C VAL D 796 2.77 -7.32 18.24
N SER D 797 2.00 -6.23 18.32
CA SER D 797 0.68 -6.12 17.64
C SER D 797 0.90 -6.16 16.12
N GLU D 798 0.10 -6.97 15.43
CA GLU D 798 0.08 -7.05 13.94
C GLU D 798 -1.37 -6.99 13.46
N ALA D 799 -1.55 -6.63 12.19
CA ALA D 799 -2.89 -6.51 11.58
C ALA D 799 -3.69 -7.78 11.84
N THR D 800 -3.05 -8.95 11.77
CA THR D 800 -3.72 -10.27 11.84
C THR D 800 -3.85 -10.79 13.29
N ARG D 801 -2.82 -10.62 14.13
CA ARG D 801 -2.91 -11.02 15.57
C ARG D 801 -2.68 -9.81 16.47
N ILE D 802 -3.74 -9.02 16.68
CA ILE D 802 -3.74 -7.74 17.45
C ILE D 802 -3.41 -8.03 18.91
N ASP D 803 -2.63 -7.15 19.54
CA ASP D 803 -2.48 -7.13 21.02
C ASP D 803 -3.23 -5.93 21.57
N PRO D 804 -4.39 -6.12 22.22
CA PRO D 804 -5.20 -4.99 22.65
C PRO D 804 -4.52 -4.09 23.69
N ASN D 805 -3.42 -4.55 24.29
CA ASN D 805 -2.76 -3.83 25.41
C ASN D 805 -1.61 -2.94 24.91
N ALA D 806 -1.25 -3.03 23.63
CA ALA D 806 -0.27 -2.09 23.04
C ALA D 806 -0.89 -0.69 22.96
N TRP D 807 -0.07 0.34 23.09
CA TRP D 807 -0.54 1.74 23.02
C TRP D 807 -1.26 1.95 21.68
N VAL D 808 -0.66 1.53 20.57
CA VAL D 808 -1.22 1.83 19.22
C VAL D 808 -2.66 1.28 19.14
N GLU D 809 -2.93 0.15 19.78
CA GLU D 809 -4.23 -0.56 19.66
C GLU D 809 -5.26 0.07 20.61
N ARG D 810 -4.82 0.51 21.78
CA ARG D 810 -5.70 1.24 22.72
C ARG D 810 -6.13 2.54 22.05
N TRP D 811 -5.19 3.25 21.41
CA TRP D 811 -5.51 4.50 20.65
C TRP D 811 -6.48 4.18 19.51
N LYS D 812 -6.15 3.16 18.71
CA LYS D 812 -6.99 2.76 17.56
C LYS D 812 -8.39 2.46 18.09
N ALA D 813 -8.50 1.56 19.05
CA ALA D 813 -9.82 1.13 19.55
C ALA D 813 -10.65 2.33 20.06
N ALA D 814 -9.99 3.39 20.56
CA ALA D 814 -10.70 4.55 21.16
C ALA D 814 -11.06 5.55 20.07
N GLY D 815 -10.55 5.37 18.85
CA GLY D 815 -10.87 6.24 17.70
C GLY D 815 -9.95 7.44 17.59
N HIS D 816 -8.89 7.48 18.39
CA HIS D 816 -7.96 8.62 18.36
C HIS D 816 -7.61 8.92 16.91
N TYR D 817 -7.36 7.89 16.09
CA TYR D 817 -6.78 8.07 14.74
C TYR D 817 -7.87 8.46 13.74
N GLN D 818 -9.15 8.20 14.02
CA GLN D 818 -10.20 8.53 13.02
C GLN D 818 -11.20 9.51 13.60
N ALA D 819 -10.83 10.29 14.62
CA ALA D 819 -11.76 11.25 15.27
C ALA D 819 -11.91 12.50 14.40
N GLU D 820 -13.15 12.93 14.18
CA GLU D 820 -13.49 14.14 13.36
C GLU D 820 -13.71 15.29 14.33
N ALA D 821 -13.26 16.49 13.93
CA ALA D 821 -13.44 17.74 14.71
C ALA D 821 -14.83 18.29 14.44
N ALA D 822 -15.57 18.61 15.48
CA ALA D 822 -16.92 19.22 15.33
C ALA D 822 -16.88 20.61 15.92
N LEU D 823 -17.23 21.62 15.10
CA LEU D 823 -17.13 23.03 15.51
C LEU D 823 -18.23 23.34 16.51
N LEU D 824 -17.85 23.81 17.70
CA LEU D 824 -18.82 24.22 18.74
C LEU D 824 -18.97 25.75 18.71
N GLN D 825 -17.87 26.48 18.53
CA GLN D 825 -17.86 27.95 18.70
C GLN D 825 -16.84 28.54 17.73
N CYS D 826 -17.18 29.65 17.09
CA CYS D 826 -16.19 30.41 16.29
C CYS D 826 -16.63 31.86 16.15
N THR D 827 -15.99 32.74 16.91
CA THR D 827 -16.41 34.14 17.06
C THR D 827 -15.23 35.05 16.78
N ALA D 828 -15.51 36.24 16.29
CA ALA D 828 -14.54 37.33 16.12
C ALA D 828 -14.98 38.52 16.97
N ASP D 829 -14.01 39.33 17.36
CA ASP D 829 -14.24 40.54 18.18
C ASP D 829 -13.17 41.53 17.79
N THR D 830 -13.51 42.80 17.86
CA THR D 830 -12.57 43.91 17.62
C THR D 830 -12.15 44.50 18.97
N LEU D 831 -10.84 44.61 19.19
CA LEU D 831 -10.27 45.28 20.37
C LEU D 831 -9.62 46.59 19.92
N ALA D 832 -9.21 47.41 20.88
CA ALA D 832 -8.56 48.72 20.65
C ALA D 832 -7.42 48.54 19.64
N ASP D 833 -6.58 47.52 19.81
CA ASP D 833 -5.26 47.41 19.14
C ASP D 833 -5.08 46.05 18.45
N ALA D 834 -6.13 45.22 18.38
CA ALA D 834 -6.03 43.83 17.91
C ALA D 834 -7.39 43.25 17.56
N VAL D 835 -7.36 42.15 16.80
CA VAL D 835 -8.54 41.30 16.51
C VAL D 835 -8.34 39.96 17.22
N LEU D 836 -9.42 39.47 17.82
CA LEU D 836 -9.39 38.25 18.66
C LEU D 836 -10.37 37.24 18.10
N ILE D 837 -9.86 36.09 17.67
CA ILE D 837 -10.69 34.97 17.19
C ILE D 837 -10.72 33.89 18.26
N THR D 838 -11.92 33.43 18.60
CA THR D 838 -12.17 32.46 19.70
C THR D 838 -12.84 31.22 19.11
N THR D 839 -12.24 30.05 19.32
CA THR D 839 -12.79 28.82 18.76
C THR D 839 -12.96 27.80 19.86
N ALA D 840 -13.76 26.79 19.57
CA ALA D 840 -13.95 25.61 20.43
C ALA D 840 -14.39 24.43 19.57
N HIS D 841 -13.59 23.36 19.58
CA HIS D 841 -13.90 22.11 18.87
C HIS D 841 -14.02 20.96 19.85
N ALA D 842 -14.85 19.97 19.50
CA ALA D 842 -14.87 18.66 20.17
C ALA D 842 -14.44 17.61 19.14
N TRP D 843 -13.55 16.69 19.54
CA TRP D 843 -13.21 15.49 18.76
C TRP D 843 -13.97 14.28 19.29
N GLN D 844 -14.80 13.66 18.45
CA GLN D 844 -15.72 12.58 18.87
C GLN D 844 -15.44 11.33 18.05
N HIS D 845 -15.91 10.21 18.56
CA HIS D 845 -15.82 8.88 17.89
C HIS D 845 -16.91 7.95 18.44
N GLN D 846 -17.84 7.57 17.55
CA GLN D 846 -18.99 6.70 17.90
C GLN D 846 -19.70 7.27 19.13
N GLY D 847 -19.93 8.59 19.14
CA GLY D 847 -20.80 9.24 20.15
C GLY D 847 -20.04 9.71 21.37
N LYS D 848 -18.83 9.19 21.60
CA LYS D 848 -17.99 9.57 22.76
C LYS D 848 -17.16 10.80 22.37
N THR D 849 -17.18 11.83 23.22
CA THR D 849 -16.29 13.02 23.10
C THR D 849 -14.93 12.72 23.75
N LEU D 850 -13.86 12.67 22.95
CA LEU D 850 -12.50 12.35 23.45
C LEU D 850 -11.79 13.63 23.91
N PHE D 851 -11.71 14.63 23.03
CA PHE D 851 -10.97 15.87 23.33
C PHE D 851 -11.87 17.05 23.09
N ILE D 852 -11.62 18.11 23.84
CA ILE D 852 -12.12 19.47 23.55
C ILE D 852 -10.93 20.40 23.54
N SER D 853 -10.91 21.36 22.62
CA SER D 853 -9.83 22.36 22.45
C SER D 853 -10.47 23.73 22.33
N ARG D 854 -10.13 24.64 23.23
CA ARG D 854 -10.63 26.02 23.17
C ARG D 854 -9.43 26.93 22.90
N LYS D 855 -9.50 27.67 21.81
CA LYS D 855 -8.37 28.53 21.40
C LYS D 855 -8.81 29.98 21.32
N THR D 856 -7.81 30.85 21.45
CA THR D 856 -7.90 32.30 21.17
C THR D 856 -6.71 32.66 20.30
N TYR D 857 -6.99 33.13 19.09
CA TYR D 857 -5.99 33.72 18.20
C TYR D 857 -6.11 35.23 18.38
N ARG D 858 -5.03 35.88 18.79
CA ARG D 858 -5.00 37.35 18.99
C ARG D 858 -3.92 37.89 18.07
N ILE D 859 -4.34 38.59 17.02
CA ILE D 859 -3.40 39.23 16.06
C ILE D 859 -3.41 40.73 16.33
N ASP D 860 -2.25 41.31 16.55
CA ASP D 860 -2.11 42.70 17.03
C ASP D 860 -1.35 43.52 15.98
N GLY D 861 -1.16 44.81 16.27
CA GLY D 861 -0.62 45.78 15.30
C GLY D 861 0.79 45.45 14.85
N SER D 862 1.49 44.56 15.55
CA SER D 862 2.91 44.22 15.25
C SER D 862 2.97 43.03 14.30
N GLY D 863 1.81 42.52 13.84
CA GLY D 863 1.78 41.34 12.94
C GLY D 863 2.06 40.05 13.67
N GLN D 864 1.91 40.06 15.00
CA GLN D 864 2.16 38.85 15.84
C GLN D 864 0.81 38.19 16.11
N MET D 865 0.77 36.87 15.94
CA MET D 865 -0.45 36.09 16.20
C MET D 865 -0.20 35.28 17.47
N ALA D 866 -0.90 35.63 18.54
CA ALA D 866 -0.79 34.96 19.85
C ALA D 866 -1.87 33.90 19.95
N ILE D 867 -1.46 32.62 19.95
CA ILE D 867 -2.39 31.47 20.02
C ILE D 867 -2.35 30.90 21.43
N THR D 868 -3.53 30.83 22.06
CA THR D 868 -3.74 30.23 23.38
C THR D 868 -4.58 28.98 23.20
N VAL D 869 -4.10 27.84 23.69
CA VAL D 869 -4.79 26.54 23.53
C VAL D 869 -5.08 25.97 24.92
N ASP D 870 -6.32 25.54 25.13
CA ASP D 870 -6.76 24.90 26.39
C ASP D 870 -7.53 23.63 26.06
N VAL D 871 -6.91 22.49 26.35
CA VAL D 871 -7.38 21.16 25.90
C VAL D 871 -7.88 20.37 27.11
N GLU D 872 -9.08 19.81 26.96
CA GLU D 872 -9.60 18.76 27.86
C GLU D 872 -9.35 17.40 27.21
N VAL D 873 -9.05 16.41 28.03
CA VAL D 873 -8.98 15.01 27.59
C VAL D 873 -9.87 14.21 28.53
N ALA D 874 -10.81 13.47 27.96
CA ALA D 874 -11.67 12.54 28.73
C ALA D 874 -10.76 11.63 29.56
N SER D 875 -11.07 11.52 30.86
CA SER D 875 -10.25 10.76 31.85
C SER D 875 -10.22 9.27 31.51
N ASP D 876 -11.25 8.75 30.82
CA ASP D 876 -11.41 7.29 30.56
C ASP D 876 -11.04 6.94 29.12
N THR D 877 -10.50 7.88 28.35
CA THR D 877 -9.90 7.54 27.03
C THR D 877 -8.44 7.27 27.32
N PRO D 878 -7.75 6.43 26.52
CA PRO D 878 -6.30 6.28 26.67
C PRO D 878 -5.56 7.62 26.50
N HIS D 879 -4.59 7.85 27.39
CA HIS D 879 -3.79 9.10 27.40
C HIS D 879 -3.22 9.31 25.99
N PRO D 880 -3.42 10.50 25.39
CA PRO D 880 -3.00 10.73 24.00
C PRO D 880 -1.48 10.79 23.85
N ALA D 881 -1.00 10.62 22.61
CA ALA D 881 0.44 10.59 22.28
C ALA D 881 1.05 12.01 22.32
N ARG D 882 0.25 13.00 21.98
CA ARG D 882 0.72 14.40 21.93
C ARG D 882 -0.49 15.32 22.12
N ILE D 883 -0.19 16.56 22.42
CA ILE D 883 -1.20 17.65 22.41
C ILE D 883 -0.49 18.84 21.80
N GLY D 884 -0.74 19.05 20.52
CA GLY D 884 -0.24 20.23 19.81
C GLY D 884 -1.04 20.52 18.57
N LEU D 885 -0.46 21.32 17.70
CA LEU D 885 -1.05 21.69 16.41
C LEU D 885 -0.09 21.21 15.36
N ASN D 886 -0.59 21.11 14.13
CA ASN D 886 0.27 20.76 12.99
C ASN D 886 -0.31 21.43 11.75
N CYS D 887 0.55 21.67 10.79
CA CYS D 887 0.19 22.33 9.51
C CYS D 887 1.22 21.93 8.46
N GLN D 888 0.85 22.08 7.20
CA GLN D 888 1.78 21.90 6.05
C GLN D 888 2.09 23.27 5.52
N LEU D 889 3.34 23.69 5.64
CA LEU D 889 3.77 25.02 5.17
C LEU D 889 4.03 24.95 3.69
N ALA D 890 3.83 26.05 2.98
CA ALA D 890 4.23 26.18 1.57
C ALA D 890 5.75 26.17 1.48
N GLN D 891 6.44 26.97 2.30
CA GLN D 891 7.91 27.19 2.14
C GLN D 891 8.64 25.85 2.36
N VAL D 892 9.74 25.68 1.62
CA VAL D 892 10.79 24.67 1.90
C VAL D 892 12.12 25.42 2.01
N ALA D 893 12.63 25.52 3.23
CA ALA D 893 13.89 26.23 3.52
C ALA D 893 15.01 25.23 3.77
N GLU D 894 16.24 25.68 3.55
CA GLU D 894 17.42 24.80 3.61
C GLU D 894 17.76 24.59 5.08
N ARG D 895 17.44 25.56 5.94
CA ARG D 895 17.94 25.53 7.33
C ARG D 895 16.77 25.49 8.29
N VAL D 896 17.02 25.01 9.50
CA VAL D 896 16.13 25.12 10.68
C VAL D 896 16.95 25.65 11.86
N ASN D 897 16.45 26.69 12.48
CA ASN D 897 17.16 27.40 13.56
C ASN D 897 16.22 27.39 14.75
N TRP D 898 16.68 26.90 15.90
CA TRP D 898 15.83 26.90 17.10
C TRP D 898 16.65 27.15 18.35
N LEU D 899 15.97 27.71 19.34
CA LEU D 899 16.53 27.94 20.70
C LEU D 899 15.88 26.94 21.65
N GLY D 900 16.59 25.86 21.97
CA GLY D 900 16.07 24.82 22.87
C GLY D 900 17.01 23.64 22.91
N LEU D 901 16.50 22.48 23.33
CA LEU D 901 17.35 21.31 23.60
C LEU D 901 17.69 20.67 22.27
N GLY D 902 18.97 20.42 22.05
CA GLY D 902 19.50 19.75 20.86
C GLY D 902 20.99 19.45 21.02
N PRO D 903 21.74 19.32 19.92
CA PRO D 903 21.19 19.44 18.56
C PRO D 903 20.32 18.27 18.07
N GLN D 904 20.57 17.08 18.60
CA GLN D 904 19.98 15.82 18.10
C GLN D 904 18.54 15.68 18.59
N GLU D 905 17.83 14.71 17.99
CA GLU D 905 16.46 14.31 18.36
C GLU D 905 16.41 14.00 19.85
N ASN D 906 15.34 14.46 20.52
CA ASN D 906 15.16 14.24 21.97
C ASN D 906 13.69 14.27 22.32
N TYR D 907 13.29 13.37 23.22
CA TYR D 907 11.90 13.19 23.71
C TYR D 907 11.88 13.30 25.23
N PRO D 908 10.71 13.58 25.83
CA PRO D 908 10.62 13.82 27.27
C PRO D 908 11.36 12.83 28.18
N ASP D 909 11.28 11.54 27.90
CA ASP D 909 12.03 10.52 28.67
C ASP D 909 13.35 10.17 27.97
N ARG D 910 13.84 11.03 27.07
CA ARG D 910 15.20 10.87 26.48
C ARG D 910 15.71 12.23 26.02
N LEU D 911 15.95 13.15 26.95
CA LEU D 911 16.47 14.50 26.61
C LEU D 911 17.57 14.94 27.57
N THR D 912 18.21 14.03 28.29
CA THR D 912 19.26 14.42 29.28
C THR D 912 20.54 14.77 28.51
N ALA D 913 20.81 14.10 27.38
CA ALA D 913 22.03 14.35 26.59
C ALA D 913 21.92 15.68 25.85
N ALA D 914 20.71 16.15 25.59
CA ALA D 914 20.47 17.40 24.83
C ALA D 914 20.90 18.57 25.71
N CYS D 915 21.24 19.69 25.09
CA CYS D 915 21.65 20.93 25.79
C CYS D 915 20.87 22.11 25.24
N PHE D 916 20.53 23.05 26.10
CA PHE D 916 19.83 24.29 25.70
C PHE D 916 20.81 25.26 25.05
N ASP D 917 20.56 25.60 23.80
CA ASP D 917 21.44 26.51 23.02
C ASP D 917 20.72 26.86 21.73
N ARG D 918 21.32 27.77 20.98
CA ARG D 918 20.81 28.09 19.64
C ARG D 918 21.39 27.02 18.74
N TRP D 919 20.53 26.28 18.07
CA TRP D 919 20.94 25.24 17.10
C TRP D 919 20.54 25.67 15.68
N ASP D 920 21.41 25.39 14.73
CA ASP D 920 21.15 25.66 13.30
C ASP D 920 21.63 24.45 12.52
N LEU D 921 20.70 23.71 11.90
CA LEU D 921 20.98 22.47 11.14
C LEU D 921 20.26 22.49 9.80
N PRO D 922 20.71 21.69 8.82
CA PRO D 922 19.96 21.50 7.58
C PRO D 922 18.67 20.74 7.87
N LEU D 923 17.64 21.01 7.09
CA LEU D 923 16.32 20.35 7.25
C LEU D 923 16.49 18.82 7.21
N SER D 924 17.44 18.30 6.43
CA SER D 924 17.78 16.86 6.40
C SER D 924 17.89 16.34 7.84
N ASP D 925 18.69 17.01 8.68
CA ASP D 925 19.09 16.53 10.03
C ASP D 925 17.91 16.60 11.02
N MET D 926 16.79 17.21 10.65
CA MET D 926 15.60 17.31 11.53
C MET D 926 14.68 16.10 11.30
N TYR D 927 15.11 15.18 10.41
CA TYR D 927 14.42 13.89 10.17
C TYR D 927 15.40 12.77 10.49
N THR D 928 14.92 11.76 11.21
CA THR D 928 15.76 10.61 11.60
C THR D 928 15.33 9.42 10.78
N PRO D 929 16.23 8.86 9.96
CA PRO D 929 15.86 7.83 9.01
C PRO D 929 15.82 6.43 9.64
N TYR D 930 14.99 6.28 10.67
CA TYR D 930 14.64 4.93 11.19
C TYR D 930 14.12 4.08 10.03
N VAL D 931 14.60 2.84 9.95
CA VAL D 931 14.27 1.94 8.82
C VAL D 931 12.77 1.68 8.82
N PHE D 932 12.20 1.36 9.98
CA PHE D 932 10.72 1.40 10.16
C PHE D 932 10.32 2.85 10.49
N PRO D 933 9.70 3.58 9.54
CA PRO D 933 9.34 4.96 9.78
C PRO D 933 8.29 5.11 10.88
N SER D 934 8.49 6.13 11.70
CA SER D 934 7.60 6.47 12.84
C SER D 934 7.65 7.98 13.07
N GLU D 935 7.01 8.44 14.13
CA GLU D 935 7.28 9.80 14.64
C GLU D 935 8.78 9.85 14.88
N ASN D 936 9.38 11.01 14.65
CA ASN D 936 10.84 11.17 14.74
C ASN D 936 11.22 12.64 14.68
N GLY D 937 12.45 12.93 15.11
CA GLY D 937 13.09 14.24 14.95
C GLY D 937 12.49 15.30 15.85
N LEU D 938 11.81 14.90 16.92
CA LEU D 938 11.32 15.88 17.91
C LEU D 938 12.52 16.45 18.67
N ARG D 939 12.48 17.76 18.89
CA ARG D 939 13.35 18.46 19.86
C ARG D 939 12.41 19.09 20.88
N CYS D 940 12.77 19.02 22.16
CA CYS D 940 11.88 19.46 23.26
C CYS D 940 12.43 20.71 23.94
N GLY D 941 11.58 21.32 24.77
CA GLY D 941 11.90 22.52 25.57
C GLY D 941 12.49 23.61 24.70
N THR D 942 11.80 23.95 23.61
CA THR D 942 12.26 25.01 22.69
C THR D 942 11.41 26.27 22.88
N ARG D 943 12.08 27.43 22.83
CA ARG D 943 11.46 28.73 23.13
C ARG D 943 11.25 29.50 21.84
N GLU D 944 12.03 29.17 20.82
CA GLU D 944 12.00 29.91 19.54
C GLU D 944 12.38 28.93 18.43
N LEU D 945 11.51 28.83 17.43
CA LEU D 945 11.74 28.05 16.20
C LEU D 945 11.73 28.98 15.00
N ASN D 946 12.69 28.82 14.09
CA ASN D 946 12.84 29.70 12.90
C ASN D 946 12.95 28.83 11.65
N TYR D 947 12.10 29.09 10.66
CA TYR D 947 12.07 28.33 9.38
C TYR D 947 11.51 29.20 8.27
N GLY D 948 12.37 29.58 7.32
CA GLY D 948 12.01 30.54 6.27
C GLY D 948 11.70 31.91 6.87
N PRO D 949 10.57 32.56 6.48
CA PRO D 949 10.16 33.84 7.07
C PRO D 949 9.46 33.71 8.43
N HIS D 950 9.22 32.48 8.89
CA HIS D 950 8.40 32.18 10.08
C HIS D 950 9.24 32.15 11.36
N GLN D 951 8.63 32.60 12.44
CA GLN D 951 9.16 32.44 13.79
C GLN D 951 8.00 32.07 14.71
N TRP D 952 8.21 31.01 15.48
CA TRP D 952 7.30 30.60 16.58
C TRP D 952 8.05 30.75 17.90
N ARG D 953 7.41 31.37 18.87
CA ARG D 953 7.98 31.51 20.22
C ARG D 953 6.99 30.87 21.19
N GLY D 954 7.50 30.45 22.34
CA GLY D 954 6.66 29.92 23.42
C GLY D 954 7.44 28.94 24.25
N ASP D 955 6.80 27.83 24.56
CA ASP D 955 7.40 26.73 25.37
C ASP D 955 6.84 25.44 24.80
N PHE D 956 7.54 24.85 23.85
CA PHE D 956 6.96 23.73 23.07
C PHE D 956 8.04 22.72 22.70
N GLN D 957 7.53 21.58 22.23
CA GLN D 957 8.30 20.53 21.53
C GLN D 957 7.85 20.57 20.06
N PHE D 958 8.78 20.35 19.14
CA PHE D 958 8.47 20.37 17.69
C PHE D 958 9.26 19.32 16.92
N ASN D 959 8.69 18.91 15.80
CA ASN D 959 9.45 18.25 14.72
C ASN D 959 9.02 18.93 13.41
N ILE D 960 9.86 18.79 12.40
CA ILE D 960 9.68 19.48 11.10
C ILE D 960 10.38 18.65 10.01
N SER D 961 9.62 18.23 9.02
CA SER D 961 10.15 17.36 7.95
C SER D 961 9.24 17.42 6.74
N ARG D 962 9.68 16.81 5.65
CA ARG D 962 8.92 16.73 4.39
C ARG D 962 7.97 15.53 4.49
N TYR D 963 7.92 14.85 5.63
CA TYR D 963 7.07 13.64 5.78
C TYR D 963 5.99 13.86 6.84
N SER D 964 4.72 13.74 6.43
CA SER D 964 3.56 13.87 7.34
C SER D 964 3.49 12.68 8.28
N GLN D 965 2.95 12.92 9.47
CA GLN D 965 2.66 11.83 10.41
C GLN D 965 1.86 10.75 9.68
N GLN D 966 0.95 11.14 8.78
CA GLN D 966 0.10 10.17 8.04
C GLN D 966 0.98 9.28 7.14
N GLN D 967 1.87 9.86 6.34
CA GLN D 967 2.72 9.04 5.44
C GLN D 967 3.60 8.11 6.28
N LEU D 968 4.18 8.59 7.39
CA LEU D 968 5.11 7.79 8.23
C LEU D 968 4.36 6.60 8.83
N MET D 969 3.12 6.84 9.26
CA MET D 969 2.20 5.80 9.79
C MET D 969 1.95 4.69 8.75
N GLU D 970 1.68 5.07 7.50
CA GLU D 970 1.22 4.16 6.43
C GLU D 970 2.40 3.51 5.68
N THR D 971 3.65 3.89 5.95
CA THR D 971 4.83 3.39 5.20
C THR D 971 5.65 2.46 6.08
N SER D 972 6.08 1.32 5.55
CA SER D 972 6.77 0.25 6.34
C SER D 972 8.30 0.30 6.23
N HIS D 973 8.85 0.96 5.19
CA HIS D 973 10.30 1.10 5.03
C HIS D 973 10.65 2.56 4.70
N ARG D 974 11.82 3.01 5.14
CA ARG D 974 12.24 4.42 4.98
C ARG D 974 12.47 4.75 3.50
N HIS D 975 12.84 3.76 2.68
CA HIS D 975 13.17 3.97 1.24
C HIS D 975 11.91 4.19 0.40
N LEU D 976 10.71 3.95 0.94
CA LEU D 976 9.45 4.16 0.17
C LEU D 976 8.80 5.50 0.56
N LEU D 977 9.48 6.32 1.36
CA LEU D 977 8.95 7.66 1.71
C LEU D 977 9.26 8.57 0.55
N HIS D 978 8.34 9.48 0.25
CA HIS D 978 8.56 10.56 -0.73
C HIS D 978 8.35 11.87 0.00
N ALA D 979 9.17 12.86 -0.34
CA ALA D 979 9.00 14.27 0.09
C ALA D 979 7.65 14.79 -0.40
N GLU D 980 6.84 15.30 0.52
CA GLU D 980 5.53 15.89 0.18
C GLU D 980 5.73 17.36 -0.23
N GLU D 981 4.65 17.94 -0.76
CA GLU D 981 4.72 19.21 -1.53
C GLU D 981 5.52 20.22 -0.71
N GLY D 982 5.22 20.40 0.58
CA GLY D 982 5.83 21.48 1.37
C GLY D 982 6.67 20.96 2.54
N THR D 983 6.42 21.51 3.72
CA THR D 983 7.10 21.10 4.97
C THR D 983 6.05 20.92 6.07
N TRP D 984 6.01 19.72 6.64
CA TRP D 984 5.06 19.41 7.73
C TRP D 984 5.71 19.88 9.04
N LEU D 985 4.95 20.66 9.82
CA LEU D 985 5.42 21.20 11.11
C LEU D 985 4.46 20.76 12.21
N ASN D 986 5.01 20.05 13.18
CA ASN D 986 4.28 19.66 14.39
C ASN D 986 4.82 20.51 15.52
N ILE D 987 3.94 21.23 16.20
CA ILE D 987 4.29 21.98 17.41
C ILE D 987 3.43 21.46 18.54
N ASP D 988 4.04 20.77 19.50
CA ASP D 988 3.32 20.18 20.64
C ASP D 988 3.63 21.01 21.88
N GLY D 989 2.59 21.37 22.63
CA GLY D 989 2.73 21.81 24.03
C GLY D 989 3.20 20.66 24.89
N PHE D 990 2.69 19.46 24.64
CA PHE D 990 3.00 18.24 25.43
C PHE D 990 3.13 17.03 24.51
N HIS D 991 4.08 16.15 24.84
CA HIS D 991 4.37 14.94 24.04
C HIS D 991 4.70 13.77 24.97
N MET D 992 3.98 12.67 24.77
CA MET D 992 4.15 11.42 25.55
C MET D 992 5.56 10.88 25.36
N GLY D 993 6.06 10.24 26.40
CA GLY D 993 7.38 9.59 26.36
C GLY D 993 7.37 8.50 25.32
N ILE D 994 8.55 8.00 24.97
CA ILE D 994 8.72 6.96 23.91
C ILE D 994 8.87 5.56 24.53
N GLY D 995 9.18 5.46 25.84
CA GLY D 995 9.38 4.16 26.49
C GLY D 995 10.59 3.41 25.94
N GLY D 996 10.71 2.12 26.24
CA GLY D 996 11.79 1.28 25.68
C GLY D 996 12.45 0.35 26.68
N ASP D 997 11.92 0.23 27.89
CA ASP D 997 12.39 -0.78 28.87
C ASP D 997 12.27 -2.17 28.27
N ASP D 998 11.19 -2.40 27.55
CA ASP D 998 11.12 -3.46 26.52
C ASP D 998 10.30 -2.90 25.37
N SER D 999 10.07 -3.71 24.34
CA SER D 999 9.31 -3.29 23.14
C SER D 999 8.24 -4.32 22.81
N TRP D 1000 7.73 -5.05 23.80
CA TRP D 1000 6.57 -5.99 23.58
C TRP D 1000 5.42 -5.70 24.56
N SER D 1001 5.61 -4.78 25.51
CA SER D 1001 4.58 -4.36 26.50
C SER D 1001 4.74 -2.87 26.76
N PRO D 1002 3.67 -2.17 27.18
CA PRO D 1002 3.79 -0.75 27.48
C PRO D 1002 4.90 -0.50 28.52
N SER D 1003 5.73 0.49 28.24
CA SER D 1003 6.98 0.75 28.99
C SER D 1003 7.16 2.24 29.30
N VAL D 1004 6.22 3.10 28.91
CA VAL D 1004 6.33 4.55 29.21
C VAL D 1004 5.85 4.78 30.62
N SER D 1005 6.74 5.27 31.49
CA SER D 1005 6.46 5.46 32.92
C SER D 1005 5.40 6.54 33.10
N ALA D 1006 4.64 6.44 34.19
CA ALA D 1006 3.41 7.23 34.41
C ALA D 1006 3.72 8.71 34.29
N GLU D 1007 4.86 9.17 34.82
CA GLU D 1007 5.19 10.62 34.86
C GLU D 1007 5.37 11.17 33.44
N PHE D 1008 5.51 10.32 32.42
CA PHE D 1008 5.71 10.74 31.00
C PHE D 1008 4.44 10.49 30.17
N GLN D 1009 3.37 10.00 30.81
CA GLN D 1009 2.06 9.84 30.15
C GLN D 1009 1.26 11.14 30.27
N LEU D 1010 0.45 11.46 29.27
CA LEU D 1010 -0.36 12.72 29.29
C LEU D 1010 -1.67 12.46 30.01
N SER D 1011 -1.63 12.48 31.36
CA SER D 1011 -2.73 12.02 32.24
C SER D 1011 -3.50 13.20 32.89
N ALA D 1012 -3.08 14.45 32.67
CA ALA D 1012 -3.50 15.61 33.50
C ALA D 1012 -5.00 15.92 33.37
N GLY D 1013 -5.61 15.79 32.19
CA GLY D 1013 -7.06 16.03 32.02
C GLY D 1013 -7.33 17.38 31.37
N ARG D 1014 -6.75 18.46 31.91
CA ARG D 1014 -6.72 19.81 31.27
C ARG D 1014 -5.26 20.14 30.94
N TYR D 1015 -4.97 20.68 29.77
CA TYR D 1015 -3.60 21.13 29.40
C TYR D 1015 -3.69 22.54 28.82
N HIS D 1016 -2.58 23.29 28.91
CA HIS D 1016 -2.49 24.68 28.38
C HIS D 1016 -1.13 24.89 27.75
N TYR D 1017 -1.10 25.53 26.59
CA TYR D 1017 0.16 25.97 25.93
C TYR D 1017 -0.11 27.19 25.06
N GLN D 1018 0.92 28.02 24.89
CA GLN D 1018 0.83 29.31 24.17
C GLN D 1018 1.92 29.38 23.12
N LEU D 1019 1.53 29.76 21.92
CA LEU D 1019 2.46 30.10 20.82
C LEU D 1019 2.24 31.54 20.41
N VAL D 1020 3.26 32.15 19.84
CA VAL D 1020 3.13 33.37 19.01
C VAL D 1020 3.78 33.08 17.66
N TRP D 1021 3.03 33.33 16.61
CA TRP D 1021 3.48 33.10 15.22
C TRP D 1021 3.66 34.47 14.56
N CYS D 1022 4.87 34.78 14.08
CA CYS D 1022 5.19 36.07 13.42
C CYS D 1022 6.17 35.87 12.26
N GLN D 1023 6.27 36.87 11.40
CA GLN D 1023 6.90 36.73 10.06
C GLN D 1023 7.90 37.87 9.87
C10 DVL E . 4.12 -11.96 -27.72
C13 DVL E . 4.81 -14.64 -27.32
C15 DVL E . 3.19 -12.97 -28.14
C17 DVL E . 7.02 -13.94 -26.26
C20 DVL E . 0.49 -13.67 -26.90
C21 DVL E . 0.82 -13.00 -25.71
C22 DVL E . 0.54 -13.60 -24.47
C24 DVL E . -0.38 -15.52 -25.59
C26 DVL E . -3.74 -17.76 -24.07
C28 DVL E . -2.75 -15.41 -23.48
C01 DVL E . 4.46 -6.12 -26.56
C02 DVL E . 4.15 -5.83 -27.90
C03 DVL E . 3.90 -6.87 -28.83
C04 DVL E . 3.98 -8.21 -28.40
C05 DVL E . 4.31 -8.51 -27.06
C06 DVL E . 4.55 -7.46 -26.13
C08 DVL E . 4.04 -10.60 -27.82
C11 DVL E . 5.35 -12.33 -27.12
C12 DVL E . 5.70 -13.65 -26.91
C14 DVL E . 3.57 -14.33 -27.94
C19 DVL E . 0.71 -13.13 -28.31
C23 DVL E . -0.07 -14.84 -24.42
C25 DVL E . -0.13 -14.92 -26.81
C27 DVL E . -3.71 -16.25 -24.34
C29 DVL E . -1.52 -16.14 -22.97
C31 DVL E . -2.69 -18.20 -23.10
C32 DVL E . -2.62 -19.72 -23.21
C37 DVL E . 2.79 -15.40 -28.30
N09 DVL E . 4.35 -9.87 -26.76
O16 DVL E . -0.32 -15.41 -23.21
O18 DVL E . 1.99 -12.64 -28.75
O30 DVL E . -1.47 -17.52 -23.41
O33 DVL E . -3.57 -18.51 -25.24
O34 DVL E . -3.36 -16.05 -25.67
O35 DVL E . -3.43 -14.91 -22.35
O36 DVL E . -2.26 -20.14 -24.49
O38 DVL E . 2.93 -15.97 -29.36
S07 DVL E . 3.74 -9.71 -29.28
NA NA F . -3.31 -15.04 -19.81
NA NA G . -19.17 -16.01 -42.68
NA NA H . -42.11 -21.76 -32.96
S DMS I . -43.54 -23.42 -30.44
O DMS I . -42.24 -22.71 -30.75
C1 DMS I . -44.83 -22.18 -30.46
C2 DMS I . -43.55 -23.80 -28.70
S DMS J . -19.19 -46.17 -17.23
O DMS J . -20.66 -46.38 -17.41
C1 DMS J . -18.56 -45.71 -18.85
C2 DMS J . -18.50 -47.81 -17.11
S DMS K . -24.14 -63.58 -30.93
O DMS K . -24.59 -62.40 -31.76
C1 DMS K . -23.71 -62.95 -29.31
C2 DMS K . -25.61 -64.50 -30.47
S DMS L . 13.41 -19.83 -12.96
O DMS L . 12.33 -18.82 -13.31
C1 DMS L . 13.80 -19.55 -11.24
C2 DMS L . 14.92 -19.25 -13.71
S DMS M . -20.89 -56.75 -42.19
O DMS M . -21.62 -56.45 -43.45
C1 DMS M . -19.17 -57.00 -42.67
C2 DMS M . -21.32 -58.43 -41.80
S DMS N . 0.19 -29.12 5.23
O DMS N . 0.82 -30.47 5.49
C1 DMS N . 0.00 -29.06 3.48
C2 DMS N . 1.52 -27.94 5.41
S DMS O . -14.88 -36.50 -44.91
O DMS O . -13.38 -36.50 -44.90
C1 DMS O . -15.38 -37.98 -44.03
C2 DMS O . -15.37 -36.93 -46.57
S DMS P . -32.15 -34.83 -28.96
O DMS P . -31.31 -35.52 -27.93
C1 DMS P . -31.27 -35.01 -30.48
C2 DMS P . -31.93 -33.07 -28.69
S DMS Q . 21.34 -21.03 -26.18
O DMS Q . 20.02 -21.66 -26.55
C1 DMS Q . 21.53 -19.60 -27.22
C2 DMS Q . 22.60 -22.08 -26.92
S DMS R . -35.35 33.54 -2.18
O DMS R . -35.85 32.28 -2.82
C1 DMS R . -34.28 34.27 -3.37
C2 DMS R . -34.16 33.03 -0.94
S DMS S . -28.31 -22.51 -28.91
O DMS S . -27.43 -21.34 -28.58
C1 DMS S . -27.87 -23.72 -27.68
C2 DMS S . -27.62 -23.31 -30.35
S DMS T . -14.40 -61.62 -13.34
O DMS T . -13.23 -60.92 -12.72
C1 DMS T . -13.82 -62.52 -14.77
C2 DMS T . -15.36 -60.36 -14.15
S DMS U . -10.96 32.51 -20.84
O DMS U . -9.93 31.91 -21.77
C1 DMS U . -12.36 33.00 -21.85
C2 DMS U . -10.35 34.13 -20.40
MG MG V . 1.47 -19.68 -24.02
MG MG W . 11.86 -38.97 -19.63
C10 DVL X . -28.18 -0.01 -63.45
C13 DVL X . -27.37 -1.04 -65.94
C15 DVL X . -26.79 -0.01 -63.81
C17 DVL X . -29.70 -1.56 -66.59
C20 DVL X . -24.62 2.26 -64.23
C21 DVL X . -25.49 3.37 -64.27
C22 DVL X . -25.30 4.39 -65.22
C24 DVL X . -23.37 3.19 -66.08
C26 DVL X . -20.05 4.70 -68.02
C28 DVL X . -21.75 5.60 -66.24
C01 DVL X . -31.36 3.02 -59.37
C02 DVL X . -30.76 2.28 -58.35
C03 DVL X . -29.81 1.28 -58.64
C04 DVL X . -29.45 1.03 -59.99
C05 DVL X . -30.05 1.76 -61.03
C06 DVL X . -31.01 2.77 -60.71
C08 DVL X . -28.70 0.46 -62.28
C11 DVL X . -29.12 -0.51 -64.37
C12 DVL X . -28.72 -1.01 -65.61
C14 DVL X . -26.40 -0.56 -65.07
C19 DVL X . -24.70 1.12 -63.22
C23 DVL X . -24.23 4.31 -66.12
C25 DVL X . -23.55 2.20 -65.13
C27 DVL X . -20.36 5.03 -66.57
C29 DVL X . -22.76 5.74 -67.40
C31 DVL X . -20.93 5.47 -68.98
C32 DVL X . -20.51 5.13 -70.43
C37 DVL X . -25.13 -0.64 -65.56
N09 DVL X . -29.61 1.43 -62.31
O16 DVL X . -24.08 5.31 -67.03
O18 DVL X . -25.92 0.49 -62.87
O30 DVL X . -22.30 5.16 -68.65
O33 DVL X . -20.23 3.34 -68.28
O34 DVL X . -20.29 3.85 -65.83
O35 DVL X . -21.56 6.88 -65.69
O36 DVL X . -20.92 3.84 -70.90
O38 DVL X . -24.48 -1.65 -65.45
S07 DVL X . -28.33 -0.12 -60.69
NA NA Y . -22.20 9.46 -68.24
NA NA Z . -2.29 -3.42 -53.76
NA NA AA . -29.28 23.25 -59.90
S DMS BA . 5.24 -4.71 -77.99
O DMS BA . 6.33 -3.94 -78.69
C1 DMS BA . 6.04 -5.99 -77.03
C2 DMS BA . 4.45 -5.77 -79.20
S DMS CA . 0.01 20.61 -56.37
O DMS CA . -1.39 20.27 -56.84
C1 DMS CA . -0.04 20.84 -54.59
C2 DMS CA . 0.39 22.30 -56.84
S DMS DA . -17.16 28.21 -72.20
O DMS DA . -17.40 26.73 -72.21
C1 DMS DA . -18.74 28.95 -71.90
C2 DMS DA . -16.91 28.71 -73.91
S DMS EA . -27.99 -19.62 -76.58
O DMS EA . -26.71 -18.87 -76.30
C1 DMS EA . -27.93 -21.14 -75.64
C2 DMS EA . -27.94 -20.23 -78.27
S DMS FA . 6.05 20.50 -70.49
O DMS FA . 5.91 19.15 -71.12
C1 DMS FA . 4.40 21.13 -70.29
C2 DMS FA . 6.61 21.59 -71.78
S DMS GA . -39.12 -8.52 -76.19
O DMS GA . -37.81 -9.10 -76.64
C1 DMS GA . -40.31 -8.90 -77.45
C2 DMS GA . -38.99 -6.76 -76.47
S DMS HA . -5.25 39.69 -42.38
O DMS HA . -6.36 39.06 -43.21
C1 DMS HA . -4.29 38.34 -41.70
C2 DMS HA . -6.00 40.27 -40.87
S DMS IA . -34.94 16.73 -58.01
O DMS IA . -36.40 16.35 -58.26
C1 DMS IA . -34.94 18.39 -57.35
C2 DMS IA . -34.22 17.08 -59.60
MG MG JA . -23.44 2.47 -71.15
MG MG KA . -25.51 -4.54 -92.44
C10 DVL LA . 20.23 16.15 64.57
C13 DVL LA . 20.44 14.48 66.83
C15 DVL LA . 19.29 15.07 64.75
C17 DVL LA . 22.38 15.73 67.67
C20 DVL LA . 16.19 14.79 65.33
C21 DVL LA . 15.82 16.12 65.60
C22 DVL LA . 14.94 16.44 66.66
C24 DVL LA . 14.78 14.09 67.19
C26 DVL LA . 11.93 12.02 69.40
C28 DVL LA . 11.67 14.14 67.96
C01 DVL LA . 20.50 21.19 61.34
C02 DVL LA . 20.86 20.45 60.21
C03 DVL LA . 20.98 19.05 60.28
C04 DVL LA . 20.73 18.39 61.52
C05 DVL LA . 20.39 19.12 62.66
C06 DVL LA . 20.27 20.54 62.56
C08 DVL LA . 20.33 17.06 63.56
C11 DVL LA . 21.23 16.34 65.53
C12 DVL LA . 21.33 15.52 66.64
C14 DVL LA . 19.44 14.23 65.91
C19 DVL LA . 17.09 14.29 64.19
C23 DVL LA . 14.41 15.41 67.45
C25 DVL LA . 15.63 13.79 66.14
C27 DVL LA . 11.75 12.63 68.00
C29 DVL LA . 12.53 14.88 69.01
C31 DVL LA . 11.91 13.08 70.49
C32 DVL LA . 12.08 12.39 71.86
C37 DVL LA . 18.68 13.17 66.28
N09 DVL LA . 20.18 18.36 63.80
O16 DVL LA . 13.58 15.74 68.49
O18 DVL LA . 18.32 14.89 63.82
O30 DVL LA . 12.94 14.00 70.09
O33 DVL LA . 13.12 11.30 69.56
O34 DVL LA . 12.78 12.28 67.11
O35 DVL LA . 10.31 14.46 68.19
O36 DVL LA . 13.40 12.40 72.39
O38 DVL LA . 19.05 12.02 66.11
S07 DVL LA . 20.80 16.69 61.94
NA NA MA . 9.51 16.79 69.91
NA NA NA . 6.47 -5.24 53.56
NA NA OA . -18.10 -10.60 56.68
S DMS PA . -2.42 -10.62 106.71
O DMS PA . -1.91 -10.82 105.32
C1 DMS PA . -1.30 -11.48 107.80
C2 DMS PA . -3.83 -11.72 106.89
S DMS QA . 1.17 26.85 95.22
O DMS QA . 0.99 27.60 93.93
C1 DMS QA . -0.33 25.90 95.44
C2 DMS QA . 0.93 28.02 96.56
S DMS RA . -4.56 7.06 101.93
O DMS RA . -3.97 6.09 100.95
C1 DMS RA . -3.79 8.62 101.56
C2 DMS RA . -3.82 6.70 103.50
S DMS SA . -16.48 1.18 72.56
O DMS SA . -16.11 -0.25 72.27
C1 DMS SA . -18.27 1.22 72.73
C2 DMS SA . -16.34 2.05 71.02
S DMS TA . -7.32 -3.39 63.45
O DMS TA . -8.07 -2.68 62.37
C1 DMS TA . -8.14 -4.96 63.73
C2 DMS TA . -7.77 -2.61 64.97
MG MG UA . 15.52 13.20 72.44
MG MG VA . 23.13 8.61 92.68
C10 DVL WA . 8.41 -13.24 26.29
C13 DVL WA . 10.47 -15.16 26.54
C15 DVL WA . 9.72 -12.85 26.73
C17 DVL WA . 8.98 -16.99 25.80
C20 DVL WA . 11.73 -11.04 25.28
C21 DVL WA . 11.00 -10.73 24.10
C22 DVL WA . 11.61 -10.85 22.85
C24 DVL WA . 13.67 -11.56 23.91
C26 DVL WA . 17.41 -10.20 22.59
C28 DVL WA . 14.96 -9.43 21.86
C01 DVL WA . 3.48 -10.53 24.24
C02 DVL WA . 3.22 -10.06 25.53
C03 DVL WA . 4.08 -10.38 26.60
C04 DVL WA . 5.22 -11.16 26.34
C05 DVL WA . 5.51 -11.64 25.05
C06 DVL WA . 4.63 -11.32 23.99
C08 DVL WA . 7.29 -12.49 26.13
C11 DVL WA . 8.19 -14.60 26.00
C12 DVL WA . 9.21 -15.55 26.11
C14 DVL WA . 10.74 -13.84 26.85
C19 DVL WA . 11.17 -10.91 26.68
C23 DVL WA . 12.94 -11.26 22.75
C25 DVL WA . 13.07 -11.43 25.15
C27 DVL WA . 16.27 -9.17 22.65
C29 DVL WA . 14.81 -10.85 21.31
C31 DVL WA . 17.15 -11.19 21.50
C32 DVL WA . 18.30 -12.20 21.47
C37 DVL WA . 12.04 -13.68 27.24
N09 DVL WA . 6.68 -12.40 24.95
O16 DVL WA . 13.51 -11.38 21.53
O18 DVL WA . 9.93 -11.53 27.01
O30 DVL WA . 15.86 -11.75 21.74
O33 DVL WA . 17.58 -10.85 23.82
O34 DVL WA . 15.95 -9.11 24.00
O35 DVL WA . 14.76 -8.54 20.77
O36 DVL WA . 18.40 -13.02 22.60
O38 DVL WA . 12.41 -13.94 28.36
S07 DVL WA . 6.47 -11.71 27.44
NA NA XA . 15.40 -8.41 18.36
NA NA YA . 26.32 0.88 41.96
NA NA ZA . 5.40 2.95 9.60
S DMS AB . 46.71 17.38 30.11
O DMS AB . 45.51 16.54 30.48
C1 DMS AB . 46.09 18.88 29.36
C2 DMS AB . 47.48 16.66 28.67
S DMS BB . 43.78 -20.54 -1.40
O DMS BB . 42.58 -20.86 -0.60
C1 DMS BB . 43.35 -20.95 -3.09
C2 DMS BB . 44.97 -21.84 -1.14
S DMS CB . 7.42 -23.49 10.57
O DMS CB . 8.86 -23.68 10.21
C1 DMS CB . 7.38 -22.79 12.22
C2 DMS CB . 6.77 -25.11 10.95
S DMS DB . 55.78 -28.34 38.41
O DMS DB . 56.47 -29.35 39.29
C1 DMS DB . 54.02 -28.59 38.65
C2 DMS DB . 55.96 -28.95 36.76
S DMS EB . 48.63 1.43 26.94
O DMS EB . 48.30 0.31 27.90
C1 DMS EB . 47.25 2.58 27.02
C2 DMS EB . 48.38 0.80 25.28
S DMS FB . 49.13 -14.70 13.54
O DMS FB . 50.18 -13.90 14.27
C1 DMS FB . 48.36 -15.77 14.75
C2 DMS FB . 49.97 -15.93 12.56
S DMS GB . 36.66 5.75 28.70
O DMS GB . 36.49 4.25 28.75
C1 DMS GB . 36.09 6.29 27.12
C2 DMS GB . 38.42 6.05 28.52
S DMS HB . 59.94 -22.63 37.95
O DMS HB . 59.16 -21.41 37.59
C1 DMS HB . 61.21 -22.82 36.70
C2 DMS HB . 58.89 -24.03 37.53
S DMS IB . 45.45 -14.11 32.11
O DMS IB . 44.68 -15.33 31.70
C1 DMS IB . 44.64 -13.47 33.55
C2 DMS IB . 45.00 -12.86 30.95
C1 GOL JB . 50.49 -14.72 46.52
O1 GOL JB . 49.43 -14.96 45.61
C2 GOL JB . 51.72 -14.21 45.79
O2 GOL JB . 51.32 -13.22 44.84
C3 GOL JB . 52.76 -13.65 46.75
O3 GOL JB . 54.05 -13.50 46.15
MG MG KB . 15.82 -15.46 22.15
MG MG LB . 24.39 -35.03 15.34
#